data_2BUC
#
_entry.id   2BUC
#
_cell.length_a   61.644
_cell.length_b   117.491
_cell.length_c   133.057
_cell.angle_alpha   112.44
_cell.angle_beta   94.72
_cell.angle_gamma   91.30
#
_symmetry.space_group_name_H-M   'P 1'
#
loop_
_entity.id
_entity.type
_entity.pdbx_description
1 polymer 'DIPEPTIDYL PEPTIDASE IV'
2 branched 2-acetamido-2-deoxy-beta-D-glucopyranose-(1-4)-2-acetamido-2-deoxy-beta-D-glucopyranose
3 non-polymer 2-acetamido-2-deoxy-beta-D-glucopyranose
4 non-polymer '(S)-2-[(R)-3-AMINO-4-(2-FLUORO-PHENYL)-BUTYRYL]-1,2,3,4-TETRAHYDRO-ISOQUINOLINE-3-CARBOXYLIC ACID AMIDE'
5 non-polymer 'SULFATE ION'
6 water water
#
_entity_poly.entity_id   1
_entity_poly.type   'polypeptide(L)'
_entity_poly.pdbx_seq_one_letter_code
;SRRTYTLTDYLKSTFRVKFYTLQWISDHEYLYKQENNILLFNAEYGNSSIFLENSTFDELGYSTNDYSVSPDRQFILFEY
NYVKQWRHSYTASYDIYDLNKRQLITEERIPNNTQWITWSPVGHKLAYVWNNDIYVKNEPNLSSQRITWTGKENVIYNGV
TDWVYEEEVFSAYSALWWSPNGTFLAYAQFNDTEVPLIEYSFYSDESLQYPKTVRIPYPKAGAENPTVKFFVVDTRTLSP
NASVTSYQIVPPASVLIGDHYLCGVTWVTEERISLQWIRRAQNYSIIDICDYDESTGRWISSVARQHIEISTTGWVGRFR
PAEPHFTSDGNSFYKIISNEEGYKHICHFQTDKSNCTFITKGAWEVIGIEALTSDYLYYISNEHKGMPGGRNLYRIQLND
YTKVTCLSCELNPERCQYYSASFSNKAKYYQLRCFGPGLPLYTLHSSSSDKELRVLEDNSALDKMLQDVQMPSKKLDVIN
LHGTKFWYQMILPPHFDKSKKYPLLIEVYAGPCSQKVDTVFRLSWATYLASTENIIVASFDGRGSGYQGDKIMHAINRRL
GTFEVEDQIEATRQFSKMGFVDDKRIAIWGWSYGGYVTSMVLGAGSGVFKCGIAVAPVSKWEYYDSVYTERYMGLPTPED
NLDYYRNSTVMSRAENFKQVEYLLIHGTADDNVHFQQSAQLSKALVDAGVDFQTMWYTDEDHGIASNMAHQHIYTHMSHF
LKQCFSLP
;
_entity_poly.pdbx_strand_id   A,B,C,D
#
# COMPACT_ATOMS: atom_id res chain seq x y z
N SER A 1 8.17 76.67 -23.17
CA SER A 1 9.12 75.52 -23.22
C SER A 1 8.41 74.19 -23.46
N ARG A 2 7.34 73.93 -22.70
CA ARG A 2 6.53 72.70 -22.76
C ARG A 2 7.26 71.43 -22.30
N ARG A 3 6.60 70.66 -21.44
CA ARG A 3 7.19 69.43 -20.88
C ARG A 3 7.13 68.26 -21.85
N THR A 4 7.96 67.25 -21.60
CA THR A 4 8.00 66.04 -22.41
C THR A 4 7.36 64.87 -21.64
N TYR A 5 6.90 63.87 -22.38
CA TYR A 5 6.32 62.67 -21.80
C TYR A 5 7.41 61.85 -21.11
N THR A 6 7.39 61.84 -19.78
CA THR A 6 8.44 61.19 -18.98
C THR A 6 8.22 59.68 -18.80
N LEU A 7 9.20 59.02 -18.19
CA LEU A 7 9.10 57.62 -17.82
C LEU A 7 8.09 57.45 -16.68
N THR A 8 8.08 58.40 -15.75
CA THR A 8 7.10 58.43 -14.67
C THR A 8 5.68 58.59 -15.22
N ASP A 9 5.55 59.30 -16.35
CA ASP A 9 4.27 59.49 -17.03
C ASP A 9 3.71 58.19 -17.57
N TYR A 10 4.59 57.31 -18.05
CA TYR A 10 4.18 56.01 -18.56
C TYR A 10 3.92 55.03 -17.43
N LEU A 11 4.85 54.95 -16.48
CA LEU A 11 4.79 53.96 -15.40
C LEU A 11 3.66 54.18 -14.40
N LYS A 12 3.26 55.44 -14.22
CA LYS A 12 2.18 55.79 -13.30
C LYS A 12 0.85 56.02 -14.03
N SER A 13 0.89 56.00 -15.36
CA SER A 13 -0.28 56.22 -16.23
C SER A 13 -0.98 57.55 -15.92
N THR A 14 -0.21 58.62 -15.76
CA THR A 14 -0.75 59.94 -15.45
C THR A 14 -1.65 60.46 -16.56
N PHE A 15 -1.32 60.13 -17.79
CA PHE A 15 -2.19 60.40 -18.93
C PHE A 15 -3.09 59.19 -19.16
N ARG A 16 -4.29 59.25 -18.60
CA ARG A 16 -5.24 58.14 -18.63
C ARG A 16 -5.97 58.02 -19.96
N VAL A 17 -6.00 56.80 -20.50
CA VAL A 17 -6.78 56.50 -21.71
C VAL A 17 -8.08 55.82 -21.28
N LYS A 18 -9.19 56.51 -21.51
CA LYS A 18 -10.51 56.01 -21.14
C LYS A 18 -11.07 55.03 -22.17
N PHE A 19 -12.00 54.19 -21.72
CA PHE A 19 -12.65 53.20 -22.59
C PHE A 19 -14.09 52.96 -22.15
N TYR A 20 -14.85 52.26 -22.99
CA TYR A 20 -16.28 52.05 -22.73
C TYR A 20 -16.68 50.58 -22.89
N THR A 21 -16.68 49.86 -21.77
CA THR A 21 -17.01 48.44 -21.76
C THR A 21 -18.49 48.24 -21.42
N LEU A 22 -19.21 47.62 -22.34
CA LEU A 22 -20.63 47.35 -22.14
C LEU A 22 -20.97 45.87 -22.35
N GLN A 23 -22.08 45.44 -21.76
CA GLN A 23 -22.54 44.07 -21.85
C GLN A 23 -23.90 44.01 -22.54
N TRP A 24 -23.93 43.46 -23.76
CA TRP A 24 -25.19 43.26 -24.48
C TRP A 24 -25.97 42.11 -23.85
N ILE A 25 -27.20 42.41 -23.44
CA ILE A 25 -28.05 41.42 -22.79
C ILE A 25 -29.40 41.25 -23.51
N SER A 26 -29.59 42.04 -24.56
CA SER A 26 -30.74 41.92 -25.45
C SER A 26 -30.36 42.49 -26.81
N ASP A 27 -31.34 42.58 -27.71
CA ASP A 27 -31.09 43.14 -29.04
C ASP A 27 -31.13 44.66 -29.08
N HIS A 28 -31.46 45.30 -27.95
CA HIS A 28 -31.57 46.75 -27.88
C HIS A 28 -31.14 47.38 -26.54
N GLU A 29 -30.72 46.55 -25.59
CA GLU A 29 -30.29 47.03 -24.27
C GLU A 29 -28.90 46.53 -23.89
N TYR A 30 -28.18 47.32 -23.10
CA TYR A 30 -26.86 46.94 -22.57
C TYR A 30 -26.57 47.54 -21.19
N LEU A 31 -25.68 46.89 -20.44
CA LEU A 31 -25.28 47.35 -19.11
C LEU A 31 -23.92 48.01 -19.15
N TYR A 32 -23.74 49.06 -18.33
CA TYR A 32 -22.46 49.77 -18.23
C TYR A 32 -22.14 50.19 -16.80
N LYS A 33 -20.87 50.01 -16.41
CA LYS A 33 -20.39 50.38 -15.09
C LYS A 33 -19.87 51.82 -15.08
N GLN A 34 -20.59 52.71 -14.40
CA GLN A 34 -20.23 54.11 -14.29
C GLN A 34 -20.41 54.58 -12.85
N GLU A 35 -19.30 55.01 -12.23
CA GLU A 35 -19.28 55.40 -10.82
C GLU A 35 -19.76 54.26 -9.91
N ASN A 36 -19.39 53.03 -10.28
CA ASN A 36 -19.80 51.80 -9.60
C ASN A 36 -21.28 51.45 -9.74
N ASN A 37 -22.01 52.27 -10.48
CA ASN A 37 -23.42 52.00 -10.80
C ASN A 37 -23.53 51.19 -12.09
N ILE A 38 -24.37 50.16 -12.07
CA ILE A 38 -24.70 49.43 -13.28
C ILE A 38 -26.01 49.96 -13.83
N LEU A 39 -25.94 50.61 -14.99
CA LEU A 39 -27.12 51.21 -15.63
C LEU A 39 -27.51 50.47 -16.91
N LEU A 40 -28.81 50.23 -17.05
CA LEU A 40 -29.35 49.60 -18.25
C LEU A 40 -29.65 50.65 -19.33
N PHE A 41 -28.66 50.88 -20.19
CA PHE A 41 -28.78 51.86 -21.26
C PHE A 41 -29.61 51.29 -22.41
N ASN A 42 -30.49 52.11 -22.96
CA ASN A 42 -31.27 51.74 -24.14
C ASN A 42 -30.64 52.31 -25.41
N ALA A 43 -30.37 51.42 -26.36
CA ALA A 43 -29.80 51.81 -27.65
C ALA A 43 -30.87 52.41 -28.55
N GLU A 44 -32.11 51.95 -28.38
CA GLU A 44 -33.24 52.41 -29.18
C GLU A 44 -33.48 53.92 -29.06
N TYR A 45 -33.33 54.44 -27.84
CA TYR A 45 -33.54 55.87 -27.58
C TYR A 45 -32.30 56.54 -27.02
N GLY A 46 -31.97 56.24 -25.77
CA GLY A 46 -30.84 56.85 -25.09
C GLY A 46 -31.02 56.90 -23.59
N ASN A 47 -32.24 56.66 -23.13
CA ASN A 47 -32.58 56.65 -21.72
C ASN A 47 -31.99 55.46 -20.99
N SER A 48 -31.54 55.68 -19.75
CA SER A 48 -30.92 54.64 -18.94
C SER A 48 -31.61 54.46 -17.60
N SER A 49 -31.90 53.21 -17.25
CA SER A 49 -32.49 52.86 -15.96
C SER A 49 -31.41 52.36 -15.00
N ILE A 50 -31.56 52.69 -13.73
CA ILE A 50 -30.63 52.21 -12.69
C ILE A 50 -30.90 50.74 -12.37
N PHE A 51 -30.02 49.86 -12.86
CA PHE A 51 -30.17 48.42 -12.67
C PHE A 51 -29.62 47.96 -11.32
N LEU A 52 -28.49 48.54 -10.91
CA LEU A 52 -27.88 48.26 -9.61
C LEU A 52 -27.07 49.47 -9.16
N GLU A 53 -27.45 50.05 -8.02
CA GLU A 53 -26.81 51.26 -7.51
C GLU A 53 -25.45 50.99 -6.87
N ASN A 54 -24.64 52.05 -6.76
CA ASN A 54 -23.26 51.96 -6.28
C ASN A 54 -23.12 51.56 -4.81
N SER A 55 -24.19 51.78 -4.04
CA SER A 55 -24.21 51.48 -2.62
C SER A 55 -24.41 49.99 -2.32
N THR A 56 -24.94 49.25 -3.31
CA THR A 56 -25.17 47.81 -3.19
C THR A 56 -23.86 47.03 -3.09
N PHE A 57 -22.81 47.55 -3.71
CA PHE A 57 -21.47 46.99 -3.66
C PHE A 57 -20.88 47.12 -2.25
N ASP A 58 -21.15 48.24 -1.60
CA ASP A 58 -20.53 48.61 -0.33
C ASP A 58 -21.07 47.84 0.88
N GLU A 59 -22.31 47.34 0.76
CA GLU A 59 -22.94 46.59 1.85
C GLU A 59 -22.47 45.14 1.93
N LEU A 60 -21.89 44.64 0.84
CA LEU A 60 -21.41 43.26 0.77
C LEU A 60 -20.16 43.03 1.62
N GLY A 61 -19.31 44.06 1.73
CA GLY A 61 -18.12 43.99 2.56
C GLY A 61 -16.83 43.93 1.78
N TYR A 62 -16.83 43.14 0.70
CA TYR A 62 -15.65 42.95 -0.15
C TYR A 62 -15.62 43.94 -1.32
N SER A 63 -14.48 43.99 -2.00
CA SER A 63 -14.35 44.75 -3.24
C SER A 63 -14.58 43.82 -4.44
N THR A 64 -15.53 44.19 -5.28
CA THR A 64 -15.93 43.36 -6.42
C THR A 64 -15.21 43.76 -7.70
N ASN A 65 -14.63 42.77 -8.38
CA ASN A 65 -13.85 43.01 -9.60
C ASN A 65 -14.59 42.69 -10.90
N ASP A 66 -15.67 41.91 -10.81
CA ASP A 66 -16.50 41.59 -11.97
C ASP A 66 -17.92 41.20 -11.60
N TYR A 67 -18.85 41.44 -12.53
CA TYR A 67 -20.24 41.04 -12.37
C TYR A 67 -20.75 40.32 -13.63
N SER A 68 -21.74 39.45 -13.45
CA SER A 68 -22.39 38.77 -14.56
C SER A 68 -23.88 38.55 -14.30
N VAL A 69 -24.71 39.20 -15.10
CA VAL A 69 -26.16 39.12 -14.97
C VAL A 69 -26.71 37.92 -15.73
N SER A 70 -27.61 37.18 -15.09
CA SER A 70 -28.32 36.08 -15.75
C SER A 70 -29.18 36.62 -16.90
N PRO A 71 -29.27 35.86 -18.00
CA PRO A 71 -30.02 36.30 -19.18
C PRO A 71 -31.51 36.62 -18.94
N ASP A 72 -32.13 36.00 -17.94
CA ASP A 72 -33.52 36.32 -17.61
C ASP A 72 -33.65 37.54 -16.66
N ARG A 73 -32.49 38.10 -16.30
CA ARG A 73 -32.38 39.31 -15.47
C ARG A 73 -32.91 39.15 -14.04
N GLN A 74 -33.00 37.90 -13.59
CA GLN A 74 -33.51 37.56 -12.26
C GLN A 74 -32.40 37.60 -11.20
N PHE A 75 -31.18 37.22 -11.60
CA PHE A 75 -30.04 37.14 -10.68
C PHE A 75 -28.81 37.84 -11.26
N ILE A 76 -27.90 38.22 -10.36
CA ILE A 76 -26.59 38.74 -10.76
C ILE A 76 -25.48 38.02 -9.98
N LEU A 77 -24.41 37.67 -10.70
CA LEU A 77 -23.24 37.04 -10.11
C LEU A 77 -22.21 38.11 -9.78
N PHE A 78 -21.67 38.05 -8.56
CA PHE A 78 -20.60 38.95 -8.15
C PHE A 78 -19.29 38.17 -8.00
N GLU A 79 -18.24 38.67 -8.65
CA GLU A 79 -16.92 38.05 -8.58
C GLU A 79 -16.00 38.83 -7.67
N TYR A 80 -15.51 38.16 -6.63
CA TYR A 80 -14.52 38.73 -5.72
C TYR A 80 -13.49 37.68 -5.33
N ASN A 81 -12.45 38.10 -4.62
CA ASN A 81 -11.37 37.20 -4.19
C ASN A 81 -10.52 36.69 -5.37
N TYR A 82 -10.42 37.52 -6.41
CA TYR A 82 -9.68 37.20 -7.63
C TYR A 82 -8.21 36.83 -7.34
N VAL A 83 -7.87 35.58 -7.58
CA VAL A 83 -6.48 35.12 -7.49
C VAL A 83 -6.00 34.64 -8.86
N LYS A 84 -4.96 35.28 -9.38
CA LYS A 84 -4.41 34.96 -10.68
C LYS A 84 -3.73 33.59 -10.72
N GLN A 85 -3.82 32.92 -11.86
CA GLN A 85 -3.04 31.73 -12.13
C GLN A 85 -2.13 31.97 -13.34
N TRP A 86 -2.55 31.53 -14.53
CA TRP A 86 -1.78 31.73 -15.76
C TRP A 86 -2.30 32.96 -16.51
N ARG A 87 -2.20 32.97 -17.84
CA ARG A 87 -2.57 34.14 -18.63
C ARG A 87 -4.05 34.50 -18.49
N HIS A 88 -4.91 33.49 -18.57
CA HIS A 88 -6.35 33.68 -18.52
C HIS A 88 -6.99 33.09 -17.26
N SER A 89 -6.37 32.04 -16.73
CA SER A 89 -6.92 31.31 -15.58
C SER A 89 -6.84 32.07 -14.27
N TYR A 90 -7.87 31.89 -13.45
CA TYR A 90 -7.91 32.42 -12.10
C TYR A 90 -8.96 31.69 -11.28
N THR A 91 -8.83 31.79 -9.96
CA THR A 91 -9.87 31.32 -9.05
C THR A 91 -10.50 32.53 -8.38
N ALA A 92 -11.79 32.40 -8.04
CA ALA A 92 -12.50 33.48 -7.37
C ALA A 92 -13.58 32.93 -6.46
N SER A 93 -14.07 33.79 -5.57
CA SER A 93 -15.26 33.53 -4.79
C SER A 93 -16.43 34.22 -5.46
N TYR A 94 -17.63 33.67 -5.27
CA TYR A 94 -18.81 34.18 -5.96
C TYR A 94 -20.04 34.25 -5.06
N ASP A 95 -20.80 35.33 -5.24
CA ASP A 95 -22.09 35.48 -4.58
C ASP A 95 -23.17 35.71 -5.62
N ILE A 96 -24.31 35.05 -5.44
CA ILE A 96 -25.48 35.33 -6.27
C ILE A 96 -26.43 36.27 -5.53
N TYR A 97 -26.94 37.25 -6.27
CA TYR A 97 -27.81 38.26 -5.69
C TYR A 97 -29.13 38.30 -6.46
N ASP A 98 -30.21 37.98 -5.75
CA ASP A 98 -31.56 38.03 -6.31
C ASP A 98 -31.95 39.49 -6.60
N LEU A 99 -32.49 39.73 -7.79
CA LEU A 99 -32.91 41.08 -8.18
C LEU A 99 -34.38 41.33 -7.90
N ASN A 100 -35.16 40.26 -7.74
CA ASN A 100 -36.57 40.38 -7.35
C ASN A 100 -36.71 40.84 -5.90
N LYS A 101 -36.25 40.01 -4.97
CA LYS A 101 -36.31 40.33 -3.55
C LYS A 101 -35.13 41.19 -3.10
N ARG A 102 -34.25 41.51 -4.06
CA ARG A 102 -33.04 42.31 -3.81
C ARG A 102 -32.25 41.80 -2.60
N GLN A 103 -32.12 40.47 -2.52
CA GLN A 103 -31.47 39.80 -1.41
C GLN A 103 -30.32 38.94 -1.91
N LEU A 104 -29.31 38.76 -1.07
CA LEU A 104 -28.20 37.85 -1.35
C LEU A 104 -28.67 36.40 -1.16
N ILE A 105 -28.04 35.48 -1.87
CA ILE A 105 -28.26 34.06 -1.63
C ILE A 105 -27.23 33.60 -0.61
N THR A 106 -27.70 32.99 0.48
CA THR A 106 -26.85 32.61 1.61
C THR A 106 -26.81 31.11 1.83
N GLU A 107 -27.87 30.43 1.40
CA GLU A 107 -27.94 28.97 1.47
C GLU A 107 -27.33 28.35 0.21
N GLU A 108 -26.55 27.28 0.39
CA GLU A 108 -25.88 26.57 -0.70
C GLU A 108 -25.09 27.49 -1.64
N ARG A 109 -24.07 28.14 -1.09
CA ARG A 109 -23.26 29.12 -1.80
C ARG A 109 -22.33 28.48 -2.84
N ILE A 110 -21.85 29.29 -3.77
CA ILE A 110 -20.80 28.89 -4.69
C ILE A 110 -19.49 28.78 -3.90
N PRO A 111 -18.83 27.63 -4.00
CA PRO A 111 -17.63 27.35 -3.20
C PRO A 111 -16.50 28.36 -3.39
N ASN A 112 -15.65 28.44 -2.37
CA ASN A 112 -14.40 29.19 -2.41
C ASN A 112 -13.45 28.58 -3.45
N ASN A 113 -12.60 29.41 -4.04
CA ASN A 113 -11.60 28.98 -5.03
C ASN A 113 -12.21 28.35 -6.30
N THR A 114 -13.35 28.91 -6.74
CA THR A 114 -14.01 28.44 -7.95
C THR A 114 -13.20 28.81 -9.19
N GLN A 115 -12.95 27.81 -10.03
CA GLN A 115 -12.07 27.96 -11.19
C GLN A 115 -12.75 28.65 -12.38
N TRP A 116 -13.97 28.21 -12.70
CA TRP A 116 -14.78 28.84 -13.74
C TRP A 116 -16.26 28.79 -13.37
N ILE A 117 -17.01 29.78 -13.81
CA ILE A 117 -18.46 29.81 -13.62
C ILE A 117 -19.14 30.49 -14.82
N THR A 118 -20.34 30.03 -15.15
CA THR A 118 -21.11 30.58 -16.26
C THR A 118 -22.61 30.37 -16.08
N TRP A 119 -23.39 31.38 -16.45
CA TRP A 119 -24.84 31.26 -16.58
C TRP A 119 -25.16 30.45 -17.82
N SER A 120 -26.31 29.81 -17.83
CA SER A 120 -26.85 29.23 -19.07
C SER A 120 -27.25 30.37 -20.01
N PRO A 121 -27.39 30.11 -21.32
CA PRO A 121 -27.73 31.16 -22.27
C PRO A 121 -29.16 31.67 -22.12
N VAL A 122 -30.04 30.88 -21.52
CA VAL A 122 -31.39 31.32 -21.11
C VAL A 122 -31.65 30.96 -19.65
N GLY A 123 -32.62 31.64 -19.05
CA GLY A 123 -33.00 31.38 -17.67
C GLY A 123 -31.93 31.79 -16.68
N HIS A 124 -31.71 30.94 -15.67
CA HIS A 124 -30.76 31.24 -14.60
C HIS A 124 -30.09 29.97 -14.04
N LYS A 125 -29.76 29.03 -14.92
CA LYS A 125 -28.97 27.87 -14.54
C LYS A 125 -27.49 28.27 -14.42
N LEU A 126 -26.78 27.64 -13.50
CA LEU A 126 -25.36 27.88 -13.30
C LEU A 126 -24.55 26.60 -13.45
N ALA A 127 -23.43 26.71 -14.18
CA ALA A 127 -22.44 25.64 -14.22
C ALA A 127 -21.11 26.22 -13.76
N TYR A 128 -20.41 25.47 -12.92
CA TYR A 128 -19.11 25.93 -12.43
C TYR A 128 -18.10 24.81 -12.21
N VAL A 129 -16.83 25.20 -12.16
CA VAL A 129 -15.74 24.26 -11.94
C VAL A 129 -15.08 24.55 -10.60
N TRP A 130 -15.00 23.53 -9.76
CA TRP A 130 -14.36 23.62 -8.46
C TRP A 130 -13.56 22.35 -8.19
N ASN A 131 -12.28 22.53 -7.87
CA ASN A 131 -11.34 21.42 -7.67
C ASN A 131 -11.36 20.45 -8.85
N ASN A 132 -11.34 21.02 -10.06
CA ASN A 132 -11.29 20.29 -11.33
C ASN A 132 -12.53 19.47 -11.69
N ASP A 133 -13.63 19.72 -11.00
CA ASP A 133 -14.89 19.04 -11.30
C ASP A 133 -16.01 20.03 -11.60
N ILE A 134 -16.97 19.59 -12.41
CA ILE A 134 -18.09 20.42 -12.82
C ILE A 134 -19.29 20.29 -11.88
N TYR A 135 -19.95 21.41 -11.63
CA TYR A 135 -21.15 21.44 -10.81
C TYR A 135 -22.23 22.24 -11.50
N VAL A 136 -23.45 21.70 -11.51
CA VAL A 136 -24.59 22.42 -12.06
C VAL A 136 -25.62 22.73 -10.99
N LYS A 137 -26.01 24.01 -10.90
CA LYS A 137 -27.13 24.43 -10.08
C LYS A 137 -28.24 24.86 -11.01
N ASN A 138 -29.39 24.19 -10.93
CA ASN A 138 -30.56 24.61 -11.69
C ASN A 138 -31.09 25.95 -11.17
N GLU A 139 -31.12 26.10 -9.85
CA GLU A 139 -31.57 27.33 -9.20
C GLU A 139 -30.53 27.84 -8.22
N PRO A 140 -30.32 29.15 -8.17
CA PRO A 140 -29.29 29.76 -7.32
C PRO A 140 -29.40 29.43 -5.82
N ASN A 141 -30.63 29.27 -5.32
CA ASN A 141 -30.85 28.93 -3.92
C ASN A 141 -30.84 27.41 -3.66
N LEU A 142 -30.76 26.64 -4.74
CA LEU A 142 -30.80 25.17 -4.67
C LEU A 142 -29.42 24.54 -4.55
N SER A 143 -29.39 23.29 -4.06
CA SER A 143 -28.17 22.51 -3.94
C SER A 143 -27.59 22.18 -5.31
N SER A 144 -26.26 22.06 -5.37
CA SER A 144 -25.54 21.82 -6.62
C SER A 144 -25.40 20.33 -6.92
N GLN A 145 -25.44 19.98 -8.21
CA GLN A 145 -25.26 18.61 -8.65
C GLN A 145 -23.88 18.40 -9.25
N ARG A 146 -23.14 17.44 -8.69
CA ARG A 146 -21.82 17.08 -9.20
C ARG A 146 -21.93 16.34 -10.53
N ILE A 147 -21.16 16.80 -11.50
CA ILE A 147 -21.23 16.27 -12.86
C ILE A 147 -20.11 15.26 -13.14
N THR A 148 -18.93 15.51 -12.57
CA THR A 148 -17.75 14.70 -12.81
C THR A 148 -17.07 14.28 -11.50
N TRP A 149 -16.42 13.11 -11.52
CA TRP A 149 -15.84 12.51 -10.32
C TRP A 149 -14.35 12.24 -10.48
N THR A 150 -13.77 12.78 -11.56
CA THR A 150 -12.40 12.45 -11.94
C THR A 150 -11.41 13.57 -11.61
N GLY A 151 -11.93 14.77 -11.34
CA GLY A 151 -11.12 15.93 -11.04
C GLY A 151 -9.98 15.67 -10.08
N LYS A 152 -8.77 15.89 -10.55
CA LYS A 152 -7.56 15.68 -9.77
C LYS A 152 -6.51 16.73 -10.13
N GLU A 153 -6.03 17.44 -9.13
CA GLU A 153 -5.01 18.47 -9.31
C GLU A 153 -3.82 17.97 -10.14
N ASN A 154 -3.47 18.72 -11.17
CA ASN A 154 -2.34 18.42 -12.05
C ASN A 154 -2.49 17.15 -12.89
N VAL A 155 -3.67 16.54 -12.86
CA VAL A 155 -3.88 15.27 -13.56
C VAL A 155 -5.10 15.31 -14.47
N ILE A 156 -6.28 15.53 -13.89
CA ILE A 156 -7.54 15.53 -14.65
C ILE A 156 -8.28 16.85 -14.51
N TYR A 157 -8.62 17.45 -15.64
CA TYR A 157 -9.35 18.71 -15.68
C TYR A 157 -10.70 18.53 -16.36
N ASN A 158 -11.78 18.77 -15.61
CA ASN A 158 -13.12 18.79 -16.19
C ASN A 158 -13.68 20.21 -16.23
N GLY A 159 -14.02 20.67 -17.43
CA GLY A 159 -14.63 21.96 -17.62
C GLY A 159 -13.66 23.13 -17.62
N VAL A 160 -12.39 22.84 -17.35
CA VAL A 160 -11.31 23.82 -17.49
C VAL A 160 -10.12 23.22 -18.24
N THR A 161 -9.34 24.10 -18.88
CA THR A 161 -8.15 23.70 -19.61
C THR A 161 -6.99 23.36 -18.70
N ASP A 162 -6.06 22.56 -19.21
CA ASP A 162 -4.74 22.42 -18.62
C ASP A 162 -3.88 23.56 -19.16
N TRP A 163 -2.62 23.65 -18.72
CA TRP A 163 -1.76 24.77 -19.11
C TRP A 163 -1.72 25.04 -20.62
N VAL A 164 -1.40 24.01 -21.41
CA VAL A 164 -1.18 24.17 -22.85
C VAL A 164 -2.43 24.52 -23.65
N TYR A 165 -3.58 24.01 -23.22
CA TYR A 165 -4.84 24.30 -23.91
C TYR A 165 -5.28 25.72 -23.61
N GLU A 166 -4.96 26.19 -22.41
CA GLU A 166 -5.25 27.57 -22.04
C GLU A 166 -4.41 28.53 -22.87
N GLU A 167 -3.12 28.29 -22.92
CA GLU A 167 -2.20 29.20 -23.59
C GLU A 167 -2.31 29.16 -25.11
N GLU A 168 -2.34 27.94 -25.67
CA GLU A 168 -2.10 27.76 -27.10
C GLU A 168 -3.30 27.40 -27.95
N VAL A 169 -4.31 26.76 -27.36
CA VAL A 169 -5.44 26.27 -28.14
C VAL A 169 -6.71 27.11 -27.97
N PHE A 170 -7.24 27.16 -26.75
CA PHE A 170 -8.51 27.84 -26.49
C PHE A 170 -8.35 29.33 -26.24
N SER A 171 -7.14 29.72 -25.85
CA SER A 171 -6.85 31.09 -25.41
C SER A 171 -7.78 31.53 -24.27
N ALA A 172 -8.17 30.55 -23.45
CA ALA A 172 -9.11 30.74 -22.35
C ALA A 172 -9.04 29.57 -21.36
N TYR A 173 -9.56 29.79 -20.17
CA TYR A 173 -9.55 28.79 -19.11
C TYR A 173 -10.74 27.82 -19.18
N SER A 174 -11.87 28.30 -19.68
CA SER A 174 -13.09 27.51 -19.66
C SER A 174 -13.16 26.45 -20.77
N ALA A 175 -13.65 25.29 -20.40
CA ALA A 175 -13.94 24.21 -21.34
C ALA A 175 -15.37 23.71 -21.12
N LEU A 176 -16.29 24.66 -20.98
CA LEU A 176 -17.71 24.39 -20.78
C LEU A 176 -18.55 25.16 -21.81
N TRP A 177 -19.55 24.49 -22.38
CA TRP A 177 -20.43 25.12 -23.35
C TRP A 177 -21.88 24.69 -23.16
N TRP A 178 -22.69 25.60 -22.63
CA TRP A 178 -24.13 25.41 -22.54
C TRP A 178 -24.75 25.42 -23.93
N SER A 179 -25.79 24.61 -24.13
CA SER A 179 -26.60 24.65 -25.36
C SER A 179 -27.53 25.88 -25.33
N PRO A 180 -27.89 26.41 -26.49
CA PRO A 180 -28.69 27.64 -26.57
C PRO A 180 -29.87 27.74 -25.59
N ASN A 181 -30.66 26.68 -25.47
CA ASN A 181 -31.79 26.66 -24.53
C ASN A 181 -31.46 26.06 -23.16
N GLY A 182 -30.18 25.76 -22.93
CA GLY A 182 -29.70 25.25 -21.66
C GLY A 182 -30.06 23.81 -21.37
N THR A 183 -30.41 23.06 -22.41
CA THR A 183 -30.74 21.64 -22.26
C THR A 183 -29.48 20.84 -21.96
N PHE A 184 -28.42 21.15 -22.72
CA PHE A 184 -27.19 20.39 -22.67
C PHE A 184 -26.01 21.22 -22.15
N LEU A 185 -25.18 20.57 -21.35
CA LEU A 185 -23.91 21.15 -20.96
C LEU A 185 -22.79 20.32 -21.57
N ALA A 186 -22.08 20.93 -22.52
CA ALA A 186 -20.94 20.29 -23.13
C ALA A 186 -19.67 20.69 -22.39
N TYR A 187 -18.73 19.76 -22.30
CA TYR A 187 -17.45 20.02 -21.66
C TYR A 187 -16.35 19.12 -22.20
N ALA A 188 -15.12 19.59 -22.05
CA ALA A 188 -13.96 18.76 -22.35
C ALA A 188 -13.28 18.30 -21.06
N GLN A 189 -12.77 17.08 -21.10
CA GLN A 189 -11.92 16.57 -20.05
C GLN A 189 -10.50 16.46 -20.57
N PHE A 190 -9.56 17.01 -19.82
CA PHE A 190 -8.13 16.92 -20.18
C PHE A 190 -7.40 16.02 -19.20
N ASN A 191 -6.65 15.07 -19.76
CA ASN A 191 -5.91 14.08 -19.00
C ASN A 191 -4.41 14.31 -19.19
N ASP A 192 -3.74 14.72 -18.13
CA ASP A 192 -2.33 15.09 -18.18
C ASP A 192 -1.41 14.13 -17.44
N THR A 193 -1.85 12.88 -17.29
CA THR A 193 -1.10 11.86 -16.55
C THR A 193 0.34 11.67 -17.02
N GLU A 194 0.52 11.58 -18.34
CA GLU A 194 1.83 11.26 -18.91
C GLU A 194 2.64 12.51 -19.31
N VAL A 195 2.11 13.69 -19.01
CA VAL A 195 2.74 14.95 -19.39
C VAL A 195 3.77 15.34 -18.34
N PRO A 196 5.03 15.50 -18.73
CA PRO A 196 6.11 15.77 -17.78
C PRO A 196 5.92 17.12 -17.10
N LEU A 197 6.36 17.22 -15.85
CA LEU A 197 6.20 18.45 -15.09
C LEU A 197 7.37 19.40 -15.29
N ILE A 198 7.07 20.68 -15.47
CA ILE A 198 8.06 21.73 -15.28
C ILE A 198 8.05 22.11 -13.80
N GLU A 199 9.23 22.13 -13.19
CA GLU A 199 9.36 22.52 -11.79
C GLU A 199 10.26 23.75 -11.69
N TYR A 200 9.84 24.70 -10.86
CA TYR A 200 10.65 25.88 -10.55
C TYR A 200 10.32 26.41 -9.15
N SER A 201 11.28 27.09 -8.54
CA SER A 201 11.12 27.64 -7.20
C SER A 201 10.23 28.87 -7.20
N PHE A 202 9.31 28.93 -6.25
CA PHE A 202 8.59 30.15 -5.95
C PHE A 202 8.93 30.53 -4.51
N TYR A 203 9.49 31.71 -4.35
CA TYR A 203 10.07 32.12 -3.07
C TYR A 203 9.04 32.73 -2.14
N SER A 204 7.96 33.24 -2.72
CA SER A 204 6.85 33.88 -2.00
C SER A 204 7.31 35.04 -1.12
N ASP A 205 6.51 35.38 -0.12
CA ASP A 205 6.81 36.48 0.77
C ASP A 205 8.02 36.18 1.64
N GLU A 206 8.70 37.25 2.05
CA GLU A 206 9.94 37.20 2.84
C GLU A 206 9.87 36.27 4.05
N SER A 207 8.68 36.16 4.66
CA SER A 207 8.48 35.34 5.85
C SER A 207 8.59 33.83 5.60
N LEU A 208 8.47 33.43 4.32
CA LEU A 208 8.56 32.02 3.94
C LEU A 208 9.98 31.51 4.06
N GLN A 209 10.21 30.62 5.03
CA GLN A 209 11.56 30.14 5.33
C GLN A 209 12.13 29.25 4.21
N TYR A 210 11.30 28.33 3.71
CA TYR A 210 11.70 27.46 2.61
C TYR A 210 10.89 27.79 1.36
N PRO A 211 11.56 27.95 0.23
CA PRO A 211 10.88 28.19 -1.04
C PRO A 211 10.08 26.95 -1.43
N LYS A 212 8.93 27.16 -2.06
CA LYS A 212 8.15 26.03 -2.56
C LYS A 212 8.49 25.80 -4.02
N THR A 213 8.20 24.60 -4.49
CA THR A 213 8.37 24.27 -5.90
C THR A 213 7.02 24.23 -6.56
N VAL A 214 6.88 25.00 -7.65
CA VAL A 214 5.68 24.97 -8.46
C VAL A 214 5.86 23.84 -9.46
N ARG A 215 4.84 23.02 -9.60
CA ARG A 215 4.85 21.89 -10.54
C ARG A 215 3.66 22.03 -11.49
N ILE A 216 3.97 22.14 -12.78
CA ILE A 216 2.93 22.29 -13.80
C ILE A 216 3.14 21.23 -14.88
N PRO A 217 2.09 20.46 -15.18
CA PRO A 217 2.10 19.57 -16.34
C PRO A 217 2.18 20.42 -17.60
N TYR A 218 3.38 20.43 -18.18
CA TYR A 218 3.71 21.29 -19.30
C TYR A 218 4.44 20.43 -20.33
N PRO A 219 3.83 20.23 -21.49
CA PRO A 219 4.45 19.43 -22.55
C PRO A 219 5.37 20.27 -23.41
N LYS A 220 6.68 20.01 -23.30
CA LYS A 220 7.64 20.69 -24.15
C LYS A 220 7.68 20.03 -25.53
N ALA A 221 8.37 20.66 -26.47
CA ALA A 221 8.39 20.20 -27.87
C ALA A 221 8.66 18.69 -27.98
N GLY A 222 7.71 17.99 -28.59
CA GLY A 222 7.86 16.56 -28.86
C GLY A 222 7.54 15.63 -27.70
N ALA A 223 7.22 16.19 -26.54
CA ALA A 223 6.92 15.40 -25.35
C ALA A 223 5.49 14.84 -25.38
N GLU A 224 5.15 14.05 -24.37
CA GLU A 224 3.81 13.47 -24.26
C GLU A 224 2.78 14.54 -23.97
N ASN A 225 1.71 14.52 -24.77
CA ASN A 225 0.70 15.55 -24.74
C ASN A 225 -0.50 15.15 -23.89
N PRO A 226 -1.27 16.13 -23.41
CA PRO A 226 -2.55 15.84 -22.75
C PRO A 226 -3.49 15.17 -23.74
N THR A 227 -4.32 14.24 -23.26
CA THR A 227 -5.38 13.70 -24.09
C THR A 227 -6.66 14.46 -23.78
N VAL A 228 -7.61 14.43 -24.71
CA VAL A 228 -8.86 15.13 -24.53
C VAL A 228 -10.07 14.22 -24.74
N LYS A 229 -11.06 14.37 -23.87
CA LYS A 229 -12.37 13.75 -24.07
C LYS A 229 -13.42 14.83 -24.13
N PHE A 230 -14.40 14.67 -25.02
CA PHE A 230 -15.50 15.62 -25.12
C PHE A 230 -16.82 14.97 -24.73
N PHE A 231 -17.56 15.65 -23.86
CA PHE A 231 -18.81 15.12 -23.34
C PHE A 231 -19.95 16.12 -23.52
N VAL A 232 -21.15 15.59 -23.75
CA VAL A 232 -22.37 16.38 -23.72
C VAL A 232 -23.25 15.80 -22.62
N VAL A 233 -23.57 16.63 -21.64
CA VAL A 233 -24.39 16.24 -20.50
C VAL A 233 -25.82 16.74 -20.70
N ASP A 234 -26.78 15.81 -20.71
CA ASP A 234 -28.19 16.17 -20.70
C ASP A 234 -28.57 16.58 -19.29
N THR A 235 -28.78 17.89 -19.10
CA THR A 235 -29.01 18.46 -17.78
C THR A 235 -30.44 18.28 -17.27
N ARG A 236 -31.30 17.71 -18.12
CA ARG A 236 -32.69 17.48 -17.77
C ARG A 236 -32.84 16.45 -16.65
N THR A 237 -32.00 15.41 -16.67
CA THR A 237 -32.10 14.32 -15.70
C THR A 237 -31.27 14.55 -14.43
N LEU A 238 -30.63 15.71 -14.33
CA LEU A 238 -29.80 16.04 -13.17
C LEU A 238 -30.64 16.13 -11.90
N SER A 239 -30.33 15.24 -10.96
CA SER A 239 -31.13 15.03 -9.77
C SER A 239 -30.25 14.36 -8.72
N PRO A 240 -30.43 14.71 -7.44
CA PRO A 240 -29.60 14.15 -6.35
C PRO A 240 -29.43 12.64 -6.41
N ASN A 241 -30.52 11.91 -6.63
CA ASN A 241 -30.49 10.45 -6.59
C ASN A 241 -30.38 9.81 -7.98
N ALA A 242 -29.95 10.60 -8.96
CA ALA A 242 -29.75 10.14 -10.32
C ALA A 242 -28.29 10.20 -10.72
N SER A 243 -27.89 9.30 -11.61
CA SER A 243 -26.58 9.37 -12.26
C SER A 243 -26.59 10.50 -13.30
N VAL A 244 -25.42 10.80 -13.84
CA VAL A 244 -25.30 11.81 -14.87
C VAL A 244 -25.50 11.18 -16.25
N THR A 245 -26.37 11.79 -17.06
CA THR A 245 -26.58 11.37 -18.43
C THR A 245 -25.63 12.14 -19.35
N SER A 246 -24.65 11.44 -19.91
CA SER A 246 -23.70 12.07 -20.82
C SER A 246 -23.27 11.16 -21.96
N TYR A 247 -23.02 11.76 -23.11
CA TYR A 247 -22.49 11.06 -24.27
C TYR A 247 -21.11 11.58 -24.60
N GLN A 248 -20.19 10.67 -24.92
CA GLN A 248 -18.85 11.06 -25.36
C GLN A 248 -18.74 11.12 -26.87
N ILE A 249 -18.44 12.31 -27.39
CA ILE A 249 -18.19 12.47 -28.81
C ILE A 249 -16.69 12.35 -29.09
N VAL A 250 -16.35 11.41 -29.97
CA VAL A 250 -14.96 11.20 -30.38
C VAL A 250 -14.70 11.89 -31.71
N PRO A 251 -13.45 12.31 -31.95
CA PRO A 251 -13.08 12.89 -33.24
C PRO A 251 -13.27 11.89 -34.39
N PRO A 252 -13.46 12.37 -35.62
CA PRO A 252 -13.53 11.48 -36.79
C PRO A 252 -12.31 10.57 -36.92
N ALA A 253 -12.49 9.43 -37.58
CA ALA A 253 -11.42 8.44 -37.79
C ALA A 253 -10.09 9.03 -38.23
N SER A 254 -10.15 9.99 -39.15
CA SER A 254 -8.96 10.63 -39.72
C SER A 254 -8.11 11.37 -38.68
N VAL A 255 -8.74 11.76 -37.58
CA VAL A 255 -8.09 12.50 -36.51
C VAL A 255 -7.82 11.56 -35.31
N LEU A 256 -8.73 10.61 -35.10
CA LEU A 256 -8.64 9.63 -34.01
C LEU A 256 -7.39 8.76 -34.05
N ILE A 257 -6.88 8.52 -35.26
CA ILE A 257 -5.75 7.60 -35.46
C ILE A 257 -4.49 7.96 -34.67
N GLY A 258 -4.23 9.27 -34.54
CA GLY A 258 -3.05 9.74 -33.83
C GLY A 258 -3.36 10.83 -32.83
N ASP A 259 -2.30 11.45 -32.31
CA ASP A 259 -2.39 12.56 -31.37
C ASP A 259 -3.15 13.73 -32.00
N HIS A 260 -4.03 14.34 -31.21
CA HIS A 260 -4.89 15.40 -31.72
C HIS A 260 -5.29 16.38 -30.62
N TYR A 261 -5.92 17.48 -31.05
CA TYR A 261 -6.49 18.44 -30.13
C TYR A 261 -7.94 18.73 -30.47
N LEU A 262 -8.70 19.13 -29.45
CA LEU A 262 -9.97 19.81 -29.65
C LEU A 262 -9.67 21.29 -29.65
N CYS A 263 -9.97 21.97 -30.75
CA CYS A 263 -9.67 23.40 -30.82
C CYS A 263 -10.88 24.32 -30.92
N GLY A 264 -12.07 23.75 -31.12
CA GLY A 264 -13.27 24.56 -31.22
C GLY A 264 -14.59 23.84 -31.01
N VAL A 265 -15.46 24.46 -30.23
CA VAL A 265 -16.83 23.97 -30.02
C VAL A 265 -17.84 25.07 -30.36
N THR A 266 -18.82 24.74 -31.19
CA THR A 266 -19.86 25.68 -31.56
C THR A 266 -21.23 25.03 -31.51
N TRP A 267 -22.10 25.55 -30.66
CA TRP A 267 -23.49 25.13 -30.63
C TRP A 267 -24.22 25.75 -31.83
N VAL A 268 -24.82 24.89 -32.64
CA VAL A 268 -25.53 25.32 -33.84
C VAL A 268 -27.00 25.52 -33.50
N THR A 269 -27.63 24.43 -33.05
CA THR A 269 -29.00 24.48 -32.52
C THR A 269 -29.03 23.74 -31.18
N GLU A 270 -30.24 23.45 -30.71
CA GLU A 270 -30.43 22.68 -29.49
C GLU A 270 -30.06 21.21 -29.65
N GLU A 271 -30.08 20.74 -30.91
CA GLU A 271 -29.82 19.34 -31.23
C GLU A 271 -28.65 19.18 -32.20
N ARG A 272 -27.86 20.25 -32.34
CA ARG A 272 -26.75 20.27 -33.29
C ARG A 272 -25.52 20.96 -32.71
N ILE A 273 -24.45 20.18 -32.52
CA ILE A 273 -23.17 20.72 -32.05
C ILE A 273 -22.09 20.59 -33.11
N SER A 274 -21.24 21.61 -33.21
CA SER A 274 -20.14 21.62 -34.16
C SER A 274 -18.79 21.52 -33.44
N LEU A 275 -18.03 20.49 -33.77
CA LEU A 275 -16.72 20.28 -33.15
C LEU A 275 -15.60 20.47 -34.17
N GLN A 276 -14.58 21.21 -33.75
CA GLN A 276 -13.40 21.43 -34.57
C GLN A 276 -12.25 20.66 -33.96
N TRP A 277 -11.74 19.67 -34.71
CA TRP A 277 -10.58 18.89 -34.30
C TRP A 277 -9.38 19.19 -35.20
N ILE A 278 -8.19 19.07 -34.62
CA ILE A 278 -6.94 19.28 -35.35
C ILE A 278 -5.92 18.21 -34.95
N ARG A 279 -5.17 17.73 -35.94
CA ARG A 279 -4.09 16.77 -35.71
C ARG A 279 -2.95 17.45 -34.95
N ARG A 280 -2.09 16.65 -34.31
CA ARG A 280 -0.97 17.20 -33.54
C ARG A 280 -0.04 18.08 -34.37
N ALA A 281 0.22 17.67 -35.61
CA ALA A 281 1.06 18.42 -36.54
C ALA A 281 0.47 19.78 -36.89
N GLN A 282 -0.85 19.88 -36.84
CA GLN A 282 -1.62 21.13 -37.01
C GLN A 282 -1.69 21.64 -38.47
N ASN A 283 -1.57 20.71 -39.41
CA ASN A 283 -1.78 21.00 -40.82
C ASN A 283 -3.02 20.29 -41.39
N TYR A 284 -3.72 19.57 -40.51
CA TYR A 284 -4.95 18.87 -40.87
C TYR A 284 -6.03 19.16 -39.83
N SER A 285 -7.13 19.75 -40.30
CA SER A 285 -8.22 20.16 -39.43
C SER A 285 -9.57 19.67 -39.98
N ILE A 286 -10.47 19.29 -39.08
CA ILE A 286 -11.81 18.84 -39.46
C ILE A 286 -12.91 19.44 -38.60
N ILE A 287 -14.04 19.74 -39.22
CA ILE A 287 -15.24 20.19 -38.51
C ILE A 287 -16.28 19.06 -38.52
N ASP A 288 -16.63 18.59 -37.33
CA ASP A 288 -17.61 17.53 -37.16
C ASP A 288 -18.90 18.11 -36.60
N ILE A 289 -19.97 18.00 -37.39
CA ILE A 289 -21.27 18.50 -36.98
C ILE A 289 -22.14 17.32 -36.55
N CYS A 290 -22.45 17.28 -35.26
CA CYS A 290 -23.10 16.13 -34.65
C CYS A 290 -24.55 16.39 -34.26
N ASP A 291 -25.42 15.46 -34.63
CA ASP A 291 -26.86 15.58 -34.44
C ASP A 291 -27.34 14.73 -33.27
N TYR A 292 -28.12 15.35 -32.39
CA TYR A 292 -28.73 14.64 -31.26
C TYR A 292 -29.82 13.67 -31.76
N ASP A 293 -29.72 12.42 -31.33
CA ASP A 293 -30.73 11.41 -31.62
C ASP A 293 -31.65 11.33 -30.42
N GLU A 294 -32.90 11.73 -30.61
CA GLU A 294 -33.89 11.81 -29.53
C GLU A 294 -34.20 10.45 -28.90
N SER A 295 -34.20 9.40 -29.71
CA SER A 295 -34.58 8.07 -29.23
C SER A 295 -33.50 7.39 -28.38
N THR A 296 -32.22 7.67 -28.68
CA THR A 296 -31.11 7.01 -27.98
C THR A 296 -30.28 7.94 -27.07
N GLY A 297 -30.33 9.24 -27.33
CA GLY A 297 -29.53 10.20 -26.56
C GLY A 297 -28.14 10.41 -27.12
N ARG A 298 -27.81 9.68 -28.18
CA ARG A 298 -26.52 9.77 -28.85
C ARG A 298 -26.38 11.05 -29.67
N TRP A 299 -25.12 11.44 -29.89
CA TRP A 299 -24.80 12.49 -30.84
C TRP A 299 -24.07 11.84 -32.01
N ILE A 300 -24.66 11.93 -33.20
CA ILE A 300 -24.19 11.17 -34.36
C ILE A 300 -23.42 12.02 -35.35
N SER A 301 -22.32 11.45 -35.86
CA SER A 301 -21.57 12.05 -36.95
C SER A 301 -21.90 11.39 -38.29
N SER A 302 -21.82 12.17 -39.36
CA SER A 302 -21.92 11.63 -40.71
C SER A 302 -20.88 12.30 -41.61
N VAL A 303 -20.30 11.50 -42.51
CA VAL A 303 -19.26 11.97 -43.43
C VAL A 303 -19.67 13.23 -44.19
N ALA A 304 -20.95 13.31 -44.56
CA ALA A 304 -21.50 14.47 -45.28
C ALA A 304 -21.42 15.75 -44.44
N ARG A 305 -21.44 15.62 -43.12
CA ARG A 305 -21.39 16.75 -42.21
C ARG A 305 -19.96 17.10 -41.77
N GLN A 306 -18.97 16.46 -42.40
CA GLN A 306 -17.58 16.66 -42.05
C GLN A 306 -16.87 17.57 -43.07
N HIS A 307 -16.16 18.57 -42.55
CA HIS A 307 -15.50 19.57 -43.39
C HIS A 307 -14.01 19.68 -43.10
N ILE A 308 -13.21 19.13 -44.01
CA ILE A 308 -11.76 19.10 -43.87
C ILE A 308 -11.13 20.43 -44.31
N GLU A 309 -10.10 20.85 -43.59
CA GLU A 309 -9.28 22.00 -43.96
C GLU A 309 -7.81 21.64 -43.72
N ILE A 310 -7.01 21.73 -44.77
CA ILE A 310 -5.59 21.37 -44.67
C ILE A 310 -4.63 22.47 -45.14
N SER A 311 -3.38 22.36 -44.68
CA SER A 311 -2.30 23.22 -45.13
C SER A 311 -1.12 22.36 -45.58
N THR A 312 -0.64 22.60 -46.79
CA THR A 312 0.48 21.84 -47.34
C THR A 312 1.79 22.62 -47.26
N THR A 313 1.68 23.91 -46.96
CA THR A 313 2.84 24.79 -46.87
C THR A 313 3.21 25.11 -45.41
N GLY A 314 2.23 25.04 -44.53
CA GLY A 314 2.45 25.35 -43.13
C GLY A 314 1.36 24.81 -42.22
N TRP A 315 0.71 25.71 -41.49
CA TRP A 315 -0.30 25.36 -40.51
C TRP A 315 -1.68 25.86 -40.92
N VAL A 316 -2.71 25.35 -40.27
CA VAL A 316 -4.10 25.74 -40.55
C VAL A 316 -4.49 26.95 -39.70
N GLY A 317 -4.94 28.00 -40.37
CA GLY A 317 -5.37 29.22 -39.71
C GLY A 317 -4.19 30.06 -39.24
N ARG A 318 -4.42 30.90 -38.25
CA ARG A 318 -3.39 31.77 -37.70
C ARG A 318 -2.65 31.06 -36.57
N PHE A 319 -3.30 30.97 -35.41
CA PHE A 319 -2.79 30.21 -34.29
C PHE A 319 -3.66 28.98 -34.09
N ARG A 320 -4.86 29.05 -34.66
CA ARG A 320 -5.80 27.93 -34.73
C ARG A 320 -6.74 28.20 -35.91
N PRO A 321 -7.32 27.16 -36.49
CA PRO A 321 -8.35 27.33 -37.51
C PRO A 321 -9.47 28.26 -37.04
N ALA A 322 -9.97 29.09 -37.95
CA ALA A 322 -11.05 30.02 -37.64
C ALA A 322 -12.35 29.27 -37.33
N GLU A 323 -13.18 29.87 -36.47
CA GLU A 323 -14.44 29.25 -36.04
C GLU A 323 -15.49 29.32 -37.15
N PRO A 324 -16.33 28.29 -37.24
CA PRO A 324 -17.51 28.32 -38.12
C PRO A 324 -18.64 29.16 -37.52
N HIS A 325 -19.31 29.95 -38.36
CA HIS A 325 -20.45 30.77 -37.94
C HIS A 325 -21.73 30.32 -38.63
N PHE A 326 -22.58 29.62 -37.89
CA PHE A 326 -23.77 28.98 -38.45
C PHE A 326 -24.97 29.91 -38.53
N THR A 327 -25.82 29.65 -39.52
CA THR A 327 -27.11 30.34 -39.64
C THR A 327 -28.06 29.86 -38.55
N SER A 328 -29.12 30.64 -38.31
CA SER A 328 -30.13 30.27 -37.32
C SER A 328 -30.66 28.86 -37.53
N ASP A 329 -30.95 28.52 -38.79
CA ASP A 329 -31.48 27.20 -39.15
C ASP A 329 -30.45 26.07 -38.97
N GLY A 330 -29.18 26.39 -39.22
CA GLY A 330 -28.10 25.44 -39.02
C GLY A 330 -27.78 24.56 -40.22
N ASN A 331 -28.33 24.91 -41.38
CA ASN A 331 -28.09 24.15 -42.60
C ASN A 331 -26.88 24.66 -43.40
N SER A 332 -26.33 25.80 -42.99
CA SER A 332 -25.14 26.36 -43.60
C SER A 332 -24.29 27.14 -42.58
N PHE A 333 -23.04 27.39 -42.93
CA PHE A 333 -22.15 28.22 -42.11
C PHE A 333 -21.12 28.97 -42.93
N TYR A 334 -20.62 30.07 -42.35
CA TYR A 334 -19.58 30.87 -42.96
C TYR A 334 -18.31 30.75 -42.15
N LYS A 335 -17.20 30.46 -42.82
CA LYS A 335 -15.91 30.28 -42.14
C LYS A 335 -14.75 30.85 -42.97
N ILE A 336 -13.85 31.55 -42.29
CA ILE A 336 -12.65 32.09 -42.92
C ILE A 336 -11.67 30.96 -43.20
N ILE A 337 -11.35 30.78 -44.48
CA ILE A 337 -10.30 29.87 -44.93
C ILE A 337 -9.41 30.56 -45.96
N SER A 338 -8.30 29.92 -46.29
CA SER A 338 -7.39 30.44 -47.30
C SER A 338 -7.91 30.09 -48.69
N ASN A 339 -7.94 31.10 -49.56
CA ASN A 339 -8.35 30.91 -50.95
C ASN A 339 -7.16 30.54 -51.85
N GLU A 340 -7.38 30.51 -53.16
CA GLU A 340 -6.35 30.16 -54.14
C GLU A 340 -5.03 30.89 -53.86
N GLU A 341 -5.09 32.22 -53.85
CA GLU A 341 -3.90 33.06 -53.72
C GLU A 341 -3.35 33.14 -52.28
N GLY A 342 -3.92 32.35 -51.37
CA GLY A 342 -3.43 32.25 -50.01
C GLY A 342 -3.84 33.39 -49.10
N TYR A 343 -4.96 34.02 -49.42
CA TYR A 343 -5.52 35.09 -48.58
C TYR A 343 -6.75 34.59 -47.84
N LYS A 344 -6.87 34.99 -46.58
CA LYS A 344 -7.94 34.52 -45.71
C LYS A 344 -9.24 35.27 -45.98
N HIS A 345 -10.24 34.53 -46.40
CA HIS A 345 -11.53 35.10 -46.79
C HIS A 345 -12.68 34.22 -46.34
N ILE A 346 -13.88 34.79 -46.29
CA ILE A 346 -15.07 34.07 -45.85
C ILE A 346 -15.57 33.14 -46.95
N CYS A 347 -15.68 31.85 -46.62
CA CYS A 347 -16.27 30.87 -47.52
C CYS A 347 -17.63 30.44 -46.97
N HIS A 348 -18.63 30.38 -47.84
CA HIS A 348 -19.97 29.93 -47.49
C HIS A 348 -20.09 28.42 -47.65
N PHE A 349 -20.11 27.71 -46.53
CA PHE A 349 -20.21 26.26 -46.52
C PHE A 349 -21.66 25.82 -46.32
N GLN A 350 -22.02 24.75 -46.99
CA GLN A 350 -23.25 24.02 -46.68
C GLN A 350 -22.88 22.93 -45.67
N THR A 351 -23.78 22.67 -44.72
CA THR A 351 -23.52 21.72 -43.64
C THR A 351 -23.32 20.29 -44.13
N ASP A 352 -24.10 19.88 -45.14
CA ASP A 352 -24.02 18.52 -45.67
C ASP A 352 -23.30 18.42 -47.04
N LYS A 353 -22.58 19.48 -47.41
CA LYS A 353 -21.80 19.48 -48.66
C LYS A 353 -20.34 19.85 -48.39
N SER A 354 -19.45 19.40 -49.27
CA SER A 354 -18.01 19.63 -49.10
C SER A 354 -17.52 20.95 -49.71
N ASN A 355 -17.95 21.20 -50.95
CA ASN A 355 -17.52 22.40 -51.69
C ASN A 355 -18.15 23.67 -51.14
N CYS A 356 -17.32 24.70 -50.96
CA CYS A 356 -17.81 25.99 -50.46
C CYS A 356 -17.67 27.11 -51.48
N THR A 357 -18.33 28.24 -51.21
CA THR A 357 -18.31 29.40 -52.09
C THR A 357 -17.73 30.60 -51.37
N PHE A 358 -16.65 31.16 -51.91
CA PHE A 358 -16.04 32.36 -51.36
C PHE A 358 -16.92 33.57 -51.61
N ILE A 359 -17.18 34.33 -50.55
CA ILE A 359 -18.01 35.53 -50.64
C ILE A 359 -17.15 36.80 -50.62
N THR A 360 -15.87 36.63 -50.27
CA THR A 360 -14.90 37.73 -50.25
C THR A 360 -13.64 37.31 -51.00
N LYS A 361 -12.97 38.30 -51.61
CA LYS A 361 -11.76 38.07 -52.40
C LYS A 361 -10.88 39.32 -52.41
N GLY A 362 -9.59 39.14 -52.67
CA GLY A 362 -8.66 40.25 -52.75
C GLY A 362 -7.34 40.03 -52.05
N ALA A 363 -6.39 40.94 -52.29
CA ALA A 363 -5.07 40.87 -51.68
C ALA A 363 -5.09 41.45 -50.26
N TRP A 364 -6.06 40.97 -49.47
CA TRP A 364 -6.23 41.37 -48.08
C TRP A 364 -6.87 40.22 -47.31
N GLU A 365 -7.04 40.38 -46.01
CA GLU A 365 -7.54 39.28 -45.17
C GLU A 365 -8.71 39.69 -44.28
N VAL A 366 -9.72 38.82 -44.21
CA VAL A 366 -10.78 38.94 -43.24
C VAL A 366 -10.21 38.56 -41.87
N ILE A 367 -10.30 39.48 -40.92
CA ILE A 367 -9.76 39.25 -39.58
C ILE A 367 -10.68 38.35 -38.78
N GLY A 368 -11.99 38.60 -38.86
CA GLY A 368 -12.97 37.78 -38.17
C GLY A 368 -14.40 38.10 -38.56
N ILE A 369 -15.28 37.11 -38.40
CA ILE A 369 -16.71 37.29 -38.58
C ILE A 369 -17.33 37.71 -37.24
N GLU A 370 -17.94 38.89 -37.22
CA GLU A 370 -18.49 39.44 -35.98
C GLU A 370 -19.94 39.01 -35.74
N ALA A 371 -20.81 39.30 -36.70
CA ALA A 371 -22.23 39.02 -36.57
C ALA A 371 -22.82 38.45 -37.85
N LEU A 372 -23.94 37.74 -37.71
CA LEU A 372 -24.65 37.20 -38.85
C LEU A 372 -26.16 37.28 -38.63
N THR A 373 -26.86 37.80 -39.64
CA THR A 373 -28.32 37.75 -39.69
C THR A 373 -28.72 36.95 -40.92
N SER A 374 -30.03 36.84 -41.17
CA SER A 374 -30.53 36.19 -42.38
C SER A 374 -30.17 36.98 -43.64
N ASP A 375 -30.04 38.30 -43.48
CA ASP A 375 -29.78 39.21 -44.58
C ASP A 375 -28.29 39.55 -44.72
N TYR A 376 -27.63 39.90 -43.62
CA TYR A 376 -26.28 40.45 -43.67
C TYR A 376 -25.24 39.66 -42.87
N LEU A 377 -24.01 39.69 -43.37
CA LEU A 377 -22.83 39.16 -42.67
C LEU A 377 -21.93 40.35 -42.33
N TYR A 378 -21.65 40.52 -41.05
CA TYR A 378 -20.77 41.59 -40.59
C TYR A 378 -19.38 41.02 -40.25
N TYR A 379 -18.34 41.69 -40.73
CA TYR A 379 -16.97 41.21 -40.51
C TYR A 379 -15.93 42.32 -40.39
N ILE A 380 -14.76 41.97 -39.87
CA ILE A 380 -13.64 42.90 -39.75
C ILE A 380 -12.53 42.50 -40.72
N SER A 381 -12.00 43.47 -41.44
CA SER A 381 -10.92 43.20 -42.38
C SER A 381 -9.89 44.33 -42.44
N ASN A 382 -8.80 44.10 -43.15
CA ASN A 382 -7.78 45.13 -43.38
C ASN A 382 -7.76 45.57 -44.84
N GLU A 383 -8.94 45.59 -45.46
CA GLU A 383 -9.08 45.98 -46.86
C GLU A 383 -8.74 47.44 -47.10
N HIS A 384 -9.24 48.31 -46.23
CA HIS A 384 -9.23 49.75 -46.45
C HIS A 384 -7.84 50.36 -46.64
N LYS A 385 -7.69 51.09 -47.76
CA LYS A 385 -6.44 51.76 -48.13
C LYS A 385 -5.24 50.84 -48.23
N GLY A 386 -5.51 49.54 -48.36
CA GLY A 386 -4.49 48.51 -48.52
C GLY A 386 -3.53 48.35 -47.36
N MET A 387 -3.87 48.84 -46.17
CA MET A 387 -2.98 48.69 -45.03
C MET A 387 -3.38 47.55 -44.08
N PRO A 388 -2.49 46.57 -43.95
CA PRO A 388 -2.75 45.38 -43.13
C PRO A 388 -2.81 45.66 -41.63
N GLY A 389 -2.22 46.79 -41.21
CA GLY A 389 -2.24 47.19 -39.81
C GLY A 389 -3.41 48.09 -39.47
N GLY A 390 -4.46 48.00 -40.27
CA GLY A 390 -5.69 48.71 -40.01
C GLY A 390 -6.85 47.72 -39.97
N ARG A 391 -7.92 48.09 -39.27
CA ARG A 391 -9.10 47.23 -39.17
C ARG A 391 -10.36 48.05 -39.39
N ASN A 392 -11.33 47.46 -40.09
CA ASN A 392 -12.61 48.12 -40.35
C ASN A 392 -13.78 47.14 -40.37
N LEU A 393 -14.97 47.66 -40.05
CA LEU A 393 -16.19 46.86 -40.07
C LEU A 393 -16.85 46.93 -41.45
N TYR A 394 -17.22 45.77 -41.97
CA TYR A 394 -17.84 45.65 -43.27
C TYR A 394 -19.11 44.83 -43.18
N ARG A 395 -20.10 45.19 -43.99
CA ARG A 395 -21.33 44.42 -44.07
C ARG A 395 -21.53 43.94 -45.51
N ILE A 396 -21.77 42.64 -45.66
CA ILE A 396 -22.01 42.04 -46.96
C ILE A 396 -23.42 41.42 -46.99
N GLN A 397 -24.16 41.71 -48.06
CA GLN A 397 -25.49 41.15 -48.24
C GLN A 397 -25.40 39.69 -48.67
N LEU A 398 -26.22 38.84 -48.05
CA LEU A 398 -26.17 37.40 -48.29
C LEU A 398 -26.79 37.00 -49.64
N ASN A 399 -27.70 37.81 -50.15
CA ASN A 399 -28.30 37.58 -51.46
C ASN A 399 -27.50 38.22 -52.61
N ASP A 400 -26.64 39.17 -52.27
CA ASP A 400 -25.79 39.86 -53.25
C ASP A 400 -24.40 40.17 -52.70
N TYR A 401 -23.40 39.42 -53.17
CA TYR A 401 -22.02 39.59 -52.69
C TYR A 401 -21.32 40.82 -53.24
N THR A 402 -21.97 41.49 -54.19
CA THR A 402 -21.45 42.74 -54.75
C THR A 402 -21.67 43.88 -53.77
N LYS A 403 -22.83 43.89 -53.12
CA LYS A 403 -23.17 44.93 -52.16
C LYS A 403 -22.46 44.71 -50.84
N VAL A 404 -21.27 45.31 -50.72
CA VAL A 404 -20.51 45.32 -49.48
C VAL A 404 -20.23 46.76 -49.05
N THR A 405 -20.79 47.15 -47.91
CA THR A 405 -20.63 48.50 -47.39
C THR A 405 -19.63 48.56 -46.25
N CYS A 406 -18.82 49.61 -46.23
CA CYS A 406 -17.91 49.85 -45.11
C CYS A 406 -18.52 50.83 -44.12
N LEU A 407 -18.86 50.32 -42.94
CA LEU A 407 -19.60 51.08 -41.94
C LEU A 407 -18.71 51.92 -41.03
N SER A 408 -17.39 51.69 -41.07
CA SER A 408 -16.46 52.38 -40.18
C SER A 408 -15.43 53.26 -40.89
N CYS A 409 -15.18 52.96 -42.16
CA CYS A 409 -14.12 53.61 -42.96
C CYS A 409 -14.13 55.14 -42.90
N GLU A 410 -15.30 55.72 -43.13
CA GLU A 410 -15.40 57.15 -43.36
C GLU A 410 -16.11 57.93 -42.24
N LEU A 411 -16.04 57.42 -41.01
CA LEU A 411 -16.60 58.14 -39.86
C LEU A 411 -15.59 59.13 -39.32
N ASN A 412 -14.34 58.70 -39.24
CA ASN A 412 -13.23 59.56 -38.85
C ASN A 412 -11.95 59.01 -39.48
N PRO A 413 -11.76 59.30 -40.78
CA PRO A 413 -10.70 58.65 -41.58
C PRO A 413 -9.28 58.89 -41.06
N GLU A 414 -9.00 60.05 -40.48
CA GLU A 414 -7.66 60.39 -40.00
C GLU A 414 -7.46 60.01 -38.54
N ARG A 415 -8.56 59.90 -37.81
CA ARG A 415 -8.53 59.59 -36.38
C ARG A 415 -8.69 58.10 -36.11
N CYS A 416 -9.36 57.40 -37.03
CA CYS A 416 -9.76 56.02 -36.81
C CYS A 416 -9.50 55.11 -38.00
N GLN A 417 -8.47 54.26 -37.87
CA GLN A 417 -8.10 53.30 -38.90
C GLN A 417 -8.10 51.88 -38.32
N TYR A 418 -8.13 51.78 -36.99
CA TYR A 418 -8.15 50.51 -36.29
C TYR A 418 -9.47 50.32 -35.52
N TYR A 419 -10.22 49.29 -35.89
CA TYR A 419 -11.58 49.12 -35.37
C TYR A 419 -11.90 47.75 -34.78
N SER A 420 -12.72 47.77 -33.73
CA SER A 420 -13.32 46.57 -33.14
C SER A 420 -14.81 46.82 -32.99
N ALA A 421 -15.61 45.76 -32.89
CA ALA A 421 -17.07 45.91 -32.83
C ALA A 421 -17.76 44.86 -31.94
N SER A 422 -18.83 45.28 -31.27
CA SER A 422 -19.64 44.38 -30.46
C SER A 422 -21.12 44.56 -30.81
N PHE A 423 -21.74 43.48 -31.28
CA PHE A 423 -23.10 43.52 -31.79
C PHE A 423 -24.14 43.06 -30.78
N SER A 424 -25.33 43.64 -30.88
CA SER A 424 -26.47 43.25 -30.04
C SER A 424 -26.92 41.83 -30.33
N ASN A 425 -27.77 41.29 -29.47
CA ASN A 425 -28.23 39.89 -29.56
C ASN A 425 -28.73 39.47 -30.93
N LYS A 426 -29.40 40.38 -31.64
CA LYS A 426 -29.90 40.09 -32.98
C LYS A 426 -29.19 40.95 -34.05
N ALA A 427 -28.04 41.50 -33.68
CA ALA A 427 -27.23 42.38 -34.54
C ALA A 427 -27.98 43.64 -34.98
N LYS A 428 -28.98 44.04 -34.19
CA LYS A 428 -29.77 45.23 -34.48
C LYS A 428 -29.03 46.52 -34.14
N TYR A 429 -28.07 46.43 -33.23
CA TYR A 429 -27.24 47.57 -32.84
C TYR A 429 -25.80 47.13 -32.65
N TYR A 430 -24.86 48.07 -32.75
CA TYR A 430 -23.45 47.77 -32.47
C TYR A 430 -22.68 48.95 -31.90
N GLN A 431 -21.70 48.63 -31.08
CA GLN A 431 -20.73 49.61 -30.59
C GLN A 431 -19.47 49.53 -31.45
N LEU A 432 -18.95 50.69 -31.86
CA LEU A 432 -17.72 50.73 -32.63
C LEU A 432 -16.56 51.21 -31.78
N ARG A 433 -15.55 50.35 -31.68
CA ARG A 433 -14.38 50.61 -30.85
C ARG A 433 -13.21 51.00 -31.74
N CYS A 434 -12.81 52.26 -31.63
CA CYS A 434 -11.71 52.81 -32.41
C CYS A 434 -10.47 52.93 -31.53
N PHE A 435 -9.35 52.41 -32.02
CA PHE A 435 -8.12 52.32 -31.22
C PHE A 435 -6.94 53.15 -31.75
N GLY A 436 -7.13 53.80 -32.89
CA GLY A 436 -6.10 54.62 -33.49
C GLY A 436 -6.36 54.98 -34.95
N PRO A 437 -5.50 55.79 -35.57
CA PRO A 437 -4.27 56.30 -34.96
C PRO A 437 -4.44 57.45 -33.97
N GLY A 438 -5.62 58.08 -33.98
CA GLY A 438 -5.94 59.12 -33.02
C GLY A 438 -6.39 58.51 -31.70
N LEU A 439 -6.74 59.37 -30.74
CA LEU A 439 -7.23 58.92 -29.44
C LEU A 439 -8.45 58.02 -29.60
N PRO A 440 -8.54 56.96 -28.82
CA PRO A 440 -9.67 56.03 -28.89
C PRO A 440 -11.03 56.73 -28.78
N LEU A 441 -11.94 56.34 -29.66
CA LEU A 441 -13.29 56.89 -29.69
C LEU A 441 -14.30 55.76 -29.73
N TYR A 442 -15.19 55.74 -28.74
CA TYR A 442 -16.20 54.70 -28.62
C TYR A 442 -17.55 55.29 -28.99
N THR A 443 -18.24 54.64 -29.93
CA THR A 443 -19.50 55.13 -30.47
C THR A 443 -20.56 54.04 -30.51
N LEU A 444 -21.82 54.45 -30.56
CA LEU A 444 -22.95 53.53 -30.71
C LEU A 444 -23.69 53.76 -32.03
N HIS A 445 -24.05 52.67 -32.70
CA HIS A 445 -24.68 52.73 -34.02
C HIS A 445 -25.90 51.82 -34.10
N SER A 446 -26.85 52.19 -34.95
CA SER A 446 -27.95 51.32 -35.31
C SER A 446 -27.58 50.56 -36.57
N SER A 447 -28.15 49.36 -36.73
CA SER A 447 -27.91 48.57 -37.93
C SER A 447 -28.93 48.86 -39.01
N SER A 448 -30.00 49.55 -38.64
CA SER A 448 -31.08 49.91 -39.55
C SER A 448 -30.64 50.92 -40.62
N SER A 449 -29.98 51.99 -40.17
CA SER A 449 -29.55 53.07 -41.05
C SER A 449 -28.04 53.36 -40.94
N ASP A 450 -27.38 52.65 -40.03
CA ASP A 450 -25.96 52.85 -39.71
C ASP A 450 -25.60 54.31 -39.39
N LYS A 451 -26.37 54.89 -38.48
CA LYS A 451 -26.14 56.24 -38.00
C LYS A 451 -25.46 56.21 -36.63
N GLU A 452 -24.49 57.12 -36.44
CA GLU A 452 -23.85 57.30 -35.14
C GLU A 452 -24.86 57.86 -34.15
N LEU A 453 -25.45 56.96 -33.37
CA LEU A 453 -26.48 57.32 -32.39
C LEU A 453 -25.97 58.30 -31.34
N ARG A 454 -24.84 57.97 -30.72
CA ARG A 454 -24.19 58.88 -29.77
C ARG A 454 -22.71 58.53 -29.54
N VAL A 455 -21.99 59.45 -28.91
CA VAL A 455 -20.60 59.24 -28.53
C VAL A 455 -20.55 58.79 -27.07
N LEU A 456 -20.05 57.57 -26.86
CA LEU A 456 -19.98 56.98 -25.53
C LEU A 456 -18.74 57.44 -24.76
N GLU A 457 -17.62 57.54 -25.46
CA GLU A 457 -16.37 58.03 -24.90
C GLU A 457 -15.46 58.50 -26.03
N ASP A 458 -14.92 59.70 -25.90
CA ASP A 458 -14.11 60.30 -26.95
C ASP A 458 -12.74 60.79 -26.46
N ASN A 459 -12.45 60.52 -25.19
CA ASN A 459 -11.17 60.87 -24.56
C ASN A 459 -10.83 62.36 -24.62
N SER A 460 -11.84 63.20 -24.44
CA SER A 460 -11.68 64.66 -24.43
C SER A 460 -10.74 65.13 -23.33
N ALA A 461 -10.83 64.49 -22.16
CA ALA A 461 -9.97 64.81 -21.02
C ALA A 461 -8.50 64.55 -21.32
N LEU A 462 -8.23 63.47 -22.04
CA LEU A 462 -6.86 63.13 -22.45
C LEU A 462 -6.35 64.10 -23.52
N ASP A 463 -7.21 64.45 -24.47
CA ASP A 463 -6.88 65.43 -25.51
C ASP A 463 -6.42 66.76 -24.92
N LYS A 464 -7.16 67.22 -23.89
CA LYS A 464 -6.83 68.45 -23.17
C LYS A 464 -5.44 68.37 -22.54
N MET A 465 -5.15 67.24 -21.90
CA MET A 465 -3.86 67.01 -21.24
C MET A 465 -2.69 66.86 -22.23
N LEU A 466 -2.98 66.29 -23.39
CA LEU A 466 -1.95 66.04 -24.41
C LEU A 466 -1.42 67.30 -25.09
N GLN A 467 -2.18 68.40 -24.98
CA GLN A 467 -1.79 69.69 -25.54
C GLN A 467 -0.62 70.31 -24.76
N ASP A 468 -0.61 70.07 -23.46
CA ASP A 468 0.44 70.58 -22.57
C ASP A 468 1.75 69.78 -22.68
N VAL A 469 1.68 68.62 -23.31
CA VAL A 469 2.84 67.73 -23.43
C VAL A 469 3.37 67.61 -24.86
N GLN A 470 4.69 67.48 -24.99
CA GLN A 470 5.36 67.32 -26.28
C GLN A 470 5.19 65.89 -26.80
N MET A 471 4.07 65.65 -27.47
CA MET A 471 3.75 64.33 -28.01
C MET A 471 4.61 63.97 -29.23
N PRO A 472 5.11 62.74 -29.27
CA PRO A 472 5.79 62.23 -30.46
C PRO A 472 4.80 61.85 -31.57
N SER A 473 5.29 61.73 -32.80
CA SER A 473 4.45 61.37 -33.94
C SER A 473 4.76 59.96 -34.44
N LYS A 474 3.73 59.27 -34.93
CA LYS A 474 3.86 57.91 -35.43
C LYS A 474 3.74 57.87 -36.96
N LYS A 475 4.83 57.49 -37.60
CA LYS A 475 4.90 57.42 -39.06
C LYS A 475 4.78 55.96 -39.52
N LEU A 476 3.84 55.71 -40.43
CA LEU A 476 3.67 54.38 -41.02
C LEU A 476 4.01 54.41 -42.51
N ASP A 477 4.93 53.54 -42.93
CA ASP A 477 5.42 53.54 -44.30
C ASP A 477 5.80 52.15 -44.80
N VAL A 478 6.28 52.08 -46.04
CA VAL A 478 6.60 50.82 -46.70
C VAL A 478 8.04 50.80 -47.20
N ILE A 479 8.71 49.66 -47.01
CA ILE A 479 10.02 49.41 -47.62
C ILE A 479 10.02 48.10 -48.38
N ASN A 480 10.92 47.99 -49.36
CA ASN A 480 11.02 46.79 -50.20
C ASN A 480 12.13 45.85 -49.74
N LEU A 481 11.76 44.62 -49.40
CA LEU A 481 12.72 43.59 -49.04
C LEU A 481 12.65 42.46 -50.06
N HIS A 482 13.79 42.18 -50.69
CA HIS A 482 13.91 41.11 -51.70
C HIS A 482 12.67 40.98 -52.60
N GLY A 483 12.25 42.10 -53.17
CA GLY A 483 11.12 42.13 -54.09
C GLY A 483 9.75 41.98 -53.46
N THR A 484 9.62 42.38 -52.20
CA THR A 484 8.34 42.35 -51.51
C THR A 484 8.20 43.59 -50.63
N LYS A 485 7.05 44.26 -50.73
CA LYS A 485 6.77 45.44 -49.92
C LYS A 485 6.24 45.05 -48.54
N PHE A 486 6.98 45.46 -47.50
CA PHE A 486 6.60 45.19 -46.12
C PHE A 486 6.36 46.50 -45.37
N TRP A 487 5.51 46.44 -44.35
CA TRP A 487 5.14 47.63 -43.59
C TRP A 487 6.00 47.84 -42.35
N TYR A 488 6.28 49.11 -42.06
CA TYR A 488 7.03 49.50 -40.87
C TYR A 488 6.48 50.77 -40.24
N GLN A 489 6.76 50.95 -38.95
CA GLN A 489 6.38 52.18 -38.24
C GLN A 489 7.58 52.82 -37.55
N MET A 490 7.49 54.13 -37.32
CA MET A 490 8.52 54.87 -36.60
C MET A 490 7.88 55.86 -35.64
N ILE A 491 8.34 55.82 -34.39
CA ILE A 491 7.95 56.83 -33.39
C ILE A 491 9.05 57.89 -33.38
N LEU A 492 8.70 59.08 -33.87
CA LEU A 492 9.68 60.15 -34.02
C LEU A 492 9.59 61.18 -32.90
N PRO A 493 10.74 61.59 -32.37
CA PRO A 493 10.81 62.61 -31.32
C PRO A 493 10.14 63.94 -31.71
N PRO A 494 9.69 64.72 -30.71
CA PRO A 494 9.10 66.05 -30.96
C PRO A 494 10.09 66.98 -31.68
N HIS A 495 9.55 67.85 -32.54
CA HIS A 495 10.35 68.78 -33.34
C HIS A 495 11.50 68.07 -34.06
N PHE A 496 11.12 67.17 -34.98
CA PHE A 496 12.07 66.33 -35.69
C PHE A 496 13.06 67.13 -36.56
N ASP A 497 14.33 67.08 -36.17
CA ASP A 497 15.41 67.77 -36.88
C ASP A 497 16.19 66.82 -37.78
N LYS A 498 16.18 67.10 -39.07
CA LYS A 498 16.82 66.24 -40.07
C LYS A 498 18.36 66.32 -40.07
N SER A 499 18.90 67.36 -39.45
CA SER A 499 20.36 67.55 -39.40
C SER A 499 21.04 66.70 -38.32
N LYS A 500 20.40 66.59 -37.17
CA LYS A 500 20.91 65.82 -36.04
C LYS A 500 20.84 64.32 -36.31
N LYS A 501 21.82 63.59 -35.78
CA LYS A 501 21.83 62.14 -35.84
C LYS A 501 21.19 61.55 -34.59
N TYR A 502 20.03 60.92 -34.77
CA TYR A 502 19.28 60.33 -33.67
C TYR A 502 19.58 58.85 -33.51
N PRO A 503 19.74 58.39 -32.26
CA PRO A 503 19.85 56.96 -31.96
C PRO A 503 18.55 56.19 -32.24
N LEU A 504 18.68 54.94 -32.64
CA LEU A 504 17.55 54.13 -33.09
C LEU A 504 17.33 52.92 -32.19
N LEU A 505 16.10 52.75 -31.73
CA LEU A 505 15.71 51.53 -31.02
C LEU A 505 14.71 50.75 -31.84
N ILE A 506 15.01 49.47 -32.07
CA ILE A 506 14.09 48.59 -32.79
C ILE A 506 13.26 47.79 -31.78
N GLU A 507 11.95 48.02 -31.82
CA GLU A 507 11.01 47.27 -31.00
C GLU A 507 10.47 46.13 -31.83
N VAL A 508 10.82 44.90 -31.44
CA VAL A 508 10.48 43.72 -32.22
C VAL A 508 9.64 42.70 -31.44
N TYR A 509 8.69 42.09 -32.14
CA TYR A 509 8.09 40.84 -31.72
C TYR A 509 8.41 39.76 -32.76
N ALA A 510 7.86 39.92 -33.97
CA ALA A 510 8.20 39.11 -35.15
C ALA A 510 7.72 37.66 -35.12
N GLY A 511 6.93 37.31 -34.10
CA GLY A 511 6.36 35.98 -34.00
C GLY A 511 5.48 35.65 -35.19
N PRO A 512 5.47 34.38 -35.58
CA PRO A 512 4.61 33.93 -36.69
C PRO A 512 3.16 34.31 -36.46
N CYS A 513 2.52 34.84 -37.49
CA CYS A 513 1.10 35.26 -37.44
C CYS A 513 0.87 36.57 -36.67
N SER A 514 1.95 37.25 -36.29
CA SER A 514 1.83 38.46 -35.48
C SER A 514 2.00 39.76 -36.29
N GLN A 515 1.69 40.87 -35.63
CA GLN A 515 1.76 42.19 -36.27
C GLN A 515 2.27 43.23 -35.28
N LYS A 516 3.42 43.81 -35.58
CA LYS A 516 4.01 44.87 -34.76
C LYS A 516 3.72 46.27 -35.32
N VAL A 517 3.33 46.33 -36.59
CA VAL A 517 3.05 47.59 -37.25
C VAL A 517 1.55 47.76 -37.48
N ASP A 518 0.94 48.66 -36.71
CA ASP A 518 -0.49 48.93 -36.81
C ASP A 518 -0.80 50.40 -36.54
N THR A 519 -2.08 50.77 -36.65
CA THR A 519 -2.49 52.15 -36.41
C THR A 519 -3.00 52.37 -34.99
N VAL A 520 -2.81 51.39 -34.11
CA VAL A 520 -3.27 51.47 -32.73
C VAL A 520 -2.55 52.58 -31.95
N PHE A 521 -3.33 53.47 -31.33
CA PHE A 521 -2.77 54.50 -30.46
C PHE A 521 -2.28 53.86 -29.17
N ARG A 522 -1.04 54.17 -28.80
CA ARG A 522 -0.40 53.57 -27.64
C ARG A 522 0.47 54.56 -26.89
N LEU A 523 0.08 54.85 -25.65
CA LEU A 523 0.95 55.54 -24.71
C LEU A 523 1.86 54.47 -24.13
N SER A 524 3.14 54.53 -24.48
CA SER A 524 4.05 53.42 -24.25
C SER A 524 5.39 53.84 -23.68
N TRP A 525 6.30 52.88 -23.59
CA TRP A 525 7.67 53.15 -23.18
C TRP A 525 8.41 53.88 -24.30
N ALA A 526 8.10 53.50 -25.54
CA ALA A 526 8.65 54.16 -26.73
C ALA A 526 8.23 55.63 -26.80
N THR A 527 6.99 55.91 -26.41
CA THR A 527 6.48 57.28 -26.28
C THR A 527 7.44 58.13 -25.46
N TYR A 528 7.82 57.61 -24.28
CA TYR A 528 8.74 58.29 -23.38
C TYR A 528 10.12 58.45 -24.02
N LEU A 529 10.59 57.41 -24.70
CA LEU A 529 11.94 57.40 -25.26
C LEU A 529 12.11 58.44 -26.36
N ALA A 530 11.06 58.64 -27.15
CA ALA A 530 11.04 59.67 -28.19
C ALA A 530 10.90 61.08 -27.59
N SER A 531 9.94 61.23 -26.69
CA SER A 531 9.62 62.53 -26.10
C SER A 531 10.72 63.10 -25.20
N THR A 532 11.14 62.31 -24.21
CA THR A 532 12.13 62.76 -23.22
C THR A 532 13.58 62.51 -23.67
N GLU A 533 13.87 61.30 -24.11
CA GLU A 533 15.24 60.89 -24.40
C GLU A 533 15.68 61.14 -25.85
N ASN A 534 14.72 61.54 -26.68
CA ASN A 534 14.97 61.83 -28.10
C ASN A 534 15.58 60.64 -28.86
N ILE A 535 14.91 59.50 -28.74
CA ILE A 535 15.32 58.28 -29.45
C ILE A 535 14.24 57.92 -30.46
N ILE A 536 14.66 57.55 -31.67
CA ILE A 536 13.71 57.00 -32.64
C ILE A 536 13.46 55.53 -32.30
N VAL A 537 12.19 55.18 -32.16
CA VAL A 537 11.79 53.80 -31.99
C VAL A 537 11.07 53.34 -33.26
N ALA A 538 11.61 52.29 -33.87
CA ALA A 538 11.04 51.73 -35.09
C ALA A 538 10.61 50.28 -34.88
N SER A 539 9.59 49.87 -35.62
CA SER A 539 9.13 48.48 -35.64
C SER A 539 8.89 48.06 -37.09
N PHE A 540 9.03 46.77 -37.36
CA PHE A 540 8.95 46.24 -38.71
C PHE A 540 8.29 44.87 -38.73
N ASP A 541 7.47 44.62 -39.75
CA ASP A 541 6.86 43.30 -39.96
C ASP A 541 7.43 42.61 -41.19
N GLY A 542 8.34 41.67 -40.98
CA GLY A 542 8.98 40.95 -42.07
C GLY A 542 8.27 39.68 -42.46
N ARG A 543 9.02 38.70 -42.96
CA ARG A 543 8.47 37.39 -43.29
C ARG A 543 8.09 36.65 -42.01
N GLY A 544 6.98 35.92 -42.08
CA GLY A 544 6.44 35.26 -40.91
C GLY A 544 5.28 36.01 -40.27
N SER A 545 5.27 37.34 -40.44
CA SER A 545 4.19 38.17 -39.90
C SER A 545 2.84 37.83 -40.54
N GLY A 546 1.76 38.20 -39.86
CA GLY A 546 0.42 37.82 -40.31
C GLY A 546 -0.35 38.92 -41.02
N TYR A 547 -1.58 38.58 -41.40
CA TYR A 547 -2.55 39.52 -42.00
C TYR A 547 -2.16 40.03 -43.39
N GLN A 548 -1.28 39.32 -44.07
CA GLN A 548 -0.83 39.69 -45.41
C GLN A 548 -0.79 38.48 -46.36
N GLY A 549 -1.50 37.41 -46.01
CA GLY A 549 -1.53 36.21 -46.82
C GLY A 549 -0.63 35.11 -46.31
N ASP A 550 -0.92 33.88 -46.73
CA ASP A 550 -0.19 32.69 -46.30
C ASP A 550 1.25 32.64 -46.78
N LYS A 551 1.53 33.29 -47.91
CA LYS A 551 2.87 33.27 -48.50
C LYS A 551 3.90 33.95 -47.59
N ILE A 552 3.58 35.14 -47.10
CA ILE A 552 4.42 35.85 -46.14
C ILE A 552 4.43 35.14 -44.79
N MET A 553 3.25 34.69 -44.38
CA MET A 553 3.06 34.03 -43.09
C MET A 553 3.84 32.72 -42.98
N HIS A 554 3.63 31.82 -43.95
CA HIS A 554 4.27 30.50 -43.94
C HIS A 554 5.73 30.51 -44.37
N ALA A 555 6.26 31.69 -44.64
CA ALA A 555 7.66 31.83 -45.06
C ALA A 555 8.65 31.20 -44.08
N ILE A 556 8.35 31.30 -42.78
CA ILE A 556 9.24 30.75 -41.74
C ILE A 556 8.85 29.35 -41.26
N ASN A 557 7.96 28.68 -42.00
CA ASN A 557 7.55 27.33 -41.63
C ASN A 557 8.73 26.39 -41.50
N ARG A 558 8.82 25.75 -40.34
CA ARG A 558 9.88 24.80 -39.99
C ARG A 558 11.26 25.45 -39.89
N ARG A 559 11.30 26.77 -39.96
CA ARG A 559 12.56 27.51 -39.83
C ARG A 559 12.42 28.82 -39.03
N LEU A 560 11.94 28.71 -37.79
CA LEU A 560 11.87 29.85 -36.89
C LEU A 560 13.28 30.36 -36.57
N GLY A 561 13.41 31.68 -36.47
CA GLY A 561 14.69 32.30 -36.19
C GLY A 561 15.56 32.57 -37.41
N THR A 562 15.01 32.32 -38.61
CA THR A 562 15.75 32.60 -39.84
C THR A 562 15.27 33.88 -40.53
N PHE A 563 14.20 33.77 -41.31
CA PHE A 563 13.74 34.86 -42.18
C PHE A 563 13.26 36.08 -41.41
N GLU A 564 12.49 35.87 -40.34
CA GLU A 564 11.98 36.97 -39.52
C GLU A 564 13.12 37.73 -38.84
N VAL A 565 14.19 37.01 -38.52
CA VAL A 565 15.38 37.59 -37.91
C VAL A 565 16.20 38.33 -38.97
N GLU A 566 16.39 37.68 -40.12
CA GLU A 566 17.11 38.26 -41.26
C GLU A 566 16.45 39.54 -41.76
N ASP A 567 15.12 39.53 -41.85
CA ASP A 567 14.35 40.69 -42.29
C ASP A 567 14.41 41.87 -41.31
N GLN A 568 14.59 41.58 -40.02
CA GLN A 568 14.76 42.63 -39.02
C GLN A 568 16.10 43.35 -39.24
N ILE A 569 17.14 42.57 -39.52
CA ILE A 569 18.49 43.10 -39.72
C ILE A 569 18.57 43.96 -40.97
N GLU A 570 18.10 43.41 -42.09
CA GLU A 570 18.12 44.09 -43.39
C GLU A 570 17.23 45.34 -43.42
N ALA A 571 16.09 45.28 -42.73
CA ALA A 571 15.20 46.44 -42.63
C ALA A 571 15.84 47.57 -41.84
N THR A 572 16.54 47.21 -40.77
CA THR A 572 17.27 48.18 -39.94
C THR A 572 18.44 48.79 -40.70
N ARG A 573 19.11 47.98 -41.51
CA ARG A 573 20.15 48.44 -42.42
C ARG A 573 19.60 49.54 -43.34
N GLN A 574 18.40 49.33 -43.87
CA GLN A 574 17.71 50.32 -44.68
C GLN A 574 17.34 51.58 -43.88
N PHE A 575 16.99 51.41 -42.61
CA PHE A 575 16.64 52.54 -41.74
C PHE A 575 17.88 53.37 -41.40
N SER A 576 19.02 52.70 -41.28
CA SER A 576 20.28 53.35 -40.93
C SER A 576 20.84 54.21 -42.07
N LYS A 577 20.33 53.99 -43.28
CA LYS A 577 20.67 54.81 -44.45
C LYS A 577 20.20 56.25 -44.28
N MET A 578 18.98 56.41 -43.77
CA MET A 578 18.39 57.72 -43.48
C MET A 578 19.38 58.58 -42.70
N GLY A 579 19.61 59.80 -43.19
CA GLY A 579 20.61 60.70 -42.63
C GLY A 579 20.43 61.10 -41.18
N PHE A 580 19.21 60.93 -40.66
CA PHE A 580 18.89 61.30 -39.27
C PHE A 580 19.05 60.14 -38.28
N VAL A 581 19.50 58.99 -38.76
CA VAL A 581 19.71 57.82 -37.90
C VAL A 581 21.20 57.55 -37.71
N ASP A 582 21.65 57.59 -36.46
CA ASP A 582 23.05 57.34 -36.12
C ASP A 582 23.34 55.84 -36.14
N ASP A 583 24.00 55.40 -37.22
CA ASP A 583 24.34 53.99 -37.41
C ASP A 583 25.23 53.40 -36.31
N LYS A 584 25.92 54.28 -35.58
CA LYS A 584 26.77 53.87 -34.47
C LYS A 584 25.96 53.63 -33.19
N ARG A 585 24.70 54.04 -33.19
CA ARG A 585 23.83 53.91 -32.03
C ARG A 585 22.46 53.32 -32.38
N ILE A 586 22.46 52.05 -32.78
CA ILE A 586 21.22 51.32 -33.02
C ILE A 586 21.07 50.16 -32.03
N ALA A 587 19.94 50.12 -31.35
CA ALA A 587 19.62 49.02 -30.43
C ALA A 587 18.38 48.26 -30.87
N ILE A 588 18.24 47.04 -30.33
CA ILE A 588 17.07 46.20 -30.58
C ILE A 588 16.57 45.57 -29.28
N TRP A 589 15.27 45.64 -29.05
CA TRP A 589 14.68 45.08 -27.83
C TRP A 589 13.37 44.35 -28.10
N GLY A 590 13.05 43.39 -27.25
CA GLY A 590 11.83 42.60 -27.41
C GLY A 590 11.43 41.73 -26.23
N TRP A 591 10.18 41.28 -26.27
CA TRP A 591 9.57 40.47 -25.21
C TRP A 591 9.07 39.16 -25.79
N SER A 592 9.27 38.06 -25.06
CA SER A 592 8.94 36.70 -25.50
C SER A 592 9.63 36.34 -26.80
N TYR A 593 8.84 36.16 -27.85
CA TYR A 593 9.36 35.92 -29.19
C TYR A 593 10.24 37.10 -29.62
N GLY A 594 9.84 38.30 -29.22
CA GLY A 594 10.63 39.50 -29.48
C GLY A 594 11.98 39.47 -28.81
N GLY A 595 12.05 38.83 -27.63
CA GLY A 595 13.30 38.63 -26.93
C GLY A 595 14.18 37.61 -27.65
N TYR A 596 13.55 36.59 -28.22
CA TYR A 596 14.24 35.57 -29.00
C TYR A 596 14.84 36.17 -30.26
N VAL A 597 14.04 36.95 -30.99
CA VAL A 597 14.49 37.63 -32.21
C VAL A 597 15.60 38.62 -31.88
N THR A 598 15.38 39.45 -30.86
CA THR A 598 16.42 40.35 -30.36
C THR A 598 17.73 39.61 -30.16
N SER A 599 17.66 38.49 -29.46
CA SER A 599 18.84 37.67 -29.16
C SER A 599 19.47 37.09 -30.42
N MET A 600 18.63 36.60 -31.33
CA MET A 600 19.12 35.99 -32.58
C MET A 600 19.73 37.05 -33.50
N VAL A 601 19.18 38.26 -33.44
CA VAL A 601 19.72 39.40 -34.19
C VAL A 601 21.08 39.81 -33.61
N LEU A 602 21.17 39.89 -32.29
CA LEU A 602 22.40 40.30 -31.62
C LEU A 602 23.55 39.31 -31.81
N GLY A 603 23.21 38.04 -31.97
CA GLY A 603 24.20 37.00 -32.22
C GLY A 603 24.38 36.66 -33.68
N ALA A 604 23.86 37.52 -34.56
CA ALA A 604 23.94 37.29 -36.00
C ALA A 604 25.25 37.80 -36.59
N GLY A 605 25.95 38.65 -35.83
CA GLY A 605 27.23 39.20 -36.24
C GLY A 605 27.12 40.14 -37.42
N SER A 606 26.03 40.90 -37.47
CA SER A 606 25.77 41.83 -38.56
C SER A 606 26.54 43.14 -38.39
N GLY A 607 26.91 43.44 -37.14
CA GLY A 607 27.60 44.68 -36.81
C GLY A 607 26.70 45.89 -36.88
N VAL A 608 25.41 45.66 -37.15
CA VAL A 608 24.43 46.72 -37.30
C VAL A 608 23.95 47.26 -35.94
N PHE A 609 23.95 46.38 -34.94
CA PHE A 609 23.42 46.73 -33.62
C PHE A 609 24.51 46.83 -32.56
N LYS A 610 24.48 47.92 -31.81
CA LYS A 610 25.45 48.16 -30.74
C LYS A 610 25.08 47.39 -29.48
N CYS A 611 23.77 47.37 -29.17
CA CYS A 611 23.26 46.73 -27.97
C CYS A 611 21.83 46.23 -28.14
N GLY A 612 21.33 45.52 -27.14
CA GLY A 612 19.97 45.01 -27.17
C GLY A 612 19.50 44.44 -25.84
N ILE A 613 18.18 44.40 -25.67
CA ILE A 613 17.56 43.85 -24.48
C ILE A 613 16.57 42.74 -24.84
N ALA A 614 16.74 41.59 -24.20
CA ALA A 614 15.80 40.49 -24.36
C ALA A 614 15.05 40.27 -23.05
N VAL A 615 13.72 40.40 -23.10
CA VAL A 615 12.89 40.16 -21.93
C VAL A 615 12.14 38.84 -22.08
N ALA A 616 12.37 37.95 -21.12
CA ALA A 616 11.76 36.61 -21.08
C ALA A 616 11.76 35.89 -22.44
N PRO A 617 12.94 35.76 -23.06
CA PRO A 617 13.04 35.18 -24.40
C PRO A 617 13.05 33.66 -24.42
N VAL A 618 12.55 33.10 -25.52
CA VAL A 618 12.83 31.72 -25.87
C VAL A 618 14.30 31.71 -26.32
N SER A 619 15.05 30.70 -25.90
CA SER A 619 16.44 30.56 -26.31
C SER A 619 16.64 29.28 -27.14
N LYS A 620 15.73 28.33 -26.96
CA LYS A 620 15.81 27.02 -27.60
C LYS A 620 14.40 26.48 -27.70
N TRP A 621 14.04 26.02 -28.88
CA TRP A 621 12.66 25.65 -29.16
C TRP A 621 12.22 24.33 -28.52
N GLU A 622 13.18 23.48 -28.19
CA GLU A 622 12.89 22.24 -27.46
C GLU A 622 12.46 22.52 -26.02
N TYR A 623 12.74 23.72 -25.53
CA TYR A 623 12.33 24.13 -24.18
C TYR A 623 10.89 24.64 -24.13
N TYR A 624 10.36 25.06 -25.28
CA TYR A 624 9.02 25.63 -25.34
C TYR A 624 7.94 24.57 -25.57
N ASP A 625 6.67 24.91 -25.35
CA ASP A 625 5.59 23.91 -25.36
C ASP A 625 5.33 23.27 -26.72
N SER A 626 4.67 22.12 -26.67
CA SER A 626 4.41 21.29 -27.85
C SER A 626 3.55 21.98 -28.90
N VAL A 627 2.39 22.49 -28.49
CA VAL A 627 1.41 23.01 -29.44
C VAL A 627 1.95 24.14 -30.31
N TYR A 628 2.44 25.20 -29.67
CA TYR A 628 2.98 26.35 -30.38
C TYR A 628 4.17 25.97 -31.25
N THR A 629 5.15 25.30 -30.65
CA THR A 629 6.42 25.01 -31.31
C THR A 629 6.26 24.07 -32.50
N GLU A 630 5.58 22.94 -32.29
CA GLU A 630 5.40 21.92 -33.32
C GLU A 630 4.60 22.43 -34.51
N ARG A 631 3.68 23.36 -34.23
CA ARG A 631 2.88 24.01 -35.26
C ARG A 631 3.77 24.63 -36.36
N TYR A 632 4.87 25.26 -35.93
CA TYR A 632 5.77 25.95 -36.84
C TYR A 632 7.06 25.17 -37.12
N MET A 633 7.45 24.28 -36.21
CA MET A 633 8.76 23.64 -36.28
C MET A 633 8.73 22.14 -36.54
N GLY A 634 7.56 21.53 -36.38
CA GLY A 634 7.43 20.08 -36.47
C GLY A 634 8.00 19.43 -35.23
N LEU A 635 8.55 18.23 -35.40
CA LEU A 635 9.10 17.47 -34.27
C LEU A 635 10.63 17.52 -34.24
N PRO A 636 11.21 17.65 -33.05
CA PRO A 636 12.67 17.68 -32.89
C PRO A 636 13.32 16.30 -32.94
N THR A 637 13.07 15.56 -34.04
CA THR A 637 13.66 14.24 -34.27
C THR A 637 14.46 14.26 -35.57
N PRO A 638 15.54 13.48 -35.64
CA PRO A 638 16.34 13.37 -36.87
C PRO A 638 15.50 13.04 -38.12
N GLU A 639 14.44 12.27 -37.95
CA GLU A 639 13.52 11.93 -39.04
C GLU A 639 12.72 13.15 -39.51
N ASP A 640 12.49 14.09 -38.59
CA ASP A 640 11.72 15.31 -38.88
C ASP A 640 12.63 16.54 -38.98
N ASN A 641 12.50 17.46 -38.02
CA ASN A 641 13.13 18.78 -38.15
C ASN A 641 14.20 19.15 -37.09
N LEU A 642 14.80 18.13 -36.47
CA LEU A 642 15.84 18.35 -35.46
C LEU A 642 16.99 19.24 -35.95
N ASP A 643 17.36 19.08 -37.22
CA ASP A 643 18.44 19.87 -37.83
C ASP A 643 18.21 21.37 -37.67
N TYR A 644 16.96 21.78 -37.87
CA TYR A 644 16.58 23.19 -37.80
C TYR A 644 16.22 23.62 -36.37
N TYR A 645 15.94 22.65 -35.52
CA TYR A 645 15.79 22.89 -34.08
C TYR A 645 17.15 23.23 -33.49
N ARG A 646 18.18 22.52 -33.95
CA ARG A 646 19.53 22.63 -33.43
C ARG A 646 20.21 23.95 -33.80
N ASN A 647 20.11 24.35 -35.06
CA ASN A 647 20.79 25.55 -35.54
C ASN A 647 20.04 26.87 -35.29
N SER A 648 18.88 26.78 -34.65
CA SER A 648 18.06 27.96 -34.36
C SER A 648 18.07 28.38 -32.89
N THR A 649 18.94 27.77 -32.09
CA THR A 649 19.11 28.18 -30.71
C THR A 649 19.98 29.42 -30.63
N VAL A 650 19.73 30.27 -29.64
CA VAL A 650 20.55 31.46 -29.39
C VAL A 650 21.95 31.04 -28.93
N MET A 651 22.02 29.93 -28.18
CA MET A 651 23.27 29.38 -27.66
C MET A 651 24.30 29.07 -28.73
N SER A 652 23.84 28.73 -29.94
CA SER A 652 24.74 28.44 -31.06
C SER A 652 25.38 29.71 -31.62
N ARG A 653 24.74 30.85 -31.35
CA ARG A 653 25.25 32.15 -31.78
C ARG A 653 26.01 32.87 -30.67
N ALA A 654 26.30 32.15 -29.59
CA ALA A 654 26.94 32.72 -28.39
C ALA A 654 28.23 33.51 -28.69
N GLU A 655 29.03 32.98 -29.61
CA GLU A 655 30.31 33.58 -29.98
C GLU A 655 30.19 35.02 -30.48
N ASN A 656 29.12 35.30 -31.21
CA ASN A 656 28.89 36.63 -31.79
C ASN A 656 28.44 37.70 -30.80
N PHE A 657 28.13 37.30 -29.57
CA PHE A 657 27.66 38.24 -28.54
C PHE A 657 28.79 39.09 -27.98
N LYS A 658 30.04 38.77 -28.37
CA LYS A 658 31.21 39.54 -27.97
C LYS A 658 31.22 40.93 -28.63
N GLN A 659 30.50 41.04 -29.76
CA GLN A 659 30.44 42.29 -30.52
C GLN A 659 29.40 43.27 -29.98
N VAL A 660 28.46 42.77 -29.18
CA VAL A 660 27.33 43.57 -28.71
C VAL A 660 27.28 43.68 -27.19
N GLU A 661 26.53 44.68 -26.71
CA GLU A 661 26.21 44.81 -25.30
C GLU A 661 24.85 44.16 -25.06
N TYR A 662 24.83 43.08 -24.29
CA TYR A 662 23.62 42.28 -24.11
C TYR A 662 23.02 42.47 -22.72
N LEU A 663 21.70 42.66 -22.67
CA LEU A 663 20.96 42.68 -21.41
C LEU A 663 19.90 41.58 -21.46
N LEU A 664 20.03 40.61 -20.56
CA LEU A 664 19.12 39.48 -20.48
C LEU A 664 18.24 39.54 -19.23
N ILE A 665 16.93 39.63 -19.46
CA ILE A 665 15.96 39.72 -18.36
C ILE A 665 14.95 38.57 -18.40
N HIS A 666 14.74 37.95 -17.23
CA HIS A 666 13.75 36.89 -17.09
C HIS A 666 13.16 36.87 -15.69
N GLY A 667 11.85 36.59 -15.59
CA GLY A 667 11.20 36.37 -14.32
C GLY A 667 11.39 34.93 -13.88
N THR A 668 11.74 34.74 -12.61
CA THR A 668 12.03 33.41 -12.08
C THR A 668 10.80 32.50 -11.99
N ALA A 669 9.61 33.10 -12.01
CA ALA A 669 8.35 32.34 -11.90
C ALA A 669 7.63 32.22 -13.24
N ASP A 670 8.37 32.36 -14.33
CA ASP A 670 7.79 32.28 -15.67
C ASP A 670 7.33 30.86 -16.00
N ASP A 671 6.01 30.70 -16.05
CA ASP A 671 5.36 29.43 -16.34
C ASP A 671 5.24 29.18 -17.84
N ASN A 672 5.43 30.24 -18.62
CA ASN A 672 5.26 30.20 -20.06
C ASN A 672 6.58 29.84 -20.76
N VAL A 673 7.43 30.85 -20.91
CA VAL A 673 8.79 30.65 -21.34
C VAL A 673 9.58 30.54 -20.05
N HIS A 674 10.00 29.32 -19.72
CA HIS A 674 10.60 29.04 -18.42
C HIS A 674 11.93 29.75 -18.19
N PHE A 675 12.24 30.04 -16.93
CA PHE A 675 13.49 30.66 -16.55
C PHE A 675 14.69 29.85 -17.07
N GLN A 676 14.51 28.53 -17.13
CA GLN A 676 15.46 27.60 -17.78
C GLN A 676 16.06 28.16 -19.07
N GLN A 677 15.20 28.71 -19.92
CA GLN A 677 15.59 29.28 -21.20
C GLN A 677 16.72 30.30 -21.08
N SER A 678 16.57 31.27 -20.18
CA SER A 678 17.60 32.29 -19.98
C SER A 678 18.75 31.76 -19.15
N ALA A 679 18.45 30.78 -18.30
CA ALA A 679 19.47 30.11 -17.48
C ALA A 679 20.42 29.33 -18.38
N GLN A 680 19.88 28.63 -19.37
CA GLN A 680 20.70 27.89 -20.31
C GLN A 680 21.44 28.80 -21.28
N LEU A 681 20.79 29.92 -21.65
CA LEU A 681 21.40 30.93 -22.51
C LEU A 681 22.60 31.61 -21.84
N SER A 682 22.41 32.08 -20.62
CA SER A 682 23.49 32.76 -19.89
C SER A 682 24.69 31.83 -19.66
N LYS A 683 24.42 30.56 -19.37
CA LYS A 683 25.46 29.54 -19.15
C LYS A 683 26.34 29.35 -20.37
N ALA A 684 25.72 29.34 -21.56
CA ALA A 684 26.46 29.19 -22.82
C ALA A 684 27.32 30.42 -23.12
N LEU A 685 26.81 31.60 -22.76
CA LEU A 685 27.55 32.85 -22.94
C LEU A 685 28.75 32.90 -22.00
N VAL A 686 28.54 32.44 -20.76
CA VAL A 686 29.62 32.28 -19.78
C VAL A 686 30.67 31.28 -20.28
N ASP A 687 30.21 30.19 -20.90
CA ASP A 687 31.08 29.17 -21.47
C ASP A 687 31.90 29.69 -22.65
N ALA A 688 31.31 30.59 -23.44
CA ALA A 688 31.98 31.19 -24.58
C ALA A 688 32.91 32.35 -24.20
N GLY A 689 32.82 32.79 -22.94
CA GLY A 689 33.62 33.89 -22.43
C GLY A 689 33.08 35.25 -22.82
N VAL A 690 31.76 35.32 -22.98
CA VAL A 690 31.07 36.54 -23.39
C VAL A 690 30.64 37.33 -22.17
N ASP A 691 30.99 38.63 -22.14
CA ASP A 691 30.46 39.52 -21.11
C ASP A 691 29.09 40.04 -21.53
N PHE A 692 28.17 40.06 -20.56
CA PHE A 692 26.80 40.46 -20.80
C PHE A 692 26.15 40.83 -19.47
N GLN A 693 25.03 41.54 -19.55
CA GLN A 693 24.28 41.94 -18.36
C GLN A 693 23.04 41.06 -18.17
N THR A 694 22.63 40.93 -16.92
CA THR A 694 21.55 40.03 -16.55
C THR A 694 20.65 40.71 -15.52
N MET A 695 19.39 40.29 -15.49
CA MET A 695 18.44 40.78 -14.50
C MET A 695 17.29 39.78 -14.30
N TRP A 696 17.35 39.02 -13.21
CA TRP A 696 16.24 38.17 -12.81
C TRP A 696 15.21 38.98 -12.03
N TYR A 697 13.94 38.66 -12.21
CA TYR A 697 12.88 39.24 -11.40
C TYR A 697 12.18 38.16 -10.59
N THR A 698 12.45 38.18 -9.29
CA THR A 698 11.96 37.17 -8.36
C THR A 698 10.43 37.10 -8.36
N ASP A 699 9.92 35.90 -8.58
CA ASP A 699 8.50 35.58 -8.48
C ASP A 699 7.60 36.21 -9.54
N GLU A 700 8.21 36.87 -10.52
CA GLU A 700 7.45 37.43 -11.64
C GLU A 700 7.29 36.38 -12.74
N ASP A 701 6.13 36.40 -13.40
CA ASP A 701 5.88 35.46 -14.49
C ASP A 701 6.23 36.07 -15.86
N HIS A 702 5.53 35.65 -16.91
CA HIS A 702 5.83 36.08 -18.27
C HIS A 702 5.52 37.54 -18.58
N GLY A 703 4.56 38.10 -17.84
CA GLY A 703 4.16 39.48 -18.05
C GLY A 703 4.95 40.48 -17.23
N ILE A 704 5.72 39.98 -16.26
CA ILE A 704 6.40 40.84 -15.27
C ILE A 704 5.49 42.04 -14.95
N ALA A 705 4.26 41.70 -14.56
CA ALA A 705 3.13 42.65 -14.56
C ALA A 705 2.81 43.24 -13.20
N SER A 706 3.52 42.83 -12.17
CA SER A 706 3.34 43.43 -10.85
C SER A 706 3.75 44.90 -10.90
N ASN A 707 3.12 45.70 -10.04
CA ASN A 707 3.34 47.13 -9.95
C ASN A 707 4.81 47.55 -9.96
N MET A 708 5.54 47.13 -8.92
CA MET A 708 6.93 47.54 -8.72
C MET A 708 7.88 46.90 -9.73
N ALA A 709 7.57 45.69 -10.14
CA ALA A 709 8.37 44.98 -11.15
C ALA A 709 8.25 45.66 -12.52
N HIS A 710 7.04 46.09 -12.85
CA HIS A 710 6.76 46.83 -14.08
C HIS A 710 7.57 48.13 -14.09
N GLN A 711 7.49 48.87 -12.98
CA GLN A 711 8.24 50.11 -12.83
C GLN A 711 9.74 49.86 -12.93
N HIS A 712 10.20 48.83 -12.24
CA HIS A 712 11.63 48.52 -12.14
C HIS A 712 12.29 48.11 -13.46
N ILE A 713 11.59 47.28 -14.24
CA ILE A 713 12.15 46.77 -15.49
C ILE A 713 12.40 47.87 -16.51
N TYR A 714 11.42 48.75 -16.69
CA TYR A 714 11.54 49.85 -17.64
C TYR A 714 12.57 50.89 -17.18
N THR A 715 12.65 51.10 -15.87
CA THR A 715 13.67 51.98 -15.30
C THR A 715 15.06 51.41 -15.58
N HIS A 716 15.22 50.12 -15.34
CA HIS A 716 16.49 49.41 -15.58
C HIS A 716 16.84 49.35 -17.07
N MET A 717 15.83 49.13 -17.91
CA MET A 717 16.03 49.10 -19.35
C MET A 717 16.37 50.49 -19.91
N SER A 718 15.83 51.52 -19.28
CA SER A 718 16.07 52.91 -19.68
C SER A 718 17.51 53.34 -19.41
N HIS A 719 18.03 52.98 -18.24
CA HIS A 719 19.41 53.30 -17.85
C HIS A 719 20.42 52.55 -18.70
N PHE A 720 20.09 51.31 -19.05
CA PHE A 720 20.94 50.49 -19.92
C PHE A 720 21.03 51.10 -21.32
N LEU A 721 19.89 51.54 -21.84
CA LEU A 721 19.80 52.12 -23.17
C LEU A 721 20.52 53.46 -23.27
N LYS A 722 20.36 54.29 -22.24
CA LYS A 722 21.01 55.59 -22.17
C LYS A 722 22.53 55.45 -22.14
N GLN A 723 23.01 54.48 -21.36
CA GLN A 723 24.44 54.19 -21.24
C GLN A 723 25.02 53.71 -22.57
N CYS A 724 24.21 52.96 -23.30
CA CYS A 724 24.60 52.43 -24.61
C CYS A 724 24.62 53.54 -25.66
N PHE A 725 23.66 54.45 -25.54
CA PHE A 725 23.52 55.56 -26.49
C PHE A 725 24.29 56.82 -26.06
N SER A 726 25.09 56.69 -24.99
CA SER A 726 25.84 57.82 -24.44
C SER A 726 24.94 59.04 -24.20
N LEU A 727 23.85 58.82 -23.48
CA LEU A 727 22.86 59.86 -23.22
C LEU A 727 22.87 60.30 -21.76
N PRO A 728 22.92 61.62 -21.55
CA PRO A 728 23.01 62.18 -20.19
C PRO A 728 21.69 62.09 -19.41
N SER B 1 59.91 49.28 -19.67
CA SER B 1 58.50 49.69 -19.41
C SER B 1 57.89 48.91 -18.24
N ARG B 2 58.12 47.60 -18.25
CA ARG B 2 57.63 46.66 -17.22
C ARG B 2 56.12 46.38 -17.32
N ARG B 3 55.76 45.10 -17.43
CA ARG B 3 54.37 44.69 -17.49
C ARG B 3 53.74 44.64 -16.09
N THR B 4 52.42 44.84 -16.03
CA THR B 4 51.69 44.75 -14.77
C THR B 4 51.00 43.39 -14.65
N TYR B 5 50.67 43.00 -13.42
CA TYR B 5 49.89 41.80 -13.15
C TYR B 5 48.46 42.00 -13.64
N THR B 6 48.11 41.36 -14.75
CA THR B 6 46.81 41.55 -15.40
C THR B 6 45.70 40.66 -14.84
N LEU B 7 44.47 40.91 -15.26
CA LEU B 7 43.32 40.09 -14.89
C LEU B 7 43.48 38.67 -15.44
N THR B 8 44.00 38.57 -16.66
CA THR B 8 44.29 37.29 -17.30
C THR B 8 45.36 36.51 -16.54
N ASP B 9 46.34 37.23 -15.98
CA ASP B 9 47.40 36.62 -15.17
C ASP B 9 46.84 35.86 -13.97
N TYR B 10 45.81 36.45 -13.32
CA TYR B 10 45.15 35.82 -12.19
C TYR B 10 44.22 34.71 -12.63
N LEU B 11 43.35 35.02 -13.59
CA LEU B 11 42.33 34.08 -14.07
C LEU B 11 42.90 32.80 -14.66
N LYS B 12 44.00 32.92 -15.39
CA LYS B 12 44.63 31.76 -16.04
C LYS B 12 45.78 31.22 -15.20
N SER B 13 46.07 31.90 -14.09
CA SER B 13 47.15 31.53 -13.16
C SER B 13 48.48 31.29 -13.87
N THR B 14 48.95 32.29 -14.61
CA THR B 14 50.22 32.21 -15.32
C THR B 14 51.40 32.22 -14.35
N PHE B 15 51.22 32.92 -13.22
CA PHE B 15 52.21 32.95 -12.15
C PHE B 15 51.91 31.85 -11.14
N ARG B 16 52.49 30.68 -11.36
CA ARG B 16 52.20 29.48 -10.57
C ARG B 16 52.94 29.45 -9.23
N VAL B 17 52.19 29.47 -8.14
CA VAL B 17 52.74 29.28 -6.81
C VAL B 17 52.87 27.78 -6.54
N LYS B 18 54.11 27.34 -6.26
CA LYS B 18 54.41 25.94 -6.02
C LYS B 18 54.24 25.56 -4.55
N PHE B 19 53.99 24.27 -4.31
CA PHE B 19 53.82 23.74 -2.96
C PHE B 19 54.57 22.41 -2.78
N TYR B 20 54.48 21.83 -1.58
CA TYR B 20 55.11 20.55 -1.30
C TYR B 20 54.21 19.68 -0.41
N THR B 21 53.30 18.97 -1.04
CA THR B 21 52.41 18.07 -0.33
C THR B 21 53.11 16.73 -0.08
N LEU B 22 53.29 16.39 1.19
CA LEU B 22 53.86 15.10 1.56
C LEU B 22 52.93 14.32 2.49
N GLN B 23 53.09 13.01 2.52
CA GLN B 23 52.30 12.15 3.40
C GLN B 23 53.23 11.33 4.29
N TRP B 24 53.27 11.68 5.58
CA TRP B 24 54.04 10.93 6.58
C TRP B 24 53.45 9.53 6.75
N ILE B 25 54.28 8.51 6.62
CA ILE B 25 53.84 7.12 6.76
C ILE B 25 54.62 6.36 7.83
N SER B 26 55.62 7.01 8.40
CA SER B 26 56.39 6.47 9.52
C SER B 26 56.97 7.62 10.36
N ASP B 27 57.88 7.27 11.27
CA ASP B 27 58.56 8.26 12.10
C ASP B 27 59.64 9.02 11.35
N HIS B 28 60.08 8.49 10.20
CA HIS B 28 61.18 9.07 9.43
C HIS B 28 60.97 9.06 7.91
N GLU B 29 59.88 8.45 7.45
CA GLU B 29 59.60 8.34 6.01
C GLU B 29 58.33 9.07 5.60
N TYR B 30 58.33 9.58 4.36
CA TYR B 30 57.16 10.19 3.76
C TYR B 30 57.09 9.97 2.26
N LEU B 31 55.88 9.99 1.72
CA LEU B 31 55.67 9.84 0.28
C LEU B 31 55.42 11.21 -0.36
N TYR B 32 55.88 11.37 -1.60
CA TYR B 32 55.74 12.62 -2.32
C TYR B 32 55.49 12.37 -3.81
N LYS B 33 54.46 13.05 -4.33
CA LYS B 33 54.10 12.95 -5.74
C LYS B 33 54.96 13.88 -6.59
N GLN B 34 55.85 13.29 -7.39
CA GLN B 34 56.77 14.05 -8.24
C GLN B 34 56.66 13.61 -9.69
N GLU B 35 56.01 14.46 -10.50
CA GLU B 35 55.70 14.16 -11.90
C GLU B 35 54.92 12.84 -12.04
N ASN B 36 53.92 12.68 -11.17
CA ASN B 36 53.09 11.48 -11.10
C ASN B 36 53.80 10.20 -10.68
N ASN B 37 55.03 10.35 -10.18
CA ASN B 37 55.74 9.26 -9.52
C ASN B 37 55.59 9.37 -8.01
N ILE B 38 55.34 8.25 -7.35
CA ILE B 38 55.32 8.22 -5.89
C ILE B 38 56.71 7.82 -5.38
N LEU B 39 57.38 8.78 -4.74
CA LEU B 39 58.72 8.57 -4.21
C LEU B 39 58.69 8.46 -2.69
N LEU B 40 59.38 7.45 -2.17
CA LEU B 40 59.50 7.25 -0.73
C LEU B 40 60.77 7.95 -0.23
N PHE B 41 60.58 9.09 0.43
CA PHE B 41 61.69 9.87 0.94
C PHE B 41 62.08 9.45 2.35
N ASN B 42 63.36 9.62 2.67
CA ASN B 42 63.88 9.35 4.00
C ASN B 42 64.36 10.65 4.63
N ALA B 43 63.74 11.03 5.75
CA ALA B 43 64.04 12.30 6.42
C ALA B 43 65.44 12.32 7.05
N GLU B 44 65.84 11.19 7.61
CA GLU B 44 67.13 11.06 8.31
C GLU B 44 68.32 11.54 7.48
N TYR B 45 68.30 11.26 6.18
CA TYR B 45 69.39 11.65 5.27
C TYR B 45 68.90 12.51 4.10
N GLY B 46 67.97 11.97 3.32
CA GLY B 46 67.42 12.68 2.17
C GLY B 46 67.25 11.82 0.94
N ASN B 47 67.78 10.59 0.99
CA ASN B 47 67.71 9.66 -0.14
C ASN B 47 66.29 9.15 -0.40
N SER B 48 65.93 9.04 -1.67
CA SER B 48 64.59 8.60 -2.06
C SER B 48 64.61 7.38 -2.99
N SER B 49 63.59 6.55 -2.85
CA SER B 49 63.39 5.39 -3.73
C SER B 49 62.02 5.44 -4.39
N ILE B 50 61.89 4.80 -5.55
CA ILE B 50 60.63 4.77 -6.28
C ILE B 50 59.66 3.78 -5.64
N PHE B 51 58.57 4.31 -5.08
CA PHE B 51 57.52 3.48 -4.48
C PHE B 51 56.56 3.01 -5.56
N LEU B 52 56.20 3.92 -6.46
CA LEU B 52 55.37 3.60 -7.62
C LEU B 52 55.74 4.53 -8.79
N GLU B 53 56.14 3.92 -9.91
CA GLU B 53 56.53 4.67 -11.11
C GLU B 53 55.31 5.25 -11.84
N ASN B 54 55.55 6.27 -12.66
CA ASN B 54 54.47 6.95 -13.39
C ASN B 54 53.79 6.08 -14.44
N SER B 55 54.53 5.10 -14.96
CA SER B 55 54.02 4.18 -15.97
C SER B 55 52.90 3.27 -15.46
N THR B 56 52.85 3.08 -14.14
CA THR B 56 51.80 2.30 -13.49
C THR B 56 50.45 2.99 -13.59
N PHE B 57 50.46 4.33 -13.56
CA PHE B 57 49.25 5.14 -13.71
C PHE B 57 48.74 5.10 -15.15
N ASP B 58 49.68 5.08 -16.10
CA ASP B 58 49.37 5.09 -17.53
C ASP B 58 48.62 3.84 -18.00
N GLU B 59 48.87 2.71 -17.34
CA GLU B 59 48.25 1.44 -17.72
C GLU B 59 46.93 1.14 -16.99
N LEU B 60 46.40 2.12 -16.26
CA LEU B 60 45.13 1.99 -15.56
C LEU B 60 43.93 2.27 -16.47
N GLY B 61 44.12 3.14 -17.45
CA GLY B 61 43.08 3.50 -18.39
C GLY B 61 42.38 4.80 -18.05
N TYR B 62 42.21 5.05 -16.75
CA TYR B 62 41.57 6.26 -16.25
C TYR B 62 42.60 7.24 -15.69
N SER B 63 42.21 8.50 -15.59
CA SER B 63 43.04 9.52 -14.95
C SER B 63 42.84 9.45 -13.44
N THR B 64 43.94 9.23 -12.72
CA THR B 64 43.92 9.13 -11.27
C THR B 64 44.09 10.51 -10.63
N ASN B 65 43.12 10.90 -9.80
CA ASN B 65 43.15 12.20 -9.12
C ASN B 65 43.63 12.15 -7.67
N ASP B 66 43.61 10.96 -7.07
CA ASP B 66 44.13 10.76 -5.72
C ASP B 66 44.52 9.30 -5.45
N TYR B 67 45.47 9.12 -4.53
CA TYR B 67 45.91 7.78 -4.11
C TYR B 67 46.06 7.69 -2.59
N SER B 68 45.99 6.48 -2.07
CA SER B 68 46.11 6.24 -0.63
C SER B 68 46.75 4.90 -0.35
N VAL B 69 47.96 4.94 0.20
CA VAL B 69 48.71 3.73 0.52
C VAL B 69 48.35 3.23 1.91
N SER B 70 48.13 1.92 2.03
CA SER B 70 47.91 1.25 3.32
C SER B 70 49.14 1.42 4.21
N PRO B 71 48.92 1.59 5.52
CA PRO B 71 50.01 1.76 6.49
C PRO B 71 51.08 0.65 6.44
N ASP B 72 50.68 -0.58 6.11
CA ASP B 72 51.63 -1.69 6.00
C ASP B 72 52.42 -1.65 4.68
N ARG B 73 52.03 -0.73 3.80
CA ARG B 73 52.67 -0.52 2.49
C ARG B 73 52.56 -1.69 1.52
N GLN B 74 51.60 -2.58 1.79
CA GLN B 74 51.35 -3.75 0.94
C GLN B 74 50.41 -3.42 -0.23
N PHE B 75 49.52 -2.46 0.00
CA PHE B 75 48.50 -2.10 -0.99
C PHE B 75 48.37 -0.59 -1.16
N ILE B 76 47.91 -0.19 -2.34
CA ILE B 76 47.56 1.21 -2.59
C ILE B 76 46.15 1.31 -3.18
N LEU B 77 45.46 2.38 -2.81
CA LEU B 77 44.10 2.65 -3.25
C LEU B 77 44.11 3.77 -4.30
N PHE B 78 43.57 3.48 -5.48
CA PHE B 78 43.50 4.47 -6.54
C PHE B 78 42.11 5.10 -6.62
N GLU B 79 42.07 6.44 -6.55
CA GLU B 79 40.82 7.18 -6.63
C GLU B 79 40.64 7.80 -8.01
N TYR B 80 39.52 7.46 -8.64
CA TYR B 80 39.15 8.03 -9.94
C TYR B 80 37.63 8.18 -10.04
N ASN B 81 37.17 8.76 -11.14
CA ASN B 81 35.75 9.06 -11.36
C ASN B 81 35.18 9.97 -10.27
N TYR B 82 35.95 11.01 -9.94
CA TYR B 82 35.61 11.99 -8.91
C TYR B 82 34.41 12.81 -9.32
N VAL B 83 33.36 12.78 -8.49
CA VAL B 83 32.19 13.63 -8.69
C VAL B 83 31.93 14.43 -7.42
N LYS B 84 32.08 15.74 -7.52
CA LYS B 84 31.91 16.63 -6.37
C LYS B 84 30.46 16.69 -5.92
N GLN B 85 30.23 16.65 -4.61
CA GLN B 85 28.93 16.97 -4.04
C GLN B 85 28.96 18.37 -3.42
N TRP B 86 29.18 18.45 -2.10
CA TRP B 86 29.21 19.74 -1.40
C TRP B 86 30.65 20.24 -1.21
N ARG B 87 30.94 20.92 -0.10
CA ARG B 87 32.27 21.48 0.11
C ARG B 87 33.36 20.42 0.23
N HIS B 88 33.06 19.33 0.94
CA HIS B 88 34.05 18.29 1.19
C HIS B 88 33.63 16.92 0.62
N SER B 89 32.32 16.72 0.54
CA SER B 89 31.76 15.44 0.09
C SER B 89 31.93 15.23 -1.40
N TYR B 90 32.14 13.97 -1.77
CA TYR B 90 32.19 13.56 -3.17
C TYR B 90 31.96 12.05 -3.29
N THR B 91 31.65 11.60 -4.49
CA THR B 91 31.59 10.18 -4.80
C THR B 91 32.67 9.85 -5.82
N ALA B 92 33.19 8.63 -5.74
CA ALA B 92 34.27 8.20 -6.64
C ALA B 92 34.26 6.69 -6.85
N SER B 93 35.04 6.26 -7.84
CA SER B 93 35.34 4.84 -8.04
C SER B 93 36.72 4.53 -7.47
N TYR B 94 36.92 3.30 -7.02
CA TYR B 94 38.17 2.93 -6.36
C TYR B 94 38.72 1.57 -6.80
N ASP B 95 40.00 1.54 -7.11
CA ASP B 95 40.72 0.31 -7.41
C ASP B 95 41.84 0.07 -6.40
N ILE B 96 42.04 -1.18 -6.01
CA ILE B 96 43.16 -1.55 -5.13
C ILE B 96 44.28 -2.17 -5.96
N TYR B 97 45.50 -1.69 -5.72
CA TYR B 97 46.67 -2.20 -6.43
C TYR B 97 47.62 -2.93 -5.47
N ASP B 98 47.86 -4.21 -5.75
CA ASP B 98 48.78 -5.03 -4.98
C ASP B 98 50.21 -4.63 -5.32
N LEU B 99 51.00 -4.32 -4.29
CA LEU B 99 52.39 -3.90 -4.49
C LEU B 99 53.37 -5.08 -4.39
N ASN B 100 52.93 -6.16 -3.77
CA ASN B 100 53.72 -7.38 -3.67
C ASN B 100 53.87 -8.06 -5.04
N LYS B 101 52.73 -8.36 -5.67
CA LYS B 101 52.72 -8.97 -7.00
C LYS B 101 52.43 -7.97 -8.13
N ARG B 102 52.66 -6.69 -7.84
CA ARG B 102 52.49 -5.58 -8.80
C ARG B 102 51.34 -5.77 -9.79
N GLN B 103 50.14 -5.98 -9.25
CA GLN B 103 48.95 -6.25 -10.06
C GLN B 103 47.69 -5.61 -9.49
N LEU B 104 46.72 -5.35 -10.36
CA LEU B 104 45.43 -4.79 -9.98
C LEU B 104 44.52 -5.89 -9.42
N ILE B 105 43.71 -5.54 -8.43
CA ILE B 105 42.68 -6.44 -7.92
C ILE B 105 41.39 -6.23 -8.72
N THR B 106 40.83 -7.32 -9.22
CA THR B 106 39.67 -7.26 -10.10
C THR B 106 38.44 -8.01 -9.57
N GLU B 107 38.63 -8.73 -8.47
CA GLU B 107 37.51 -9.39 -7.80
C GLU B 107 37.13 -8.63 -6.52
N GLU B 108 35.84 -8.68 -6.18
CA GLU B 108 35.29 -8.01 -4.99
C GLU B 108 35.74 -6.55 -4.87
N ARG B 109 35.66 -5.81 -5.97
CA ARG B 109 36.11 -4.43 -6.03
C ARG B 109 35.23 -3.50 -5.20
N ILE B 110 35.78 -2.32 -4.88
CA ILE B 110 35.02 -1.25 -4.25
C ILE B 110 33.98 -0.75 -5.25
N PRO B 111 32.70 -0.71 -4.85
CA PRO B 111 31.62 -0.28 -5.74
C PRO B 111 31.83 1.14 -6.26
N ASN B 112 31.26 1.44 -7.42
CA ASN B 112 31.25 2.80 -7.94
C ASN B 112 30.30 3.64 -7.10
N ASN B 113 30.42 4.97 -7.22
CA ASN B 113 29.62 5.91 -6.43
C ASN B 113 29.83 5.75 -4.92
N THR B 114 31.05 5.38 -4.54
CA THR B 114 31.42 5.23 -3.14
C THR B 114 31.61 6.60 -2.50
N GLN B 115 30.98 6.79 -1.35
CA GLN B 115 30.90 8.08 -0.68
C GLN B 115 32.12 8.40 0.16
N TRP B 116 32.64 7.39 0.85
CA TRP B 116 33.85 7.52 1.65
C TRP B 116 34.55 6.19 1.80
N ILE B 117 35.87 6.22 1.83
CA ILE B 117 36.69 5.03 2.04
C ILE B 117 37.95 5.41 2.82
N THR B 118 38.38 4.52 3.71
CA THR B 118 39.60 4.72 4.48
C THR B 118 40.27 3.39 4.83
N TRP B 119 41.60 3.42 4.87
CA TRP B 119 42.37 2.31 5.41
C TRP B 119 42.25 2.34 6.94
N SER B 120 42.41 1.17 7.55
CA SER B 120 42.60 1.09 9.00
C SER B 120 43.98 1.73 9.29
N PRO B 121 44.24 2.14 10.53
CA PRO B 121 45.52 2.78 10.85
C PRO B 121 46.69 1.80 10.84
N VAL B 122 46.39 0.50 10.90
CA VAL B 122 47.41 -0.55 10.80
C VAL B 122 46.96 -1.65 9.84
N GLY B 123 47.93 -2.29 9.17
CA GLY B 123 47.63 -3.34 8.22
C GLY B 123 47.04 -2.81 6.92
N HIS B 124 46.02 -3.50 6.43
CA HIS B 124 45.42 -3.17 5.12
C HIS B 124 43.92 -3.42 5.08
N LYS B 125 43.26 -3.26 6.22
CA LYS B 125 41.81 -3.37 6.28
C LYS B 125 41.17 -2.13 5.66
N LEU B 126 39.93 -2.27 5.20
CA LEU B 126 39.21 -1.17 4.58
C LEU B 126 37.82 -0.97 5.16
N ALA B 127 37.44 0.29 5.31
CA ALA B 127 36.07 0.66 5.64
C ALA B 127 35.62 1.68 4.60
N TYR B 128 34.47 1.43 4.00
CA TYR B 128 33.93 2.34 3.01
C TYR B 128 32.41 2.53 3.13
N VAL B 129 31.95 3.68 2.63
CA VAL B 129 30.54 4.04 2.68
C VAL B 129 29.96 4.06 1.27
N TRP B 130 28.88 3.30 1.08
CA TRP B 130 28.21 3.18 -0.19
C TRP B 130 26.72 3.12 0.07
N ASN B 131 25.97 3.97 -0.63
CA ASN B 131 24.51 4.08 -0.45
C ASN B 131 24.11 4.33 1.01
N ASN B 132 24.90 5.17 1.69
CA ASN B 132 24.69 5.54 3.09
C ASN B 132 24.89 4.42 4.11
N ASP B 133 25.52 3.33 3.68
CA ASP B 133 25.81 2.20 4.55
C ASP B 133 27.31 1.91 4.61
N ILE B 134 27.78 1.40 5.74
CA ILE B 134 29.19 1.09 5.95
C ILE B 134 29.49 -0.35 5.56
N TYR B 135 30.61 -0.54 4.87
CA TYR B 135 31.11 -1.85 4.51
C TYR B 135 32.55 -2.00 4.98
N VAL B 136 32.89 -3.18 5.48
CA VAL B 136 34.26 -3.47 5.90
C VAL B 136 34.87 -4.59 5.07
N LYS B 137 36.07 -4.35 4.54
CA LYS B 137 36.81 -5.35 3.81
C LYS B 137 38.10 -5.69 4.54
N ASN B 138 38.16 -6.90 5.10
CA ASN B 138 39.35 -7.39 5.79
C ASN B 138 40.52 -7.56 4.83
N GLU B 139 40.25 -8.19 3.68
CA GLU B 139 41.27 -8.37 2.65
C GLU B 139 40.79 -7.79 1.31
N PRO B 140 41.68 -7.07 0.61
CA PRO B 140 41.35 -6.40 -0.65
C PRO B 140 40.73 -7.34 -1.69
N ASN B 141 41.17 -8.59 -1.75
CA ASN B 141 40.63 -9.55 -2.72
C ASN B 141 39.46 -10.37 -2.18
N LEU B 142 39.13 -10.16 -0.90
CA LEU B 142 38.01 -10.85 -0.26
C LEU B 142 36.74 -10.01 -0.32
N SER B 143 35.59 -10.67 -0.15
CA SER B 143 34.29 -10.00 -0.15
C SER B 143 34.16 -9.06 1.04
N SER B 144 33.48 -7.94 0.83
CA SER B 144 33.22 -6.96 1.87
C SER B 144 32.10 -7.43 2.80
N GLN B 145 32.00 -6.79 3.97
CA GLN B 145 30.96 -7.12 4.94
C GLN B 145 30.12 -5.89 5.26
N ARG B 146 28.80 -6.02 5.09
CA ARG B 146 27.87 -4.94 5.42
C ARG B 146 27.73 -4.76 6.93
N ILE B 147 27.83 -3.51 7.37
CA ILE B 147 27.83 -3.19 8.80
C ILE B 147 26.50 -2.57 9.22
N THR B 148 25.93 -1.76 8.33
CA THR B 148 24.66 -1.07 8.59
C THR B 148 23.63 -1.40 7.52
N TRP B 149 22.35 -1.31 7.87
CA TRP B 149 21.26 -1.72 7.00
C TRP B 149 20.22 -0.61 6.83
N THR B 150 20.43 0.50 7.54
CA THR B 150 19.46 1.60 7.60
C THR B 150 19.67 2.67 6.53
N GLY B 151 20.78 2.62 5.82
CA GLY B 151 21.12 3.61 4.81
C GLY B 151 19.99 3.91 3.84
N LYS B 152 19.65 5.19 3.72
CA LYS B 152 18.55 5.63 2.85
C LYS B 152 18.79 7.07 2.39
N GLU B 153 18.64 7.28 1.09
CA GLU B 153 18.80 8.60 0.45
C GLU B 153 18.06 9.69 1.20
N ASN B 154 18.78 10.77 1.51
CA ASN B 154 18.21 11.98 2.13
C ASN B 154 17.56 11.76 3.51
N VAL B 155 17.74 10.58 4.09
CA VAL B 155 17.06 10.23 5.34
C VAL B 155 18.04 9.71 6.39
N ILE B 156 18.73 8.62 6.08
CA ILE B 156 19.64 7.99 7.03
C ILE B 156 21.06 7.92 6.46
N TYR B 157 22.00 8.50 7.20
CA TYR B 157 23.42 8.52 6.82
C TYR B 157 24.25 7.76 7.85
N ASN B 158 24.80 6.62 7.45
CA ASN B 158 25.76 5.89 8.28
C ASN B 158 27.18 6.09 7.75
N GLY B 159 28.08 6.55 8.61
CA GLY B 159 29.49 6.67 8.26
C GLY B 159 29.86 7.93 7.49
N VAL B 160 28.86 8.66 7.01
CA VAL B 160 29.07 9.97 6.39
C VAL B 160 28.10 11.01 6.94
N THR B 161 28.51 12.27 6.94
CA THR B 161 27.68 13.37 7.40
C THR B 161 26.54 13.72 6.44
N ASP B 162 25.49 14.32 6.99
CA ASP B 162 24.47 14.98 6.19
C ASP B 162 24.98 16.38 5.81
N TRP B 163 24.15 17.21 5.20
CA TRP B 163 24.61 18.51 4.74
C TRP B 163 25.18 19.39 5.87
N VAL B 164 24.41 19.55 6.94
CA VAL B 164 24.75 20.51 7.99
C VAL B 164 25.97 20.12 8.82
N TYR B 165 26.15 18.81 9.03
CA TYR B 165 27.27 18.31 9.81
C TYR B 165 28.55 18.40 9.01
N GLU B 166 28.42 18.28 7.68
CA GLU B 166 29.55 18.40 6.79
C GLU B 166 30.09 19.82 6.79
N GLU B 167 29.19 20.78 6.58
CA GLU B 167 29.57 22.17 6.47
C GLU B 167 29.97 22.79 7.80
N GLU B 168 29.16 22.55 8.84
CA GLU B 168 29.26 23.33 10.06
C GLU B 168 29.90 22.66 11.28
N VAL B 169 29.97 21.34 11.26
CA VAL B 169 30.43 20.60 12.44
C VAL B 169 31.76 19.89 12.18
N PHE B 170 31.77 18.94 11.26
CA PHE B 170 32.93 18.09 11.03
C PHE B 170 33.94 18.72 10.06
N SER B 171 33.43 19.56 9.15
CA SER B 171 34.22 20.12 8.06
C SER B 171 34.80 19.01 7.17
N ALA B 172 34.03 17.93 7.08
CA ALA B 172 34.41 16.73 6.35
C ALA B 172 33.16 15.90 6.08
N TYR B 173 33.28 14.96 5.15
CA TYR B 173 32.19 14.05 4.81
C TYR B 173 32.23 12.83 5.72
N SER B 174 33.45 12.43 6.08
CA SER B 174 33.70 11.25 6.92
C SER B 174 33.03 11.31 8.28
N ALA B 175 32.41 10.20 8.66
CA ALA B 175 31.94 9.97 10.02
C ALA B 175 32.36 8.58 10.47
N LEU B 176 33.61 8.22 10.14
CA LEU B 176 34.20 6.93 10.48
C LEU B 176 35.49 7.11 11.25
N TRP B 177 35.72 6.26 12.24
CA TRP B 177 36.90 6.34 13.10
C TRP B 177 37.38 4.95 13.51
N TRP B 178 38.42 4.48 12.83
CA TRP B 178 39.10 3.24 13.20
C TRP B 178 39.87 3.45 14.51
N SER B 179 39.85 2.44 15.37
CA SER B 179 40.70 2.41 16.56
C SER B 179 42.16 2.26 16.12
N PRO B 180 43.12 2.79 16.89
CA PRO B 180 44.54 2.81 16.49
C PRO B 180 45.10 1.48 15.97
N ASN B 181 44.68 0.35 16.54
CA ASN B 181 45.12 -0.96 16.06
C ASN B 181 44.05 -1.73 15.27
N GLY B 182 43.00 -1.02 14.85
CA GLY B 182 42.01 -1.56 13.95
C GLY B 182 40.97 -2.50 14.55
N THR B 183 41.00 -2.67 15.87
CA THR B 183 40.03 -3.52 16.56
C THR B 183 38.61 -2.98 16.35
N PHE B 184 38.44 -1.68 16.58
CA PHE B 184 37.13 -1.09 16.57
C PHE B 184 36.93 -0.09 15.42
N LEU B 185 35.72 -0.06 14.90
CA LEU B 185 35.32 0.97 13.96
C LEU B 185 34.16 1.76 14.57
N ALA B 186 34.43 3.03 14.85
CA ALA B 186 33.41 3.92 15.39
C ALA B 186 32.81 4.72 14.25
N TYR B 187 31.50 4.95 14.32
CA TYR B 187 30.82 5.74 13.31
C TYR B 187 29.62 6.49 13.89
N ALA B 188 29.28 7.60 13.26
CA ALA B 188 28.09 8.35 13.59
C ALA B 188 26.99 8.07 12.58
N GLN B 189 25.76 7.98 13.08
CA GLN B 189 24.60 7.86 12.21
C GLN B 189 23.75 9.12 12.32
N PHE B 190 23.37 9.67 11.18
CA PHE B 190 22.57 10.88 11.14
C PHE B 190 21.17 10.60 10.58
N ASN B 191 20.17 11.06 11.31
CA ASN B 191 18.77 10.90 10.93
C ASN B 191 18.19 12.25 10.50
N ASP B 192 17.76 12.33 9.25
CA ASP B 192 17.24 13.58 8.71
C ASP B 192 15.75 13.54 8.36
N THR B 193 15.06 12.49 8.79
CA THR B 193 13.62 12.30 8.53
C THR B 193 12.82 13.59 8.63
N GLU B 194 12.99 14.31 9.73
CA GLU B 194 12.18 15.46 10.05
C GLU B 194 12.79 16.80 9.61
N VAL B 195 13.96 16.75 9.00
CA VAL B 195 14.63 17.94 8.50
C VAL B 195 13.98 18.39 7.19
N PRO B 196 13.53 19.64 7.12
CA PRO B 196 12.85 20.15 5.93
C PRO B 196 13.81 20.23 4.76
N LEU B 197 13.28 20.16 3.55
CA LEU B 197 14.10 20.12 2.34
C LEU B 197 14.20 21.48 1.69
N ILE B 198 15.42 21.89 1.35
CA ILE B 198 15.62 22.98 0.41
C ILE B 198 15.54 22.40 -1.01
N GLU B 199 14.78 23.08 -1.86
CA GLU B 199 14.62 22.68 -3.24
C GLU B 199 15.03 23.81 -4.16
N TYR B 200 15.76 23.48 -5.22
CA TYR B 200 16.14 24.44 -6.25
C TYR B 200 16.38 23.75 -7.58
N SER B 201 16.26 24.51 -8.66
CA SER B 201 16.40 23.98 -10.01
C SER B 201 17.87 23.80 -10.38
N PHE B 202 18.18 22.62 -10.90
CA PHE B 202 19.45 22.40 -11.57
C PHE B 202 19.11 22.14 -13.03
N TYR B 203 19.69 22.95 -13.90
CA TYR B 203 19.30 22.94 -15.31
C TYR B 203 20.15 21.97 -16.12
N SER B 204 21.36 21.71 -15.64
CA SER B 204 22.29 20.75 -16.23
C SER B 204 22.70 21.12 -17.65
N ASP B 205 23.14 20.13 -18.41
CA ASP B 205 23.52 20.34 -19.80
C ASP B 205 22.34 20.82 -20.63
N GLU B 206 22.64 21.67 -21.62
CA GLU B 206 21.67 22.18 -22.58
C GLU B 206 20.69 21.16 -23.15
N SER B 207 21.14 19.91 -23.29
CA SER B 207 20.34 18.84 -23.85
C SER B 207 19.18 18.40 -22.95
N LEU B 208 19.24 18.76 -21.67
CA LEU B 208 18.18 18.43 -20.72
C LEU B 208 16.95 19.28 -21.02
N GLN B 209 15.90 18.62 -21.51
CA GLN B 209 14.67 19.28 -21.92
C GLN B 209 13.93 19.87 -20.71
N TYR B 210 13.94 19.13 -19.61
CA TYR B 210 13.29 19.55 -18.38
C TYR B 210 14.34 19.71 -17.29
N PRO B 211 14.28 20.84 -16.57
CA PRO B 211 15.17 21.06 -15.42
C PRO B 211 14.82 20.08 -14.31
N LYS B 212 15.81 19.69 -13.51
CA LYS B 212 15.53 18.84 -12.36
C LYS B 212 15.55 19.64 -11.06
N THR B 213 14.89 19.10 -10.04
CA THR B 213 14.87 19.71 -8.73
C THR B 213 15.82 18.98 -7.80
N VAL B 214 16.77 19.72 -7.24
CA VAL B 214 17.66 19.21 -6.22
C VAL B 214 16.94 19.33 -4.87
N ARG B 215 16.98 18.26 -4.08
CA ARG B 215 16.36 18.26 -2.76
C ARG B 215 17.38 17.83 -1.71
N ILE B 216 17.69 18.74 -0.79
CA ILE B 216 18.62 18.46 0.29
C ILE B 216 17.94 18.71 1.63
N PRO B 217 18.05 17.76 2.55
CA PRO B 217 17.65 18.01 3.95
C PRO B 217 18.60 19.04 4.55
N TYR B 218 18.08 20.26 4.73
CA TYR B 218 18.87 21.40 5.15
C TYR B 218 18.07 22.13 6.23
N PRO B 219 18.55 22.12 7.46
CA PRO B 219 17.85 22.79 8.56
C PRO B 219 18.19 24.27 8.63
N LYS B 220 17.22 25.12 8.34
CA LYS B 220 17.40 26.56 8.47
C LYS B 220 17.20 26.95 9.93
N ALA B 221 17.64 28.15 10.29
CA ALA B 221 17.62 28.61 11.69
C ALA B 221 16.29 28.33 12.39
N GLY B 222 16.36 27.63 13.52
CA GLY B 222 15.18 27.30 14.31
C GLY B 222 14.39 26.08 13.82
N ALA B 223 14.79 25.52 12.68
CA ALA B 223 14.08 24.39 12.10
C ALA B 223 14.44 23.09 12.80
N GLU B 224 13.72 22.03 12.43
CA GLU B 224 13.96 20.68 12.93
C GLU B 224 15.34 20.18 12.49
N ASN B 225 16.17 19.79 13.45
CA ASN B 225 17.54 19.36 13.18
C ASN B 225 17.68 17.86 12.94
N PRO B 226 18.79 17.44 12.34
CA PRO B 226 19.11 16.02 12.29
C PRO B 226 19.44 15.47 13.68
N THR B 227 19.09 14.21 13.92
CA THR B 227 19.50 13.55 15.15
C THR B 227 20.73 12.71 14.87
N VAL B 228 21.49 12.40 15.91
CA VAL B 228 22.74 11.67 15.77
C VAL B 228 22.80 10.47 16.70
N LYS B 229 23.37 9.37 16.20
CA LYS B 229 23.69 8.21 17.02
C LYS B 229 25.16 7.90 16.84
N PHE B 230 25.80 7.38 17.89
CA PHE B 230 27.20 7.00 17.82
C PHE B 230 27.36 5.53 18.22
N PHE B 231 28.04 4.78 17.36
CA PHE B 231 28.25 3.35 17.59
C PHE B 231 29.74 3.00 17.52
N VAL B 232 30.16 2.09 18.38
CA VAL B 232 31.45 1.45 18.23
C VAL B 232 31.24 -0.01 17.83
N VAL B 233 31.73 -0.37 16.65
CA VAL B 233 31.65 -1.74 16.13
C VAL B 233 32.96 -2.47 16.39
N ASP B 234 32.84 -3.65 16.99
CA ASP B 234 33.97 -4.56 17.16
C ASP B 234 34.17 -5.34 15.86
N THR B 235 35.29 -5.11 15.19
CA THR B 235 35.54 -5.72 13.86
C THR B 235 36.18 -7.11 13.95
N ARG B 236 36.45 -7.56 15.17
CA ARG B 236 37.01 -8.89 15.40
C ARG B 236 36.00 -9.98 15.06
N THR B 237 34.73 -9.71 15.32
CA THR B 237 33.65 -10.68 15.13
C THR B 237 33.02 -10.63 13.74
N LEU B 238 33.46 -9.68 12.91
CA LEU B 238 32.90 -9.52 11.57
C LEU B 238 33.12 -10.77 10.73
N SER B 239 32.00 -11.35 10.30
CA SER B 239 31.98 -12.63 9.62
C SER B 239 30.68 -12.76 8.82
N PRO B 240 30.72 -13.40 7.65
CA PRO B 240 29.55 -13.54 6.78
C PRO B 240 28.28 -14.05 7.46
N ASN B 241 28.39 -14.98 8.41
CA ASN B 241 27.20 -15.51 9.08
C ASN B 241 27.08 -15.10 10.55
N ALA B 242 27.60 -13.92 10.87
CA ALA B 242 27.51 -13.38 12.23
C ALA B 242 26.85 -12.00 12.21
N SER B 243 26.16 -11.69 13.28
CA SER B 243 25.60 -10.36 13.47
C SER B 243 26.72 -9.34 13.70
N VAL B 244 26.40 -8.06 13.54
CA VAL B 244 27.36 -7.00 13.81
C VAL B 244 27.37 -6.70 15.31
N THR B 245 28.57 -6.78 15.89
CA THR B 245 28.77 -6.46 17.30
C THR B 245 29.06 -4.98 17.43
N SER B 246 28.10 -4.26 18.01
CA SER B 246 28.22 -2.82 18.17
C SER B 246 27.60 -2.35 19.48
N TYR B 247 28.17 -1.28 20.03
CA TYR B 247 27.65 -0.67 21.24
C TYR B 247 27.36 0.80 20.97
N GLN B 248 26.17 1.25 21.35
CA GLN B 248 25.80 2.64 21.17
C GLN B 248 26.22 3.46 22.38
N ILE B 249 27.06 4.46 22.14
CA ILE B 249 27.40 5.41 23.19
C ILE B 249 26.46 6.61 23.06
N VAL B 250 25.71 6.87 24.13
CA VAL B 250 24.84 8.03 24.20
C VAL B 250 25.55 9.18 24.91
N PRO B 251 25.21 10.42 24.58
CA PRO B 251 25.78 11.59 25.26
C PRO B 251 25.43 11.62 26.76
N PRO B 252 26.24 12.29 27.56
CA PRO B 252 25.93 12.52 28.99
C PRO B 252 24.60 13.23 29.17
N ALA B 253 23.93 12.92 30.29
CA ALA B 253 22.59 13.44 30.60
C ALA B 253 22.41 14.93 30.34
N SER B 254 23.38 15.74 30.76
CA SER B 254 23.32 17.20 30.64
C SER B 254 23.19 17.69 29.19
N VAL B 255 23.54 16.82 28.25
CA VAL B 255 23.43 17.11 26.83
C VAL B 255 22.21 16.40 26.22
N LEU B 256 21.89 15.23 26.77
CA LEU B 256 20.76 14.40 26.30
C LEU B 256 19.38 15.02 26.55
N ILE B 257 19.28 15.99 27.46
CA ILE B 257 18.00 16.62 27.80
C ILE B 257 17.38 17.46 26.69
N GLY B 258 18.19 17.83 25.69
CA GLY B 258 17.71 18.63 24.58
C GLY B 258 18.42 18.30 23.29
N ASP B 259 18.19 19.12 22.27
CA ASP B 259 18.85 18.97 20.98
C ASP B 259 20.36 19.18 21.14
N HIS B 260 21.13 18.31 20.50
CA HIS B 260 22.57 18.31 20.63
C HIS B 260 23.28 17.97 19.33
N TYR B 261 24.60 18.09 19.33
CA TYR B 261 25.44 17.68 18.21
C TYR B 261 26.59 16.82 18.71
N LEU B 262 27.02 15.89 17.86
CA LEU B 262 28.31 15.25 18.03
C LEU B 262 29.31 16.11 17.26
N CYS B 263 30.30 16.67 17.95
CA CYS B 263 31.22 17.58 17.28
C CYS B 263 32.66 17.09 17.19
N GLY B 264 32.98 15.98 17.85
CA GLY B 264 34.33 15.45 17.79
C GLY B 264 34.53 14.06 18.34
N VAL B 265 35.42 13.30 17.69
CA VAL B 265 35.77 11.96 18.13
C VAL B 265 37.29 11.83 18.15
N THR B 266 37.81 11.33 19.27
CA THR B 266 39.24 11.08 19.40
C THR B 266 39.48 9.72 20.04
N TRP B 267 40.17 8.86 19.31
CA TRP B 267 40.61 7.57 19.84
C TRP B 267 41.81 7.79 20.74
N VAL B 268 41.67 7.39 21.99
CA VAL B 268 42.69 7.61 23.02
C VAL B 268 43.64 6.40 23.08
N THR B 269 43.08 5.23 23.36
CA THR B 269 43.76 3.94 23.23
C THR B 269 42.81 2.98 22.52
N GLU B 270 43.19 1.72 22.41
CA GLU B 270 42.32 0.68 21.84
C GLU B 270 41.05 0.51 22.66
N GLU B 271 41.14 0.79 23.95
CA GLU B 271 40.06 0.55 24.90
C GLU B 271 39.50 1.83 25.51
N ARG B 272 39.90 2.97 24.96
CA ARG B 272 39.43 4.27 25.45
C ARG B 272 39.14 5.23 24.30
N ILE B 273 37.91 5.73 24.26
CA ILE B 273 37.48 6.70 23.24
C ILE B 273 36.93 7.97 23.90
N SER B 274 37.22 9.11 23.27
CA SER B 274 36.76 10.41 23.75
C SER B 274 35.75 11.01 22.80
N LEU B 275 34.62 11.46 23.34
CA LEU B 275 33.54 12.02 22.54
C LEU B 275 33.21 13.44 22.97
N GLN B 276 33.14 14.34 21.99
CA GLN B 276 32.83 15.74 22.26
C GLN B 276 31.42 16.05 21.77
N TRP B 277 30.55 16.38 22.72
CA TRP B 277 29.18 16.76 22.42
C TRP B 277 28.99 18.24 22.71
N ILE B 278 27.98 18.84 22.07
CA ILE B 278 27.59 20.22 22.32
C ILE B 278 26.07 20.33 22.25
N ARG B 279 25.49 21.17 23.12
CA ARG B 279 24.05 21.44 23.08
C ARG B 279 23.72 22.26 21.83
N ARG B 280 22.46 22.23 21.41
CA ARG B 280 22.03 23.00 20.25
C ARG B 280 22.40 24.48 20.40
N ALA B 281 22.29 25.00 21.61
CA ALA B 281 22.64 26.39 21.92
C ALA B 281 24.11 26.71 21.68
N GLN B 282 24.97 25.71 21.86
CA GLN B 282 26.40 25.80 21.55
C GLN B 282 27.24 26.66 22.51
N ASN B 283 26.71 26.90 23.70
CA ASN B 283 27.47 27.54 24.76
C ASN B 283 27.84 26.55 25.87
N TYR B 284 27.47 25.29 25.66
CA TYR B 284 27.74 24.21 26.59
C TYR B 284 28.26 22.98 25.85
N SER B 285 29.50 22.61 26.14
CA SER B 285 30.13 21.45 25.53
C SER B 285 30.63 20.49 26.60
N ILE B 286 30.63 19.19 26.27
CA ILE B 286 31.14 18.16 27.16
C ILE B 286 32.00 17.12 26.44
N ILE B 287 33.13 16.77 27.07
CA ILE B 287 33.96 15.66 26.62
C ILE B 287 33.68 14.45 27.50
N ASP B 288 33.30 13.35 26.85
CA ASP B 288 32.97 12.11 27.53
C ASP B 288 33.96 11.04 27.13
N ILE B 289 34.78 10.62 28.10
CA ILE B 289 35.83 9.65 27.87
C ILE B 289 35.36 8.27 28.31
N CYS B 290 35.13 7.39 27.34
CA CYS B 290 34.52 6.09 27.57
C CYS B 290 35.49 4.94 27.46
N ASP B 291 35.41 4.01 28.42
CA ASP B 291 36.33 2.88 28.50
C ASP B 291 35.66 1.57 28.13
N TYR B 292 36.38 0.77 27.35
CA TYR B 292 35.92 -0.54 26.94
C TYR B 292 35.95 -1.53 28.11
N ASP B 293 34.80 -2.13 28.39
CA ASP B 293 34.70 -3.16 29.42
C ASP B 293 34.85 -4.51 28.75
N GLU B 294 35.99 -5.16 29.01
CA GLU B 294 36.38 -6.39 28.34
C GLU B 294 35.37 -7.54 28.51
N SER B 295 34.72 -7.58 29.68
CA SER B 295 33.83 -8.68 30.03
C SER B 295 32.43 -8.55 29.44
N THR B 296 32.00 -7.32 29.15
CA THR B 296 30.66 -7.07 28.60
C THR B 296 30.67 -6.52 27.17
N GLY B 297 31.82 -6.02 26.74
CA GLY B 297 31.93 -5.38 25.43
C GLY B 297 31.28 -4.01 25.40
N ARG B 298 31.09 -3.43 26.58
CA ARG B 298 30.45 -2.12 26.73
C ARG B 298 31.47 -0.98 26.78
N TRP B 299 31.01 0.20 26.41
CA TRP B 299 31.81 1.41 26.55
C TRP B 299 31.22 2.29 27.66
N ILE B 300 31.88 2.31 28.80
CA ILE B 300 31.34 2.92 30.01
C ILE B 300 31.78 4.37 30.17
N SER B 301 30.81 5.21 30.49
CA SER B 301 31.10 6.60 30.85
C SER B 301 30.97 6.80 32.35
N SER B 302 31.77 7.71 32.90
CA SER B 302 31.65 8.12 34.29
C SER B 302 31.82 9.63 34.42
N VAL B 303 31.17 10.20 35.44
CA VAL B 303 31.20 11.64 35.73
C VAL B 303 32.64 12.15 35.96
N ALA B 304 33.49 11.29 36.51
CA ALA B 304 34.89 11.63 36.74
C ALA B 304 35.64 11.90 35.43
N ARG B 305 35.27 11.16 34.37
CA ARG B 305 35.91 11.30 33.06
C ARG B 305 35.15 12.26 32.13
N GLN B 306 34.18 12.99 32.69
CA GLN B 306 33.43 13.98 31.93
C GLN B 306 33.96 15.39 32.19
N HIS B 307 34.23 16.13 31.12
CA HIS B 307 34.82 17.46 31.22
C HIS B 307 33.98 18.51 30.52
N ILE B 308 33.42 19.43 31.31
CA ILE B 308 32.56 20.47 30.78
C ILE B 308 33.36 21.70 30.34
N GLU B 309 32.93 22.29 29.23
CA GLU B 309 33.44 23.59 28.79
C GLU B 309 32.26 24.49 28.43
N ILE B 310 32.21 25.68 29.04
CA ILE B 310 31.12 26.62 28.80
C ILE B 310 31.60 27.99 28.33
N SER B 311 30.67 28.76 27.77
CA SER B 311 30.89 30.16 27.44
C SER B 311 29.72 30.98 27.96
N THR B 312 30.04 32.02 28.73
CA THR B 312 29.02 32.90 29.31
C THR B 312 28.75 34.10 28.42
N THR B 313 29.78 34.51 27.67
CA THR B 313 29.72 35.69 26.80
C THR B 313 29.30 35.35 25.36
N GLY B 314 29.41 34.08 24.98
CA GLY B 314 29.05 33.68 23.63
C GLY B 314 28.97 32.18 23.38
N TRP B 315 29.81 31.70 22.46
CA TRP B 315 29.84 30.30 22.06
C TRP B 315 31.18 29.65 22.44
N VAL B 316 31.22 28.32 22.39
CA VAL B 316 32.41 27.55 22.75
C VAL B 316 33.29 27.30 21.52
N GLY B 317 34.58 27.63 21.66
CA GLY B 317 35.55 27.42 20.59
C GLY B 317 35.40 28.41 19.45
N ARG B 318 36.15 28.21 18.38
CA ARG B 318 36.08 29.08 17.22
C ARG B 318 34.81 28.81 16.41
N PHE B 319 34.80 27.74 15.63
CA PHE B 319 33.59 27.28 14.94
C PHE B 319 33.12 25.98 15.57
N ARG B 320 33.98 25.41 16.40
CA ARG B 320 33.74 24.16 17.11
C ARG B 320 34.64 24.14 18.34
N PRO B 321 34.24 23.45 19.41
CA PRO B 321 35.12 23.24 20.56
C PRO B 321 36.45 22.62 20.09
N ALA B 322 37.55 23.11 20.64
CA ALA B 322 38.88 22.60 20.28
C ALA B 322 39.01 21.14 20.67
N GLU B 323 39.73 20.37 19.86
CA GLU B 323 39.86 18.93 20.09
C GLU B 323 40.84 18.64 21.22
N PRO B 324 40.54 17.61 22.03
CA PRO B 324 41.47 17.17 23.06
C PRO B 324 42.65 16.39 22.45
N HIS B 325 43.85 16.62 22.98
CA HIS B 325 45.04 15.89 22.52
C HIS B 325 45.58 15.03 23.64
N PHE B 326 45.36 13.72 23.52
CA PHE B 326 45.65 12.78 24.60
C PHE B 326 47.09 12.30 24.62
N THR B 327 47.58 12.02 25.82
CA THR B 327 48.90 11.40 26.01
C THR B 327 48.84 9.95 25.58
N SER B 328 50.00 9.37 25.28
CA SER B 328 50.10 8.00 24.80
C SER B 328 49.35 6.99 25.67
N ASP B 329 49.39 7.19 26.99
CA ASP B 329 48.70 6.33 27.95
C ASP B 329 47.23 6.72 28.12
N GLY B 330 46.93 7.99 27.87
CA GLY B 330 45.57 8.50 27.91
C GLY B 330 45.04 8.85 29.29
N ASN B 331 45.93 9.02 30.26
CA ASN B 331 45.52 9.40 31.60
C ASN B 331 45.38 10.91 31.76
N SER B 332 45.83 11.65 30.76
CA SER B 332 45.67 13.10 30.71
C SER B 332 45.59 13.58 29.25
N PHE B 333 45.10 14.80 29.07
CA PHE B 333 45.06 15.41 27.74
C PHE B 333 45.31 16.91 27.75
N TYR B 334 45.70 17.44 26.59
CA TYR B 334 45.94 18.87 26.42
C TYR B 334 44.91 19.46 25.45
N LYS B 335 44.32 20.58 25.83
CA LYS B 335 43.23 21.18 25.06
C LYS B 335 43.17 22.69 25.20
N ILE B 336 42.91 23.36 24.07
CA ILE B 336 42.71 24.80 24.05
C ILE B 336 41.33 25.19 24.56
N ILE B 337 41.32 25.97 25.64
CA ILE B 337 40.09 26.58 26.16
C ILE B 337 40.33 28.06 26.41
N SER B 338 39.25 28.81 26.62
CA SER B 338 39.34 30.21 27.02
C SER B 338 39.76 30.32 28.48
N ASN B 339 40.78 31.13 28.75
CA ASN B 339 41.21 31.38 30.13
C ASN B 339 40.40 32.51 30.79
N GLU B 340 40.86 32.94 31.97
CA GLU B 340 40.18 33.98 32.75
C GLU B 340 40.17 35.35 32.04
N GLU B 341 41.21 35.62 31.26
CA GLU B 341 41.32 36.88 30.51
C GLU B 341 40.54 36.83 29.18
N GLY B 342 39.95 35.69 28.87
CA GLY B 342 39.23 35.52 27.62
C GLY B 342 40.14 35.26 26.42
N TYR B 343 41.30 34.68 26.68
CA TYR B 343 42.23 34.31 25.62
C TYR B 343 42.38 32.79 25.55
N LYS B 344 42.37 32.26 24.33
CA LYS B 344 42.39 30.82 24.11
C LYS B 344 43.81 30.27 24.24
N HIS B 345 43.98 29.41 25.24
CA HIS B 345 45.29 28.86 25.58
C HIS B 345 45.21 27.37 25.92
N ILE B 346 46.36 26.70 25.89
CA ILE B 346 46.43 25.27 26.17
C ILE B 346 46.29 24.99 27.67
N CYS B 347 45.29 24.20 28.02
CA CYS B 347 45.10 23.74 29.38
C CYS B 347 45.40 22.26 29.48
N HIS B 348 46.05 21.86 30.58
CA HIS B 348 46.40 20.46 30.81
C HIS B 348 45.37 19.79 31.72
N PHE B 349 44.57 18.90 31.12
CA PHE B 349 43.52 18.18 31.84
C PHE B 349 43.99 16.78 32.20
N GLN B 350 43.61 16.33 33.40
CA GLN B 350 43.71 14.92 33.74
C GLN B 350 42.39 14.25 33.37
N THR B 351 42.48 13.00 32.91
CA THR B 351 41.30 12.27 32.41
C THR B 351 40.20 12.07 33.45
N ASP B 352 40.57 11.83 34.69
CA ASP B 352 39.57 11.61 35.75
C ASP B 352 39.54 12.70 36.83
N LYS B 353 39.99 13.91 36.47
CA LYS B 353 39.93 15.08 37.35
C LYS B 353 39.33 16.27 36.61
N SER B 354 38.60 17.13 37.33
CA SER B 354 37.83 18.20 36.70
C SER B 354 38.56 19.53 36.51
N ASN B 355 39.67 19.72 37.22
CA ASN B 355 40.45 20.95 37.14
C ASN B 355 41.65 20.82 36.21
N CYS B 356 41.91 21.87 35.44
CA CYS B 356 43.06 21.87 34.53
C CYS B 356 44.08 22.96 34.84
N THR B 357 45.30 22.78 34.35
CA THR B 357 46.38 23.75 34.51
C THR B 357 46.76 24.35 33.16
N PHE B 358 46.68 25.68 33.06
CA PHE B 358 47.07 26.38 31.83
C PHE B 358 48.59 26.35 31.69
N ILE B 359 49.05 25.92 30.51
CA ILE B 359 50.48 25.83 30.23
C ILE B 359 50.96 27.01 29.38
N THR B 360 50.00 27.74 28.82
CA THR B 360 50.28 28.97 28.08
C THR B 360 49.38 30.10 28.58
N LYS B 361 49.86 31.33 28.46
CA LYS B 361 49.09 32.53 28.81
C LYS B 361 49.62 33.79 28.13
N GLY B 362 48.76 34.79 27.99
CA GLY B 362 49.16 36.07 27.39
C GLY B 362 48.08 36.70 26.53
N ALA B 363 48.33 37.93 26.07
CA ALA B 363 47.41 38.64 25.19
C ALA B 363 47.60 38.19 23.74
N TRP B 364 47.46 36.88 23.54
CA TRP B 364 47.55 36.21 22.24
C TRP B 364 46.86 34.85 22.37
N GLU B 365 46.67 34.17 21.25
CA GLU B 365 45.91 32.92 21.26
C GLU B 365 46.65 31.76 20.63
N VAL B 366 46.52 30.58 21.24
CA VAL B 366 47.00 29.35 20.65
C VAL B 366 46.01 28.93 19.56
N ILE B 367 46.52 28.76 18.35
CA ILE B 367 45.70 28.40 17.20
C ILE B 367 45.31 26.92 17.26
N GLY B 368 46.30 26.06 17.44
CA GLY B 368 46.07 24.62 17.50
C GLY B 368 47.28 23.84 17.98
N ILE B 369 47.02 22.70 18.61
CA ILE B 369 48.05 21.77 19.03
C ILE B 369 48.41 20.87 17.85
N GLU B 370 49.69 20.82 17.49
CA GLU B 370 50.15 20.10 16.30
C GLU B 370 50.65 18.69 16.60
N ALA B 371 51.43 18.54 17.67
CA ALA B 371 52.05 17.26 18.02
C ALA B 371 52.27 17.12 19.52
N LEU B 372 52.48 15.89 19.97
CA LEU B 372 52.72 15.60 21.38
C LEU B 372 53.54 14.33 21.61
N THR B 373 54.67 14.49 22.30
CA THR B 373 55.44 13.37 22.82
C THR B 373 55.30 13.35 24.34
N SER B 374 56.08 12.50 25.02
CA SER B 374 56.08 12.46 26.47
C SER B 374 56.87 13.63 27.09
N ASP B 375 57.73 14.24 26.28
CA ASP B 375 58.60 15.32 26.75
C ASP B 375 58.20 16.71 26.25
N TYR B 376 57.66 16.79 25.04
CA TYR B 376 57.32 18.07 24.43
C TYR B 376 55.89 18.13 23.89
N LEU B 377 55.39 19.36 23.76
CA LEU B 377 54.11 19.66 23.12
C LEU B 377 54.41 20.71 22.04
N TYR B 378 53.96 20.44 20.82
CA TYR B 378 54.14 21.40 19.73
C TYR B 378 52.81 22.06 19.37
N TYR B 379 52.83 23.39 19.23
CA TYR B 379 51.63 24.14 18.93
C TYR B 379 51.89 25.37 18.06
N ILE B 380 50.81 25.88 17.45
CA ILE B 380 50.86 27.08 16.63
C ILE B 380 50.16 28.22 17.38
N SER B 381 50.78 29.40 17.36
CA SER B 381 50.19 30.58 17.99
C SER B 381 50.54 31.87 17.24
N ASN B 382 49.88 32.96 17.62
CA ASN B 382 50.14 34.26 17.05
C ASN B 382 50.88 35.20 18.03
N GLU B 383 51.68 34.58 18.90
CA GLU B 383 52.42 35.29 19.95
C GLU B 383 53.46 36.26 19.40
N HIS B 384 54.23 35.82 18.42
CA HIS B 384 55.34 36.58 17.86
C HIS B 384 54.96 37.99 17.43
N LYS B 385 55.73 38.97 17.91
CA LYS B 385 55.57 40.39 17.58
C LYS B 385 54.19 40.94 17.93
N GLY B 386 53.39 40.14 18.64
CA GLY B 386 52.04 40.50 19.00
C GLY B 386 51.11 40.74 17.82
N MET B 387 51.42 40.14 16.67
CA MET B 387 50.57 40.28 15.48
C MET B 387 49.70 39.05 15.23
N PRO B 388 48.38 39.19 15.44
CA PRO B 388 47.44 38.06 15.33
C PRO B 388 47.31 37.49 13.92
N GLY B 389 47.73 38.24 12.90
CA GLY B 389 47.73 37.76 11.53
C GLY B 389 48.97 36.97 11.16
N GLY B 390 49.70 36.53 12.18
CA GLY B 390 50.90 35.72 11.99
C GLY B 390 50.80 34.40 12.73
N ARG B 391 51.56 33.41 12.27
CA ARG B 391 51.52 32.07 12.85
C ARG B 391 52.92 31.48 12.98
N ASN B 392 53.21 30.92 14.15
CA ASN B 392 54.51 30.29 14.42
C ASN B 392 54.41 29.00 15.22
N LEU B 393 55.35 28.10 14.97
CA LEU B 393 55.44 26.84 15.70
C LEU B 393 56.25 27.02 16.99
N TYR B 394 55.67 26.57 18.09
CA TYR B 394 56.31 26.66 19.39
C TYR B 394 56.39 25.29 20.05
N ARG B 395 57.44 25.08 20.83
CA ARG B 395 57.64 23.82 21.54
C ARG B 395 57.80 24.08 23.04
N ILE B 396 56.87 23.53 23.82
CA ILE B 396 56.87 23.69 25.27
C ILE B 396 57.25 22.38 25.96
N GLN B 397 58.22 22.47 26.87
CA GLN B 397 58.65 21.32 27.67
C GLN B 397 57.57 20.95 28.67
N LEU B 398 57.25 19.65 28.73
CA LEU B 398 56.15 19.17 29.57
C LEU B 398 56.46 19.18 31.07
N ASN B 399 57.70 18.89 31.43
CA ASN B 399 58.13 18.93 32.83
C ASN B 399 58.44 20.34 33.35
N ASP B 400 58.66 21.28 32.43
CA ASP B 400 58.94 22.67 32.77
C ASP B 400 58.27 23.63 31.77
N TYR B 401 57.09 24.11 32.15
CA TYR B 401 56.26 24.97 31.30
C TYR B 401 56.89 26.30 30.92
N THR B 402 57.97 26.66 31.60
CA THR B 402 58.69 27.92 31.32
C THR B 402 59.52 27.79 30.04
N LYS B 403 60.12 26.62 29.84
CA LYS B 403 60.94 26.36 28.66
C LYS B 403 60.08 26.20 27.40
N VAL B 404 59.89 27.31 26.70
CA VAL B 404 59.16 27.32 25.43
C VAL B 404 60.01 27.97 24.33
N THR B 405 60.32 27.20 23.30
CA THR B 405 61.17 27.65 22.20
C THR B 405 60.34 27.84 20.93
N CYS B 406 60.67 28.90 20.19
CA CYS B 406 60.04 29.14 18.88
C CYS B 406 60.92 28.59 17.77
N LEU B 407 60.41 27.61 17.06
CA LEU B 407 61.17 26.89 16.05
C LEU B 407 61.11 27.52 14.66
N SER B 408 60.22 28.49 14.48
CA SER B 408 60.01 29.10 13.16
C SER B 408 60.14 30.63 13.12
N CYS B 409 60.14 31.27 14.30
CA CYS B 409 60.17 32.73 14.42
C CYS B 409 61.32 33.41 13.67
N GLU B 410 62.52 32.87 13.83
CA GLU B 410 63.75 33.54 13.38
C GLU B 410 64.43 32.87 12.20
N LEU B 411 63.75 31.94 11.55
CA LEU B 411 64.32 31.24 10.39
C LEU B 411 64.43 32.19 9.20
N ASN B 412 63.34 32.90 8.92
CA ASN B 412 63.30 33.89 7.86
C ASN B 412 62.31 34.99 8.23
N PRO B 413 62.70 35.85 9.18
CA PRO B 413 61.78 36.80 9.81
C PRO B 413 61.06 37.73 8.82
N GLU B 414 61.77 38.23 7.81
CA GLU B 414 61.16 39.12 6.81
C GLU B 414 60.27 38.35 5.83
N ARG B 415 60.76 37.21 5.36
CA ARG B 415 60.06 36.41 4.36
C ARG B 415 58.90 35.59 4.93
N CYS B 416 59.02 35.18 6.18
CA CYS B 416 58.10 34.21 6.77
C CYS B 416 57.55 34.61 8.14
N GLN B 417 56.26 34.91 8.18
CA GLN B 417 55.56 35.30 9.40
C GLN B 417 54.36 34.39 9.67
N TYR B 418 53.97 33.62 8.67
CA TYR B 418 52.79 32.77 8.73
C TYR B 418 53.18 31.32 8.49
N TYR B 419 53.12 30.50 9.54
CA TYR B 419 53.58 29.12 9.49
C TYR B 419 52.49 28.09 9.81
N SER B 420 52.58 26.96 9.13
CA SER B 420 51.84 25.75 9.51
C SER B 420 52.82 24.58 9.52
N ALA B 421 52.51 23.53 10.27
CA ALA B 421 53.43 22.40 10.41
C ALA B 421 52.76 21.03 10.26
N SER B 422 53.57 20.05 9.87
CA SER B 422 53.15 18.67 9.74
C SER B 422 54.24 17.76 10.28
N PHE B 423 53.90 16.99 11.32
CA PHE B 423 54.87 16.17 12.03
C PHE B 423 54.82 14.72 11.60
N SER B 424 55.96 14.04 11.72
CA SER B 424 56.04 12.60 11.48
C SER B 424 55.36 11.84 12.62
N ASN B 425 55.36 10.50 12.53
CA ASN B 425 54.53 9.67 13.41
C ASN B 425 54.77 9.82 14.92
N LYS B 426 56.03 10.02 15.31
CA LYS B 426 56.37 10.20 16.72
C LYS B 426 57.03 11.56 16.95
N ALA B 427 56.66 12.52 16.09
CA ALA B 427 57.15 13.91 16.13
C ALA B 427 58.68 14.03 16.07
N LYS B 428 59.32 13.11 15.35
CA LYS B 428 60.78 13.08 15.23
C LYS B 428 61.25 14.04 14.14
N TYR B 429 60.39 14.30 13.16
CA TYR B 429 60.66 15.26 12.10
C TYR B 429 59.40 16.08 11.82
N TYR B 430 59.59 17.30 11.31
CA TYR B 430 58.47 18.14 10.92
C TYR B 430 58.75 18.97 9.67
N GLN B 431 57.75 19.05 8.80
CA GLN B 431 57.79 19.96 7.67
C GLN B 431 57.20 21.28 8.12
N LEU B 432 57.89 22.38 7.81
CA LEU B 432 57.36 23.70 8.07
C LEU B 432 56.85 24.31 6.78
N ARG B 433 55.69 24.95 6.87
CA ARG B 433 55.04 25.52 5.69
C ARG B 433 54.90 27.03 5.85
N CYS B 434 55.74 27.75 5.15
CA CYS B 434 55.72 29.21 5.14
C CYS B 434 54.74 29.67 4.07
N PHE B 435 53.84 30.57 4.45
CA PHE B 435 52.79 31.03 3.54
C PHE B 435 52.88 32.52 3.21
N GLY B 436 53.80 33.22 3.86
CA GLY B 436 54.01 34.64 3.63
C GLY B 436 54.71 35.38 4.77
N PRO B 437 54.92 36.68 4.64
CA PRO B 437 54.42 37.49 3.51
C PRO B 437 55.20 37.32 2.20
N GLY B 438 56.39 36.72 2.28
CA GLY B 438 57.19 36.44 1.09
C GLY B 438 56.68 35.19 0.38
N LEU B 439 57.41 34.76 -0.64
CA LEU B 439 57.04 33.55 -1.38
C LEU B 439 57.04 32.33 -0.48
N PRO B 440 55.96 31.54 -0.53
CA PRO B 440 55.86 30.29 0.23
C PRO B 440 57.14 29.47 0.24
N LEU B 441 57.55 29.02 1.42
CA LEU B 441 58.79 28.26 1.59
C LEU B 441 58.54 26.98 2.37
N TYR B 442 58.92 25.85 1.78
CA TYR B 442 58.71 24.54 2.38
C TYR B 442 60.03 23.92 2.79
N THR B 443 60.17 23.65 4.09
CA THR B 443 61.40 23.12 4.66
C THR B 443 61.12 21.90 5.53
N LEU B 444 62.12 21.02 5.64
CA LEU B 444 62.05 19.86 6.53
C LEU B 444 63.06 20.03 7.67
N HIS B 445 62.66 19.60 8.86
CA HIS B 445 63.46 19.80 10.06
C HIS B 445 63.57 18.53 10.90
N SER B 446 64.60 18.49 11.74
CA SER B 446 64.74 17.48 12.77
C SER B 446 64.28 18.06 14.10
N SER B 447 63.63 17.23 14.91
CA SER B 447 63.12 17.65 16.23
C SER B 447 64.19 17.55 17.31
N SER B 448 65.17 16.68 17.10
CA SER B 448 66.25 16.49 18.07
C SER B 448 67.29 17.61 18.01
N SER B 449 67.55 18.11 16.81
CA SER B 449 68.60 19.12 16.60
C SER B 449 68.05 20.53 16.31
N ASP B 450 66.74 20.62 16.04
CA ASP B 450 66.09 21.88 15.63
C ASP B 450 66.68 22.46 14.35
N LYS B 451 67.44 21.65 13.63
CA LYS B 451 68.16 22.08 12.44
C LYS B 451 67.33 21.92 11.17
N GLU B 452 67.46 22.88 10.27
CA GLU B 452 66.85 22.82 8.95
C GLU B 452 67.61 21.79 8.11
N LEU B 453 66.95 20.66 7.85
CA LEU B 453 67.54 19.55 7.11
C LEU B 453 67.80 19.91 5.65
N ARG B 454 66.75 20.33 4.95
CA ARG B 454 66.88 20.83 3.57
C ARG B 454 65.68 21.67 3.15
N VAL B 455 65.83 22.37 2.03
CA VAL B 455 64.74 23.12 1.41
C VAL B 455 64.01 22.17 0.47
N LEU B 456 62.70 22.07 0.66
CA LEU B 456 61.85 21.19 -0.15
C LEU B 456 61.29 21.92 -1.37
N GLU B 457 60.89 23.17 -1.17
CA GLU B 457 60.38 24.02 -2.22
C GLU B 457 60.46 25.48 -1.76
N ASP B 458 61.24 26.28 -2.50
CA ASP B 458 61.44 27.68 -2.14
C ASP B 458 60.78 28.66 -3.12
N ASN B 459 60.13 28.11 -4.14
CA ASN B 459 59.46 28.90 -5.18
C ASN B 459 60.39 29.84 -5.94
N SER B 460 61.58 29.34 -6.29
CA SER B 460 62.58 30.11 -7.02
C SER B 460 62.14 30.43 -8.44
N ALA B 461 61.43 29.48 -9.07
CA ALA B 461 60.87 29.67 -10.41
C ALA B 461 59.80 30.77 -10.43
N LEU B 462 59.11 30.95 -9.32
CA LEU B 462 58.11 32.00 -9.16
C LEU B 462 58.78 33.37 -9.02
N ASP B 463 59.89 33.41 -8.28
CA ASP B 463 60.66 34.65 -8.10
C ASP B 463 61.21 35.17 -9.43
N LYS B 464 61.62 34.24 -10.29
CA LYS B 464 62.12 34.54 -11.63
C LYS B 464 61.08 35.28 -12.48
N MET B 465 59.82 34.90 -12.33
CA MET B 465 58.73 35.48 -13.11
C MET B 465 58.22 36.81 -12.55
N LEU B 466 58.31 36.97 -11.23
CA LEU B 466 57.73 38.13 -10.55
C LEU B 466 58.57 39.40 -10.65
N GLN B 467 59.87 39.26 -10.85
CA GLN B 467 60.78 40.40 -11.02
C GLN B 467 60.56 41.08 -12.38
N ASP B 468 60.01 40.32 -13.33
CA ASP B 468 59.60 40.85 -14.63
C ASP B 468 58.37 41.76 -14.51
N VAL B 469 57.59 41.57 -13.45
CA VAL B 469 56.27 42.20 -13.32
C VAL B 469 56.22 43.31 -12.27
N GLN B 470 55.30 44.25 -12.48
CA GLN B 470 55.06 45.34 -11.55
C GLN B 470 54.21 44.86 -10.38
N MET B 471 54.86 44.30 -9.36
CA MET B 471 54.17 43.78 -8.19
C MET B 471 53.73 44.89 -7.24
N PRO B 472 52.49 44.79 -6.74
CA PRO B 472 52.01 45.69 -5.68
C PRO B 472 52.58 45.29 -4.32
N SER B 473 52.54 46.21 -3.36
CA SER B 473 53.05 45.95 -2.01
C SER B 473 51.91 45.75 -1.02
N LYS B 474 52.13 44.85 -0.06
CA LYS B 474 51.16 44.60 1.01
C LYS B 474 51.66 45.15 2.34
N LYS B 475 50.99 46.18 2.84
CA LYS B 475 51.35 46.82 4.10
C LYS B 475 50.34 46.47 5.19
N LEU B 476 50.86 46.03 6.34
CA LEU B 476 50.04 45.67 7.48
C LEU B 476 50.27 46.66 8.62
N ASP B 477 49.18 47.26 9.12
CA ASP B 477 49.27 48.21 10.21
C ASP B 477 48.07 48.12 11.16
N VAL B 478 47.92 49.15 12.00
CA VAL B 478 46.93 49.14 13.07
C VAL B 478 46.28 50.53 13.20
N ILE B 479 44.99 50.54 13.58
CA ILE B 479 44.30 51.80 13.91
C ILE B 479 43.45 51.66 15.17
N ASN B 480 43.07 52.80 15.73
CA ASN B 480 42.25 52.84 16.94
C ASN B 480 40.77 52.95 16.61
N LEU B 481 39.99 52.01 17.14
CA LEU B 481 38.53 52.05 17.04
C LEU B 481 37.96 51.92 18.45
N HIS B 482 37.22 52.94 18.87
CA HIS B 482 36.56 52.98 20.18
C HIS B 482 37.46 52.44 21.33
N GLY B 483 38.69 52.93 21.36
CA GLY B 483 39.66 52.55 22.38
C GLY B 483 40.21 51.14 22.28
N THR B 484 40.15 50.55 21.08
CA THR B 484 40.63 49.19 20.85
C THR B 484 41.53 49.10 19.62
N LYS B 485 42.67 48.43 19.79
CA LYS B 485 43.63 48.18 18.73
C LYS B 485 43.07 47.18 17.72
N PHE B 486 43.05 47.55 16.46
CA PHE B 486 42.56 46.66 15.41
C PHE B 486 43.47 46.69 14.18
N TRP B 487 43.75 45.51 13.64
CA TRP B 487 44.66 45.35 12.52
C TRP B 487 43.98 45.52 11.15
N TYR B 488 44.74 46.04 10.19
CA TYR B 488 44.28 46.18 8.82
C TYR B 488 45.43 46.00 7.83
N GLN B 489 45.09 45.58 6.62
CA GLN B 489 46.06 45.48 5.52
C GLN B 489 45.65 46.35 4.35
N MET B 490 46.63 46.68 3.49
CA MET B 490 46.37 47.43 2.26
C MET B 490 47.22 46.88 1.13
N ILE B 491 46.58 46.59 0.01
CA ILE B 491 47.29 46.20 -1.21
C ILE B 491 47.54 47.49 -2.01
N LEU B 492 48.76 47.99 -1.94
CA LEU B 492 49.10 49.28 -2.53
C LEU B 492 49.72 49.13 -3.93
N PRO B 493 49.24 49.92 -4.88
CA PRO B 493 49.74 49.89 -6.26
C PRO B 493 51.25 50.16 -6.36
N PRO B 494 51.92 49.59 -7.35
CA PRO B 494 53.35 49.86 -7.57
C PRO B 494 53.61 51.34 -7.83
N HIS B 495 54.78 51.82 -7.39
CA HIS B 495 55.13 53.24 -7.46
C HIS B 495 54.17 54.09 -6.61
N PHE B 496 53.89 53.60 -5.41
CA PHE B 496 52.92 54.24 -4.51
C PHE B 496 53.40 55.63 -4.07
N ASP B 497 52.62 56.64 -4.43
CA ASP B 497 52.91 58.02 -4.06
C ASP B 497 51.76 58.62 -3.26
N LYS B 498 52.10 59.21 -2.12
CA LYS B 498 51.11 59.74 -1.18
C LYS B 498 50.51 61.10 -1.60
N SER B 499 51.05 61.68 -2.68
CA SER B 499 50.51 62.94 -3.21
C SER B 499 49.34 62.67 -4.16
N LYS B 500 49.49 61.64 -5.00
CA LYS B 500 48.44 61.23 -5.93
C LYS B 500 47.27 60.57 -5.19
N LYS B 501 46.06 60.76 -5.72
CA LYS B 501 44.85 60.20 -5.11
C LYS B 501 44.43 58.90 -5.78
N TYR B 502 44.25 57.85 -4.99
CA TYR B 502 43.85 56.54 -5.48
C TYR B 502 42.45 56.16 -5.00
N PRO B 503 41.68 55.47 -5.85
CA PRO B 503 40.39 54.91 -5.43
C PRO B 503 40.56 53.76 -4.46
N LEU B 504 39.55 53.53 -3.61
CA LEU B 504 39.63 52.55 -2.54
C LEU B 504 38.60 51.43 -2.70
N LEU B 505 39.07 50.19 -2.64
CA LEU B 505 38.17 49.03 -2.57
C LEU B 505 38.37 48.32 -1.25
N ILE B 506 37.29 48.23 -0.48
CA ILE B 506 37.31 47.48 0.77
C ILE B 506 36.91 46.02 0.51
N GLU B 507 37.87 45.12 0.67
CA GLU B 507 37.60 43.69 0.56
C GLU B 507 37.27 43.16 1.94
N VAL B 508 36.04 42.68 2.09
CA VAL B 508 35.54 42.30 3.41
C VAL B 508 35.08 40.83 3.50
N TYR B 509 35.29 40.25 4.68
CA TYR B 509 34.57 39.05 5.08
C TYR B 509 33.87 39.33 6.41
N ALA B 510 34.66 39.62 7.45
CA ALA B 510 34.18 40.10 8.75
C ALA B 510 33.23 39.14 9.48
N GLY B 511 33.29 37.86 9.13
CA GLY B 511 32.50 36.84 9.81
C GLY B 511 33.02 36.60 11.22
N PRO B 512 32.15 36.11 12.10
CA PRO B 512 32.59 35.74 13.46
C PRO B 512 33.73 34.72 13.41
N CYS B 513 34.74 34.94 14.25
CA CYS B 513 35.89 34.03 14.39
C CYS B 513 36.83 34.03 13.18
N SER B 514 36.56 34.89 12.19
CA SER B 514 37.34 34.92 10.97
C SER B 514 38.46 35.97 11.00
N GLN B 515 39.42 35.83 10.09
CA GLN B 515 40.55 36.74 9.98
C GLN B 515 40.78 37.13 8.52
N LYS B 516 40.56 38.40 8.21
CA LYS B 516 40.76 38.91 6.86
C LYS B 516 42.16 39.49 6.68
N VAL B 517 42.76 39.92 7.79
CA VAL B 517 44.08 40.53 7.78
C VAL B 517 45.14 39.57 8.31
N ASP B 518 46.01 39.11 7.43
CA ASP B 518 47.11 38.22 7.80
C ASP B 518 48.34 38.45 6.94
N THR B 519 49.40 37.70 7.22
CA THR B 519 50.65 37.81 6.47
C THR B 519 50.79 36.72 5.41
N VAL B 520 49.67 36.28 4.84
CA VAL B 520 49.72 35.27 3.79
C VAL B 520 50.02 35.92 2.43
N PHE B 521 50.93 35.31 1.68
CA PHE B 521 51.19 35.73 0.30
C PHE B 521 50.11 35.15 -0.60
N ARG B 522 49.46 36.03 -1.35
CA ARG B 522 48.37 35.64 -2.24
C ARG B 522 48.45 36.37 -3.57
N LEU B 523 48.35 35.59 -4.66
CA LEU B 523 48.16 36.13 -5.99
C LEU B 523 46.66 36.16 -6.23
N SER B 524 46.06 37.33 -5.97
CA SER B 524 44.61 37.45 -5.92
C SER B 524 44.04 38.36 -7.01
N TRP B 525 42.73 38.58 -6.96
CA TRP B 525 42.06 39.57 -7.80
C TRP B 525 42.54 40.97 -7.43
N ALA B 526 42.74 41.19 -6.13
CA ALA B 526 43.24 42.45 -5.60
C ALA B 526 44.65 42.76 -6.10
N THR B 527 45.44 41.70 -6.32
CA THR B 527 46.77 41.80 -6.91
C THR B 527 46.73 42.50 -8.27
N TYR B 528 45.73 42.17 -9.08
CA TYR B 528 45.55 42.79 -10.40
C TYR B 528 45.00 44.21 -10.29
N LEU B 529 44.08 44.41 -9.35
CA LEU B 529 43.43 45.71 -9.17
C LEU B 529 44.41 46.81 -8.76
N ALA B 530 45.42 46.45 -7.97
CA ALA B 530 46.46 47.37 -7.58
C ALA B 530 47.53 47.51 -8.67
N SER B 531 47.94 46.39 -9.25
CA SER B 531 49.01 46.36 -10.24
C SER B 531 48.64 47.06 -11.55
N THR B 532 47.55 46.63 -12.18
CA THR B 532 47.14 47.15 -13.48
C THR B 532 46.24 48.37 -13.34
N GLU B 533 45.24 48.29 -12.46
CA GLU B 533 44.19 49.30 -12.38
C GLU B 533 44.47 50.41 -11.37
N ASN B 534 45.54 50.28 -10.61
CA ASN B 534 45.97 51.27 -9.61
C ASN B 534 44.89 51.63 -8.57
N ILE B 535 44.28 50.59 -8.02
CA ILE B 535 43.28 50.73 -6.96
C ILE B 535 43.86 50.20 -5.65
N ILE B 536 43.59 50.92 -4.56
CA ILE B 536 43.97 50.44 -3.24
C ILE B 536 42.91 49.44 -2.76
N VAL B 537 43.34 48.21 -2.46
CA VAL B 537 42.45 47.24 -1.85
C VAL B 537 42.83 47.05 -0.38
N ALA B 538 41.95 47.52 0.51
CA ALA B 538 42.15 47.44 1.94
C ALA B 538 41.22 46.41 2.57
N SER B 539 41.71 45.76 3.63
CA SER B 539 40.90 44.82 4.41
C SER B 539 41.06 45.12 5.89
N PHE B 540 40.00 44.87 6.66
CA PHE B 540 39.96 45.23 8.07
C PHE B 540 39.32 44.15 8.95
N ASP B 541 39.96 43.88 10.08
CA ASP B 541 39.43 42.96 11.08
C ASP B 541 38.99 43.73 12.32
N GLY B 542 37.67 43.90 12.46
CA GLY B 542 37.12 44.64 13.58
C GLY B 542 36.54 43.74 14.65
N ARG B 543 35.41 44.17 15.22
CA ARG B 543 34.74 43.39 16.25
C ARG B 543 34.09 42.16 15.63
N GLY B 544 34.19 41.04 16.34
CA GLY B 544 33.68 39.77 15.88
C GLY B 544 34.74 38.90 15.24
N SER B 545 35.85 39.53 14.83
CA SER B 545 36.97 38.80 14.24
C SER B 545 37.67 37.93 15.29
N GLY B 546 38.37 36.90 14.83
CA GLY B 546 38.97 35.93 15.72
C GLY B 546 40.44 36.17 16.07
N TYR B 547 40.99 35.24 16.84
CA TYR B 547 42.42 35.18 17.19
C TYR B 547 42.97 36.36 18.03
N GLN B 548 42.06 37.13 18.63
CA GLN B 548 42.45 38.30 19.44
C GLN B 548 41.70 38.35 20.77
N GLY B 549 41.24 37.18 21.23
CA GLY B 549 40.53 37.07 22.50
C GLY B 549 39.02 37.02 22.34
N ASP B 550 38.36 36.53 23.39
CA ASP B 550 36.90 36.42 23.45
C ASP B 550 36.21 37.78 23.41
N LYS B 551 36.86 38.79 23.99
CA LYS B 551 36.32 40.15 24.08
C LYS B 551 35.94 40.68 22.70
N ILE B 552 36.91 40.66 21.79
CA ILE B 552 36.72 41.11 20.41
C ILE B 552 35.80 40.15 19.63
N MET B 553 35.96 38.85 19.83
CA MET B 553 35.20 37.85 19.06
C MET B 553 33.73 37.77 19.42
N HIS B 554 33.43 37.73 20.72
CA HIS B 554 32.05 37.60 21.20
C HIS B 554 31.31 38.93 21.25
N ALA B 555 31.88 39.96 20.62
CA ALA B 555 31.28 41.28 20.61
C ALA B 555 29.99 41.33 19.78
N ILE B 556 29.92 40.49 18.75
CA ILE B 556 28.74 40.43 17.88
C ILE B 556 27.78 39.30 18.26
N ASN B 557 27.98 38.72 19.44
CA ASN B 557 27.11 37.66 19.93
C ASN B 557 25.66 38.12 20.05
N ARG B 558 24.77 37.35 19.43
CA ARG B 558 23.33 37.65 19.37
C ARG B 558 23.00 38.93 18.59
N ARG B 559 24.00 39.50 17.94
CA ARG B 559 23.80 40.71 17.14
C ARG B 559 24.66 40.76 15.86
N LEU B 560 24.46 39.77 14.99
CA LEU B 560 25.15 39.72 13.71
C LEU B 560 24.66 40.85 12.79
N GLY B 561 25.61 41.50 12.13
CA GLY B 561 25.30 42.61 11.23
C GLY B 561 25.39 43.98 11.87
N THR B 562 25.81 44.03 13.14
CA THR B 562 25.94 45.29 13.85
C THR B 562 27.39 45.78 13.89
N PHE B 563 28.11 45.40 14.93
CA PHE B 563 29.45 45.93 15.20
C PHE B 563 30.46 45.66 14.09
N GLU B 564 30.43 44.46 13.52
CA GLU B 564 31.35 44.09 12.45
C GLU B 564 31.10 44.91 11.19
N VAL B 565 29.84 45.30 10.98
CA VAL B 565 29.44 46.14 9.85
C VAL B 565 29.83 47.60 10.14
N GLU B 566 29.45 48.07 11.33
CA GLU B 566 29.75 49.42 11.79
C GLU B 566 31.25 49.73 11.78
N ASP B 567 32.05 48.73 12.14
CA ASP B 567 33.51 48.86 12.18
C ASP B 567 34.13 48.93 10.79
N GLN B 568 33.51 48.25 9.82
CA GLN B 568 33.96 48.34 8.44
C GLN B 568 33.80 49.76 7.92
N ILE B 569 32.71 50.41 8.32
CA ILE B 569 32.42 51.79 7.93
C ILE B 569 33.41 52.77 8.58
N GLU B 570 33.54 52.68 9.91
CA GLU B 570 34.39 53.58 10.68
C GLU B 570 35.86 53.50 10.27
N ALA B 571 36.34 52.29 10.00
CA ALA B 571 37.71 52.07 9.57
C ALA B 571 37.98 52.64 8.18
N THR B 572 36.96 52.58 7.31
CA THR B 572 37.05 53.15 5.97
C THR B 572 37.03 54.68 6.01
N ARG B 573 36.27 55.23 6.95
CA ARG B 573 36.28 56.66 7.24
C ARG B 573 37.70 57.12 7.60
N GLN B 574 38.38 56.32 8.41
CA GLN B 574 39.79 56.55 8.77
C GLN B 574 40.70 56.47 7.55
N PHE B 575 40.42 55.50 6.68
CA PHE B 575 41.19 55.34 5.44
C PHE B 575 40.97 56.52 4.49
N SER B 576 39.73 56.98 4.41
CA SER B 576 39.35 58.11 3.55
C SER B 576 39.98 59.43 3.98
N LYS B 577 40.33 59.53 5.27
CA LYS B 577 40.98 60.72 5.82
C LYS B 577 42.40 60.86 5.27
N MET B 578 43.08 59.73 5.11
CA MET B 578 44.43 59.69 4.55
C MET B 578 44.47 60.36 3.17
N GLY B 579 45.46 61.25 2.98
CA GLY B 579 45.55 62.08 1.81
C GLY B 579 45.62 61.39 0.46
N PHE B 580 46.05 60.12 0.45
CA PHE B 580 46.22 59.35 -0.78
C PHE B 580 44.97 58.57 -1.20
N VAL B 581 43.87 58.75 -0.45
CA VAL B 581 42.62 58.06 -0.72
C VAL B 581 41.55 59.01 -1.25
N ASP B 582 41.10 58.76 -2.48
CA ASP B 582 40.03 59.53 -3.10
C ASP B 582 38.69 59.11 -2.51
N ASP B 583 38.08 60.02 -1.75
CA ASP B 583 36.80 59.77 -1.09
C ASP B 583 35.61 59.71 -2.04
N LYS B 584 35.83 60.16 -3.28
CA LYS B 584 34.80 60.12 -4.31
C LYS B 584 34.61 58.70 -4.85
N ARG B 585 35.70 57.92 -4.84
CA ARG B 585 35.70 56.58 -5.40
C ARG B 585 36.06 55.53 -4.35
N ILE B 586 35.10 55.20 -3.50
CA ILE B 586 35.29 54.17 -2.48
C ILE B 586 34.26 53.04 -2.64
N ALA B 587 34.77 51.82 -2.78
CA ALA B 587 33.94 50.64 -2.98
C ALA B 587 34.14 49.60 -1.88
N ILE B 588 33.22 48.64 -1.83
CA ILE B 588 33.28 47.53 -0.87
C ILE B 588 32.79 46.25 -1.55
N TRP B 589 33.53 45.16 -1.38
CA TRP B 589 33.13 43.88 -1.95
C TRP B 589 33.42 42.70 -1.03
N GLY B 590 32.59 41.66 -1.12
CA GLY B 590 32.74 40.48 -0.30
C GLY B 590 32.03 39.25 -0.81
N TRP B 591 32.49 38.09 -0.33
CA TRP B 591 31.97 36.79 -0.72
C TRP B 591 31.27 36.15 0.48
N SER B 592 30.10 35.56 0.24
CA SER B 592 29.28 34.92 1.27
C SER B 592 29.02 35.83 2.48
N TYR B 593 29.70 35.59 3.61
CA TYR B 593 29.53 36.46 4.76
C TYR B 593 30.02 37.86 4.42
N GLY B 594 31.08 37.94 3.63
CA GLY B 594 31.59 39.19 3.10
C GLY B 594 30.58 39.94 2.26
N GLY B 595 29.74 39.21 1.55
CA GLY B 595 28.67 39.78 0.75
C GLY B 595 27.56 40.36 1.61
N TYR B 596 27.27 39.68 2.72
CA TYR B 596 26.29 40.14 3.70
C TYR B 596 26.75 41.47 4.31
N VAL B 597 28.01 41.51 4.75
CA VAL B 597 28.59 42.72 5.30
C VAL B 597 28.58 43.84 4.24
N THR B 598 29.05 43.53 3.03
CA THR B 598 29.00 44.45 1.90
C THR B 598 27.62 45.08 1.74
N SER B 599 26.60 44.22 1.70
CA SER B 599 25.21 44.65 1.55
C SER B 599 24.74 45.52 2.71
N MET B 600 24.99 45.07 3.93
CA MET B 600 24.60 45.81 5.13
C MET B 600 25.29 47.17 5.21
N VAL B 601 26.56 47.21 4.80
CA VAL B 601 27.32 48.44 4.71
C VAL B 601 26.68 49.38 3.69
N LEU B 602 26.30 48.83 2.53
CA LEU B 602 25.71 49.61 1.45
C LEU B 602 24.28 50.05 1.77
N GLY B 603 23.65 49.38 2.73
CA GLY B 603 22.34 49.76 3.21
C GLY B 603 22.41 50.62 4.47
N ALA B 604 23.62 51.02 4.85
CA ALA B 604 23.83 51.78 6.08
C ALA B 604 23.42 53.26 5.97
N GLY B 605 23.61 53.83 4.79
CA GLY B 605 23.35 55.25 4.58
C GLY B 605 24.50 56.10 5.06
N SER B 606 25.70 55.54 5.00
CA SER B 606 26.90 56.19 5.52
C SER B 606 27.43 57.29 4.60
N GLY B 607 27.08 57.20 3.32
CA GLY B 607 27.56 58.12 2.30
C GLY B 607 29.02 57.91 1.95
N VAL B 608 29.69 57.04 2.70
CA VAL B 608 31.11 56.74 2.50
C VAL B 608 31.36 56.01 1.18
N PHE B 609 30.55 54.98 0.91
CA PHE B 609 30.77 54.10 -0.23
C PHE B 609 29.93 54.47 -1.45
N LYS B 610 30.59 54.58 -2.59
CA LYS B 610 29.93 54.89 -3.86
C LYS B 610 29.23 53.67 -4.47
N CYS B 611 29.84 52.50 -4.30
CA CYS B 611 29.33 51.26 -4.88
C CYS B 611 29.90 50.02 -4.19
N GLY B 612 29.30 48.86 -4.48
CA GLY B 612 29.77 47.62 -3.93
C GLY B 612 29.25 46.39 -4.65
N ILE B 613 29.99 45.28 -4.51
CA ILE B 613 29.61 44.00 -5.09
C ILE B 613 29.43 42.97 -3.99
N ALA B 614 28.27 42.32 -3.97
CA ALA B 614 28.01 41.23 -3.04
C ALA B 614 27.85 39.93 -3.81
N VAL B 615 28.71 38.96 -3.49
CA VAL B 615 28.69 37.66 -4.14
C VAL B 615 28.18 36.59 -3.18
N ALA B 616 27.11 35.91 -3.61
CA ALA B 616 26.47 34.84 -2.85
C ALA B 616 26.25 35.18 -1.36
N PRO B 617 25.61 36.32 -1.08
CA PRO B 617 25.47 36.78 0.31
C PRO B 617 24.27 36.19 1.04
N VAL B 618 24.40 36.09 2.36
CA VAL B 618 23.26 35.93 3.24
C VAL B 618 22.51 37.27 3.20
N SER B 619 21.18 37.19 3.15
CA SER B 619 20.37 38.40 3.17
C SER B 619 19.50 38.44 4.42
N LYS B 620 19.16 37.25 4.92
CA LYS B 620 18.28 37.08 6.06
C LYS B 620 18.73 35.83 6.79
N TRP B 621 18.94 35.94 8.10
CA TRP B 621 19.56 34.88 8.87
C TRP B 621 18.67 33.66 9.10
N GLU B 622 17.36 33.86 9.03
CA GLU B 622 16.39 32.77 9.09
C GLU B 622 16.51 31.83 7.90
N TYR B 623 17.19 32.30 6.84
CA TYR B 623 17.39 31.51 5.62
C TYR B 623 18.61 30.60 5.71
N TYR B 624 19.55 30.93 6.59
CA TYR B 624 20.77 30.14 6.72
C TYR B 624 20.63 29.00 7.74
N ASP B 625 21.53 28.02 7.69
CA ASP B 625 21.37 26.79 8.47
C ASP B 625 21.41 27.00 9.99
N SER B 626 20.91 26.01 10.71
CA SER B 626 20.76 26.06 12.16
C SER B 626 22.09 26.15 12.93
N VAL B 627 23.03 25.26 12.62
CA VAL B 627 24.26 25.14 13.39
C VAL B 627 25.04 26.45 13.42
N TYR B 628 25.27 27.02 12.24
CA TYR B 628 26.04 28.26 12.13
C TYR B 628 25.28 29.43 12.73
N THR B 629 24.02 29.62 12.32
CA THR B 629 23.22 30.78 12.69
C THR B 629 22.93 30.83 14.20
N GLU B 630 22.36 29.76 14.72
CA GLU B 630 21.98 29.70 16.14
C GLU B 630 23.17 29.85 17.07
N ARG B 631 24.35 29.42 16.60
CA ARG B 631 25.60 29.60 17.33
C ARG B 631 25.79 31.05 17.77
N TYR B 632 25.58 31.98 16.84
CA TYR B 632 25.83 33.39 17.09
C TYR B 632 24.57 34.18 17.37
N MET B 633 23.43 33.65 16.96
CA MET B 633 22.17 34.41 16.97
C MET B 633 21.07 33.82 17.86
N GLY B 634 21.31 32.63 18.40
CA GLY B 634 20.30 31.93 19.16
C GLY B 634 19.14 31.50 18.29
N LEU B 635 17.96 31.34 18.90
CA LEU B 635 16.76 30.94 18.17
C LEU B 635 15.94 32.15 17.71
N PRO B 636 15.33 32.07 16.52
CA PRO B 636 14.49 33.16 16.00
C PRO B 636 13.05 33.09 16.50
N THR B 637 12.87 33.04 17.82
CA THR B 637 11.57 33.08 18.46
C THR B 637 11.44 34.36 19.28
N PRO B 638 10.21 34.86 19.46
CA PRO B 638 9.99 36.06 20.29
C PRO B 638 10.47 35.88 21.74
N GLU B 639 10.50 34.64 22.22
CA GLU B 639 11.04 34.30 23.53
C GLU B 639 12.56 34.43 23.59
N ASP B 640 13.20 34.43 22.42
CA ASP B 640 14.65 34.46 22.33
C ASP B 640 15.17 35.74 21.64
N ASN B 641 15.61 35.60 20.39
CA ASN B 641 16.32 36.68 19.71
C ASN B 641 15.73 37.08 18.35
N LEU B 642 14.41 36.93 18.21
CA LEU B 642 13.70 37.27 16.97
C LEU B 642 13.86 38.74 16.56
N ASP B 643 13.84 39.63 17.55
CA ASP B 643 13.99 41.07 17.30
C ASP B 643 15.29 41.39 16.58
N TYR B 644 16.37 40.71 16.99
CA TYR B 644 17.67 40.91 16.37
C TYR B 644 17.83 40.14 15.05
N TYR B 645 16.98 39.14 14.83
CA TYR B 645 16.88 38.46 13.55
C TYR B 645 16.21 39.36 12.53
N ARG B 646 15.17 40.07 12.98
CA ARG B 646 14.32 40.89 12.10
C ARG B 646 15.04 42.15 11.60
N ASN B 647 15.78 42.81 12.48
CA ASN B 647 16.44 44.07 12.12
C ASN B 647 17.89 43.91 11.62
N SER B 648 18.25 42.69 11.25
CA SER B 648 19.59 42.40 10.72
C SER B 648 19.56 41.89 9.28
N THR B 649 18.36 41.83 8.69
CA THR B 649 18.22 41.49 7.27
C THR B 649 18.69 42.66 6.42
N VAL B 650 19.19 42.36 5.23
CA VAL B 650 19.57 43.41 4.28
C VAL B 650 18.33 44.11 3.73
N MET B 651 17.23 43.36 3.63
CA MET B 651 15.94 43.89 3.17
C MET B 651 15.42 45.05 4.04
N SER B 652 15.73 45.00 5.34
CA SER B 652 15.34 46.06 6.27
C SER B 652 16.05 47.40 5.98
N ARG B 653 17.12 47.34 5.19
CA ARG B 653 17.87 48.53 4.79
C ARG B 653 17.77 48.78 3.29
N ALA B 654 16.72 48.23 2.65
CA ALA B 654 16.53 48.35 1.21
C ALA B 654 16.43 49.79 0.74
N GLU B 655 15.77 50.63 1.55
CA GLU B 655 15.57 52.04 1.26
C GLU B 655 16.88 52.83 1.04
N ASN B 656 17.91 52.50 1.80
CA ASN B 656 19.18 53.19 1.74
C ASN B 656 20.07 52.79 0.56
N PHE B 657 19.58 51.88 -0.28
CA PHE B 657 20.33 51.40 -1.44
C PHE B 657 20.24 52.34 -2.64
N LYS B 658 19.31 53.30 -2.57
CA LYS B 658 19.06 54.25 -3.65
C LYS B 658 20.26 55.15 -3.95
N GLN B 659 21.13 55.34 -2.95
CA GLN B 659 22.32 56.17 -3.10
C GLN B 659 23.47 55.44 -3.78
N VAL B 660 23.57 54.13 -3.53
CA VAL B 660 24.72 53.34 -3.98
C VAL B 660 24.48 52.54 -5.26
N GLU B 661 25.56 52.24 -5.97
CA GLU B 661 25.51 51.36 -7.14
C GLU B 661 25.78 49.94 -6.67
N TYR B 662 24.76 49.09 -6.75
CA TYR B 662 24.82 47.76 -6.17
C TYR B 662 24.89 46.66 -7.21
N LEU B 663 25.83 45.73 -7.04
CA LEU B 663 25.93 44.52 -7.85
C LEU B 663 25.70 43.30 -6.96
N LEU B 664 24.60 42.59 -7.21
CA LEU B 664 24.26 41.37 -6.50
C LEU B 664 24.52 40.16 -7.39
N ILE B 665 25.39 39.25 -6.93
CA ILE B 665 25.75 38.06 -7.70
C ILE B 665 25.48 36.79 -6.88
N HIS B 666 24.86 35.79 -7.52
CA HIS B 666 24.52 34.54 -6.86
C HIS B 666 24.45 33.38 -7.85
N GLY B 667 24.94 32.22 -7.44
CA GLY B 667 24.80 31.00 -8.22
C GLY B 667 23.46 30.35 -7.94
N THR B 668 22.81 29.84 -8.98
CA THR B 668 21.47 29.27 -8.82
C THR B 668 21.46 27.93 -8.10
N ALA B 669 22.58 27.20 -8.21
CA ALA B 669 22.70 25.90 -7.55
C ALA B 669 23.44 25.97 -6.22
N ASP B 670 23.38 27.13 -5.58
CA ASP B 670 24.03 27.32 -4.28
C ASP B 670 23.28 26.57 -3.18
N ASP B 671 23.93 25.52 -2.69
CA ASP B 671 23.36 24.64 -1.67
C ASP B 671 23.61 25.19 -0.26
N ASN B 672 24.51 26.17 -0.17
CA ASN B 672 24.99 26.69 1.10
C ASN B 672 24.15 27.90 1.48
N VAL B 673 24.47 29.05 0.89
CA VAL B 673 23.64 30.23 0.97
C VAL B 673 22.71 30.13 -0.25
N HIS B 674 21.46 29.73 -0.02
CA HIS B 674 20.54 29.44 -1.13
C HIS B 674 20.20 30.65 -1.98
N PHE B 675 20.02 30.43 -3.28
CA PHE B 675 19.66 31.49 -4.23
C PHE B 675 18.50 32.31 -3.70
N GLN B 676 17.62 31.65 -2.94
CA GLN B 676 16.53 32.30 -2.20
C GLN B 676 16.98 33.60 -1.54
N GLN B 677 18.13 33.57 -0.89
CA GLN B 677 18.69 34.72 -0.19
C GLN B 677 18.81 35.97 -1.07
N SER B 678 19.42 35.81 -2.26
CA SER B 678 19.57 36.92 -3.21
C SER B 678 18.26 37.24 -3.94
N ALA B 679 17.44 36.20 -4.15
CA ALA B 679 16.15 36.37 -4.80
C ALA B 679 15.22 37.24 -3.96
N GLN B 680 15.13 36.91 -2.68
CA GLN B 680 14.29 37.67 -1.74
C GLN B 680 14.81 39.09 -1.53
N LEU B 681 16.14 39.23 -1.54
CA LEU B 681 16.78 40.54 -1.41
C LEU B 681 16.43 41.44 -2.59
N SER B 682 16.63 40.91 -3.81
CA SER B 682 16.35 41.64 -5.03
C SER B 682 14.89 42.08 -5.09
N LYS B 683 13.99 41.21 -4.63
CA LYS B 683 12.56 41.49 -4.59
C LYS B 683 12.24 42.69 -3.69
N ALA B 684 12.94 42.80 -2.56
CA ALA B 684 12.74 43.91 -1.63
C ALA B 684 13.35 45.23 -2.12
N LEU B 685 14.33 45.13 -3.02
CA LEU B 685 14.89 46.33 -3.65
C LEU B 685 14.00 46.80 -4.80
N VAL B 686 13.42 45.84 -5.52
CA VAL B 686 12.46 46.12 -6.59
C VAL B 686 11.25 46.82 -5.99
N ASP B 687 10.74 46.25 -4.90
CA ASP B 687 9.61 46.81 -4.14
C ASP B 687 9.87 48.22 -3.62
N ALA B 688 11.08 48.46 -3.13
CA ALA B 688 11.48 49.76 -2.61
C ALA B 688 11.75 50.79 -3.72
N GLY B 689 11.79 50.33 -4.97
CA GLY B 689 12.03 51.19 -6.11
C GLY B 689 13.50 51.52 -6.29
N VAL B 690 14.36 50.66 -5.76
CA VAL B 690 15.81 50.83 -5.88
C VAL B 690 16.30 50.24 -7.19
N ASP B 691 17.07 51.01 -7.95
CA ASP B 691 17.77 50.45 -9.10
C ASP B 691 19.09 49.85 -8.65
N PHE B 692 19.43 48.71 -9.23
CA PHE B 692 20.62 47.96 -8.88
C PHE B 692 20.94 46.97 -10.00
N GLN B 693 22.16 46.45 -10.00
CA GLN B 693 22.57 45.47 -10.98
C GLN B 693 22.55 44.06 -10.36
N THR B 694 22.35 43.07 -11.23
CA THR B 694 22.24 41.69 -10.80
C THR B 694 22.99 40.77 -11.75
N MET B 695 23.44 39.63 -11.23
CA MET B 695 24.07 38.59 -12.05
C MET B 695 23.88 37.21 -11.42
N TRP B 696 23.03 36.40 -12.05
CA TRP B 696 22.90 35.01 -11.64
C TRP B 696 23.93 34.16 -12.37
N TYR B 697 24.33 33.06 -11.74
CA TYR B 697 25.20 32.09 -12.39
C TYR B 697 24.58 30.69 -12.38
N THR B 698 24.24 30.22 -13.58
CA THR B 698 23.50 28.99 -13.77
C THR B 698 24.31 27.76 -13.34
N ASP B 699 23.73 27.00 -12.41
CA ASP B 699 24.27 25.73 -11.93
C ASP B 699 25.57 25.84 -11.13
N GLU B 700 25.95 27.07 -10.78
CA GLU B 700 27.12 27.30 -9.96
C GLU B 700 26.73 27.27 -8.49
N ASP B 701 27.58 26.66 -7.68
CA ASP B 701 27.34 26.59 -6.24
C ASP B 701 28.02 27.76 -5.50
N HIS B 702 28.28 27.59 -4.21
CA HIS B 702 28.78 28.67 -3.36
C HIS B 702 30.15 29.24 -3.76
N GLY B 703 30.99 28.39 -4.35
CA GLY B 703 32.30 28.80 -4.76
C GLY B 703 32.34 29.47 -6.12
N ILE B 704 31.27 29.35 -6.90
CA ILE B 704 31.25 29.76 -8.30
C ILE B 704 32.61 29.43 -8.91
N ALA B 705 32.98 28.16 -8.78
CA ALA B 705 34.38 27.72 -8.95
C ALA B 705 34.66 26.98 -10.26
N SER B 706 33.64 26.78 -11.09
CA SER B 706 33.86 26.23 -12.42
C SER B 706 34.71 27.20 -13.23
N ASN B 707 35.56 26.65 -14.10
CA ASN B 707 36.55 27.42 -14.84
C ASN B 707 36.02 28.67 -15.53
N MET B 708 34.98 28.50 -16.35
CA MET B 708 34.43 29.60 -17.14
C MET B 708 33.66 30.63 -16.29
N ALA B 709 32.99 30.15 -15.25
CA ALA B 709 32.28 31.02 -14.31
C ALA B 709 33.24 31.86 -13.47
N HIS B 710 34.28 31.21 -12.95
CA HIS B 710 35.35 31.88 -12.22
C HIS B 710 35.92 33.02 -13.06
N GLN B 711 36.21 32.73 -14.33
CA GLN B 711 36.71 33.72 -15.29
C GLN B 711 35.71 34.84 -15.50
N HIS B 712 34.44 34.48 -15.67
CA HIS B 712 33.38 35.42 -15.98
C HIS B 712 33.07 36.41 -14.87
N ILE B 713 32.90 35.89 -13.65
CA ILE B 713 32.52 36.71 -12.49
C ILE B 713 33.55 37.81 -12.19
N TYR B 714 34.84 37.46 -12.27
CA TYR B 714 35.89 38.44 -12.01
C TYR B 714 36.03 39.43 -13.17
N THR B 715 35.81 38.95 -14.40
CA THR B 715 35.76 39.83 -15.56
C THR B 715 34.63 40.84 -15.40
N HIS B 716 33.43 40.34 -15.06
CA HIS B 716 32.24 41.18 -14.87
C HIS B 716 32.35 42.13 -13.66
N MET B 717 33.02 41.68 -12.61
CA MET B 717 33.21 42.51 -11.41
C MET B 717 34.21 43.63 -11.66
N SER B 718 35.19 43.35 -12.53
CA SER B 718 36.20 44.34 -12.91
C SER B 718 35.57 45.46 -13.72
N HIS B 719 34.70 45.09 -14.66
CA HIS B 719 33.97 46.04 -15.49
C HIS B 719 33.10 46.96 -14.64
N PHE B 720 32.37 46.37 -13.69
CA PHE B 720 31.52 47.11 -12.77
C PHE B 720 32.34 48.05 -11.87
N LEU B 721 33.47 47.55 -11.38
CA LEU B 721 34.37 48.35 -10.54
C LEU B 721 34.97 49.54 -11.30
N LYS B 722 35.35 49.30 -12.55
CA LYS B 722 35.94 50.34 -13.40
C LYS B 722 34.91 51.40 -13.78
N GLN B 723 33.69 50.99 -14.08
CA GLN B 723 32.60 51.90 -14.42
C GLN B 723 32.27 52.83 -13.26
N CYS B 724 32.26 52.26 -12.06
CA CYS B 724 31.99 53.00 -10.83
C CYS B 724 33.13 53.96 -10.51
N PHE B 725 34.36 53.53 -10.78
CA PHE B 725 35.55 54.31 -10.48
C PHE B 725 35.96 55.24 -11.63
N SER B 726 35.12 55.30 -12.67
CA SER B 726 35.38 56.09 -13.89
C SER B 726 36.78 55.80 -14.46
N LEU B 727 37.10 54.51 -14.55
CA LEU B 727 38.43 54.07 -15.01
C LEU B 727 38.36 53.50 -16.43
N PRO B 728 39.28 53.94 -17.30
CA PRO B 728 39.36 53.43 -18.67
C PRO B 728 39.98 52.03 -18.75
N SER C 1 -49.02 -63.25 -4.91
CA SER C 1 -48.39 -62.79 -3.64
C SER C 1 -48.28 -61.27 -3.57
N ARG C 2 -47.89 -60.66 -4.70
CA ARG C 2 -47.79 -59.20 -4.88
C ARG C 2 -46.57 -58.53 -4.22
N ARG C 3 -45.88 -57.72 -5.01
CA ARG C 3 -44.69 -56.98 -4.58
C ARG C 3 -45.01 -55.89 -3.55
N THR C 4 -44.00 -55.47 -2.80
CA THR C 4 -44.09 -54.30 -1.92
C THR C 4 -43.17 -53.20 -2.41
N TYR C 5 -43.55 -51.95 -2.16
CA TYR C 5 -42.72 -50.78 -2.46
C TYR C 5 -41.49 -50.80 -1.55
N THR C 6 -40.34 -51.13 -2.13
CA THR C 6 -39.11 -51.32 -1.36
C THR C 6 -38.31 -50.02 -1.21
N LEU C 7 -37.19 -50.11 -0.49
CA LEU C 7 -36.26 -48.98 -0.37
C LEU C 7 -35.61 -48.68 -1.71
N THR C 8 -35.17 -49.73 -2.41
CA THR C 8 -34.59 -49.61 -3.75
C THR C 8 -35.54 -48.93 -4.73
N ASP C 9 -36.84 -49.22 -4.59
CA ASP C 9 -37.87 -48.57 -5.40
C ASP C 9 -37.87 -47.05 -5.21
N TYR C 10 -37.73 -46.62 -3.97
CA TYR C 10 -37.68 -45.19 -3.64
C TYR C 10 -36.34 -44.55 -4.02
N LEU C 11 -35.25 -45.23 -3.66
CA LEU C 11 -33.90 -44.69 -3.84
C LEU C 11 -33.48 -44.56 -5.30
N LYS C 12 -33.84 -45.55 -6.12
CA LYS C 12 -33.48 -45.56 -7.54
C LYS C 12 -34.60 -45.02 -8.43
N SER C 13 -35.71 -44.64 -7.81
CA SER C 13 -36.88 -44.07 -8.50
C SER C 13 -37.37 -44.93 -9.67
N THR C 14 -37.54 -46.24 -9.43
CA THR C 14 -38.01 -47.17 -10.46
C THR C 14 -39.48 -46.90 -10.84
N PHE C 15 -40.23 -46.34 -9.89
CA PHE C 15 -41.59 -45.87 -10.15
C PHE C 15 -41.54 -44.38 -10.45
N ARG C 16 -41.44 -44.05 -11.73
CA ARG C 16 -41.27 -42.66 -12.17
C ARG C 16 -42.58 -41.90 -12.28
N VAL C 17 -42.69 -40.82 -11.51
CA VAL C 17 -43.81 -39.89 -11.63
C VAL C 17 -43.48 -38.89 -12.73
N LYS C 18 -44.36 -38.81 -13.73
CA LYS C 18 -44.17 -37.92 -14.87
C LYS C 18 -44.85 -36.58 -14.66
N PHE C 19 -44.41 -35.57 -15.41
CA PHE C 19 -45.00 -34.24 -15.34
C PHE C 19 -45.08 -33.59 -16.73
N TYR C 20 -45.64 -32.37 -16.77
CA TYR C 20 -45.73 -31.62 -18.01
C TYR C 20 -45.31 -30.17 -17.79
N THR C 21 -44.05 -29.87 -18.10
CA THR C 21 -43.55 -28.50 -18.00
C THR C 21 -43.67 -27.80 -19.35
N LEU C 22 -44.39 -26.69 -19.36
CA LEU C 22 -44.54 -25.89 -20.56
C LEU C 22 -44.19 -24.42 -20.32
N GLN C 23 -43.93 -23.70 -21.39
CA GLN C 23 -43.59 -22.28 -21.33
C GLN C 23 -44.52 -21.46 -22.22
N TRP C 24 -45.41 -20.69 -21.60
CA TRP C 24 -46.33 -19.81 -22.32
C TRP C 24 -45.56 -18.67 -22.98
N ILE C 25 -45.63 -18.59 -24.30
CA ILE C 25 -44.92 -17.57 -25.07
C ILE C 25 -45.87 -16.60 -25.81
N SER C 26 -47.17 -16.85 -25.69
CA SER C 26 -48.19 -15.94 -26.17
C SER C 26 -49.48 -16.14 -25.36
N ASP C 27 -50.58 -15.55 -25.82
CA ASP C 27 -51.87 -15.72 -25.13
C ASP C 27 -52.59 -17.01 -25.55
N HIS C 28 -52.04 -17.73 -26.53
CA HIS C 28 -52.62 -18.99 -27.00
C HIS C 28 -51.58 -20.03 -27.44
N GLU C 29 -50.30 -19.70 -27.29
CA GLU C 29 -49.23 -20.62 -27.66
C GLU C 29 -48.30 -20.94 -26.49
N TYR C 30 -47.82 -22.18 -26.45
CA TYR C 30 -46.82 -22.57 -25.46
C TYR C 30 -45.78 -23.53 -26.04
N LEU C 31 -44.61 -23.56 -25.41
CA LEU C 31 -43.53 -24.47 -25.81
C LEU C 31 -43.43 -25.66 -24.88
N TYR C 32 -43.03 -26.80 -25.44
CA TYR C 32 -42.87 -28.03 -24.67
C TYR C 32 -41.66 -28.81 -25.15
N LYS C 33 -40.81 -29.22 -24.21
CA LYS C 33 -39.63 -30.02 -24.51
C LYS C 33 -39.94 -31.50 -24.29
N GLN C 34 -39.90 -32.27 -25.37
CA GLN C 34 -40.07 -33.72 -25.31
C GLN C 34 -38.90 -34.40 -25.99
N GLU C 35 -38.13 -35.15 -25.20
CA GLU C 35 -36.91 -35.81 -25.67
C GLU C 35 -36.02 -34.86 -26.48
N ASN C 36 -35.72 -33.71 -25.87
CA ASN C 36 -34.88 -32.65 -26.45
C ASN C 36 -35.45 -31.94 -27.69
N ASN C 37 -36.70 -32.23 -28.03
CA ASN C 37 -37.39 -31.53 -29.09
C ASN C 37 -38.28 -30.41 -28.52
N ILE C 38 -38.07 -29.18 -28.99
CA ILE C 38 -38.90 -28.06 -28.59
C ILE C 38 -40.08 -27.93 -29.55
N LEU C 39 -41.29 -28.18 -29.04
CA LEU C 39 -42.50 -28.17 -29.85
C LEU C 39 -43.39 -26.97 -29.51
N LEU C 40 -43.97 -26.37 -30.53
CA LEU C 40 -44.89 -25.24 -30.35
C LEU C 40 -46.35 -25.69 -30.45
N PHE C 41 -47.02 -25.73 -29.31
CA PHE C 41 -48.42 -26.13 -29.25
C PHE C 41 -49.34 -24.93 -29.32
N ASN C 42 -50.42 -25.07 -30.09
CA ASN C 42 -51.45 -24.06 -30.21
C ASN C 42 -52.68 -24.48 -29.41
N ALA C 43 -52.99 -23.72 -28.36
CA ALA C 43 -54.10 -24.05 -27.45
C ALA C 43 -55.47 -23.84 -28.10
N GLU C 44 -55.52 -22.94 -29.07
CA GLU C 44 -56.75 -22.58 -29.77
C GLU C 44 -57.32 -23.73 -30.60
N TYR C 45 -56.44 -24.55 -31.17
CA TYR C 45 -56.84 -25.65 -32.04
C TYR C 45 -56.32 -27.01 -31.59
N GLY C 46 -55.02 -27.09 -31.32
CA GLY C 46 -54.39 -28.33 -30.90
C GLY C 46 -53.26 -28.78 -31.81
N ASN C 47 -53.08 -28.07 -32.92
CA ASN C 47 -52.01 -28.37 -33.86
C ASN C 47 -50.65 -27.94 -33.33
N SER C 48 -49.65 -28.79 -33.56
CA SER C 48 -48.29 -28.51 -33.11
C SER C 48 -47.29 -28.58 -34.26
N SER C 49 -46.27 -27.71 -34.19
CA SER C 49 -45.19 -27.69 -35.17
C SER C 49 -43.84 -27.62 -34.46
N ILE C 50 -42.86 -28.35 -34.97
CA ILE C 50 -41.53 -28.41 -34.36
C ILE C 50 -40.81 -27.06 -34.43
N PHE C 51 -40.50 -26.51 -33.26
CA PHE C 51 -39.80 -25.23 -33.14
C PHE C 51 -38.30 -25.41 -33.25
N LEU C 52 -37.78 -26.45 -32.60
CA LEU C 52 -36.37 -26.81 -32.66
C LEU C 52 -36.18 -28.31 -32.44
N GLU C 53 -35.42 -28.93 -33.34
CA GLU C 53 -35.22 -30.39 -33.33
C GLU C 53 -34.13 -30.83 -32.34
N ASN C 54 -34.26 -32.05 -31.84
CA ASN C 54 -33.28 -32.63 -30.91
C ASN C 54 -31.89 -32.82 -31.54
N SER C 55 -31.85 -32.84 -32.86
CA SER C 55 -30.60 -32.87 -33.61
C SER C 55 -29.77 -31.60 -33.34
N THR C 56 -30.43 -30.44 -33.34
CA THR C 56 -29.79 -29.14 -33.10
C THR C 56 -29.18 -29.03 -31.69
N PHE C 57 -29.54 -29.98 -30.82
CA PHE C 57 -28.96 -30.07 -29.48
C PHE C 57 -27.64 -30.84 -29.52
N ASP C 58 -27.64 -31.94 -30.28
CA ASP C 58 -26.47 -32.83 -30.40
C ASP C 58 -25.23 -32.13 -30.94
N GLU C 59 -25.44 -31.21 -31.90
CA GLU C 59 -24.35 -30.50 -32.56
C GLU C 59 -23.55 -29.59 -31.62
N LEU C 60 -24.20 -29.08 -30.58
CA LEU C 60 -23.58 -28.12 -29.66
C LEU C 60 -22.38 -28.68 -28.90
N GLY C 61 -22.37 -30.00 -28.69
CA GLY C 61 -21.26 -30.68 -28.04
C GLY C 61 -21.39 -30.82 -26.54
N TYR C 62 -22.35 -30.10 -25.96
CA TYR C 62 -22.59 -30.13 -24.51
C TYR C 62 -23.98 -30.63 -24.15
N SER C 63 -24.13 -31.08 -22.91
CA SER C 63 -25.42 -31.50 -22.36
C SER C 63 -26.22 -30.27 -21.93
N THR C 64 -27.32 -29.99 -22.64
CA THR C 64 -28.14 -28.82 -22.38
C THR C 64 -29.20 -29.10 -21.32
N ASN C 65 -29.21 -28.28 -20.27
CA ASN C 65 -30.14 -28.48 -19.16
C ASN C 65 -31.39 -27.59 -19.19
N ASP C 66 -31.27 -26.40 -19.79
CA ASP C 66 -32.41 -25.47 -19.89
C ASP C 66 -32.34 -24.59 -21.14
N TYR C 67 -33.50 -24.10 -21.57
CA TYR C 67 -33.62 -23.25 -22.74
C TYR C 67 -34.52 -22.04 -22.46
N SER C 68 -34.25 -20.93 -23.14
CA SER C 68 -35.05 -19.72 -23.01
C SER C 68 -35.22 -19.01 -24.35
N VAL C 69 -36.44 -19.03 -24.88
CA VAL C 69 -36.76 -18.41 -26.16
C VAL C 69 -37.18 -16.95 -25.95
N SER C 70 -36.54 -16.06 -26.68
CA SER C 70 -36.87 -14.63 -26.65
C SER C 70 -38.33 -14.41 -27.05
N PRO C 71 -39.01 -13.47 -26.38
CA PRO C 71 -40.42 -13.17 -26.65
C PRO C 71 -40.75 -12.85 -28.11
N ASP C 72 -39.76 -12.40 -28.88
CA ASP C 72 -39.95 -12.14 -30.31
C ASP C 72 -39.67 -13.37 -31.19
N ARG C 73 -39.18 -14.43 -30.55
CA ARG C 73 -38.92 -15.74 -31.18
C ARG C 73 -37.82 -15.72 -32.24
N GLN C 74 -37.01 -14.66 -32.25
CA GLN C 74 -35.89 -14.54 -33.18
C GLN C 74 -34.64 -15.24 -32.66
N PHE C 75 -34.61 -15.46 -31.34
CA PHE C 75 -33.44 -16.07 -30.70
C PHE C 75 -33.84 -17.05 -29.60
N ILE C 76 -32.93 -17.98 -29.30
CA ILE C 76 -33.09 -18.93 -28.20
C ILE C 76 -31.78 -19.02 -27.43
N LEU C 77 -31.90 -19.01 -26.10
CA LEU C 77 -30.75 -19.10 -25.21
C LEU C 77 -30.60 -20.54 -24.72
N PHE C 78 -29.35 -21.00 -24.62
CA PHE C 78 -29.06 -22.35 -24.13
C PHE C 78 -28.28 -22.31 -22.83
N GLU C 79 -28.79 -23.02 -21.83
CA GLU C 79 -28.15 -23.10 -20.52
C GLU C 79 -27.40 -24.42 -20.37
N TYR C 80 -26.11 -24.33 -20.11
CA TYR C 80 -25.27 -25.52 -19.89
C TYR C 80 -24.13 -25.17 -18.94
N ASN C 81 -23.39 -26.20 -18.50
CA ASN C 81 -22.31 -26.05 -17.52
C ASN C 81 -22.83 -25.55 -16.17
N TYR C 82 -23.97 -26.10 -15.76
CA TYR C 82 -24.65 -25.78 -14.52
C TYR C 82 -23.74 -26.03 -13.32
N VAL C 83 -23.42 -24.96 -12.58
CA VAL C 83 -22.65 -25.08 -11.34
C VAL C 83 -23.50 -24.60 -10.16
N LYS C 84 -24.08 -25.55 -9.44
CA LYS C 84 -24.95 -25.26 -8.31
C LYS C 84 -24.22 -24.48 -7.21
N GLN C 85 -24.88 -23.46 -6.67
CA GLN C 85 -24.38 -22.73 -5.51
C GLN C 85 -25.29 -23.02 -4.30
N TRP C 86 -26.27 -22.16 -4.04
CA TRP C 86 -27.18 -22.36 -2.91
C TRP C 86 -28.51 -22.95 -3.38
N ARG C 87 -29.61 -22.66 -2.67
CA ARG C 87 -30.90 -23.26 -2.97
C ARG C 87 -31.38 -22.96 -4.39
N HIS C 88 -31.24 -21.71 -4.83
CA HIS C 88 -31.72 -21.28 -6.15
C HIS C 88 -30.59 -20.78 -7.05
N SER C 89 -29.48 -20.38 -6.44
CA SER C 89 -28.36 -19.79 -7.16
C SER C 89 -27.47 -20.81 -7.86
N TYR C 90 -26.93 -20.40 -9.01
CA TYR C 90 -25.95 -21.19 -9.75
C TYR C 90 -25.26 -20.31 -10.78
N THR C 91 -24.08 -20.74 -11.21
CA THR C 91 -23.44 -20.17 -12.38
C THR C 91 -23.56 -21.17 -13.53
N ALA C 92 -23.71 -20.66 -14.74
CA ALA C 92 -23.82 -21.48 -15.94
C ALA C 92 -23.26 -20.74 -17.15
N SER C 93 -23.01 -21.48 -18.22
CA SER C 93 -22.55 -20.93 -19.47
C SER C 93 -23.72 -20.81 -20.44
N TYR C 94 -23.67 -19.84 -21.34
CA TYR C 94 -24.79 -19.56 -22.23
C TYR C 94 -24.39 -19.35 -23.69
N ASP C 95 -25.17 -19.95 -24.57
CA ASP C 95 -25.00 -19.79 -26.01
C ASP C 95 -26.31 -19.32 -26.61
N ILE C 96 -26.23 -18.31 -27.48
CA ILE C 96 -27.41 -17.78 -28.17
C ILE C 96 -27.49 -18.31 -29.60
N TYR C 97 -28.67 -18.77 -29.98
CA TYR C 97 -28.90 -19.33 -31.31
C TYR C 97 -29.85 -18.43 -32.10
N ASP C 98 -29.42 -18.05 -33.31
CA ASP C 98 -30.22 -17.19 -34.20
C ASP C 98 -31.23 -18.05 -34.96
N LEU C 99 -32.51 -17.85 -34.67
CA LEU C 99 -33.58 -18.65 -35.29
C LEU C 99 -33.91 -18.21 -36.72
N ASN C 100 -33.34 -17.08 -37.15
CA ASN C 100 -33.58 -16.53 -38.47
C ASN C 100 -32.51 -16.97 -39.49
N LYS C 101 -31.25 -17.00 -39.05
CA LYS C 101 -30.14 -17.45 -39.88
C LYS C 101 -29.74 -18.89 -39.56
N ARG C 102 -30.33 -19.44 -38.50
CA ARG C 102 -30.14 -20.83 -38.08
C ARG C 102 -28.69 -21.19 -37.75
N GLN C 103 -28.01 -20.30 -37.02
CA GLN C 103 -26.63 -20.50 -36.60
C GLN C 103 -26.34 -19.91 -35.22
N LEU C 104 -25.26 -20.38 -34.60
CA LEU C 104 -24.87 -19.98 -33.25
C LEU C 104 -24.02 -18.70 -33.26
N ILE C 105 -24.31 -17.81 -32.32
CA ILE C 105 -23.56 -16.57 -32.15
C ILE C 105 -22.21 -16.88 -31.49
N THR C 106 -21.13 -16.53 -32.19
CA THR C 106 -19.78 -16.83 -31.71
C THR C 106 -18.98 -15.56 -31.40
N GLU C 107 -19.55 -14.41 -31.74
CA GLU C 107 -18.93 -13.11 -31.48
C GLU C 107 -19.53 -12.45 -30.23
N GLU C 108 -18.65 -11.88 -29.40
CA GLU C 108 -19.03 -11.25 -28.12
C GLU C 108 -20.05 -12.08 -27.34
N ARG C 109 -19.65 -13.31 -27.01
CA ARG C 109 -20.52 -14.27 -26.32
C ARG C 109 -20.71 -13.92 -24.85
N ILE C 110 -21.73 -14.53 -24.24
CA ILE C 110 -21.98 -14.39 -22.81
C ILE C 110 -20.90 -15.12 -22.00
N PRO C 111 -20.27 -14.39 -21.07
CA PRO C 111 -19.15 -14.92 -20.29
C PRO C 111 -19.46 -16.22 -19.56
N ASN C 112 -18.41 -17.00 -19.31
CA ASN C 112 -18.53 -18.24 -18.54
C ASN C 112 -18.64 -17.89 -17.05
N ASN C 113 -19.39 -18.71 -16.32
CA ASN C 113 -19.71 -18.46 -14.90
C ASN C 113 -20.70 -17.29 -14.74
N THR C 114 -21.69 -17.24 -15.62
CA THR C 114 -22.74 -16.22 -15.55
C THR C 114 -23.72 -16.57 -14.43
N GLN C 115 -23.96 -15.61 -13.55
CA GLN C 115 -24.77 -15.82 -12.35
C GLN C 115 -26.26 -15.76 -12.63
N TRP C 116 -26.67 -14.81 -13.46
CA TRP C 116 -28.06 -14.70 -13.91
C TRP C 116 -28.12 -14.09 -15.30
N ILE C 117 -29.16 -14.46 -16.04
CA ILE C 117 -29.39 -13.97 -17.40
C ILE C 117 -30.89 -14.02 -17.69
N THR C 118 -31.37 -13.06 -18.48
CA THR C 118 -32.79 -12.98 -18.82
C THR C 118 -33.04 -12.12 -20.05
N TRP C 119 -34.01 -12.55 -20.86
CA TRP C 119 -34.52 -11.76 -21.97
C TRP C 119 -35.36 -10.62 -21.43
N SER C 120 -35.47 -9.55 -22.21
CA SER C 120 -36.46 -8.51 -21.99
C SER C 120 -37.85 -9.14 -22.20
N PRO C 121 -38.91 -8.46 -21.77
CA PRO C 121 -40.26 -9.02 -21.95
C PRO C 121 -40.78 -8.87 -23.38
N VAL C 122 -40.12 -8.02 -24.16
CA VAL C 122 -40.39 -7.87 -25.59
C VAL C 122 -39.05 -7.92 -26.35
N GLY C 123 -39.12 -8.07 -27.68
CA GLY C 123 -37.93 -8.10 -28.52
C GLY C 123 -36.93 -9.18 -28.11
N HIS C 124 -35.66 -8.81 -28.10
CA HIS C 124 -34.57 -9.77 -27.84
C HIS C 124 -33.37 -9.11 -27.14
N LYS C 125 -33.64 -8.17 -26.24
CA LYS C 125 -32.59 -7.57 -25.41
C LYS C 125 -32.19 -8.57 -24.32
N LEU C 126 -30.94 -8.52 -23.90
CA LEU C 126 -30.44 -9.40 -22.85
C LEU C 126 -29.83 -8.60 -21.72
N ALA C 127 -30.07 -9.07 -20.50
CA ALA C 127 -29.42 -8.52 -19.31
C ALA C 127 -28.91 -9.70 -18.49
N TYR C 128 -27.66 -9.61 -18.05
CA TYR C 128 -27.05 -10.70 -17.29
C TYR C 128 -26.11 -10.19 -16.21
N VAL C 129 -25.80 -11.08 -15.27
CA VAL C 129 -24.92 -10.76 -14.15
C VAL C 129 -23.71 -11.68 -14.16
N TRP C 130 -22.53 -11.06 -14.15
CA TRP C 130 -21.26 -11.78 -14.19
C TRP C 130 -20.29 -11.05 -13.27
N ASN C 131 -19.65 -11.81 -12.39
CA ASN C 131 -18.83 -11.27 -11.30
C ASN C 131 -19.50 -10.11 -10.57
N ASN C 132 -20.77 -10.33 -10.22
CA ASN C 132 -21.60 -9.39 -9.44
C ASN C 132 -21.97 -8.08 -10.14
N ASP C 133 -21.71 -7.99 -11.44
CA ASP C 133 -22.08 -6.79 -12.19
C ASP C 133 -23.10 -7.10 -13.30
N ILE C 134 -23.92 -6.09 -13.61
CA ILE C 134 -24.94 -6.23 -14.64
C ILE C 134 -24.41 -5.78 -16.01
N TYR C 135 -24.73 -6.58 -17.02
CA TYR C 135 -24.33 -6.31 -18.39
C TYR C 135 -25.56 -6.41 -19.28
N VAL C 136 -25.64 -5.55 -20.30
CA VAL C 136 -26.80 -5.51 -21.18
C VAL C 136 -26.40 -5.61 -22.65
N LYS C 137 -27.00 -6.59 -23.34
CA LYS C 137 -26.83 -6.72 -24.79
C LYS C 137 -28.10 -6.28 -25.48
N ASN C 138 -27.99 -5.22 -26.30
CA ASN C 138 -29.11 -4.78 -27.12
C ASN C 138 -29.39 -5.79 -28.24
N GLU C 139 -28.31 -6.42 -28.72
CA GLU C 139 -28.39 -7.50 -29.71
C GLU C 139 -27.45 -8.63 -29.29
N PRO C 140 -27.82 -9.87 -29.58
CA PRO C 140 -26.98 -11.03 -29.27
C PRO C 140 -25.59 -11.00 -29.96
N ASN C 141 -25.50 -10.39 -31.13
CA ASN C 141 -24.20 -10.26 -31.82
C ASN C 141 -23.39 -9.03 -31.35
N LEU C 142 -24.10 -8.04 -30.81
CA LEU C 142 -23.46 -6.80 -30.38
C LEU C 142 -22.71 -6.96 -29.05
N SER C 143 -21.86 -5.98 -28.76
CA SER C 143 -21.09 -5.95 -27.52
C SER C 143 -21.99 -5.62 -26.34
N SER C 144 -21.71 -6.24 -25.19
CA SER C 144 -22.49 -5.99 -23.97
C SER C 144 -22.05 -4.68 -23.30
N GLN C 145 -23.02 -4.00 -22.71
CA GLN C 145 -22.78 -2.73 -22.02
C GLN C 145 -22.79 -2.93 -20.51
N ARG C 146 -21.71 -2.52 -19.86
CA ARG C 146 -21.60 -2.63 -18.40
C ARG C 146 -22.48 -1.60 -17.70
N ILE C 147 -23.31 -2.09 -16.78
CA ILE C 147 -24.28 -1.27 -16.04
C ILE C 147 -23.69 -0.83 -14.71
N THR C 148 -22.99 -1.74 -14.05
CA THR C 148 -22.43 -1.50 -12.73
C THR C 148 -20.93 -1.79 -12.70
N TRP C 149 -20.21 -1.06 -11.85
CA TRP C 149 -18.77 -1.23 -11.70
C TRP C 149 -18.43 -1.68 -10.28
N THR C 150 -19.44 -1.70 -9.42
CA THR C 150 -19.26 -1.91 -7.99
C THR C 150 -19.10 -3.38 -7.58
N GLY C 151 -19.46 -4.30 -8.48
CA GLY C 151 -19.42 -5.72 -8.20
C GLY C 151 -18.14 -6.20 -7.55
N LYS C 152 -18.28 -6.85 -6.39
CA LYS C 152 -17.15 -7.38 -5.64
C LYS C 152 -17.57 -8.68 -4.96
N GLU C 153 -16.73 -9.71 -5.10
CA GLU C 153 -16.99 -11.01 -4.50
C GLU C 153 -17.15 -10.90 -2.99
N ASN C 154 -18.27 -11.43 -2.50
CA ASN C 154 -18.60 -11.46 -1.07
C ASN C 154 -18.88 -10.10 -0.44
N VAL C 155 -18.96 -9.06 -1.25
CA VAL C 155 -19.16 -7.70 -0.74
C VAL C 155 -20.35 -6.98 -1.39
N ILE C 156 -20.29 -6.79 -2.70
CA ILE C 156 -21.30 -6.03 -3.41
C ILE C 156 -21.97 -6.90 -4.47
N TYR C 157 -23.31 -6.91 -4.45
CA TYR C 157 -24.10 -7.71 -5.37
C TYR C 157 -25.01 -6.82 -6.21
N ASN C 158 -24.75 -6.74 -7.52
CA ASN C 158 -25.61 -5.99 -8.44
C ASN C 158 -26.42 -6.92 -9.32
N GLY C 159 -27.75 -6.91 -9.14
CA GLY C 159 -28.63 -7.69 -9.99
C GLY C 159 -28.84 -9.13 -9.53
N VAL C 160 -28.08 -9.55 -8.53
CA VAL C 160 -28.29 -10.84 -7.87
C VAL C 160 -28.30 -10.68 -6.35
N THR C 161 -28.99 -11.57 -5.68
CA THR C 161 -29.10 -11.56 -4.21
C THR C 161 -27.86 -12.13 -3.52
N ASP C 162 -27.65 -11.71 -2.28
CA ASP C 162 -26.66 -12.32 -1.40
C ASP C 162 -27.30 -13.53 -0.75
N TRP C 163 -26.60 -14.18 0.17
CA TRP C 163 -27.12 -15.42 0.76
C TRP C 163 -28.51 -15.27 1.39
N VAL C 164 -28.67 -14.29 2.27
CA VAL C 164 -29.90 -14.18 3.08
C VAL C 164 -31.13 -13.73 2.28
N TYR C 165 -30.91 -12.89 1.26
CA TYR C 165 -32.01 -12.43 0.42
C TYR C 165 -32.50 -13.53 -0.50
N GLU C 166 -31.58 -14.41 -0.90
CA GLU C 166 -31.93 -15.54 -1.74
C GLU C 166 -32.84 -16.50 -0.98
N GLU C 167 -32.36 -16.95 0.18
CA GLU C 167 -33.04 -17.96 0.98
C GLU C 167 -34.34 -17.45 1.61
N GLU C 168 -34.31 -16.26 2.18
CA GLU C 168 -35.38 -15.82 3.08
C GLU C 168 -36.31 -14.72 2.59
N VAL C 169 -35.93 -14.04 1.51
CA VAL C 169 -36.69 -12.88 1.07
C VAL C 169 -37.28 -13.09 -0.32
N PHE C 170 -36.42 -13.29 -1.31
CA PHE C 170 -36.83 -13.35 -2.71
C PHE C 170 -37.20 -14.77 -3.10
N SER C 171 -36.60 -15.74 -2.42
CA SER C 171 -36.70 -17.15 -2.79
C SER C 171 -36.21 -17.38 -4.23
N ALA C 172 -35.18 -16.61 -4.60
CA ALA C 172 -34.59 -16.62 -5.93
C ALA C 172 -33.23 -15.93 -5.90
N TYR C 173 -32.44 -16.13 -6.95
CA TYR C 173 -31.11 -15.52 -7.08
C TYR C 173 -31.21 -14.19 -7.80
N SER C 174 -32.19 -14.08 -8.70
CA SER C 174 -32.37 -12.90 -9.55
C SER C 174 -32.77 -11.66 -8.76
N ALA C 175 -32.08 -10.56 -9.04
CA ALA C 175 -32.49 -9.24 -8.56
C ALA C 175 -32.57 -8.25 -9.73
N LEU C 176 -33.17 -8.71 -10.83
CA LEU C 176 -33.33 -7.92 -12.05
C LEU C 176 -34.78 -7.91 -12.50
N TRP C 177 -35.29 -6.74 -12.88
CA TRP C 177 -36.66 -6.61 -13.36
C TRP C 177 -36.79 -5.67 -14.56
N TRP C 178 -36.97 -6.26 -15.74
CA TRP C 178 -37.26 -5.51 -16.97
C TRP C 178 -38.67 -4.93 -16.90
N SER C 179 -38.84 -3.73 -17.45
CA SER C 179 -40.16 -3.12 -17.62
C SER C 179 -40.89 -3.80 -18.78
N PRO C 180 -42.24 -3.82 -18.75
CA PRO C 180 -43.04 -4.55 -19.75
C PRO C 180 -42.62 -4.37 -21.21
N ASN C 181 -42.29 -3.14 -21.63
CA ASN C 181 -41.85 -2.89 -23.00
C ASN C 181 -40.33 -2.75 -23.13
N GLY C 182 -39.61 -3.16 -22.09
CA GLY C 182 -38.16 -3.24 -22.14
C GLY C 182 -37.39 -1.93 -22.09
N THR C 183 -38.10 -0.84 -21.79
CA THR C 183 -37.50 0.48 -21.66
C THR C 183 -36.55 0.53 -20.46
N PHE C 184 -37.03 0.05 -19.32
CA PHE C 184 -36.28 0.15 -18.07
C PHE C 184 -35.84 -1.21 -17.56
N LEU C 185 -34.62 -1.25 -17.02
CA LEU C 185 -34.14 -2.42 -16.29
C LEU C 185 -33.92 -2.02 -14.83
N ALA C 186 -34.72 -2.62 -13.95
CA ALA C 186 -34.61 -2.33 -12.52
C ALA C 186 -33.78 -3.40 -11.83
N TYR C 187 -32.99 -2.97 -10.86
CA TYR C 187 -32.16 -3.91 -10.10
C TYR C 187 -31.93 -3.45 -8.68
N ALA C 188 -31.57 -4.41 -7.84
CA ALA C 188 -31.21 -4.15 -6.46
C ALA C 188 -29.70 -4.37 -6.27
N GLN C 189 -29.10 -3.52 -5.45
CA GLN C 189 -27.72 -3.72 -5.03
C GLN C 189 -27.68 -4.06 -3.55
N PHE C 190 -26.91 -5.08 -3.22
CA PHE C 190 -26.78 -5.54 -1.85
C PHE C 190 -25.35 -5.33 -1.36
N ASN C 191 -25.22 -4.76 -0.18
CA ASN C 191 -23.93 -4.51 0.44
C ASN C 191 -23.74 -5.43 1.63
N ASP C 192 -22.69 -6.25 1.60
CA ASP C 192 -22.45 -7.20 2.68
C ASP C 192 -21.16 -6.92 3.45
N THR C 193 -20.62 -5.71 3.28
CA THR C 193 -19.36 -5.29 3.92
C THR C 193 -19.30 -5.60 5.42
N GLU C 194 -20.37 -5.27 6.13
CA GLU C 194 -20.40 -5.39 7.58
C GLU C 194 -20.96 -6.74 8.07
N VAL C 195 -21.48 -7.55 7.15
CA VAL C 195 -22.01 -8.87 7.48
C VAL C 195 -20.89 -9.84 7.84
N PRO C 196 -20.94 -10.43 9.04
CA PRO C 196 -19.94 -11.43 9.45
C PRO C 196 -19.99 -12.66 8.56
N LEU C 197 -18.85 -13.35 8.42
CA LEU C 197 -18.77 -14.50 7.53
C LEU C 197 -18.88 -15.83 8.27
N ILE C 198 -19.75 -16.70 7.78
CA ILE C 198 -19.71 -18.11 8.19
C ILE C 198 -18.56 -18.77 7.43
N GLU C 199 -17.80 -19.60 8.14
CA GLU C 199 -16.67 -20.29 7.56
C GLU C 199 -16.72 -21.76 7.93
N TYR C 200 -16.53 -22.62 6.92
CA TYR C 200 -16.48 -24.05 7.11
C TYR C 200 -15.59 -24.70 6.06
N SER C 201 -15.07 -25.89 6.37
CA SER C 201 -14.18 -26.60 5.47
C SER C 201 -14.94 -27.32 4.36
N PHE C 202 -14.50 -27.09 3.12
CA PHE C 202 -14.93 -27.91 1.99
C PHE C 202 -13.72 -28.76 1.57
N TYR C 203 -13.88 -30.07 1.69
CA TYR C 203 -12.76 -30.99 1.49
C TYR C 203 -12.51 -31.26 0.01
N SER C 204 -13.57 -31.17 -0.79
CA SER C 204 -13.51 -31.38 -2.23
C SER C 204 -13.06 -32.80 -2.57
N ASP C 205 -12.76 -33.03 -3.85
CA ASP C 205 -12.34 -34.34 -4.30
C ASP C 205 -11.08 -34.83 -3.56
N GLU C 206 -10.92 -36.15 -3.53
CA GLU C 206 -9.80 -36.82 -2.86
C GLU C 206 -8.44 -36.23 -3.17
N SER C 207 -8.24 -35.80 -4.42
CA SER C 207 -6.97 -35.27 -4.89
C SER C 207 -6.51 -34.00 -4.17
N LEU C 208 -7.47 -33.22 -3.68
CA LEU C 208 -7.17 -31.96 -2.99
C LEU C 208 -6.44 -32.25 -1.69
N GLN C 209 -5.20 -31.78 -1.61
CA GLN C 209 -4.34 -32.04 -0.45
C GLN C 209 -4.76 -31.25 0.78
N TYR C 210 -5.11 -29.98 0.59
CA TYR C 210 -5.55 -29.12 1.69
C TYR C 210 -7.01 -28.76 1.50
N PRO C 211 -7.82 -28.94 2.55
CA PRO C 211 -9.24 -28.54 2.49
C PRO C 211 -9.36 -27.04 2.33
N LYS C 212 -10.30 -26.59 1.51
CA LYS C 212 -10.54 -25.15 1.36
C LYS C 212 -11.57 -24.65 2.38
N THR C 213 -11.43 -23.39 2.78
CA THR C 213 -12.40 -22.74 3.66
C THR C 213 -13.39 -21.94 2.82
N VAL C 214 -14.66 -22.34 2.89
CA VAL C 214 -15.74 -21.58 2.28
C VAL C 214 -16.05 -20.39 3.20
N ARG C 215 -16.26 -19.22 2.60
CA ARG C 215 -16.62 -18.02 3.33
C ARG C 215 -17.86 -17.39 2.70
N ILE C 216 -18.91 -17.25 3.50
CA ILE C 216 -20.17 -16.63 3.05
C ILE C 216 -20.58 -15.55 4.03
N PRO C 217 -20.93 -14.37 3.53
CA PRO C 217 -21.53 -13.32 4.38
C PRO C 217 -22.92 -13.76 4.80
N TYR C 218 -23.04 -14.20 6.04
CA TYR C 218 -24.24 -14.81 6.56
C TYR C 218 -24.59 -14.15 7.88
N PRO C 219 -25.68 -13.38 7.91
CA PRO C 219 -26.11 -12.71 9.13
C PRO C 219 -26.90 -13.66 10.04
N LYS C 220 -26.29 -14.03 11.16
CA LYS C 220 -27.00 -14.81 12.17
C LYS C 220 -27.87 -13.89 13.01
N ALA C 221 -28.68 -14.46 13.90
CA ALA C 221 -29.66 -13.68 14.68
C ALA C 221 -29.06 -12.48 15.40
N GLY C 222 -29.55 -11.29 15.06
CA GLY C 222 -29.12 -10.05 15.70
C GLY C 222 -27.84 -9.46 15.16
N ALA C 223 -27.26 -10.10 14.16
CA ALA C 223 -26.01 -9.66 13.55
C ALA C 223 -26.27 -8.51 12.59
N GLU C 224 -25.18 -7.90 12.11
CA GLU C 224 -25.24 -6.85 11.10
C GLU C 224 -25.77 -7.43 9.80
N ASN C 225 -26.81 -6.80 9.26
CA ASN C 225 -27.47 -7.26 8.05
C ASN C 225 -26.91 -6.59 6.80
N PRO C 226 -27.17 -7.18 5.63
CA PRO C 226 -26.88 -6.50 4.37
C PRO C 226 -27.75 -5.25 4.22
N THR C 227 -27.19 -4.21 3.61
CA THR C 227 -28.00 -3.06 3.22
C THR C 227 -28.36 -3.21 1.75
N VAL C 228 -29.35 -2.44 1.29
CA VAL C 228 -29.89 -2.61 -0.05
C VAL C 228 -30.15 -1.27 -0.71
N LYS C 229 -29.86 -1.18 -1.99
CA LYS C 229 -30.17 -0.02 -2.82
C LYS C 229 -30.95 -0.50 -4.03
N PHE C 230 -31.90 0.33 -4.49
CA PHE C 230 -32.69 -0.02 -5.67
C PHE C 230 -32.51 1.02 -6.76
N PHE C 231 -32.31 0.53 -7.99
CA PHE C 231 -32.05 1.40 -9.13
C PHE C 231 -32.96 1.09 -10.31
N VAL C 232 -33.31 2.12 -11.07
CA VAL C 232 -34.00 1.94 -12.34
C VAL C 232 -33.15 2.54 -13.46
N VAL C 233 -32.66 1.67 -14.33
CA VAL C 233 -31.80 2.04 -15.45
C VAL C 233 -32.63 2.24 -16.71
N ASP C 234 -32.50 3.42 -17.31
CA ASP C 234 -33.07 3.68 -18.63
C ASP C 234 -32.15 3.06 -19.70
N THR C 235 -32.63 1.99 -20.33
CA THR C 235 -31.82 1.26 -21.30
C THR C 235 -31.75 1.95 -22.66
N ARG C 236 -32.61 2.94 -22.86
CA ARG C 236 -32.70 3.67 -24.13
C ARG C 236 -31.39 4.38 -24.51
N THR C 237 -30.64 4.84 -23.52
CA THR C 237 -29.41 5.60 -23.78
C THR C 237 -28.13 4.76 -23.68
N LEU C 238 -28.30 3.45 -23.51
CA LEU C 238 -27.16 2.54 -23.40
C LEU C 238 -26.40 2.46 -24.72
N SER C 239 -25.18 3.01 -24.71
CA SER C 239 -24.30 3.02 -25.88
C SER C 239 -22.84 3.01 -25.43
N PRO C 240 -21.97 2.39 -26.22
CA PRO C 240 -20.55 2.24 -25.87
C PRO C 240 -19.88 3.52 -25.35
N ASN C 241 -20.29 4.68 -25.86
CA ASN C 241 -19.67 5.94 -25.47
C ASN C 241 -20.58 6.84 -24.63
N ALA C 242 -21.55 6.24 -23.96
CA ALA C 242 -22.48 6.96 -23.10
C ALA C 242 -22.44 6.41 -21.67
N SER C 243 -22.69 7.30 -20.72
CA SER C 243 -22.84 6.91 -19.32
C SER C 243 -24.14 6.15 -19.13
N VAL C 244 -24.23 5.43 -18.01
CA VAL C 244 -25.46 4.72 -17.65
C VAL C 244 -26.44 5.71 -17.02
N THR C 245 -27.66 5.76 -17.57
CA THR C 245 -28.72 6.61 -17.04
C THR C 245 -29.57 5.81 -16.06
N SER C 246 -29.50 6.19 -14.79
CA SER C 246 -30.22 5.45 -13.74
C SER C 246 -30.69 6.35 -12.59
N TYR C 247 -31.74 5.91 -11.91
CA TYR C 247 -32.30 6.62 -10.78
C TYR C 247 -32.41 5.70 -9.56
N GLN C 248 -31.93 6.20 -8.42
CA GLN C 248 -32.01 5.44 -7.18
C GLN C 248 -33.32 5.73 -6.45
N ILE C 249 -34.11 4.68 -6.25
CA ILE C 249 -35.35 4.80 -5.50
C ILE C 249 -35.11 4.43 -4.05
N VAL C 250 -35.33 5.40 -3.16
CA VAL C 250 -35.18 5.19 -1.73
C VAL C 250 -36.50 4.68 -1.14
N PRO C 251 -36.42 3.87 -0.09
CA PRO C 251 -37.62 3.44 0.63
C PRO C 251 -38.34 4.61 1.32
N PRO C 252 -39.64 4.49 1.58
CA PRO C 252 -40.38 5.48 2.36
C PRO C 252 -39.72 5.79 3.71
N ALA C 253 -39.92 7.02 4.19
CA ALA C 253 -39.32 7.47 5.45
C ALA C 253 -39.57 6.55 6.64
N SER C 254 -40.77 5.97 6.70
CA SER C 254 -41.15 5.07 7.80
C SER C 254 -40.39 3.73 7.78
N VAL C 255 -39.65 3.48 6.71
CA VAL C 255 -38.82 2.29 6.61
C VAL C 255 -37.33 2.66 6.73
N LEU C 256 -36.99 3.85 6.22
CA LEU C 256 -35.63 4.38 6.23
C LEU C 256 -35.07 4.65 7.63
N ILE C 257 -35.96 4.78 8.61
CA ILE C 257 -35.57 5.10 10.00
C ILE C 257 -34.79 3.99 10.72
N GLY C 258 -34.78 2.79 10.14
CA GLY C 258 -34.06 1.67 10.70
C GLY C 258 -33.64 0.67 9.65
N ASP C 259 -33.14 -0.49 10.10
CA ASP C 259 -32.81 -1.59 9.19
C ASP C 259 -34.09 -2.09 8.52
N HIS C 260 -33.98 -2.40 7.23
CA HIS C 260 -35.12 -2.82 6.44
C HIS C 260 -34.71 -3.81 5.36
N TYR C 261 -35.73 -4.34 4.66
CA TYR C 261 -35.50 -5.21 3.52
C TYR C 261 -36.29 -4.75 2.31
N LEU C 262 -35.74 -4.96 1.13
CA LEU C 262 -36.53 -4.93 -0.09
C LEU C 262 -37.07 -6.35 -0.27
N CYS C 263 -38.39 -6.50 -0.31
CA CYS C 263 -38.97 -7.83 -0.35
C CYS C 263 -39.83 -8.14 -1.57
N GLY C 264 -40.03 -7.15 -2.43
CA GLY C 264 -40.82 -7.34 -3.63
C GLY C 264 -40.77 -6.21 -4.63
N VAL C 265 -40.75 -6.58 -5.92
CA VAL C 265 -40.73 -5.61 -7.01
C VAL C 265 -41.77 -6.02 -8.05
N THR C 266 -42.63 -5.08 -8.42
CA THR C 266 -43.64 -5.32 -9.43
C THR C 266 -43.73 -4.15 -10.41
N TRP C 267 -43.48 -4.44 -11.67
CA TRP C 267 -43.68 -3.47 -12.73
C TRP C 267 -45.17 -3.36 -13.05
N VAL C 268 -45.69 -2.15 -12.97
CA VAL C 268 -47.11 -1.89 -13.24
C VAL C 268 -47.26 -1.54 -14.72
N THR C 269 -46.78 -0.37 -15.12
CA THR C 269 -46.68 -0.01 -16.53
C THR C 269 -45.22 0.35 -16.84
N GLU C 270 -44.98 0.95 -18.02
CA GLU C 270 -43.65 1.42 -18.37
C GLU C 270 -43.23 2.60 -17.50
N GLU C 271 -44.21 3.35 -17.03
CA GLU C 271 -43.98 4.56 -16.26
C GLU C 271 -44.35 4.41 -14.78
N ARG C 272 -44.64 3.18 -14.36
CA ARG C 272 -45.07 2.92 -12.98
C ARG C 272 -44.46 1.64 -12.41
N ILE C 273 -43.71 1.78 -11.32
CA ILE C 273 -43.12 0.64 -10.62
C ILE C 273 -43.61 0.58 -9.17
N SER C 274 -43.82 -0.64 -8.68
CA SER C 274 -44.29 -0.85 -7.31
C SER C 274 -43.24 -1.60 -6.49
N LEU C 275 -42.88 -1.02 -5.36
CA LEU C 275 -41.87 -1.59 -4.48
C LEU C 275 -42.43 -1.94 -3.12
N GLN C 276 -42.05 -3.10 -2.60
CA GLN C 276 -42.49 -3.55 -1.30
C GLN C 276 -41.32 -3.57 -0.34
N TRP C 277 -41.42 -2.74 0.68
CA TRP C 277 -40.41 -2.65 1.72
C TRP C 277 -40.97 -3.18 3.03
N ILE C 278 -40.07 -3.68 3.87
CA ILE C 278 -40.43 -4.20 5.18
C ILE C 278 -39.33 -3.85 6.18
N ARG C 279 -39.72 -3.45 7.38
CA ARG C 279 -38.79 -3.21 8.47
C ARG C 279 -38.11 -4.51 8.90
N ARG C 280 -36.97 -4.39 9.56
CA ARG C 280 -36.23 -5.57 10.02
C ARG C 280 -37.05 -6.47 10.95
N ALA C 281 -37.87 -5.85 11.80
CA ALA C 281 -38.75 -6.56 12.73
C ALA C 281 -39.81 -7.39 12.00
N GLN C 282 -40.13 -6.98 10.78
CA GLN C 282 -41.00 -7.70 9.85
C GLN C 282 -42.48 -7.74 10.26
N ASN C 283 -42.89 -6.72 11.01
CA ASN C 283 -44.28 -6.55 11.41
C ASN C 283 -44.88 -5.28 10.79
N TYR C 284 -44.08 -4.64 9.95
CA TYR C 284 -44.44 -3.41 9.27
C TYR C 284 -43.99 -3.53 7.83
N SER C 285 -44.95 -3.40 6.91
CA SER C 285 -44.67 -3.52 5.48
C SER C 285 -45.32 -2.36 4.74
N ILE C 286 -44.65 -1.88 3.70
CA ILE C 286 -45.16 -0.75 2.92
C ILE C 286 -44.92 -0.92 1.42
N ILE C 287 -45.96 -0.65 0.63
CA ILE C 287 -45.86 -0.65 -0.82
C ILE C 287 -45.70 0.78 -1.31
N ASP C 288 -44.67 1.00 -2.14
CA ASP C 288 -44.41 2.30 -2.71
C ASP C 288 -44.58 2.23 -4.22
N ILE C 289 -45.56 2.99 -4.72
CA ILE C 289 -45.84 3.03 -6.15
C ILE C 289 -45.27 4.32 -6.73
N CYS C 290 -44.23 4.17 -7.54
CA CYS C 290 -43.47 5.31 -8.04
C CYS C 290 -43.72 5.55 -9.52
N ASP C 291 -43.95 6.82 -9.86
CA ASP C 291 -44.26 7.22 -11.22
C ASP C 291 -43.05 7.85 -11.91
N TYR C 292 -42.84 7.48 -13.16
CA TYR C 292 -41.79 8.06 -13.99
C TYR C 292 -42.17 9.47 -14.42
N ASP C 293 -41.27 10.42 -14.16
CA ASP C 293 -41.45 11.80 -14.61
C ASP C 293 -40.70 12.01 -15.91
N GLU C 294 -41.45 12.20 -16.99
CA GLU C 294 -40.90 12.25 -18.35
C GLU C 294 -39.90 13.38 -18.59
N SER C 295 -40.05 14.49 -17.86
CA SER C 295 -39.21 15.66 -18.07
C SER C 295 -37.88 15.58 -17.34
N THR C 296 -37.83 14.85 -16.24
CA THR C 296 -36.64 14.77 -15.40
C THR C 296 -35.99 13.39 -15.39
N GLY C 297 -36.78 12.34 -15.63
CA GLY C 297 -36.29 10.98 -15.57
C GLY C 297 -36.32 10.40 -14.16
N ARG C 298 -36.86 11.16 -13.22
CA ARG C 298 -37.00 10.73 -11.84
C ARG C 298 -38.15 9.73 -11.67
N TRP C 299 -38.08 8.96 -10.59
CA TRP C 299 -39.21 8.13 -10.17
C TRP C 299 -39.72 8.69 -8.85
N ILE C 300 -40.89 9.31 -8.90
CA ILE C 300 -41.44 10.06 -7.78
C ILE C 300 -42.46 9.27 -6.97
N SER C 301 -42.29 9.32 -5.65
CA SER C 301 -43.24 8.71 -4.71
C SER C 301 -44.17 9.77 -4.14
N SER C 302 -45.31 9.33 -3.62
CA SER C 302 -46.22 10.20 -2.86
C SER C 302 -47.02 9.39 -1.84
N VAL C 303 -47.29 10.02 -0.69
CA VAL C 303 -48.03 9.41 0.43
C VAL C 303 -49.31 8.71 -0.02
N ALA C 304 -49.98 9.30 -1.00
CA ALA C 304 -51.23 8.77 -1.55
C ALA C 304 -51.05 7.40 -2.22
N ARG C 305 -49.90 7.21 -2.87
CA ARG C 305 -49.60 5.94 -3.55
C ARG C 305 -48.90 4.92 -2.64
N GLN C 306 -48.85 5.23 -1.35
CA GLN C 306 -48.21 4.35 -0.36
C GLN C 306 -49.25 3.55 0.43
N HIS C 307 -48.98 2.25 0.61
CA HIS C 307 -49.90 1.35 1.30
C HIS C 307 -49.24 0.55 2.41
N ILE C 308 -49.63 0.85 3.64
CA ILE C 308 -49.05 0.22 4.82
C ILE C 308 -49.81 -1.05 5.19
N GLU C 309 -49.06 -2.07 5.60
CA GLU C 309 -49.64 -3.31 6.10
C GLU C 309 -48.88 -3.70 7.36
N ILE C 310 -49.59 -3.73 8.48
CA ILE C 310 -48.97 -4.04 9.77
C ILE C 310 -49.53 -5.31 10.38
N SER C 311 -48.75 -5.91 11.27
CA SER C 311 -49.23 -6.98 12.14
C SER C 311 -48.95 -6.59 13.60
N THR C 312 -49.99 -6.66 14.42
CA THR C 312 -49.85 -6.38 15.86
C THR C 312 -49.58 -7.67 16.62
N THR C 313 -49.96 -8.80 16.02
CA THR C 313 -49.97 -10.09 16.71
C THR C 313 -48.84 -11.02 16.28
N GLY C 314 -48.01 -10.55 15.36
CA GLY C 314 -46.88 -11.32 14.86
C GLY C 314 -46.23 -10.67 13.65
N TRP C 315 -46.05 -11.45 12.59
CA TRP C 315 -45.37 -11.01 11.37
C TRP C 315 -46.36 -10.81 10.21
N VAL C 316 -45.90 -10.10 9.18
CA VAL C 316 -46.72 -9.78 8.01
C VAL C 316 -46.64 -10.90 6.96
N GLY C 317 -47.80 -11.33 6.48
CA GLY C 317 -47.89 -12.36 5.46
C GLY C 317 -47.48 -13.74 5.95
N ARG C 318 -47.06 -14.59 5.02
CA ARG C 318 -46.60 -15.93 5.35
C ARG C 318 -45.11 -15.93 5.70
N PHE C 319 -44.26 -15.92 4.67
CA PHE C 319 -42.81 -15.79 4.87
C PHE C 319 -42.36 -14.40 4.43
N ARG C 320 -43.20 -13.77 3.61
CA ARG C 320 -43.04 -12.39 3.21
C ARG C 320 -44.45 -11.87 2.88
N PRO C 321 -44.66 -10.56 2.93
CA PRO C 321 -45.94 -9.98 2.50
C PRO C 321 -46.32 -10.42 1.08
N ALA C 322 -47.60 -10.70 0.87
CA ALA C 322 -48.12 -11.12 -0.43
C ALA C 322 -47.92 -10.03 -1.48
N GLU C 323 -47.72 -10.45 -2.73
CA GLU C 323 -47.44 -9.51 -3.83
C GLU C 323 -48.73 -8.83 -4.32
N PRO C 324 -48.65 -7.55 -4.66
CA PRO C 324 -49.78 -6.85 -5.28
C PRO C 324 -49.95 -7.29 -6.74
N HIS C 325 -51.21 -7.40 -7.17
CA HIS C 325 -51.51 -7.73 -8.56
C HIS C 325 -52.28 -6.59 -9.21
N PHE C 326 -51.58 -5.82 -10.03
CA PHE C 326 -52.11 -4.59 -10.60
C PHE C 326 -52.95 -4.84 -11.85
N THR C 327 -53.97 -4.01 -12.01
CA THR C 327 -54.76 -3.97 -13.25
C THR C 327 -53.86 -3.43 -14.37
N SER C 328 -54.23 -3.71 -15.61
CA SER C 328 -53.49 -3.23 -16.77
C SER C 328 -53.26 -1.70 -16.72
N ASP C 329 -54.32 -0.95 -16.42
CA ASP C 329 -54.23 0.50 -16.27
C ASP C 329 -53.34 0.92 -15.10
N GLY C 330 -53.38 0.13 -14.03
CA GLY C 330 -52.54 0.35 -12.86
C GLY C 330 -53.14 1.28 -11.82
N ASN C 331 -54.38 1.69 -12.04
CA ASN C 331 -55.07 2.58 -11.11
C ASN C 331 -55.60 1.87 -9.86
N SER C 332 -55.49 0.55 -9.85
CA SER C 332 -55.86 -0.26 -8.70
C SER C 332 -55.14 -1.62 -8.69
N PHE C 333 -55.07 -2.25 -7.53
CA PHE C 333 -54.47 -3.58 -7.41
C PHE C 333 -55.20 -4.50 -6.42
N TYR C 334 -54.98 -5.80 -6.59
CA TYR C 334 -55.54 -6.81 -5.71
C TYR C 334 -54.40 -7.52 -4.97
N LYS C 335 -54.53 -7.59 -3.64
CA LYS C 335 -53.49 -8.16 -2.80
C LYS C 335 -54.09 -8.92 -1.63
N ILE C 336 -53.45 -10.04 -1.28
CA ILE C 336 -53.86 -10.84 -0.13
C ILE C 336 -53.35 -10.22 1.16
N ILE C 337 -54.28 -9.91 2.07
CA ILE C 337 -53.96 -9.44 3.42
C ILE C 337 -54.81 -10.20 4.45
N SER C 338 -54.46 -10.07 5.72
CA SER C 338 -55.25 -10.62 6.81
C SER C 338 -56.51 -9.77 7.01
N ASN C 339 -57.65 -10.45 7.19
CA ASN C 339 -58.91 -9.75 7.47
C ASN C 339 -59.22 -9.61 8.97
N GLU C 340 -60.46 -9.25 9.30
CA GLU C 340 -60.90 -9.09 10.69
C GLU C 340 -60.80 -10.39 11.49
N GLU C 341 -61.15 -11.51 10.86
CA GLU C 341 -61.17 -12.83 11.49
C GLU C 341 -59.81 -13.53 11.52
N GLY C 342 -58.78 -12.88 10.98
CA GLY C 342 -57.43 -13.42 10.98
C GLY C 342 -57.12 -14.34 9.82
N TYR C 343 -57.99 -14.32 8.80
CA TYR C 343 -57.81 -15.15 7.61
C TYR C 343 -57.30 -14.32 6.43
N LYS C 344 -56.39 -14.93 5.66
CA LYS C 344 -55.81 -14.26 4.50
C LYS C 344 -56.78 -14.30 3.31
N HIS C 345 -57.16 -13.12 2.83
CA HIS C 345 -58.13 -12.98 1.75
C HIS C 345 -57.73 -11.87 0.78
N ILE C 346 -58.33 -11.86 -0.41
CA ILE C 346 -58.00 -10.87 -1.42
C ILE C 346 -58.71 -9.54 -1.11
N CYS C 347 -57.92 -8.48 -1.03
CA CYS C 347 -58.46 -7.14 -0.85
C CYS C 347 -58.22 -6.32 -2.11
N HIS C 348 -59.21 -5.51 -2.47
CA HIS C 348 -59.15 -4.67 -3.66
C HIS C 348 -58.73 -3.25 -3.26
N PHE C 349 -57.50 -2.89 -3.62
CA PHE C 349 -56.94 -1.58 -3.29
C PHE C 349 -57.01 -0.66 -4.50
N GLN C 350 -57.31 0.61 -4.24
CA GLN C 350 -57.14 1.65 -5.25
C GLN C 350 -55.76 2.28 -5.03
N THR C 351 -55.04 2.53 -6.12
CA THR C 351 -53.64 2.96 -6.05
C THR C 351 -53.40 4.25 -5.26
N ASP C 352 -54.32 5.21 -5.37
CA ASP C 352 -54.19 6.50 -4.67
C ASP C 352 -55.07 6.63 -3.42
N LYS C 353 -55.65 5.52 -2.97
CA LYS C 353 -56.48 5.49 -1.75
C LYS C 353 -55.94 4.45 -0.76
N SER C 354 -56.16 4.69 0.54
CA SER C 354 -55.59 3.83 1.58
C SER C 354 -56.47 2.64 2.01
N ASN C 355 -57.79 2.78 1.89
CA ASN C 355 -58.71 1.73 2.30
C ASN C 355 -59.07 0.77 1.15
N CYS C 356 -59.14 -0.51 1.49
CA CYS C 356 -59.43 -1.55 0.50
C CYS C 356 -60.73 -2.30 0.80
N THR C 357 -61.27 -2.94 -0.23
CA THR C 357 -62.48 -3.74 -0.10
C THR C 357 -62.14 -5.22 -0.25
N PHE C 358 -62.56 -6.02 0.72
CA PHE C 358 -62.37 -7.47 0.64
C PHE C 358 -63.33 -8.07 -0.38
N ILE C 359 -62.79 -8.93 -1.25
CA ILE C 359 -63.59 -9.56 -2.29
C ILE C 359 -63.85 -11.05 -2.01
N THR C 360 -63.16 -11.58 -0.99
CA THR C 360 -63.38 -12.94 -0.52
C THR C 360 -63.48 -12.95 1.00
N LYS C 361 -64.25 -13.91 1.52
CA LYS C 361 -64.42 -14.07 2.97
C LYS C 361 -64.54 -15.55 3.31
N GLY C 362 -64.40 -15.89 4.59
CA GLY C 362 -64.58 -17.25 5.04
C GLY C 362 -63.50 -17.79 5.96
N ALA C 363 -63.79 -18.93 6.59
CA ALA C 363 -62.84 -19.61 7.46
C ALA C 363 -61.91 -20.50 6.64
N TRP C 364 -61.23 -19.86 5.69
CA TRP C 364 -60.26 -20.48 4.79
C TRP C 364 -59.36 -19.37 4.25
N GLU C 365 -58.20 -19.74 3.70
CA GLU C 365 -57.24 -18.75 3.24
C GLU C 365 -57.01 -18.82 1.73
N VAL C 366 -56.93 -17.66 1.10
CA VAL C 366 -56.47 -17.57 -0.28
C VAL C 366 -54.96 -17.78 -0.29
N ILE C 367 -54.49 -18.70 -1.12
CA ILE C 367 -53.07 -19.06 -1.16
C ILE C 367 -52.26 -18.07 -2.01
N GLY C 368 -52.81 -17.71 -3.17
CA GLY C 368 -52.15 -16.79 -4.08
C GLY C 368 -53.05 -16.39 -5.22
N ILE C 369 -52.86 -15.17 -5.71
CA ILE C 369 -53.55 -14.69 -6.90
C ILE C 369 -52.78 -15.16 -8.12
N GLU C 370 -53.45 -15.82 -9.05
CA GLU C 370 -52.78 -16.44 -10.20
C GLU C 370 -52.85 -15.62 -11.49
N ALA C 371 -53.99 -14.99 -11.75
CA ALA C 371 -54.17 -14.19 -12.96
C ALA C 371 -55.19 -13.07 -12.77
N LEU C 372 -55.11 -12.06 -13.64
CA LEU C 372 -56.01 -10.92 -13.59
C LEU C 372 -56.27 -10.38 -14.99
N THR C 373 -57.55 -10.34 -15.36
CA THR C 373 -58.00 -9.70 -16.60
C THR C 373 -58.88 -8.51 -16.23
N SER C 374 -59.48 -7.89 -17.23
CA SER C 374 -60.44 -6.80 -17.01
C SER C 374 -61.70 -7.29 -16.29
N ASP C 375 -62.05 -8.56 -16.52
CA ASP C 375 -63.32 -9.10 -16.05
C ASP C 375 -63.20 -10.07 -14.87
N TYR C 376 -62.11 -10.83 -14.84
CA TYR C 376 -61.98 -11.92 -13.86
C TYR C 376 -60.68 -11.89 -13.07
N LEU C 377 -60.74 -12.43 -11.84
CA LEU C 377 -59.58 -12.66 -11.01
C LEU C 377 -59.48 -14.15 -10.73
N TYR C 378 -58.32 -14.72 -11.02
CA TYR C 378 -58.07 -16.14 -10.76
C TYR C 378 -57.18 -16.31 -9.53
N TYR C 379 -57.56 -17.24 -8.66
CA TYR C 379 -56.81 -17.48 -7.42
C TYR C 379 -56.89 -18.92 -6.94
N ILE C 380 -55.89 -19.32 -6.16
CA ILE C 380 -55.86 -20.63 -5.52
C ILE C 380 -56.27 -20.48 -4.05
N SER C 381 -57.16 -21.35 -3.59
CA SER C 381 -57.59 -21.36 -2.20
C SER C 381 -57.73 -22.78 -1.67
N ASN C 382 -57.94 -22.89 -0.35
CA ASN C 382 -58.21 -24.18 0.29
C ASN C 382 -59.64 -24.28 0.80
N GLU C 383 -60.55 -23.57 0.12
CA GLU C 383 -61.96 -23.50 0.52
C GLU C 383 -62.69 -24.83 0.42
N HIS C 384 -62.44 -25.56 -0.68
CA HIS C 384 -63.20 -26.77 -1.00
C HIS C 384 -63.12 -27.84 0.08
N LYS C 385 -64.30 -28.28 0.53
CA LYS C 385 -64.46 -29.31 1.57
C LYS C 385 -63.90 -28.88 2.93
N GLY C 386 -63.54 -27.60 3.05
CA GLY C 386 -62.97 -27.05 4.27
C GLY C 386 -61.67 -27.70 4.73
N MET C 387 -60.95 -28.35 3.83
CA MET C 387 -59.66 -28.97 4.19
C MET C 387 -58.45 -28.17 3.70
N PRO C 388 -57.73 -27.55 4.64
CA PRO C 388 -56.59 -26.66 4.32
C PRO C 388 -55.45 -27.33 3.55
N GLY C 389 -55.44 -28.66 3.49
CA GLY C 389 -54.44 -29.40 2.74
C GLY C 389 -54.85 -29.71 1.32
N GLY C 390 -55.83 -28.97 0.81
CA GLY C 390 -56.23 -29.05 -0.58
C GLY C 390 -56.07 -27.71 -1.25
N ARG C 391 -55.89 -27.70 -2.57
CA ARG C 391 -55.80 -26.47 -3.34
C ARG C 391 -56.68 -26.55 -4.57
N ASN C 392 -57.39 -25.46 -4.86
CA ASN C 392 -58.25 -25.39 -6.04
C ASN C 392 -58.23 -24.03 -6.70
N LEU C 393 -58.38 -24.03 -8.03
CA LEU C 393 -58.45 -22.80 -8.80
C LEU C 393 -59.86 -22.23 -8.83
N TYR C 394 -59.98 -20.97 -8.44
CA TYR C 394 -61.25 -20.27 -8.42
C TYR C 394 -61.22 -19.05 -9.32
N ARG C 395 -62.35 -18.75 -9.95
CA ARG C 395 -62.51 -17.55 -10.76
C ARG C 395 -63.63 -16.70 -10.19
N ILE C 396 -63.30 -15.47 -9.80
CA ILE C 396 -64.26 -14.53 -9.25
C ILE C 396 -64.45 -13.35 -10.20
N GLN C 397 -65.70 -13.02 -10.49
CA GLN C 397 -66.03 -11.90 -11.36
C GLN C 397 -65.76 -10.57 -10.66
N LEU C 398 -65.16 -9.64 -11.38
CA LEU C 398 -64.69 -8.37 -10.81
C LEU C 398 -65.80 -7.36 -10.53
N ASN C 399 -66.88 -7.43 -11.31
CA ASN C 399 -68.04 -6.55 -11.10
C ASN C 399 -69.15 -7.20 -10.26
N ASP C 400 -69.00 -8.50 -9.99
CA ASP C 400 -69.97 -9.27 -9.22
C ASP C 400 -69.22 -10.23 -8.27
N TYR C 401 -68.96 -9.76 -7.06
CA TYR C 401 -68.16 -10.51 -6.08
C TYR C 401 -68.83 -11.80 -5.58
N THR C 402 -70.13 -11.93 -5.84
CA THR C 402 -70.87 -13.14 -5.52
C THR C 402 -70.64 -14.23 -6.56
N LYS C 403 -70.42 -13.80 -7.81
CA LYS C 403 -70.17 -14.73 -8.91
C LYS C 403 -68.78 -15.37 -8.81
N VAL C 404 -68.68 -16.40 -7.97
CA VAL C 404 -67.43 -17.12 -7.76
C VAL C 404 -67.54 -18.57 -8.22
N THR C 405 -66.71 -18.93 -9.21
CA THR C 405 -66.75 -20.25 -9.83
C THR C 405 -65.47 -21.02 -9.53
N CYS C 406 -65.61 -22.28 -9.12
CA CYS C 406 -64.46 -23.15 -8.90
C CYS C 406 -64.19 -24.03 -10.12
N LEU C 407 -63.11 -23.73 -10.82
CA LEU C 407 -62.81 -24.35 -12.11
C LEU C 407 -62.18 -25.74 -12.01
N SER C 408 -61.74 -26.13 -10.81
CA SER C 408 -61.03 -27.39 -10.65
C SER C 408 -61.64 -28.35 -9.62
N CYS C 409 -62.55 -27.82 -8.78
CA CYS C 409 -63.15 -28.59 -7.68
C CYS C 409 -63.73 -29.93 -8.10
N GLU C 410 -64.57 -29.92 -9.15
CA GLU C 410 -65.24 -31.15 -9.58
C GLU C 410 -64.86 -31.58 -10.99
N LEU C 411 -63.55 -31.70 -11.21
CA LEU C 411 -63.01 -32.28 -12.44
C LEU C 411 -62.79 -33.77 -12.22
N ASN C 412 -61.93 -34.09 -11.25
CA ASN C 412 -61.73 -35.45 -10.78
C ASN C 412 -61.70 -35.45 -9.25
N PRO C 413 -62.86 -35.25 -8.62
CA PRO C 413 -62.94 -34.95 -7.18
C PRO C 413 -62.29 -35.98 -6.24
N GLU C 414 -62.09 -37.21 -6.72
CA GLU C 414 -61.44 -38.25 -5.93
C GLU C 414 -59.95 -38.26 -6.14
N ARG C 415 -59.54 -38.07 -7.40
CA ARG C 415 -58.15 -38.13 -7.82
C ARG C 415 -57.41 -36.81 -7.57
N CYS C 416 -58.14 -35.70 -7.64
CA CYS C 416 -57.54 -34.38 -7.67
C CYS C 416 -58.12 -33.39 -6.66
N GLN C 417 -57.38 -33.15 -5.57
CA GLN C 417 -57.78 -32.19 -4.54
C GLN C 417 -56.71 -31.10 -4.36
N TYR C 418 -55.53 -31.35 -4.91
CA TYR C 418 -54.40 -30.41 -4.81
C TYR C 418 -54.02 -29.88 -6.18
N TYR C 419 -54.37 -28.63 -6.45
CA TYR C 419 -54.17 -28.04 -7.76
C TYR C 419 -53.17 -26.89 -7.80
N SER C 420 -52.51 -26.76 -8.94
CA SER C 420 -51.70 -25.60 -9.29
C SER C 420 -52.11 -25.15 -10.69
N ALA C 421 -51.78 -23.91 -11.05
CA ALA C 421 -52.21 -23.36 -12.33
C ALA C 421 -51.17 -22.46 -13.01
N SER C 422 -51.19 -22.44 -14.33
CA SER C 422 -50.30 -21.61 -15.14
C SER C 422 -51.06 -21.03 -16.32
N PHE C 423 -51.26 -19.71 -16.29
CA PHE C 423 -52.08 -19.03 -17.30
C PHE C 423 -51.25 -18.46 -18.44
N SER C 424 -51.86 -18.37 -19.62
CA SER C 424 -51.24 -17.76 -20.80
C SER C 424 -51.12 -16.24 -20.63
N ASN C 425 -50.52 -15.58 -21.62
CA ASN C 425 -50.18 -14.15 -21.53
C ASN C 425 -51.31 -13.21 -21.13
N LYS C 426 -52.51 -13.46 -21.65
CA LYS C 426 -53.68 -12.64 -21.32
C LYS C 426 -54.77 -13.47 -20.62
N ALA C 427 -54.35 -14.61 -20.07
CA ALA C 427 -55.21 -15.54 -19.34
C ALA C 427 -56.35 -16.13 -20.19
N LYS C 428 -56.06 -16.37 -21.47
CA LYS C 428 -57.03 -16.97 -22.39
C LYS C 428 -57.06 -18.49 -22.24
N TYR C 429 -55.94 -19.05 -21.82
CA TYR C 429 -55.82 -20.49 -21.57
C TYR C 429 -55.03 -20.74 -20.29
N TYR C 430 -55.26 -21.89 -19.67
CA TYR C 430 -54.52 -22.26 -18.47
C TYR C 430 -54.27 -23.76 -18.37
N GLN C 431 -53.08 -24.10 -17.91
CA GLN C 431 -52.74 -25.47 -17.58
C GLN C 431 -53.12 -25.72 -16.12
N LEU C 432 -53.83 -26.81 -15.87
CA LEU C 432 -54.12 -27.21 -14.51
C LEU C 432 -53.18 -28.34 -14.12
N ARG C 433 -52.58 -28.22 -12.93
CA ARG C 433 -51.63 -29.19 -12.43
C ARG C 433 -52.20 -29.83 -11.16
N CYS C 434 -52.44 -31.14 -11.24
CA CYS C 434 -53.05 -31.89 -10.15
C CYS C 434 -51.99 -32.78 -9.52
N PHE C 435 -51.77 -32.59 -8.22
CA PHE C 435 -50.66 -33.26 -7.53
C PHE C 435 -51.08 -34.41 -6.62
N GLY C 436 -52.39 -34.62 -6.49
CA GLY C 436 -52.94 -35.67 -5.65
C GLY C 436 -54.38 -35.42 -5.23
N PRO C 437 -54.95 -36.28 -4.38
CA PRO C 437 -54.26 -37.43 -3.77
C PRO C 437 -53.97 -38.58 -4.74
N GLY C 438 -54.68 -38.64 -5.86
CA GLY C 438 -54.41 -39.63 -6.90
C GLY C 438 -53.15 -39.28 -7.66
N LEU C 439 -52.87 -40.05 -8.72
CA LEU C 439 -51.70 -39.82 -9.57
C LEU C 439 -51.78 -38.45 -10.24
N PRO C 440 -50.64 -37.75 -10.31
CA PRO C 440 -50.56 -36.43 -10.95
C PRO C 440 -51.20 -36.37 -12.34
N LEU C 441 -52.05 -35.37 -12.54
CA LEU C 441 -52.78 -35.20 -13.79
C LEU C 441 -52.63 -33.78 -14.32
N TYR C 442 -52.08 -33.66 -15.52
CA TYR C 442 -51.83 -32.37 -16.15
C TYR C 442 -52.76 -32.19 -17.33
N THR C 443 -53.58 -31.14 -17.27
CA THR C 443 -54.57 -30.87 -18.32
C THR C 443 -54.48 -29.43 -18.83
N LEU C 444 -55.06 -29.19 -20.01
CA LEU C 444 -55.17 -27.85 -20.58
C LEU C 444 -56.64 -27.44 -20.69
N HIS C 445 -56.90 -26.17 -20.36
CA HIS C 445 -58.27 -25.65 -20.33
C HIS C 445 -58.42 -24.33 -21.06
N SER C 446 -59.64 -24.02 -21.46
CA SER C 446 -59.98 -22.73 -22.07
C SER C 446 -60.71 -21.87 -21.06
N SER C 447 -60.35 -20.58 -21.01
CA SER C 447 -60.96 -19.65 -20.06
C SER C 447 -62.36 -19.24 -20.48
N SER C 448 -62.59 -19.20 -21.79
CA SER C 448 -63.88 -18.79 -22.34
C SER C 448 -64.99 -19.83 -22.15
N SER C 449 -64.62 -21.10 -22.21
CA SER C 449 -65.61 -22.19 -22.19
C SER C 449 -65.53 -23.12 -20.97
N ASP C 450 -64.44 -22.99 -20.19
CA ASP C 450 -64.17 -23.85 -19.03
C ASP C 450 -63.99 -25.33 -19.40
N LYS C 451 -63.84 -25.60 -20.69
CA LYS C 451 -63.73 -26.96 -21.22
C LYS C 451 -62.30 -27.49 -21.12
N GLU C 452 -62.18 -28.76 -20.73
CA GLU C 452 -60.90 -29.46 -20.75
C GLU C 452 -60.54 -29.77 -22.20
N LEU C 453 -59.59 -29.02 -22.73
CA LEU C 453 -59.20 -29.10 -24.14
C LEU C 453 -58.53 -30.44 -24.46
N ARG C 454 -57.51 -30.80 -23.67
CA ARG C 454 -56.80 -32.06 -23.85
C ARG C 454 -56.09 -32.51 -22.57
N VAL C 455 -55.73 -33.78 -22.51
CA VAL C 455 -54.93 -34.31 -21.41
C VAL C 455 -53.46 -34.32 -21.84
N LEU C 456 -52.64 -33.62 -21.06
CA LEU C 456 -51.22 -33.45 -21.38
C LEU C 456 -50.39 -34.60 -20.80
N GLU C 457 -50.68 -34.96 -19.55
CA GLU C 457 -50.07 -36.11 -18.90
C GLU C 457 -51.02 -36.67 -17.85
N ASP C 458 -51.30 -37.96 -17.95
CA ASP C 458 -52.24 -38.63 -17.03
C ASP C 458 -51.56 -39.67 -16.15
N ASN C 459 -50.24 -39.81 -16.31
CA ASN C 459 -49.44 -40.79 -15.56
C ASN C 459 -49.96 -42.22 -15.64
N SER C 460 -50.54 -42.57 -16.79
CA SER C 460 -51.14 -43.89 -16.99
C SER C 460 -50.11 -45.01 -16.98
N ALA C 461 -48.88 -44.69 -17.39
CA ALA C 461 -47.76 -45.63 -17.32
C ALA C 461 -47.45 -46.04 -15.87
N LEU C 462 -47.47 -45.07 -14.97
CA LEU C 462 -47.27 -45.32 -13.54
C LEU C 462 -48.47 -46.06 -12.92
N ASP C 463 -49.66 -45.78 -13.45
CA ASP C 463 -50.89 -46.47 -13.06
C ASP C 463 -50.78 -47.98 -13.27
N LYS C 464 -50.08 -48.35 -14.35
CA LYS C 464 -49.84 -49.76 -14.69
C LYS C 464 -48.86 -50.41 -13.72
N MET C 465 -47.84 -49.66 -13.34
CA MET C 465 -46.78 -50.17 -12.45
C MET C 465 -47.25 -50.37 -11.02
N LEU C 466 -48.21 -49.55 -10.58
CA LEU C 466 -48.63 -49.52 -9.18
C LEU C 466 -49.69 -50.55 -8.78
N GLN C 467 -50.39 -51.12 -9.75
CA GLN C 467 -51.35 -52.19 -9.47
C GLN C 467 -50.64 -53.54 -9.35
N ASP C 468 -49.39 -53.59 -9.77
CA ASP C 468 -48.54 -54.77 -9.59
C ASP C 468 -47.69 -54.66 -8.32
N VAL C 469 -48.11 -53.77 -7.41
CA VAL C 469 -47.41 -53.55 -6.14
C VAL C 469 -48.42 -53.22 -5.03
N GLN C 470 -48.11 -53.64 -3.81
CA GLN C 470 -48.96 -53.37 -2.65
C GLN C 470 -48.76 -51.94 -2.16
N MET C 471 -49.71 -51.08 -2.50
CA MET C 471 -49.62 -49.66 -2.17
C MET C 471 -50.32 -49.31 -0.87
N PRO C 472 -49.67 -48.47 -0.05
CA PRO C 472 -50.28 -47.96 1.19
C PRO C 472 -51.36 -46.92 0.90
N SER C 473 -52.19 -46.65 1.90
CA SER C 473 -53.24 -45.64 1.79
C SER C 473 -52.94 -44.43 2.67
N LYS C 474 -53.37 -43.25 2.21
CA LYS C 474 -53.21 -42.02 2.98
C LYS C 474 -54.57 -41.55 3.49
N LYS C 475 -54.69 -41.44 4.82
CA LYS C 475 -55.92 -40.99 5.44
C LYS C 475 -55.74 -39.61 6.09
N LEU C 476 -56.50 -38.63 5.60
CA LEU C 476 -56.51 -37.30 6.18
C LEU C 476 -57.72 -37.12 7.08
N ASP C 477 -57.48 -37.09 8.39
CA ASP C 477 -58.54 -36.93 9.39
C ASP C 477 -58.30 -35.72 10.30
N VAL C 478 -59.08 -35.64 11.38
CA VAL C 478 -59.03 -34.50 12.29
C VAL C 478 -59.04 -34.95 13.75
N ILE C 479 -58.30 -34.24 14.59
CA ILE C 479 -58.35 -34.44 16.04
C ILE C 479 -58.40 -33.08 16.76
N ASN C 480 -58.99 -33.06 17.95
CA ASN C 480 -59.15 -31.82 18.71
C ASN C 480 -58.03 -31.59 19.71
N LEU C 481 -57.41 -30.43 19.63
CA LEU C 481 -56.38 -30.01 20.58
C LEU C 481 -56.73 -28.64 21.13
N HIS C 482 -56.91 -28.58 22.45
CA HIS C 482 -57.21 -27.34 23.16
C HIS C 482 -58.38 -26.56 22.55
N GLY C 483 -59.45 -27.28 22.20
CA GLY C 483 -60.66 -26.69 21.67
C GLY C 483 -60.67 -26.46 20.18
N THR C 484 -59.53 -26.68 19.52
CA THR C 484 -59.39 -26.46 18.08
C THR C 484 -59.11 -27.77 17.36
N LYS C 485 -59.73 -27.96 16.20
CA LYS C 485 -59.49 -29.14 15.37
C LYS C 485 -58.32 -28.92 14.41
N PHE C 486 -57.37 -29.85 14.46
CA PHE C 486 -56.18 -29.80 13.60
C PHE C 486 -56.13 -31.04 12.72
N TRP C 487 -55.56 -30.87 11.53
CA TRP C 487 -55.51 -31.94 10.55
C TRP C 487 -54.27 -32.82 10.69
N TYR C 488 -54.46 -34.11 10.44
CA TYR C 488 -53.36 -35.07 10.45
C TYR C 488 -53.50 -36.08 9.33
N GLN C 489 -52.37 -36.60 8.87
CA GLN C 489 -52.35 -37.68 7.89
C GLN C 489 -51.67 -38.91 8.45
N MET C 490 -52.05 -40.08 7.95
CA MET C 490 -51.41 -41.34 8.32
C MET C 490 -51.17 -42.18 7.07
N ILE C 491 -49.90 -42.48 6.80
CA ILE C 491 -49.56 -43.44 5.75
C ILE C 491 -49.75 -44.82 6.36
N LEU C 492 -50.78 -45.52 5.91
CA LEU C 492 -51.16 -46.79 6.51
C LEU C 492 -50.74 -47.97 5.64
N PRO C 493 -50.13 -48.99 6.27
CA PRO C 493 -49.65 -50.19 5.58
C PRO C 493 -50.74 -50.94 4.80
N PRO C 494 -50.36 -51.65 3.74
CA PRO C 494 -51.31 -52.46 2.95
C PRO C 494 -52.03 -53.50 3.81
N HIS C 495 -53.31 -53.73 3.50
CA HIS C 495 -54.18 -54.62 4.27
C HIS C 495 -54.14 -54.27 5.75
N PHE C 496 -54.47 -53.00 6.03
CA PHE C 496 -54.41 -52.43 7.37
C PHE C 496 -55.42 -53.10 8.31
N ASP C 497 -54.90 -53.76 9.34
CA ASP C 497 -55.71 -54.49 10.31
C ASP C 497 -55.86 -53.70 11.60
N LYS C 498 -57.09 -53.46 12.02
CA LYS C 498 -57.38 -52.67 13.22
C LYS C 498 -57.04 -53.43 14.51
N SER C 499 -57.15 -54.77 14.48
CA SER C 499 -56.82 -55.59 15.63
C SER C 499 -55.31 -55.78 15.80
N LYS C 500 -54.57 -55.65 14.69
CA LYS C 500 -53.12 -55.72 14.72
C LYS C 500 -52.50 -54.42 15.26
N LYS C 501 -51.41 -54.55 16.01
CA LYS C 501 -50.68 -53.40 16.54
C LYS C 501 -49.47 -53.09 15.68
N TYR C 502 -49.42 -51.86 15.16
CA TYR C 502 -48.34 -51.40 14.29
C TYR C 502 -47.46 -50.38 15.02
N PRO C 503 -46.16 -50.37 14.71
CA PRO C 503 -45.27 -49.30 15.17
C PRO C 503 -45.57 -47.98 14.45
N LEU C 504 -45.35 -46.87 15.15
CA LEU C 504 -45.67 -45.55 14.63
C LEU C 504 -44.41 -44.72 14.36
N LEU C 505 -44.37 -44.06 13.21
CA LEU C 505 -43.34 -43.07 12.93
C LEU C 505 -43.99 -41.72 12.66
N ILE C 506 -43.65 -40.74 13.50
CA ILE C 506 -44.09 -39.37 13.29
C ILE C 506 -43.11 -38.68 12.36
N GLU C 507 -43.60 -38.24 11.21
CA GLU C 507 -42.83 -37.42 10.30
C GLU C 507 -43.21 -35.96 10.56
N VAL C 508 -42.24 -35.17 11.00
CA VAL C 508 -42.48 -33.80 11.42
C VAL C 508 -41.67 -32.75 10.65
N TYR C 509 -42.31 -31.63 10.36
CA TYR C 509 -41.62 -30.41 10.00
C TYR C 509 -41.98 -29.35 11.02
N ALA C 510 -43.27 -28.98 11.07
CA ALA C 510 -43.86 -28.13 12.11
C ALA C 510 -43.35 -26.69 12.15
N GLY C 511 -42.73 -26.24 11.06
CA GLY C 511 -42.24 -24.87 10.97
C GLY C 511 -43.36 -23.86 10.85
N PRO C 512 -43.13 -22.62 11.27
CA PRO C 512 -44.12 -21.56 11.13
C PRO C 512 -44.55 -21.36 9.68
N CYS C 513 -45.86 -21.18 9.49
CA CYS C 513 -46.47 -20.97 8.16
C CYS C 513 -46.34 -22.19 7.23
N SER C 514 -46.06 -23.35 7.81
CA SER C 514 -45.84 -24.55 7.01
C SER C 514 -47.00 -25.56 7.12
N GLN C 515 -47.02 -26.51 6.19
CA GLN C 515 -48.06 -27.52 6.13
C GLN C 515 -47.44 -28.85 5.76
N LYS C 516 -47.57 -29.84 6.64
CA LYS C 516 -47.08 -31.17 6.38
C LYS C 516 -48.21 -32.15 6.02
N VAL C 517 -49.45 -31.73 6.30
CA VAL C 517 -50.63 -32.54 6.02
C VAL C 517 -51.38 -31.96 4.83
N ASP C 518 -51.30 -32.67 3.70
CA ASP C 518 -51.98 -32.26 2.47
C ASP C 518 -52.40 -33.48 1.65
N THR C 519 -52.96 -33.21 0.46
CA THR C 519 -53.42 -34.27 -0.42
C THR C 519 -52.50 -34.48 -1.61
N VAL C 520 -51.21 -34.15 -1.44
CA VAL C 520 -50.22 -34.35 -2.49
C VAL C 520 -49.81 -35.82 -2.58
N PHE C 521 -49.84 -36.37 -3.79
CA PHE C 521 -49.32 -37.71 -4.04
C PHE C 521 -47.80 -37.69 -3.94
N ARG C 522 -47.25 -38.51 -3.05
CA ARG C 522 -45.81 -38.58 -2.83
C ARG C 522 -45.33 -40.02 -2.76
N LEU C 523 -44.37 -40.36 -3.61
CA LEU C 523 -43.67 -41.63 -3.50
C LEU C 523 -42.40 -41.36 -2.70
N SER C 524 -42.48 -41.67 -1.40
CA SER C 524 -41.49 -41.21 -0.44
C SER C 524 -40.83 -42.36 0.33
N TRP C 525 -40.04 -41.99 1.34
CA TRP C 525 -39.44 -42.97 2.26
C TRP C 525 -40.52 -43.57 3.16
N ALA C 526 -41.54 -42.77 3.45
CA ALA C 526 -42.69 -43.22 4.23
C ALA C 526 -43.51 -44.26 3.47
N THR C 527 -43.53 -44.14 2.14
CA THR C 527 -44.21 -45.09 1.27
C THR C 527 -43.61 -46.48 1.43
N TYR C 528 -42.28 -46.54 1.52
CA TYR C 528 -41.57 -47.80 1.71
C TYR C 528 -41.80 -48.38 3.10
N LEU C 529 -41.78 -47.52 4.11
CA LEU C 529 -41.91 -47.96 5.51
C LEU C 529 -43.27 -48.57 5.81
N ALA C 530 -44.30 -48.07 5.13
CA ALA C 530 -45.64 -48.61 5.25
C ALA C 530 -45.81 -49.88 4.41
N SER C 531 -45.29 -49.85 3.19
CA SER C 531 -45.42 -50.96 2.24
C SER C 531 -44.61 -52.20 2.63
N THR C 532 -43.31 -52.02 2.86
CA THR C 532 -42.41 -53.14 3.14
C THR C 532 -42.28 -53.43 4.63
N GLU C 533 -42.22 -52.36 5.42
CA GLU C 533 -41.84 -52.47 6.83
C GLU C 533 -43.03 -52.50 7.77
N ASN C 534 -44.22 -52.25 7.23
CA ASN C 534 -45.47 -52.27 8.00
C ASN C 534 -45.47 -51.29 9.17
N ILE C 535 -44.90 -50.11 8.92
CA ILE C 535 -44.89 -49.02 9.90
C ILE C 535 -45.90 -47.96 9.48
N ILE C 536 -46.66 -47.45 10.46
CA ILE C 536 -47.56 -46.33 10.22
C ILE C 536 -46.74 -45.04 10.30
N VAL C 537 -46.83 -44.22 9.25
CA VAL C 537 -46.15 -42.93 9.26
C VAL C 537 -47.17 -41.80 9.35
N ALA C 538 -47.24 -41.17 10.52
CA ALA C 538 -48.19 -40.08 10.76
C ALA C 538 -47.54 -38.70 10.67
N SER C 539 -48.32 -37.72 10.24
CA SER C 539 -47.90 -36.33 10.24
C SER C 539 -49.04 -35.45 10.74
N PHE C 540 -48.68 -34.34 11.38
CA PHE C 540 -49.64 -33.51 12.08
C PHE C 540 -49.27 -32.04 12.01
N ASP C 541 -50.27 -31.19 11.80
CA ASP C 541 -50.09 -29.74 11.76
C ASP C 541 -50.78 -29.10 12.96
N GLY C 542 -49.99 -28.69 13.94
CA GLY C 542 -50.51 -28.05 15.14
C GLY C 542 -50.41 -26.54 15.08
N ARG C 543 -50.14 -25.93 16.23
CA ARG C 543 -49.99 -24.47 16.32
C ARG C 543 -48.68 -24.04 15.66
N GLY C 544 -48.76 -22.94 14.92
CA GLY C 544 -47.64 -22.47 14.12
C GLY C 544 -47.80 -22.80 12.65
N SER C 545 -48.51 -23.88 12.35
CA SER C 545 -48.76 -24.29 10.97
C SER C 545 -49.61 -23.25 10.23
N GLY C 546 -49.51 -23.25 8.90
CA GLY C 546 -50.16 -22.23 8.09
C GLY C 546 -51.46 -22.63 7.43
N TYR C 547 -52.02 -21.68 6.68
CA TYR C 547 -53.21 -21.90 5.83
C TYR C 547 -54.52 -22.12 6.61
N GLN C 548 -54.47 -21.86 7.91
CA GLN C 548 -55.63 -22.04 8.79
C GLN C 548 -55.88 -20.81 9.67
N GLY C 549 -55.51 -19.63 9.17
CA GLY C 549 -55.69 -18.39 9.89
C GLY C 549 -54.49 -17.97 10.73
N ASP C 550 -54.43 -16.69 11.07
CA ASP C 550 -53.34 -16.12 11.86
C ASP C 550 -53.34 -16.61 13.31
N LYS C 551 -54.49 -17.01 13.81
CA LYS C 551 -54.62 -17.47 15.19
C LYS C 551 -53.79 -18.73 15.43
N ILE C 552 -53.87 -19.68 14.50
CA ILE C 552 -53.05 -20.89 14.57
C ILE C 552 -51.60 -20.57 14.20
N MET C 553 -51.41 -19.66 13.23
CA MET C 553 -50.08 -19.34 12.72
C MET C 553 -49.22 -18.55 13.72
N HIS C 554 -49.77 -17.46 14.24
CA HIS C 554 -49.05 -16.57 15.15
C HIS C 554 -48.99 -17.10 16.59
N ALA C 555 -49.44 -18.34 16.79
CA ALA C 555 -49.45 -18.94 18.13
C ALA C 555 -48.04 -19.15 18.70
N ILE C 556 -47.07 -19.41 17.84
CA ILE C 556 -45.68 -19.60 18.26
C ILE C 556 -44.83 -18.35 18.13
N ASN C 557 -45.47 -17.21 17.85
CA ASN C 557 -44.77 -15.94 17.75
C ASN C 557 -43.91 -15.67 19.00
N ARG C 558 -42.63 -15.42 18.75
CA ARG C 558 -41.63 -15.15 19.79
C ARG C 558 -41.39 -16.34 20.73
N ARG C 559 -41.89 -17.52 20.35
CA ARG C 559 -41.72 -18.72 21.16
C ARG C 559 -41.60 -20.00 20.33
N LEU C 560 -40.66 -20.02 19.39
CA LEU C 560 -40.36 -21.21 18.60
C LEU C 560 -39.82 -22.30 19.51
N GLY C 561 -40.29 -23.53 19.29
CA GLY C 561 -39.89 -24.67 20.10
C GLY C 561 -40.83 -25.02 21.24
N THR C 562 -41.97 -24.34 21.31
CA THR C 562 -42.93 -24.58 22.38
C THR C 562 -44.19 -25.29 21.90
N PHE C 563 -45.15 -24.51 21.41
CA PHE C 563 -46.48 -25.02 21.07
C PHE C 563 -46.48 -26.02 19.91
N GLU C 564 -45.67 -25.77 18.89
CA GLU C 564 -45.55 -26.67 17.74
C GLU C 564 -44.94 -28.02 18.17
N VAL C 565 -44.05 -27.97 19.14
CA VAL C 565 -43.37 -29.14 19.70
C VAL C 565 -44.33 -29.91 20.61
N GLU C 566 -44.97 -29.19 21.53
CA GLU C 566 -45.91 -29.76 22.50
C GLU C 566 -47.13 -30.38 21.82
N ASP C 567 -47.56 -29.78 20.70
CA ASP C 567 -48.70 -30.28 19.94
C ASP C 567 -48.37 -31.60 19.23
N GLN C 568 -47.11 -31.78 18.84
CA GLN C 568 -46.66 -33.03 18.25
C GLN C 568 -46.77 -34.17 19.26
N ILE C 569 -46.47 -33.86 20.53
CA ILE C 569 -46.52 -34.85 21.61
C ILE C 569 -47.97 -35.19 21.98
N GLU C 570 -48.78 -34.16 22.19
CA GLU C 570 -50.18 -34.32 22.57
C GLU C 570 -50.99 -35.05 21.49
N ALA C 571 -50.64 -34.81 20.22
CA ALA C 571 -51.27 -35.49 19.09
C ALA C 571 -50.84 -36.94 18.96
N THR C 572 -49.58 -37.22 19.25
CA THR C 572 -49.05 -38.59 19.21
C THR C 572 -49.61 -39.42 20.36
N ARG C 573 -49.83 -38.75 21.50
CA ARG C 573 -50.49 -39.37 22.65
C ARG C 573 -51.90 -39.81 22.28
N GLN C 574 -52.58 -38.99 21.48
CA GLN C 574 -53.90 -39.33 20.93
C GLN C 574 -53.84 -40.45 19.89
N PHE C 575 -52.75 -40.49 19.12
CA PHE C 575 -52.55 -41.55 18.12
C PHE C 575 -52.25 -42.88 18.81
N SER C 576 -51.42 -42.84 19.84
CA SER C 576 -50.98 -44.03 20.56
C SER C 576 -52.12 -44.70 21.33
N LYS C 577 -53.14 -43.93 21.66
CA LYS C 577 -54.31 -44.44 22.38
C LYS C 577 -55.17 -45.35 21.50
N MET C 578 -55.27 -44.99 20.21
CA MET C 578 -55.96 -45.82 19.21
C MET C 578 -55.37 -47.23 19.22
N GLY C 579 -56.23 -48.23 19.13
CA GLY C 579 -55.86 -49.62 19.32
C GLY C 579 -54.79 -50.21 18.43
N PHE C 580 -54.63 -49.65 17.22
CA PHE C 580 -53.70 -50.19 16.22
C PHE C 580 -52.26 -49.68 16.32
N VAL C 581 -52.00 -48.84 17.32
CA VAL C 581 -50.66 -48.27 17.51
C VAL C 581 -49.92 -48.90 18.71
N ASP C 582 -48.76 -49.48 18.44
CA ASP C 582 -47.89 -50.05 19.47
C ASP C 582 -47.21 -48.92 20.27
N ASP C 583 -47.60 -48.80 21.54
CA ASP C 583 -47.08 -47.75 22.42
C ASP C 583 -45.62 -47.96 22.86
N LYS C 584 -45.09 -49.15 22.61
CA LYS C 584 -43.70 -49.47 22.90
C LYS C 584 -42.77 -49.03 21.77
N ARG C 585 -43.34 -48.85 20.57
CA ARG C 585 -42.54 -48.59 19.37
C ARG C 585 -43.04 -47.38 18.59
N ILE C 586 -42.84 -46.19 19.16
CA ILE C 586 -43.13 -44.94 18.45
C ILE C 586 -41.84 -44.14 18.23
N ALA C 587 -41.66 -43.67 17.01
CA ALA C 587 -40.51 -42.87 16.64
C ALA C 587 -40.94 -41.52 16.05
N ILE C 588 -40.00 -40.59 16.00
CA ILE C 588 -40.21 -39.27 15.39
C ILE C 588 -38.97 -38.87 14.58
N TRP C 589 -39.20 -38.35 13.38
CA TRP C 589 -38.10 -37.93 12.52
C TRP C 589 -38.46 -36.69 11.72
N GLY C 590 -37.44 -35.94 11.31
CA GLY C 590 -37.62 -34.70 10.58
C GLY C 590 -36.36 -34.11 10.00
N TRP C 591 -36.54 -33.17 9.07
CA TRP C 591 -35.47 -32.53 8.32
C TRP C 591 -35.58 -31.02 8.54
N SER C 592 -34.42 -30.36 8.65
CA SER C 592 -34.32 -28.92 8.92
C SER C 592 -35.07 -28.52 10.20
N TYR C 593 -36.13 -27.74 10.04
CA TYR C 593 -37.00 -27.36 11.16
C TYR C 593 -37.59 -28.60 11.82
N GLY C 594 -37.85 -29.63 11.01
CA GLY C 594 -38.33 -30.91 11.50
C GLY C 594 -37.31 -31.60 12.38
N GLY C 595 -36.03 -31.42 12.05
CA GLY C 595 -34.94 -31.92 12.86
C GLY C 595 -34.93 -31.26 14.23
N TYR C 596 -35.15 -29.95 14.23
CA TYR C 596 -35.25 -29.17 15.45
C TYR C 596 -36.40 -29.68 16.32
N VAL C 597 -37.61 -29.75 15.75
CA VAL C 597 -38.79 -30.22 16.47
C VAL C 597 -38.60 -31.66 16.95
N THR C 598 -38.11 -32.52 16.07
CA THR C 598 -37.75 -33.90 16.44
C THR C 598 -36.90 -33.91 17.71
N SER C 599 -35.80 -33.16 17.67
CA SER C 599 -34.86 -33.08 18.78
C SER C 599 -35.50 -32.49 20.04
N MET C 600 -36.33 -31.48 19.85
CA MET C 600 -37.05 -30.83 20.95
C MET C 600 -38.10 -31.76 21.56
N VAL C 601 -38.78 -32.52 20.70
CA VAL C 601 -39.75 -33.52 21.13
C VAL C 601 -39.03 -34.63 21.91
N LEU C 602 -37.89 -35.08 21.40
CA LEU C 602 -37.10 -36.11 22.07
C LEU C 602 -36.55 -35.60 23.40
N GLY C 603 -36.15 -34.32 23.43
CA GLY C 603 -35.66 -33.69 24.63
C GLY C 603 -36.74 -33.30 25.63
N ALA C 604 -38.01 -33.47 25.24
CA ALA C 604 -39.14 -33.10 26.09
C ALA C 604 -39.33 -34.03 27.29
N GLY C 605 -38.80 -35.25 27.20
CA GLY C 605 -38.93 -36.24 28.27
C GLY C 605 -40.36 -36.71 28.46
N SER C 606 -41.10 -36.77 27.37
CA SER C 606 -42.52 -37.15 27.39
C SER C 606 -42.73 -38.63 27.67
N GLY C 607 -41.70 -39.43 27.40
CA GLY C 607 -41.77 -40.88 27.56
C GLY C 607 -42.61 -41.55 26.50
N VAL C 608 -43.00 -40.80 25.48
CA VAL C 608 -43.86 -41.30 24.40
C VAL C 608 -43.04 -41.94 23.28
N PHE C 609 -41.86 -41.40 23.01
CA PHE C 609 -41.07 -41.82 21.86
C PHE C 609 -39.86 -42.67 22.27
N LYS C 610 -39.68 -43.79 21.58
CA LYS C 610 -38.56 -44.68 21.84
C LYS C 610 -37.26 -44.15 21.24
N CYS C 611 -37.37 -43.53 20.06
CA CYS C 611 -36.22 -43.04 19.32
C CYS C 611 -36.58 -41.95 18.33
N GLY C 612 -35.57 -41.27 17.81
CA GLY C 612 -35.77 -40.22 16.83
C GLY C 612 -34.56 -39.92 15.97
N ILE C 613 -34.80 -39.40 14.78
CA ILE C 613 -33.76 -39.05 13.83
C ILE C 613 -33.91 -37.58 13.43
N ALA C 614 -32.86 -36.80 13.61
CA ALA C 614 -32.84 -35.41 13.19
C ALA C 614 -31.80 -35.20 12.10
N VAL C 615 -32.25 -34.66 10.97
CA VAL C 615 -31.38 -34.41 9.83
C VAL C 615 -31.23 -32.91 9.62
N ALA C 616 -29.99 -32.44 9.61
CA ALA C 616 -29.65 -31.02 9.48
C ALA C 616 -30.53 -30.09 10.34
N PRO C 617 -30.66 -30.38 11.63
CA PRO C 617 -31.54 -29.59 12.51
C PRO C 617 -30.93 -28.27 12.95
N VAL C 618 -31.78 -27.27 13.14
CA VAL C 618 -31.42 -26.11 13.95
C VAL C 618 -31.34 -26.63 15.38
N SER C 619 -30.34 -26.18 16.13
CA SER C 619 -30.19 -26.58 17.52
C SER C 619 -30.33 -25.38 18.45
N LYS C 620 -29.96 -24.21 17.94
CA LYS C 620 -30.01 -22.96 18.69
C LYS C 620 -30.28 -21.83 17.70
N TRP C 621 -31.31 -21.04 17.99
CA TRP C 621 -31.80 -20.02 17.06
C TRP C 621 -30.87 -18.83 16.84
N GLU C 622 -29.88 -18.66 17.72
CA GLU C 622 -28.85 -17.66 17.53
C GLU C 622 -27.88 -18.05 16.42
N TYR C 623 -27.86 -19.34 16.10
CA TYR C 623 -27.02 -19.85 15.02
C TYR C 623 -27.63 -19.66 13.63
N TYR C 624 -28.95 -19.51 13.56
CA TYR C 624 -29.63 -19.37 12.27
C TYR C 624 -29.70 -17.92 11.79
N ASP C 625 -30.14 -17.70 10.54
CA ASP C 625 -30.08 -16.35 9.94
C ASP C 625 -31.07 -15.35 10.52
N SER C 626 -30.72 -14.07 10.38
CA SER C 626 -31.51 -12.97 10.93
C SER C 626 -32.94 -12.87 10.37
N VAL C 627 -33.07 -12.84 9.04
CA VAL C 627 -34.37 -12.59 8.42
C VAL C 627 -35.43 -13.59 8.87
N TYR C 628 -35.10 -14.88 8.81
CA TYR C 628 -36.04 -15.93 9.21
C TYR C 628 -36.28 -15.95 10.72
N THR C 629 -35.20 -15.93 11.49
CA THR C 629 -35.28 -16.07 12.95
C THR C 629 -35.91 -14.85 13.62
N GLU C 630 -35.55 -13.65 13.19
CA GLU C 630 -36.05 -12.43 13.82
C GLU C 630 -37.51 -12.18 13.50
N ARG C 631 -37.95 -12.69 12.34
CA ARG C 631 -39.36 -12.67 11.95
C ARG C 631 -40.23 -13.32 13.02
N TYR C 632 -39.78 -14.45 13.55
CA TYR C 632 -40.55 -15.23 14.53
C TYR C 632 -40.12 -15.03 15.98
N MET C 633 -38.87 -14.60 16.19
CA MET C 633 -38.30 -14.55 17.54
C MET C 633 -37.88 -13.17 18.01
N GLY C 634 -37.83 -12.21 17.08
CA GLY C 634 -37.34 -10.88 17.39
C GLY C 634 -35.84 -10.90 17.61
N LEU C 635 -35.35 -10.03 18.48
CA LEU C 635 -33.91 -9.92 18.72
C LEU C 635 -33.45 -10.64 19.99
N PRO C 636 -32.27 -11.26 19.94
CA PRO C 636 -31.73 -11.95 21.12
C PRO C 636 -30.97 -11.02 22.06
N THR C 637 -31.67 -10.00 22.57
CA THR C 637 -31.13 -9.08 23.56
C THR C 637 -31.99 -9.16 24.81
N PRO C 638 -31.39 -8.97 26.00
CA PRO C 638 -32.15 -8.95 27.26
C PRO C 638 -33.36 -8.01 27.22
N GLU C 639 -33.27 -6.94 26.45
CA GLU C 639 -34.37 -6.00 26.24
C GLU C 639 -35.52 -6.61 25.42
N ASP C 640 -35.19 -7.56 24.55
CA ASP C 640 -36.18 -8.20 23.69
C ASP C 640 -36.49 -9.64 24.13
N ASN C 641 -36.13 -10.61 23.29
CA ASN C 641 -36.58 -11.99 23.49
C ASN C 641 -35.47 -13.01 23.77
N LEU C 642 -34.37 -12.54 24.36
CA LEU C 642 -33.24 -13.41 24.70
C LEU C 642 -33.63 -14.59 25.59
N ASP C 643 -34.51 -14.34 26.55
CA ASP C 643 -34.96 -15.37 27.50
C ASP C 643 -35.55 -16.58 26.77
N TYR C 644 -36.32 -16.31 25.72
CA TYR C 644 -36.96 -17.37 24.94
C TYR C 644 -36.03 -17.93 23.87
N TYR C 645 -34.97 -17.20 23.53
CA TYR C 645 -33.90 -17.72 22.70
C TYR C 645 -33.15 -18.79 23.50
N ARG C 646 -32.80 -18.45 24.74
CA ARG C 646 -31.97 -19.28 25.61
C ARG C 646 -32.65 -20.60 25.98
N ASN C 647 -33.95 -20.55 26.27
CA ASN C 647 -34.65 -21.73 26.77
C ASN C 647 -35.29 -22.59 25.68
N SER C 648 -34.97 -22.28 24.42
CA SER C 648 -35.50 -23.01 23.27
C SER C 648 -34.43 -23.75 22.48
N THR C 649 -33.23 -23.88 23.07
CA THR C 649 -32.17 -24.65 22.45
C THR C 649 -32.36 -26.13 22.75
N VAL C 650 -31.89 -26.99 21.84
CA VAL C 650 -31.95 -28.43 22.06
C VAL C 650 -31.00 -28.82 23.18
N MET C 651 -29.87 -28.11 23.26
CA MET C 651 -28.84 -28.33 24.27
C MET C 651 -29.34 -28.17 25.72
N SER C 652 -30.36 -27.34 25.91
CA SER C 652 -30.96 -27.14 27.23
C SER C 652 -31.79 -28.35 27.71
N ARG C 653 -32.13 -29.24 26.78
CA ARG C 653 -32.87 -30.46 27.10
C ARG C 653 -32.01 -31.71 26.96
N ALA C 654 -30.69 -31.52 26.92
CA ALA C 654 -29.72 -32.60 26.71
C ALA C 654 -29.89 -33.78 27.66
N GLU C 655 -30.21 -33.50 28.92
CA GLU C 655 -30.38 -34.53 29.94
C GLU C 655 -31.43 -35.58 29.58
N ASN C 656 -32.55 -35.12 29.01
CA ASN C 656 -33.68 -36.01 28.69
C ASN C 656 -33.42 -36.95 27.52
N PHE C 657 -32.33 -36.72 26.78
CA PHE C 657 -31.94 -37.55 25.66
C PHE C 657 -31.44 -38.92 26.11
N LYS C 658 -31.23 -39.07 27.42
CA LYS C 658 -30.79 -40.32 28.02
C LYS C 658 -31.89 -41.39 27.94
N GLN C 659 -33.14 -40.95 27.76
CA GLN C 659 -34.28 -41.85 27.72
C GLN C 659 -34.62 -42.34 26.32
N VAL C 660 -34.00 -41.76 25.31
CA VAL C 660 -34.29 -42.09 23.92
C VAL C 660 -33.04 -42.54 23.16
N GLU C 661 -33.25 -43.24 22.04
CA GLU C 661 -32.19 -43.51 21.08
C GLU C 661 -32.18 -42.40 20.03
N TYR C 662 -31.04 -41.75 19.86
CA TYR C 662 -30.95 -40.57 19.01
C TYR C 662 -30.03 -40.78 17.82
N LEU C 663 -30.46 -40.30 16.65
CA LEU C 663 -29.61 -40.26 15.47
C LEU C 663 -29.53 -38.82 14.97
N LEU C 664 -28.32 -38.25 15.05
CA LEU C 664 -28.05 -36.89 14.59
C LEU C 664 -27.30 -36.91 13.27
N ILE C 665 -27.93 -36.38 12.22
CA ILE C 665 -27.33 -36.35 10.89
C ILE C 665 -27.21 -34.91 10.40
N HIS C 666 -26.05 -34.59 9.82
CA HIS C 666 -25.78 -33.24 9.31
C HIS C 666 -24.68 -33.28 8.25
N GLY C 667 -24.91 -32.58 7.14
CA GLY C 667 -23.90 -32.41 6.10
C GLY C 667 -22.91 -31.31 6.46
N THR C 668 -21.63 -31.60 6.29
CA THR C 668 -20.55 -30.68 6.72
C THR C 668 -20.49 -29.38 5.92
N ALA C 669 -20.98 -29.41 4.69
CA ALA C 669 -20.96 -28.23 3.82
C ALA C 669 -22.31 -27.51 3.79
N ASP C 670 -23.08 -27.65 4.86
CA ASP C 670 -24.38 -27.01 4.99
C ASP C 670 -24.21 -25.50 5.19
N ASP C 671 -24.56 -24.74 4.15
CA ASP C 671 -24.52 -23.30 4.17
C ASP C 671 -25.74 -22.68 4.86
N ASN C 672 -26.78 -23.50 5.07
CA ASN C 672 -28.07 -23.04 5.55
C ASN C 672 -28.14 -23.14 7.07
N VAL C 673 -28.43 -24.35 7.54
CA VAL C 673 -28.25 -24.69 8.95
C VAL C 673 -26.83 -25.23 9.03
N HIS C 674 -25.92 -24.43 9.54
CA HIS C 674 -24.49 -24.76 9.52
C HIS C 674 -24.18 -25.97 10.37
N PHE C 675 -23.22 -26.78 9.91
CA PHE C 675 -22.76 -27.95 10.65
C PHE C 675 -22.52 -27.64 12.12
N GLN C 676 -22.12 -26.39 12.39
CA GLN C 676 -21.98 -25.84 13.74
C GLN C 676 -23.15 -26.21 14.66
N GLN C 677 -24.37 -26.04 14.16
CA GLN C 677 -25.59 -26.33 14.90
C GLN C 677 -25.59 -27.74 15.51
N SER C 678 -25.22 -28.73 14.71
CA SER C 678 -25.16 -30.11 15.17
C SER C 678 -23.91 -30.38 15.99
N ALA C 679 -22.79 -29.81 15.55
CA ALA C 679 -21.53 -29.94 16.27
C ALA C 679 -21.68 -29.49 17.72
N GLN C 680 -22.34 -28.35 17.92
CA GLN C 680 -22.56 -27.82 19.27
C GLN C 680 -23.54 -28.67 20.08
N LEU C 681 -24.57 -29.17 19.39
CA LEU C 681 -25.56 -30.06 20.00
C LEU C 681 -24.90 -31.35 20.46
N SER C 682 -24.07 -31.95 19.59
CA SER C 682 -23.40 -33.20 19.90
C SER C 682 -22.44 -33.04 21.08
N LYS C 683 -21.71 -31.92 21.10
CA LYS C 683 -20.78 -31.60 22.18
C LYS C 683 -21.48 -31.54 23.55
N ALA C 684 -22.65 -30.90 23.60
CA ALA C 684 -23.43 -30.77 24.82
C ALA C 684 -23.97 -32.10 25.33
N LEU C 685 -24.36 -32.98 24.41
CA LEU C 685 -24.83 -34.32 24.73
C LEU C 685 -23.69 -35.16 25.30
N VAL C 686 -22.52 -35.03 24.69
CA VAL C 686 -21.30 -35.68 25.15
C VAL C 686 -20.99 -35.19 26.58
N ASP C 687 -21.10 -33.87 26.78
CA ASP C 687 -20.92 -33.27 28.10
C ASP C 687 -21.96 -33.78 29.10
N ALA C 688 -23.17 -34.05 28.63
CA ALA C 688 -24.25 -34.52 29.48
C ALA C 688 -24.12 -36.00 29.86
N GLY C 689 -23.30 -36.73 29.10
CA GLY C 689 -23.11 -38.16 29.31
C GLY C 689 -24.11 -39.00 28.55
N VAL C 690 -24.70 -38.43 27.52
CA VAL C 690 -25.73 -39.09 26.72
C VAL C 690 -25.12 -39.91 25.59
N ASP C 691 -25.51 -41.18 25.49
CA ASP C 691 -25.17 -41.96 24.30
C ASP C 691 -26.18 -41.72 23.20
N PHE C 692 -25.66 -41.48 22.00
CA PHE C 692 -26.45 -41.18 20.83
C PHE C 692 -25.64 -41.54 19.59
N GLN C 693 -26.32 -41.76 18.47
CA GLN C 693 -25.67 -42.06 17.21
C GLN C 693 -25.49 -40.78 16.40
N THR C 694 -24.51 -40.77 15.51
CA THR C 694 -24.19 -39.60 14.70
C THR C 694 -23.84 -40.01 13.28
N MET C 695 -24.07 -39.12 12.33
CA MET C 695 -23.61 -39.33 10.96
C MET C 695 -23.42 -38.01 10.21
N TRP C 696 -22.16 -37.62 10.04
CA TRP C 696 -21.84 -36.47 9.20
C TRP C 696 -21.80 -36.94 7.75
N TYR C 697 -22.12 -36.02 6.83
CA TYR C 697 -21.97 -36.28 5.41
C TYR C 697 -21.04 -35.25 4.77
N THR C 698 -19.89 -35.75 4.30
CA THR C 698 -18.83 -34.91 3.75
C THR C 698 -19.27 -34.15 2.50
N ASP C 699 -19.16 -32.83 2.57
CA ASP C 699 -19.40 -31.93 1.44
C ASP C 699 -20.86 -31.84 0.97
N GLU C 700 -21.78 -32.46 1.71
CA GLU C 700 -23.20 -32.32 1.45
C GLU C 700 -23.74 -31.03 2.06
N ASP C 701 -24.69 -30.40 1.39
CA ASP C 701 -25.32 -29.20 1.92
C ASP C 701 -26.63 -29.52 2.66
N HIS C 702 -27.58 -28.58 2.66
CA HIS C 702 -28.83 -28.74 3.40
C HIS C 702 -29.75 -29.80 2.81
N GLY C 703 -29.60 -30.04 1.51
CA GLY C 703 -30.40 -31.03 0.83
C GLY C 703 -29.89 -32.45 1.03
N ILE C 704 -28.57 -32.60 1.26
CA ILE C 704 -27.90 -33.91 1.20
C ILE C 704 -28.40 -34.63 -0.07
N ALA C 705 -28.35 -33.90 -1.18
CA ALA C 705 -29.12 -34.23 -2.38
C ALA C 705 -28.29 -34.87 -3.48
N SER C 706 -27.01 -35.10 -3.19
CA SER C 706 -26.15 -35.87 -4.10
C SER C 706 -26.68 -37.30 -4.15
N ASN C 707 -26.61 -37.89 -5.34
CA ASN C 707 -27.17 -39.22 -5.60
C ASN C 707 -26.81 -40.29 -4.56
N MET C 708 -25.50 -40.44 -4.31
CA MET C 708 -25.01 -41.49 -3.42
C MET C 708 -25.31 -41.21 -1.95
N ALA C 709 -25.25 -39.93 -1.55
CA ALA C 709 -25.54 -39.51 -0.19
C ALA C 709 -27.02 -39.65 0.14
N HIS C 710 -27.87 -39.24 -0.80
CA HIS C 710 -29.32 -39.44 -0.73
C HIS C 710 -29.62 -40.92 -0.52
N GLN C 711 -28.94 -41.77 -1.29
CA GLN C 711 -29.11 -43.22 -1.17
C GLN C 711 -28.58 -43.75 0.16
N HIS C 712 -27.47 -43.18 0.61
CA HIS C 712 -26.80 -43.60 1.85
C HIS C 712 -27.57 -43.24 3.12
N ILE C 713 -28.10 -42.02 3.18
CA ILE C 713 -28.77 -41.53 4.38
C ILE C 713 -30.05 -42.31 4.72
N TYR C 714 -30.89 -42.56 3.70
CA TYR C 714 -32.13 -43.30 3.89
C TYR C 714 -31.87 -44.77 4.19
N THR C 715 -30.82 -45.32 3.60
CA THR C 715 -30.35 -46.66 3.96
C THR C 715 -29.97 -46.69 5.44
N HIS C 716 -29.17 -45.72 5.87
CA HIS C 716 -28.75 -45.61 7.26
C HIS C 716 -29.91 -45.36 8.22
N MET C 717 -30.84 -44.49 7.83
CA MET C 717 -32.02 -44.19 8.63
C MET C 717 -32.94 -45.40 8.75
N SER C 718 -33.02 -46.18 7.68
CA SER C 718 -33.81 -47.41 7.65
C SER C 718 -33.26 -48.43 8.64
N HIS C 719 -31.95 -48.64 8.64
CA HIS C 719 -31.29 -49.57 9.56
C HIS C 719 -31.50 -49.16 11.01
N PHE C 720 -31.47 -47.84 11.27
CA PHE C 720 -31.70 -47.29 12.61
C PHE C 720 -33.13 -47.52 13.08
N LEU C 721 -34.09 -47.24 12.20
CA LEU C 721 -35.50 -47.41 12.51
C LEU C 721 -35.88 -48.88 12.70
N LYS C 722 -35.26 -49.77 11.93
CA LYS C 722 -35.51 -51.20 12.01
C LYS C 722 -34.95 -51.79 13.31
N GLN C 723 -33.79 -51.29 13.74
CA GLN C 723 -33.17 -51.70 15.00
C GLN C 723 -34.00 -51.25 16.19
N CYS C 724 -34.50 -50.01 16.12
CA CYS C 724 -35.28 -49.40 17.18
C CYS C 724 -36.65 -50.08 17.33
N PHE C 725 -37.23 -50.46 16.20
CA PHE C 725 -38.54 -51.09 16.16
C PHE C 725 -38.45 -52.61 16.30
N SER C 726 -37.25 -53.12 16.56
CA SER C 726 -36.97 -54.55 16.65
C SER C 726 -37.57 -55.30 15.45
N LEU C 727 -37.22 -54.83 14.25
CA LEU C 727 -37.78 -55.35 13.00
C LEU C 727 -36.72 -55.99 12.10
N PRO C 728 -37.02 -57.19 11.59
CA PRO C 728 -36.10 -57.92 10.71
C PRO C 728 -36.22 -57.51 9.23
N SER D 1 -18.20 -64.12 45.44
CA SER D 1 -18.60 -63.61 44.09
C SER D 1 -17.45 -62.87 43.41
N ARG D 2 -16.98 -61.79 44.06
CA ARG D 2 -15.86 -60.96 43.60
C ARG D 2 -16.14 -60.14 42.33
N ARG D 3 -15.98 -58.83 42.46
CA ARG D 3 -16.28 -57.89 41.37
C ARG D 3 -15.29 -57.98 40.21
N THR D 4 -15.75 -57.62 39.02
CA THR D 4 -14.90 -57.57 37.83
C THR D 4 -14.45 -56.13 37.55
N TYR D 5 -13.39 -55.97 36.78
CA TYR D 5 -12.90 -54.65 36.37
C TYR D 5 -13.84 -54.08 35.30
N THR D 6 -14.61 -53.06 35.70
CA THR D 6 -15.66 -52.51 34.83
C THR D 6 -15.17 -51.36 33.96
N LEU D 7 -16.04 -50.90 33.06
CA LEU D 7 -15.76 -49.74 32.21
C LEU D 7 -15.66 -48.46 33.05
N THR D 8 -16.54 -48.32 34.04
CA THR D 8 -16.52 -47.20 34.98
C THR D 8 -15.20 -47.16 35.77
N ASP D 9 -14.66 -48.33 36.07
CA ASP D 9 -13.40 -48.47 36.80
C ASP D 9 -12.24 -47.90 35.98
N TYR D 10 -12.31 -48.06 34.66
CA TYR D 10 -11.29 -47.54 33.76
C TYR D 10 -11.46 -46.03 33.54
N LEU D 11 -12.68 -45.61 33.21
CA LEU D 11 -12.96 -44.22 32.87
C LEU D 11 -12.78 -43.24 34.03
N LYS D 12 -13.29 -43.60 35.20
CA LYS D 12 -13.15 -42.77 36.40
C LYS D 12 -11.79 -42.96 37.07
N SER D 13 -11.10 -44.03 36.69
CA SER D 13 -9.79 -44.39 37.25
C SER D 13 -9.84 -44.61 38.76
N THR D 14 -10.73 -45.52 39.19
CA THR D 14 -10.90 -45.86 40.60
C THR D 14 -9.67 -46.57 41.16
N PHE D 15 -9.00 -47.33 40.30
CA PHE D 15 -7.78 -48.04 40.66
C PHE D 15 -6.57 -47.20 40.23
N ARG D 16 -6.15 -46.30 41.12
CA ARG D 16 -5.08 -45.35 40.82
C ARG D 16 -3.70 -46.02 40.82
N VAL D 17 -2.96 -45.78 39.74
CA VAL D 17 -1.58 -46.25 39.65
C VAL D 17 -0.66 -45.13 40.11
N LYS D 18 -0.03 -45.33 41.27
CA LYS D 18 0.84 -44.32 41.86
C LYS D 18 2.21 -44.32 41.18
N PHE D 19 2.88 -43.17 41.25
CA PHE D 19 4.20 -42.99 40.65
C PHE D 19 5.10 -42.20 41.59
N TYR D 20 6.37 -42.03 41.19
CA TYR D 20 7.31 -41.22 41.95
C TYR D 20 8.09 -40.30 41.02
N THR D 21 7.68 -39.04 40.97
CA THR D 21 8.31 -38.05 40.12
C THR D 21 9.27 -37.17 40.91
N LEU D 22 10.56 -37.28 40.60
CA LEU D 22 11.59 -36.48 41.28
C LEU D 22 12.43 -35.67 40.28
N GLN D 23 12.98 -34.57 40.77
CA GLN D 23 13.88 -33.74 39.97
C GLN D 23 15.25 -33.66 40.63
N TRP D 24 16.25 -34.27 39.99
CA TRP D 24 17.63 -34.18 40.45
C TRP D 24 18.14 -32.75 40.36
N ILE D 25 18.72 -32.25 41.44
CA ILE D 25 19.24 -30.89 41.50
C ILE D 25 20.72 -30.84 41.91
N SER D 26 21.26 -32.01 42.24
CA SER D 26 22.69 -32.16 42.53
C SER D 26 23.11 -33.61 42.28
N ASP D 27 24.36 -33.91 42.63
CA ASP D 27 24.90 -35.26 42.52
C ASP D 27 24.32 -36.21 43.57
N HIS D 28 23.74 -35.64 44.64
CA HIS D 28 23.23 -36.45 45.75
C HIS D 28 21.89 -35.97 46.34
N GLU D 29 21.28 -34.96 45.72
CA GLU D 29 20.00 -34.43 46.18
C GLU D 29 18.96 -34.37 45.05
N TYR D 30 17.69 -34.52 45.43
CA TYR D 30 16.58 -34.33 44.50
C TYR D 30 15.36 -33.69 45.17
N LEU D 31 14.57 -32.97 44.37
CA LEU D 31 13.31 -32.40 44.85
C LEU D 31 12.16 -33.37 44.56
N TYR D 32 11.21 -33.42 45.49
CA TYR D 32 10.03 -34.28 45.36
C TYR D 32 8.79 -33.56 45.88
N LYS D 33 7.70 -33.65 45.12
CA LYS D 33 6.44 -33.05 45.51
C LYS D 33 5.55 -34.05 46.24
N GLN D 34 5.22 -33.74 47.50
CA GLN D 34 4.38 -34.60 48.32
C GLN D 34 3.36 -33.78 49.12
N GLU D 35 2.08 -33.96 48.77
CA GLU D 35 0.97 -33.21 49.36
C GLU D 35 1.20 -31.70 49.26
N ASN D 36 1.51 -31.26 48.03
CA ASN D 36 1.81 -29.86 47.71
C ASN D 36 3.05 -29.26 48.38
N ASN D 37 3.78 -30.09 49.12
CA ASN D 37 5.09 -29.70 49.66
C ASN D 37 6.18 -30.03 48.67
N ILE D 38 7.19 -29.17 48.59
CA ILE D 38 8.41 -29.48 47.86
C ILE D 38 9.49 -29.84 48.89
N LEU D 39 9.96 -31.08 48.82
CA LEU D 39 10.93 -31.59 49.78
C LEU D 39 12.30 -31.84 49.14
N LEU D 40 13.35 -31.53 49.89
CA LEU D 40 14.72 -31.78 49.47
C LEU D 40 15.23 -33.07 50.09
N PHE D 41 15.22 -34.14 49.29
CA PHE D 41 15.65 -35.45 49.75
C PHE D 41 17.15 -35.63 49.55
N ASN D 42 17.79 -36.28 50.52
CA ASN D 42 19.19 -36.66 50.40
C ASN D 42 19.28 -38.14 50.03
N ALA D 43 19.93 -38.42 48.92
CA ALA D 43 20.07 -39.79 48.42
C ALA D 43 21.06 -40.61 49.24
N GLU D 44 22.08 -39.94 49.77
CA GLU D 44 23.13 -40.60 50.56
C GLU D 44 22.58 -41.22 51.85
N TYR D 45 21.84 -40.41 52.61
CA TYR D 45 21.33 -40.83 53.93
C TYR D 45 19.87 -41.25 53.86
N GLY D 46 18.99 -40.30 53.54
CA GLY D 46 17.57 -40.58 53.45
C GLY D 46 16.69 -39.49 54.03
N ASN D 47 17.30 -38.57 54.78
CA ASN D 47 16.56 -37.47 55.40
C ASN D 47 16.06 -36.43 54.39
N SER D 48 14.91 -35.85 54.68
CA SER D 48 14.31 -34.82 53.83
C SER D 48 13.99 -33.57 54.62
N SER D 49 14.45 -32.43 54.11
CA SER D 49 14.11 -31.13 54.69
C SER D 49 13.11 -30.42 53.80
N ILE D 50 12.19 -29.67 54.41
CA ILE D 50 11.17 -28.94 53.67
C ILE D 50 11.79 -27.76 52.90
N PHE D 51 11.77 -27.85 51.58
CA PHE D 51 12.30 -26.80 50.71
C PHE D 51 11.26 -25.71 50.50
N LEU D 52 10.01 -26.12 50.26
CA LEU D 52 8.89 -25.19 50.13
C LEU D 52 7.59 -25.85 50.63
N GLU D 53 6.99 -25.24 51.64
CA GLU D 53 5.79 -25.79 52.30
C GLU D 53 4.53 -25.61 51.47
N ASN D 54 3.54 -26.47 51.71
CA ASN D 54 2.27 -26.46 50.97
C ASN D 54 1.45 -25.18 51.15
N SER D 55 1.72 -24.46 52.24
CA SER D 55 1.03 -23.22 52.56
C SER D 55 1.40 -22.08 51.62
N THR D 56 2.62 -22.11 51.10
CA THR D 56 3.13 -21.12 50.15
C THR D 56 2.30 -21.10 48.86
N PHE D 57 1.81 -22.27 48.46
CA PHE D 57 0.97 -22.42 47.27
C PHE D 57 -0.42 -21.82 47.48
N ASP D 58 -0.91 -21.86 48.71
CA ASP D 58 -2.25 -21.41 49.06
C ASP D 58 -2.43 -19.88 49.04
N GLU D 59 -1.36 -19.16 49.36
CA GLU D 59 -1.41 -17.69 49.41
C GLU D 59 -1.23 -17.01 48.05
N LEU D 60 -0.87 -17.80 47.03
CA LEU D 60 -0.62 -17.28 45.69
C LEU D 60 -1.89 -16.80 44.98
N GLY D 61 -2.99 -17.52 45.18
CA GLY D 61 -4.27 -17.15 44.60
C GLY D 61 -4.66 -17.94 43.36
N TYR D 62 -3.67 -18.54 42.71
CA TYR D 62 -3.90 -19.34 41.50
C TYR D 62 -3.53 -20.81 41.72
N SER D 63 -3.98 -21.66 40.81
CA SER D 63 -3.62 -23.08 40.84
C SER D 63 -2.32 -23.32 40.08
N THR D 64 -1.29 -23.74 40.82
CA THR D 64 0.03 -24.00 40.25
C THR D 64 0.15 -25.44 39.79
N ASN D 65 0.37 -25.62 38.49
CA ASN D 65 0.47 -26.96 37.91
C ASN D 65 1.91 -27.47 37.71
N ASP D 66 2.87 -26.55 37.72
CA ASP D 66 4.28 -26.92 37.64
C ASP D 66 5.20 -25.92 38.33
N TYR D 67 6.34 -26.40 38.79
CA TYR D 67 7.37 -25.57 39.38
C TYR D 67 8.74 -25.90 38.79
N SER D 68 9.65 -24.93 38.83
CA SER D 68 11.03 -25.13 38.42
C SER D 68 11.97 -24.30 39.28
N VAL D 69 12.86 -24.97 39.99
CA VAL D 69 13.83 -24.31 40.86
C VAL D 69 15.11 -24.02 40.07
N SER D 70 15.60 -22.79 40.20
CA SER D 70 16.88 -22.39 39.62
C SER D 70 18.01 -23.24 40.21
N PRO D 71 18.97 -23.64 39.37
CA PRO D 71 20.07 -24.51 39.81
C PRO D 71 20.87 -24.00 41.01
N ASP D 72 20.78 -22.71 41.33
CA ASP D 72 21.46 -22.15 42.49
C ASP D 72 20.58 -22.12 43.75
N ARG D 73 19.34 -22.61 43.61
CA ARG D 73 18.36 -22.72 44.70
C ARG D 73 17.99 -21.37 45.35
N GLN D 74 18.22 -20.29 44.63
CA GLN D 74 17.91 -18.94 45.11
C GLN D 74 16.50 -18.50 44.72
N PHE D 75 16.04 -18.97 43.56
CA PHE D 75 14.73 -18.60 43.04
C PHE D 75 13.95 -19.82 42.56
N ILE D 76 12.62 -19.72 42.61
CA ILE D 76 11.74 -20.77 42.10
C ILE D 76 10.68 -20.18 41.17
N LEU D 77 10.45 -20.87 40.06
CA LEU D 77 9.44 -20.48 39.08
C LEU D 77 8.12 -21.19 39.35
N PHE D 78 7.02 -20.45 39.23
CA PHE D 78 5.68 -21.01 39.39
C PHE D 78 4.90 -20.93 38.08
N GLU D 79 4.42 -22.07 37.62
CA GLU D 79 3.64 -22.14 36.38
C GLU D 79 2.15 -22.14 36.68
N TYR D 80 1.43 -21.20 36.07
CA TYR D 80 -0.03 -21.11 36.21
C TYR D 80 -0.68 -20.57 34.94
N ASN D 81 -2.00 -20.72 34.84
CA ASN D 81 -2.78 -20.40 33.65
C ASN D 81 -2.33 -21.18 32.41
N TYR D 82 -2.11 -22.48 32.61
CA TYR D 82 -1.75 -23.42 31.56
C TYR D 82 -2.85 -23.48 30.51
N VAL D 83 -2.49 -23.18 29.25
CA VAL D 83 -3.39 -23.32 28.13
C VAL D 83 -2.71 -24.21 27.09
N LYS D 84 -3.20 -25.44 26.96
CA LYS D 84 -2.64 -26.42 26.03
C LYS D 84 -2.69 -25.93 24.59
N GLN D 85 -1.62 -26.18 23.85
CA GLN D 85 -1.64 -25.99 22.40
C GLN D 85 -1.68 -27.36 21.71
N TRP D 86 -0.56 -27.81 21.15
CA TRP D 86 -0.49 -29.11 20.50
C TRP D 86 -0.03 -30.19 21.49
N ARG D 87 0.75 -31.17 21.02
CA ARG D 87 1.14 -32.29 21.88
C ARG D 87 2.01 -31.90 23.06
N HIS D 88 3.01 -31.04 22.81
CA HIS D 88 3.95 -30.61 23.83
C HIS D 88 3.82 -29.12 24.16
N SER D 89 3.41 -28.34 23.17
CA SER D 89 3.30 -26.89 23.29
C SER D 89 2.16 -26.42 24.19
N TYR D 90 2.41 -25.30 24.86
CA TYR D 90 1.42 -24.61 25.68
C TYR D 90 1.93 -23.22 26.03
N THR D 91 1.00 -22.33 26.37
CA THR D 91 1.34 -21.03 26.91
C THR D 91 0.96 -20.99 28.39
N ALA D 92 1.70 -20.19 29.15
CA ALA D 92 1.48 -20.10 30.60
C ALA D 92 1.90 -18.75 31.16
N SER D 93 1.45 -18.48 32.37
CA SER D 93 1.91 -17.33 33.14
C SER D 93 2.91 -17.82 34.18
N TYR D 94 3.88 -16.98 34.50
CA TYR D 94 4.95 -17.37 35.42
C TYR D 94 5.24 -16.31 36.48
N ASP D 95 5.43 -16.79 37.71
CA ASP D 95 5.85 -15.95 38.82
C ASP D 95 7.21 -16.46 39.30
N ILE D 96 8.06 -15.54 39.76
CA ILE D 96 9.32 -15.92 40.40
C ILE D 96 9.24 -15.64 41.90
N TYR D 97 9.63 -16.64 42.68
CA TYR D 97 9.63 -16.53 44.13
C TYR D 97 11.06 -16.52 44.65
N ASP D 98 11.42 -15.44 45.35
CA ASP D 98 12.72 -15.31 46.00
C ASP D 98 12.76 -16.21 47.23
N LEU D 99 13.55 -17.28 47.15
CA LEU D 99 13.62 -18.26 48.23
C LEU D 99 14.36 -17.73 49.45
N ASN D 100 15.33 -16.85 49.23
CA ASN D 100 16.14 -16.30 50.31
C ASN D 100 15.39 -15.30 51.20
N LYS D 101 14.63 -14.40 50.58
CA LYS D 101 13.81 -13.45 51.32
C LYS D 101 12.33 -13.86 51.38
N ARG D 102 12.05 -15.09 50.93
CA ARG D 102 10.70 -15.68 50.97
C ARG D 102 9.61 -14.69 50.55
N GLN D 103 9.70 -14.24 49.29
CA GLN D 103 8.83 -13.20 48.77
C GLN D 103 8.61 -13.37 47.26
N LEU D 104 7.46 -12.92 46.78
CA LEU D 104 7.17 -12.92 45.35
C LEU D 104 7.76 -11.68 44.68
N ILE D 105 8.30 -11.87 43.47
CA ILE D 105 8.80 -10.75 42.66
C ILE D 105 7.63 -10.14 41.90
N THR D 106 7.43 -8.83 42.06
CA THR D 106 6.29 -8.12 41.51
C THR D 106 6.66 -7.08 40.44
N GLU D 107 7.95 -6.81 40.31
CA GLU D 107 8.46 -5.89 39.30
C GLU D 107 9.14 -6.63 38.14
N GLU D 108 8.95 -6.12 36.93
CA GLU D 108 9.52 -6.71 35.71
C GLU D 108 9.27 -8.23 35.61
N ARG D 109 8.00 -8.61 35.70
CA ARG D 109 7.61 -10.02 35.70
C ARG D 109 7.62 -10.65 34.30
N ILE D 110 7.60 -11.97 34.28
CA ILE D 110 7.49 -12.74 33.03
C ILE D 110 6.07 -12.56 32.47
N PRO D 111 5.97 -12.21 31.19
CA PRO D 111 4.68 -11.90 30.57
C PRO D 111 3.70 -13.07 30.57
N ASN D 112 2.42 -12.75 30.50
CA ASN D 112 1.38 -13.73 30.27
C ASN D 112 1.49 -14.26 28.85
N ASN D 113 1.02 -15.47 28.62
CA ASN D 113 1.08 -16.13 27.31
C ASN D 113 2.53 -16.40 26.88
N THR D 114 3.37 -16.75 27.84
CA THR D 114 4.74 -17.16 27.59
C THR D 114 4.74 -18.57 27.01
N GLN D 115 5.43 -18.73 25.89
CA GLN D 115 5.44 -20.00 25.16
C GLN D 115 6.43 -21.01 25.73
N TRP D 116 7.61 -20.53 26.12
CA TRP D 116 8.62 -21.37 26.75
C TRP D 116 9.50 -20.53 27.67
N ILE D 117 9.96 -21.16 28.75
CA ILE D 117 10.89 -20.53 29.68
C ILE D 117 11.85 -21.58 30.26
N THR D 118 13.10 -21.19 30.47
CA THR D 118 14.11 -22.08 31.02
C THR D 118 15.17 -21.34 31.82
N TRP D 119 15.56 -21.93 32.96
CA TRP D 119 16.70 -21.47 33.72
C TRP D 119 17.98 -21.78 32.95
N SER D 120 19.02 -20.99 33.16
CA SER D 120 20.36 -21.35 32.71
C SER D 120 20.82 -22.53 33.57
N PRO D 121 21.80 -23.31 33.11
CA PRO D 121 22.20 -24.53 33.83
C PRO D 121 22.92 -24.21 35.14
N VAL D 122 23.47 -23.00 35.26
CA VAL D 122 24.05 -22.51 36.51
C VAL D 122 23.43 -21.16 36.88
N GLY D 123 23.45 -20.85 38.17
CA GLY D 123 22.96 -19.58 38.66
C GLY D 123 21.45 -19.45 38.60
N HIS D 124 20.98 -18.28 38.15
CA HIS D 124 19.55 -17.95 38.14
C HIS D 124 19.14 -17.08 36.96
N LYS D 125 19.84 -17.20 35.83
CA LYS D 125 19.47 -16.51 34.60
C LYS D 125 18.26 -17.21 33.98
N LEU D 126 17.45 -16.43 33.26
CA LEU D 126 16.25 -16.94 32.59
C LEU D 126 16.24 -16.60 31.10
N ALA D 127 15.78 -17.55 30.29
CA ALA D 127 15.48 -17.29 28.89
C ALA D 127 14.05 -17.71 28.64
N TYR D 128 13.30 -16.87 27.94
CA TYR D 128 11.91 -17.19 27.63
C TYR D 128 11.46 -16.74 26.26
N VAL D 129 10.45 -17.44 25.73
CA VAL D 129 9.87 -17.11 24.44
C VAL D 129 8.48 -16.55 24.64
N TRP D 130 8.29 -15.33 24.16
CA TRP D 130 7.00 -14.66 24.22
C TRP D 130 6.74 -14.01 22.85
N ASN D 131 5.58 -14.30 22.29
CA ASN D 131 5.21 -13.85 20.93
C ASN D 131 6.26 -14.15 19.86
N ASN D 132 6.79 -15.38 19.91
CA ASN D 132 7.77 -15.89 18.94
C ASN D 132 9.15 -15.20 19.00
N ASP D 133 9.39 -14.45 20.08
CA ASP D 133 10.68 -13.80 20.30
C ASP D 133 11.34 -14.29 21.58
N ILE D 134 12.67 -14.32 21.58
CA ILE D 134 13.45 -14.73 22.74
C ILE D 134 13.82 -13.54 23.61
N TYR D 135 13.62 -13.68 24.92
CA TYR D 135 14.02 -12.67 25.89
C TYR D 135 14.93 -13.29 26.95
N VAL D 136 15.96 -12.56 27.36
CA VAL D 136 16.86 -13.02 28.40
C VAL D 136 16.74 -12.15 29.66
N LYS D 137 16.47 -12.79 30.78
CA LYS D 137 16.36 -12.13 32.06
C LYS D 137 17.52 -12.57 32.96
N ASN D 138 18.53 -11.71 33.07
CA ASN D 138 19.69 -12.01 33.90
C ASN D 138 19.35 -12.10 35.38
N GLU D 139 18.46 -11.22 35.83
CA GLU D 139 18.01 -11.20 37.23
C GLU D 139 16.49 -11.11 37.29
N PRO D 140 15.88 -11.84 38.23
CA PRO D 140 14.41 -11.88 38.36
C PRO D 140 13.75 -10.53 38.63
N ASN D 141 14.42 -9.68 39.41
CA ASN D 141 13.89 -8.34 39.72
C ASN D 141 14.28 -7.26 38.70
N LEU D 142 14.97 -7.68 37.63
CA LEU D 142 15.43 -6.75 36.60
C LEU D 142 14.72 -6.94 35.26
N SER D 143 14.78 -5.91 34.43
CA SER D 143 14.18 -5.90 33.09
C SER D 143 14.79 -6.96 32.16
N SER D 144 13.94 -7.57 31.34
CA SER D 144 14.38 -8.55 30.36
C SER D 144 15.00 -7.87 29.15
N GLN D 145 15.80 -8.62 28.41
CA GLN D 145 16.48 -8.11 27.22
C GLN D 145 16.04 -8.89 25.99
N ARG D 146 15.54 -8.18 24.99
CA ARG D 146 15.04 -8.80 23.76
C ARG D 146 16.18 -9.28 22.86
N ILE D 147 16.06 -10.51 22.39
CA ILE D 147 17.11 -11.16 21.59
C ILE D 147 16.77 -11.17 20.10
N THR D 148 15.51 -11.45 19.79
CA THR D 148 15.05 -11.52 18.39
C THR D 148 13.93 -10.51 18.10
N TRP D 149 13.84 -10.10 16.84
CA TRP D 149 12.85 -9.10 16.40
C TRP D 149 12.01 -9.59 15.23
N THR D 150 12.25 -10.85 14.82
CA THR D 150 11.62 -11.41 13.62
C THR D 150 10.33 -12.17 13.92
N GLY D 151 10.07 -12.41 15.20
CA GLY D 151 8.91 -13.19 15.63
C GLY D 151 7.60 -12.74 15.03
N LYS D 152 6.97 -13.64 14.26
CA LYS D 152 5.70 -13.35 13.61
C LYS D 152 4.75 -14.53 13.78
N GLU D 153 3.52 -14.23 14.19
CA GLU D 153 2.47 -15.24 14.33
C GLU D 153 2.33 -16.05 13.04
N ASN D 154 2.48 -17.37 13.17
CA ASN D 154 2.32 -18.31 12.06
C ASN D 154 3.36 -18.19 10.93
N VAL D 155 4.45 -17.48 11.18
CA VAL D 155 5.45 -17.25 10.14
C VAL D 155 6.89 -17.53 10.62
N ILE D 156 7.33 -16.78 11.62
CA ILE D 156 8.69 -16.91 12.16
C ILE D 156 8.65 -17.35 13.61
N TYR D 157 9.43 -18.39 13.93
CA TYR D 157 9.49 -18.93 15.29
C TYR D 157 10.92 -18.89 15.83
N ASN D 158 11.15 -18.07 16.86
CA ASN D 158 12.44 -18.02 17.52
C ASN D 158 12.38 -18.71 18.87
N GLY D 159 13.19 -19.75 19.04
CA GLY D 159 13.32 -20.42 20.32
C GLY D 159 12.21 -21.40 20.64
N VAL D 160 11.23 -21.51 19.75
CA VAL D 160 10.21 -22.54 19.82
C VAL D 160 9.97 -23.17 18.45
N THR D 161 9.53 -24.41 18.44
CA THR D 161 9.26 -25.14 17.19
C THR D 161 7.96 -24.68 16.55
N ASP D 162 7.86 -24.87 15.24
CA ASP D 162 6.58 -24.79 14.54
C ASP D 162 5.90 -26.13 14.72
N TRP D 163 4.72 -26.31 14.13
CA TRP D 163 3.95 -27.55 14.30
C TRP D 163 4.75 -28.82 14.01
N VAL D 164 5.31 -28.91 12.80
CA VAL D 164 5.95 -30.13 12.33
C VAL D 164 7.20 -30.53 13.12
N TYR D 165 8.01 -29.54 13.50
CA TYR D 165 9.22 -29.79 14.26
C TYR D 165 8.89 -30.25 15.69
N GLU D 166 7.80 -29.69 16.23
CA GLU D 166 7.35 -30.07 17.56
C GLU D 166 6.94 -31.54 17.57
N GLU D 167 6.10 -31.92 16.62
CA GLU D 167 5.53 -33.26 16.58
C GLU D 167 6.54 -34.32 16.17
N GLU D 168 7.31 -34.05 15.10
CA GLU D 168 8.07 -35.09 14.42
C GLU D 168 9.57 -35.08 14.64
N VAL D 169 10.15 -33.92 14.94
CA VAL D 169 11.61 -33.80 15.03
C VAL D 169 12.09 -33.68 16.47
N PHE D 170 11.74 -32.59 17.15
CA PHE D 170 12.22 -32.34 18.51
C PHE D 170 11.47 -33.16 19.55
N SER D 171 10.23 -33.53 19.23
CA SER D 171 9.30 -34.10 20.20
C SER D 171 9.23 -33.21 21.44
N ALA D 172 9.26 -31.89 21.19
CA ALA D 172 9.25 -30.85 22.22
C ALA D 172 8.92 -29.51 21.59
N TYR D 173 8.49 -28.56 22.40
CA TYR D 173 8.17 -27.21 21.93
C TYR D 173 9.41 -26.32 21.88
N SER D 174 10.30 -26.49 22.86
CA SER D 174 11.45 -25.60 23.02
C SER D 174 12.52 -25.79 21.94
N ALA D 175 13.07 -24.67 21.49
CA ALA D 175 14.23 -24.67 20.60
C ALA D 175 15.30 -23.75 21.17
N LEU D 176 15.57 -23.91 22.47
CA LEU D 176 16.57 -23.13 23.20
C LEU D 176 17.51 -24.05 23.97
N TRP D 177 18.81 -23.72 23.95
CA TRP D 177 19.82 -24.53 24.61
C TRP D 177 20.91 -23.66 25.20
N TRP D 178 20.84 -23.42 26.51
CA TRP D 178 21.91 -22.74 27.23
C TRP D 178 23.17 -23.60 27.19
N SER D 179 24.33 -22.96 27.04
CA SER D 179 25.62 -23.61 27.25
C SER D 179 25.79 -23.95 28.74
N PRO D 180 26.59 -24.98 29.07
CA PRO D 180 26.66 -25.52 30.43
C PRO D 180 26.91 -24.50 31.55
N ASN D 181 27.61 -23.40 31.25
CA ASN D 181 27.87 -22.36 32.24
C ASN D 181 27.16 -21.03 31.94
N GLY D 182 26.19 -21.09 31.03
CA GLY D 182 25.31 -19.96 30.75
C GLY D 182 25.90 -18.83 29.92
N THR D 183 27.09 -19.04 29.37
CA THR D 183 27.74 -18.02 28.53
C THR D 183 26.98 -17.82 27.24
N PHE D 184 26.64 -18.94 26.59
CA PHE D 184 25.97 -18.90 25.30
C PHE D 184 24.53 -19.37 25.41
N LEU D 185 23.66 -18.73 24.63
CA LEU D 185 22.31 -19.21 24.46
C LEU D 185 22.13 -19.57 22.99
N ALA D 186 21.93 -20.85 22.72
CA ALA D 186 21.71 -21.31 21.37
C ALA D 186 20.21 -21.49 21.12
N TYR D 187 19.78 -21.11 19.93
CA TYR D 187 18.38 -21.25 19.55
C TYR D 187 18.21 -21.56 18.08
N ALA D 188 17.03 -22.10 17.74
CA ALA D 188 16.66 -22.36 16.36
C ALA D 188 15.59 -21.36 15.94
N GLN D 189 15.66 -20.94 14.68
CA GLN D 189 14.63 -20.09 14.09
C GLN D 189 13.94 -20.85 12.96
N PHE D 190 12.61 -20.86 12.99
CA PHE D 190 11.84 -21.57 11.98
C PHE D 190 11.00 -20.61 11.13
N ASN D 191 11.21 -20.67 9.83
CA ASN D 191 10.46 -19.85 8.88
C ASN D 191 9.42 -20.70 8.15
N ASP D 192 8.14 -20.39 8.37
CA ASP D 192 7.03 -21.14 7.78
C ASP D 192 6.29 -20.35 6.70
N THR D 193 6.94 -19.32 6.15
CA THR D 193 6.34 -18.40 5.19
C THR D 193 5.63 -19.11 4.04
N GLU D 194 6.29 -20.12 3.48
CA GLU D 194 5.79 -20.79 2.28
C GLU D 194 5.11 -22.13 2.57
N VAL D 195 4.99 -22.46 3.85
CA VAL D 195 4.27 -23.66 4.28
C VAL D 195 2.77 -23.39 4.19
N PRO D 196 2.05 -24.18 3.39
CA PRO D 196 0.61 -24.03 3.26
C PRO D 196 -0.11 -24.24 4.58
N LEU D 197 -1.29 -23.66 4.72
CA LEU D 197 -2.02 -23.73 5.98
C LEU D 197 -3.13 -24.78 5.96
N ILE D 198 -3.16 -25.61 7.00
CA ILE D 198 -4.36 -26.41 7.26
C ILE D 198 -5.35 -25.51 7.98
N GLU D 199 -6.58 -25.53 7.50
CA GLU D 199 -7.66 -24.76 8.08
C GLU D 199 -8.78 -25.70 8.49
N TYR D 200 -9.31 -25.48 9.69
CA TYR D 200 -10.45 -26.24 10.18
C TYR D 200 -11.24 -25.42 11.20
N SER D 201 -12.51 -25.74 11.33
CA SER D 201 -13.40 -25.04 12.26
C SER D 201 -13.17 -25.46 13.69
N PHE D 202 -13.17 -24.47 14.58
CA PHE D 202 -13.25 -24.69 16.02
C PHE D 202 -14.49 -23.97 16.51
N TYR D 203 -15.39 -24.73 17.11
CA TYR D 203 -16.73 -24.25 17.44
C TYR D 203 -16.80 -23.53 18.77
N SER D 204 -15.92 -23.90 19.69
CA SER D 204 -15.81 -23.29 21.02
C SER D 204 -17.11 -23.40 21.83
N ASP D 205 -17.21 -22.60 22.90
CA ASP D 205 -18.40 -22.57 23.76
C ASP D 205 -19.66 -22.23 22.98
N GLU D 206 -20.81 -22.72 23.47
CA GLU D 206 -22.11 -22.49 22.86
C GLU D 206 -22.42 -21.01 22.61
N SER D 207 -21.91 -20.14 23.48
CA SER D 207 -22.11 -18.69 23.35
C SER D 207 -21.51 -18.10 22.07
N LEU D 208 -20.52 -18.80 21.49
CA LEU D 208 -19.87 -18.35 20.27
C LEU D 208 -20.81 -18.47 19.08
N GLN D 209 -21.30 -17.33 18.59
CA GLN D 209 -22.28 -17.30 17.51
C GLN D 209 -21.70 -17.79 16.18
N TYR D 210 -20.48 -17.36 15.86
CA TYR D 210 -19.79 -17.75 14.65
C TYR D 210 -18.58 -18.61 15.00
N PRO D 211 -18.42 -19.76 14.34
CA PRO D 211 -17.26 -20.62 14.58
C PRO D 211 -16.00 -19.97 14.03
N LYS D 212 -14.87 -20.20 14.68
CA LYS D 212 -13.59 -19.64 14.21
C LYS D 212 -12.79 -20.67 13.42
N THR D 213 -12.01 -20.19 12.45
CA THR D 213 -11.13 -21.05 11.68
C THR D 213 -9.74 -21.04 12.30
N VAL D 214 -9.27 -22.21 12.75
CA VAL D 214 -7.91 -22.36 13.22
C VAL D 214 -7.00 -22.56 12.01
N ARG D 215 -5.89 -21.83 11.99
CA ARG D 215 -4.95 -21.88 10.88
C ARG D 215 -3.55 -22.24 11.35
N ILE D 216 -3.07 -23.39 10.89
CA ILE D 216 -1.73 -23.85 11.24
C ILE D 216 -0.89 -24.08 9.98
N PRO D 217 0.31 -23.49 9.96
CA PRO D 217 1.31 -23.85 8.95
C PRO D 217 1.68 -25.32 9.15
N TYR D 218 1.23 -26.16 8.23
CA TYR D 218 1.35 -27.60 8.34
C TYR D 218 1.75 -28.12 6.97
N PRO D 219 2.98 -28.64 6.85
CA PRO D 219 3.44 -29.23 5.60
C PRO D 219 2.93 -30.65 5.44
N LYS D 220 2.09 -30.89 4.43
CA LYS D 220 1.65 -32.23 4.10
C LYS D 220 2.67 -32.86 3.15
N ALA D 221 2.57 -34.17 2.93
CA ALA D 221 3.56 -34.90 2.13
C ALA D 221 3.92 -34.16 0.83
N GLY D 222 5.21 -33.93 0.63
CA GLY D 222 5.71 -33.30 -0.58
C GLY D 222 5.60 -31.79 -0.64
N ALA D 223 4.96 -31.18 0.36
CA ALA D 223 4.74 -29.75 0.35
C ALA D 223 6.00 -28.95 0.71
N GLU D 224 5.90 -27.64 0.56
CA GLU D 224 6.97 -26.74 0.97
C GLU D 224 7.13 -26.83 2.48
N ASN D 225 8.37 -27.07 2.91
CA ASN D 225 8.71 -27.29 4.31
C ASN D 225 9.18 -26.01 4.96
N PRO D 226 9.16 -25.95 6.29
CA PRO D 226 9.79 -24.85 7.01
C PRO D 226 11.30 -24.90 6.84
N THR D 227 11.92 -23.74 6.67
CA THR D 227 13.38 -23.66 6.70
C THR D 227 13.80 -23.35 8.13
N VAL D 228 15.06 -23.61 8.44
CA VAL D 228 15.59 -23.44 9.78
C VAL D 228 16.92 -22.69 9.77
N LYS D 229 17.14 -21.90 10.82
CA LYS D 229 18.43 -21.28 11.06
C LYS D 229 18.83 -21.57 12.50
N PHE D 230 20.08 -21.95 12.72
CA PHE D 230 20.58 -22.17 14.06
C PHE D 230 21.56 -21.05 14.44
N PHE D 231 21.32 -20.46 15.61
CA PHE D 231 22.13 -19.34 16.09
C PHE D 231 22.71 -19.65 17.46
N VAL D 232 23.92 -19.15 17.70
CA VAL D 232 24.50 -19.14 19.04
C VAL D 232 24.67 -17.68 19.46
N VAL D 233 24.00 -17.31 20.53
CA VAL D 233 24.04 -15.96 21.06
C VAL D 233 24.99 -15.88 22.25
N ASP D 234 26.00 -15.02 22.14
CA ASP D 234 26.91 -14.70 23.23
C ASP D 234 26.20 -13.75 24.20
N THR D 235 25.81 -14.27 25.36
CA THR D 235 25.00 -13.49 26.31
C THR D 235 25.80 -12.46 27.11
N ARG D 236 27.13 -12.56 27.03
CA ARG D 236 28.02 -11.68 27.78
C ARG D 236 27.89 -10.23 27.36
N THR D 237 27.62 -10.00 26.08
CA THR D 237 27.54 -8.64 25.52
C THR D 237 26.13 -8.04 25.56
N LEU D 238 25.20 -8.74 26.20
CA LEU D 238 23.82 -8.28 26.26
C LEU D 238 23.67 -7.03 27.12
N SER D 239 23.17 -5.97 26.50
CA SER D 239 23.02 -4.66 27.14
C SER D 239 21.94 -3.89 26.41
N PRO D 240 21.12 -3.12 27.13
CA PRO D 240 20.05 -2.32 26.53
C PRO D 240 20.50 -1.46 25.33
N ASN D 241 21.72 -0.94 25.36
CA ASN D 241 22.23 -0.09 24.28
C ASN D 241 23.25 -0.78 23.37
N ALA D 242 23.27 -2.12 23.41
CA ALA D 242 24.16 -2.90 22.58
C ALA D 242 23.39 -3.87 21.69
N SER D 243 23.98 -4.19 20.54
CA SER D 243 23.42 -5.17 19.61
C SER D 243 23.59 -6.59 20.14
N VAL D 244 22.78 -7.50 19.63
CA VAL D 244 22.91 -8.92 19.97
C VAL D 244 24.11 -9.52 19.25
N THR D 245 25.02 -10.13 20.00
CA THR D 245 26.14 -10.88 19.43
C THR D 245 25.72 -12.33 19.19
N SER D 246 25.70 -12.72 17.91
CA SER D 246 25.32 -14.07 17.54
C SER D 246 25.99 -14.53 16.25
N TYR D 247 26.21 -15.84 16.18
CA TYR D 247 26.79 -16.47 15.02
C TYR D 247 25.85 -17.55 14.51
N GLN D 248 25.58 -17.53 13.21
CA GLN D 248 24.75 -18.56 12.60
C GLN D 248 25.61 -19.72 12.14
N ILE D 249 25.37 -20.89 12.71
CA ILE D 249 25.98 -22.12 12.25
C ILE D 249 25.08 -22.76 11.20
N VAL D 250 25.64 -22.92 10.01
CA VAL D 250 24.93 -23.57 8.91
C VAL D 250 25.34 -25.05 8.87
N PRO D 251 24.50 -25.92 8.30
CA PRO D 251 24.86 -27.33 8.17
C PRO D 251 25.98 -27.56 7.15
N PRO D 252 26.70 -28.67 7.26
CA PRO D 252 27.72 -29.04 6.25
C PRO D 252 27.14 -29.06 4.84
N ALA D 253 28.00 -28.83 3.84
CA ALA D 253 27.59 -28.73 2.43
C ALA D 253 26.75 -29.90 1.92
N SER D 254 27.02 -31.10 2.42
CA SER D 254 26.33 -32.31 2.00
C SER D 254 24.84 -32.30 2.38
N VAL D 255 24.48 -31.45 3.32
CA VAL D 255 23.10 -31.29 3.77
C VAL D 255 22.49 -29.99 3.24
N LEU D 256 23.32 -28.94 3.14
CA LEU D 256 22.92 -27.62 2.66
C LEU D 256 22.46 -27.58 1.20
N ILE D 257 22.83 -28.59 0.42
CA ILE D 257 22.53 -28.65 -1.01
C ILE D 257 21.03 -28.78 -1.33
N GLY D 258 20.23 -28.95 -0.29
CA GLY D 258 18.79 -29.08 -0.44
C GLY D 258 18.05 -28.97 0.87
N ASP D 259 16.78 -29.39 0.85
CA ASP D 259 15.92 -29.35 2.02
C ASP D 259 16.49 -30.21 3.13
N HIS D 260 16.47 -29.68 4.35
CA HIS D 260 17.03 -30.36 5.49
C HIS D 260 16.28 -30.03 6.79
N TYR D 261 16.62 -30.76 7.85
CA TYR D 261 16.12 -30.49 9.18
C TYR D 261 17.25 -30.37 10.19
N LEU D 262 17.02 -29.60 11.24
CA LEU D 262 17.86 -29.60 12.42
C LEU D 262 17.20 -30.56 13.41
N CYS D 263 17.86 -31.67 13.73
CA CYS D 263 17.21 -32.69 14.54
C CYS D 263 17.85 -32.94 15.89
N GLY D 264 18.95 -32.26 16.19
CA GLY D 264 19.62 -32.43 17.46
C GLY D 264 20.66 -31.38 17.82
N VAL D 265 20.65 -30.97 19.08
CA VAL D 265 21.60 -30.01 19.62
C VAL D 265 22.15 -30.56 20.94
N THR D 266 23.48 -30.63 21.04
CA THR D 266 24.14 -31.10 22.26
C THR D 266 25.32 -30.22 22.61
N TRP D 267 25.27 -29.64 23.80
CA TRP D 267 26.38 -28.87 24.33
C TRP D 267 27.42 -29.82 24.90
N VAL D 268 28.65 -29.70 24.40
CA VAL D 268 29.76 -30.59 24.80
C VAL D 268 30.59 -29.94 25.91
N THR D 269 31.19 -28.80 25.60
CA THR D 269 31.79 -27.94 26.61
C THR D 269 31.24 -26.53 26.42
N GLU D 270 31.90 -25.56 27.05
CA GLU D 270 31.50 -24.17 26.93
C GLU D 270 31.90 -23.59 25.57
N GLU D 271 32.89 -24.20 24.95
CA GLU D 271 33.40 -23.72 23.65
C GLU D 271 33.23 -24.78 22.57
N ARG D 272 32.30 -25.71 22.79
CA ARG D 272 32.07 -26.79 21.84
C ARG D 272 30.60 -27.20 21.81
N ILE D 273 29.99 -27.12 20.63
CA ILE D 273 28.61 -27.53 20.43
C ILE D 273 28.49 -28.58 19.32
N SER D 274 27.59 -29.54 19.54
CA SER D 274 27.31 -30.58 18.55
C SER D 274 25.93 -30.41 17.94
N LEU D 275 25.88 -30.40 16.61
CA LEU D 275 24.64 -30.25 15.87
C LEU D 275 24.37 -31.46 14.99
N GLN D 276 23.15 -31.96 15.05
CA GLN D 276 22.74 -33.12 14.26
C GLN D 276 21.74 -32.66 13.19
N TRP D 277 22.16 -32.78 11.93
CA TRP D 277 21.33 -32.41 10.79
C TRP D 277 20.97 -33.66 10.00
N ILE D 278 19.77 -33.65 9.42
CA ILE D 278 19.34 -34.72 8.54
C ILE D 278 18.80 -34.13 7.24
N ARG D 279 18.98 -34.84 6.13
CA ARG D 279 18.41 -34.48 4.84
C ARG D 279 16.90 -34.71 4.87
N ARG D 280 16.17 -34.06 3.97
CA ARG D 280 14.71 -34.21 3.90
C ARG D 280 14.31 -35.68 3.68
N ALA D 281 15.03 -36.37 2.82
CA ALA D 281 14.80 -37.79 2.52
C ALA D 281 14.97 -38.67 3.76
N GLN D 282 15.77 -38.20 4.72
CA GLN D 282 15.94 -38.81 6.05
C GLN D 282 16.69 -40.15 6.09
N ASN D 283 17.50 -40.40 5.05
CA ASN D 283 18.42 -41.53 5.05
C ASN D 283 19.89 -41.08 5.13
N TYR D 284 20.08 -39.77 5.25
CA TYR D 284 21.40 -39.16 5.38
C TYR D 284 21.41 -38.17 6.55
N SER D 285 22.14 -38.53 7.60
CA SER D 285 22.31 -37.68 8.77
C SER D 285 23.79 -37.41 9.01
N ILE D 286 24.08 -36.27 9.62
CA ILE D 286 25.47 -35.87 9.88
C ILE D 286 25.58 -35.05 11.18
N ILE D 287 26.58 -35.39 11.99
CA ILE D 287 26.89 -34.64 13.19
C ILE D 287 28.04 -33.68 12.92
N ASP D 288 27.80 -32.40 13.19
CA ASP D 288 28.79 -31.36 13.00
C ASP D 288 29.17 -30.78 14.36
N ILE D 289 30.41 -31.04 14.79
CA ILE D 289 30.90 -30.56 16.08
C ILE D 289 31.69 -29.26 15.90
N CYS D 290 31.10 -28.16 16.36
CA CYS D 290 31.66 -26.84 16.12
C CYS D 290 32.35 -26.27 17.35
N ASP D 291 33.53 -25.69 17.11
CA ASP D 291 34.35 -25.12 18.18
C ASP D 291 34.31 -23.60 18.15
N TYR D 292 34.25 -23.00 19.33
CA TYR D 292 34.23 -21.55 19.47
C TYR D 292 35.63 -20.98 19.26
N ASP D 293 35.71 -19.96 18.41
CA ASP D 293 36.97 -19.25 18.16
C ASP D 293 37.04 -17.99 19.01
N GLU D 294 37.92 -18.03 20.02
CA GLU D 294 38.06 -16.95 21.00
C GLU D 294 38.34 -15.58 20.39
N SER D 295 39.01 -15.55 19.25
CA SER D 295 39.49 -14.31 18.65
C SER D 295 38.54 -13.71 17.62
N THR D 296 37.59 -14.50 17.12
CA THR D 296 36.65 -14.02 16.11
C THR D 296 35.17 -14.17 16.51
N GLY D 297 34.91 -14.90 17.59
CA GLY D 297 33.56 -15.20 18.01
C GLY D 297 32.88 -16.25 17.13
N ARG D 298 33.56 -16.64 16.06
CA ARG D 298 33.07 -17.64 15.12
C ARG D 298 32.91 -19.01 15.79
N TRP D 299 31.96 -19.78 15.29
CA TRP D 299 31.86 -21.19 15.62
C TRP D 299 32.30 -21.98 14.40
N ILE D 300 33.45 -22.64 14.51
CA ILE D 300 34.11 -23.26 13.37
C ILE D 300 33.85 -24.75 13.28
N SER D 301 33.44 -25.20 12.10
CA SER D 301 33.28 -26.61 11.80
C SER D 301 34.48 -27.11 10.99
N SER D 302 34.80 -28.40 11.16
CA SER D 302 35.85 -29.03 10.38
C SER D 302 35.42 -30.42 9.92
N VAL D 303 35.89 -30.80 8.72
CA VAL D 303 35.58 -32.10 8.10
C VAL D 303 35.93 -33.26 9.05
N ALA D 304 37.07 -33.14 9.74
CA ALA D 304 37.50 -34.13 10.72
C ALA D 304 36.47 -34.33 11.83
N ARG D 305 35.80 -33.24 12.22
CA ARG D 305 34.82 -33.28 13.31
C ARG D 305 33.40 -33.62 12.83
N GLN D 306 33.28 -33.97 11.56
CA GLN D 306 32.00 -34.36 10.98
C GLN D 306 31.82 -35.87 11.05
N HIS D 307 30.58 -36.30 11.24
CA HIS D 307 30.27 -37.72 11.38
C HIS D 307 29.00 -38.11 10.63
N ILE D 308 29.20 -38.75 9.48
CA ILE D 308 28.10 -39.16 8.61
C ILE D 308 27.48 -40.46 9.10
N GLU D 309 26.15 -40.51 9.07
CA GLU D 309 25.40 -41.72 9.36
C GLU D 309 24.34 -41.93 8.28
N ILE D 310 24.43 -43.06 7.60
CA ILE D 310 23.56 -43.35 6.45
C ILE D 310 22.83 -44.68 6.60
N SER D 311 21.69 -44.80 5.91
CA SER D 311 20.96 -46.05 5.81
C SER D 311 20.64 -46.34 4.34
N THR D 312 21.11 -47.49 3.86
CA THR D 312 20.85 -47.91 2.48
C THR D 312 19.54 -48.70 2.38
N THR D 313 19.01 -49.12 3.53
CA THR D 313 17.82 -49.97 3.59
C THR D 313 16.54 -49.18 3.86
N GLY D 314 16.67 -48.06 4.58
CA GLY D 314 15.54 -47.21 4.92
C GLY D 314 15.94 -45.85 5.44
N TRP D 315 15.58 -45.59 6.70
CA TRP D 315 15.81 -44.30 7.33
C TRP D 315 16.81 -44.40 8.49
N VAL D 316 17.29 -43.25 8.94
CA VAL D 316 18.28 -43.17 10.00
C VAL D 316 17.61 -43.06 11.37
N GLY D 317 17.99 -43.96 12.29
CA GLY D 317 17.45 -43.97 13.64
C GLY D 317 16.05 -44.55 13.73
N ARG D 318 15.38 -44.27 14.85
CA ARG D 318 14.02 -44.74 15.09
C ARG D 318 12.97 -43.77 14.53
N PHE D 319 12.97 -42.55 15.06
CA PHE D 319 12.12 -41.48 14.57
C PHE D 319 13.00 -40.27 14.26
N ARG D 320 14.04 -40.11 15.06
CA ARG D 320 15.16 -39.22 14.73
C ARG D 320 16.46 -40.00 14.98
N PRO D 321 17.54 -39.65 14.28
CA PRO D 321 18.85 -40.23 14.58
C PRO D 321 19.17 -40.14 16.07
N ALA D 322 19.80 -41.19 16.60
CA ALA D 322 20.18 -41.25 18.00
C ALA D 322 21.14 -40.12 18.34
N GLU D 323 21.02 -39.58 19.56
CA GLU D 323 21.79 -38.41 19.98
C GLU D 323 23.15 -38.82 20.54
N PRO D 324 24.19 -38.05 20.24
CA PRO D 324 25.54 -38.34 20.75
C PRO D 324 25.69 -38.00 22.24
N HIS D 325 26.47 -38.82 22.95
CA HIS D 325 26.76 -38.59 24.37
C HIS D 325 28.26 -38.39 24.59
N PHE D 326 28.63 -37.17 24.93
CA PHE D 326 30.03 -36.75 24.98
C PHE D 326 30.65 -36.94 26.35
N THR D 327 31.94 -37.28 26.34
CA THR D 327 32.75 -37.33 27.57
C THR D 327 32.94 -35.93 28.11
N SER D 328 33.31 -35.82 29.39
CA SER D 328 33.51 -34.53 30.04
C SER D 328 34.46 -33.61 29.28
N ASP D 329 35.61 -34.16 28.87
CA ASP D 329 36.61 -33.41 28.11
C ASP D 329 36.12 -33.06 26.70
N GLY D 330 35.25 -33.91 26.17
CA GLY D 330 34.61 -33.66 24.88
C GLY D 330 35.40 -34.12 23.66
N ASN D 331 36.42 -34.94 23.89
CA ASN D 331 37.25 -35.43 22.80
C ASN D 331 36.72 -36.71 22.16
N SER D 332 35.72 -37.32 22.80
CA SER D 332 35.05 -38.50 22.25
C SER D 332 33.57 -38.52 22.64
N PHE D 333 32.80 -39.36 21.95
CA PHE D 333 31.37 -39.53 22.26
C PHE D 333 30.85 -40.91 21.92
N TYR D 334 29.80 -41.32 22.63
CA TYR D 334 29.13 -42.60 22.39
C TYR D 334 27.76 -42.36 21.77
N LYS D 335 27.47 -43.09 20.69
CA LYS D 335 26.21 -42.94 19.98
C LYS D 335 25.68 -44.27 19.43
N ILE D 336 24.36 -44.45 19.54
CA ILE D 336 23.71 -45.64 19.00
C ILE D 336 23.58 -45.52 17.47
N ILE D 337 24.18 -46.47 16.77
CA ILE D 337 24.01 -46.60 15.33
C ILE D 337 23.69 -48.04 14.96
N SER D 338 23.33 -48.27 13.71
CA SER D 338 23.09 -49.62 13.21
C SER D 338 24.40 -50.27 12.81
N ASN D 339 24.61 -51.50 13.28
CA ASN D 339 25.83 -52.25 12.92
C ASN D 339 25.70 -53.01 11.60
N GLU D 340 26.70 -53.83 11.30
CA GLU D 340 26.76 -54.61 10.06
C GLU D 340 25.57 -55.54 9.86
N GLU D 341 25.05 -56.09 10.97
CA GLU D 341 23.92 -57.02 10.92
C GLU D 341 22.58 -56.34 11.19
N GLY D 342 22.56 -55.00 11.12
CA GLY D 342 21.33 -54.23 11.17
C GLY D 342 20.69 -54.07 12.54
N TYR D 343 21.48 -54.27 13.60
CA TYR D 343 21.00 -54.07 14.96
C TYR D 343 21.61 -52.80 15.55
N LYS D 344 20.84 -52.11 16.39
CA LYS D 344 21.23 -50.82 16.94
C LYS D 344 22.04 -50.98 18.23
N HIS D 345 23.27 -50.45 18.20
CA HIS D 345 24.21 -50.60 19.32
C HIS D 345 25.08 -49.35 19.51
N ILE D 346 25.69 -49.26 20.69
CA ILE D 346 26.54 -48.12 21.04
C ILE D 346 27.90 -48.21 20.35
N CYS D 347 28.25 -47.15 19.64
CA CYS D 347 29.57 -47.03 19.03
C CYS D 347 30.40 -45.97 19.76
N HIS D 348 31.69 -46.25 19.95
CA HIS D 348 32.61 -45.30 20.56
C HIS D 348 33.31 -44.47 19.49
N PHE D 349 32.84 -43.25 19.31
CA PHE D 349 33.40 -42.33 18.33
C PHE D 349 34.49 -41.47 18.96
N GLN D 350 35.44 -41.05 18.15
CA GLN D 350 36.37 -40.00 18.52
C GLN D 350 35.99 -38.74 17.75
N THR D 351 36.08 -37.59 18.40
CA THR D 351 35.62 -36.33 17.81
C THR D 351 36.23 -36.00 16.45
N ASP D 352 37.54 -36.23 16.30
CA ASP D 352 38.22 -35.93 15.04
C ASP D 352 38.48 -37.15 14.13
N LYS D 353 37.82 -38.27 14.43
CA LYS D 353 38.00 -39.51 13.67
C LYS D 353 36.68 -40.02 13.09
N SER D 354 36.74 -40.53 11.87
CA SER D 354 35.55 -40.95 11.15
C SER D 354 35.04 -42.33 11.57
N ASN D 355 35.96 -43.19 11.99
CA ASN D 355 35.62 -44.57 12.36
C ASN D 355 35.36 -44.72 13.86
N CYS D 356 34.49 -45.68 14.20
CA CYS D 356 34.12 -45.93 15.59
C CYS D 356 34.18 -47.41 15.93
N THR D 357 34.16 -47.72 17.22
CA THR D 357 34.18 -49.09 17.70
C THR D 357 32.89 -49.42 18.46
N PHE D 358 32.20 -50.46 18.00
CA PHE D 358 31.00 -50.93 18.70
C PHE D 358 31.39 -51.56 20.03
N ILE D 359 30.74 -51.11 21.10
CA ILE D 359 31.01 -51.60 22.45
C ILE D 359 29.97 -52.63 22.90
N THR D 360 28.86 -52.68 22.18
CA THR D 360 27.85 -53.73 22.37
C THR D 360 27.52 -54.39 21.03
N LYS D 361 27.10 -55.66 21.09
CA LYS D 361 26.66 -56.38 19.90
C LYS D 361 25.68 -57.49 20.27
N GLY D 362 24.94 -57.99 19.28
CA GLY D 362 23.98 -59.06 19.48
C GLY D 362 22.63 -58.81 18.81
N ALA D 363 21.84 -59.88 18.67
CA ALA D 363 20.51 -59.79 18.07
C ALA D 363 19.51 -59.15 19.03
N TRP D 364 19.86 -57.96 19.50
CA TRP D 364 19.04 -57.14 20.39
C TRP D 364 19.47 -55.68 20.20
N GLU D 365 18.64 -54.76 20.66
CA GLU D 365 18.90 -53.34 20.44
C GLU D 365 19.10 -52.57 21.73
N VAL D 366 20.03 -51.62 21.70
CA VAL D 366 20.19 -50.64 22.78
C VAL D 366 19.15 -49.53 22.53
N ILE D 367 18.35 -49.25 23.55
CA ILE D 367 17.27 -48.27 23.43
C ILE D 367 17.80 -46.84 23.58
N GLY D 368 18.64 -46.61 24.58
CA GLY D 368 19.20 -45.30 24.84
C GLY D 368 20.32 -45.30 25.85
N ILE D 369 21.20 -44.33 25.72
CA ILE D 369 22.29 -44.12 26.68
C ILE D 369 21.78 -43.22 27.80
N GLU D 370 21.75 -43.75 29.03
CA GLU D 370 21.18 -43.03 30.17
C GLU D 370 22.15 -42.02 30.77
N ALA D 371 23.33 -42.50 31.16
CA ALA D 371 24.34 -41.67 31.79
C ALA D 371 25.73 -42.07 31.31
N LEU D 372 26.70 -41.18 31.54
CA LEU D 372 28.08 -41.45 31.16
C LEU D 372 29.08 -40.81 32.14
N THR D 373 29.91 -41.66 32.73
CA THR D 373 31.05 -41.23 33.54
C THR D 373 32.34 -41.63 32.83
N SER D 374 33.47 -41.14 33.32
CA SER D 374 34.78 -41.54 32.78
C SER D 374 35.04 -43.03 32.97
N ASP D 375 34.34 -43.63 33.94
CA ASP D 375 34.48 -45.04 34.26
C ASP D 375 33.42 -45.92 33.58
N TYR D 376 32.17 -45.45 33.55
CA TYR D 376 31.04 -46.28 33.13
C TYR D 376 30.09 -45.62 32.14
N LEU D 377 29.47 -46.47 31.31
CA LEU D 377 28.40 -46.06 30.41
C LEU D 377 27.14 -46.83 30.81
N TYR D 378 26.11 -46.10 31.22
CA TYR D 378 24.83 -46.68 31.61
C TYR D 378 23.84 -46.59 30.46
N TYR D 379 23.22 -47.72 30.11
CA TYR D 379 22.28 -47.76 28.99
C TYR D 379 21.09 -48.70 29.23
N ILE D 380 20.04 -48.48 28.43
CA ILE D 380 18.83 -49.31 28.45
C ILE D 380 18.80 -50.15 27.18
N SER D 381 18.55 -51.45 27.32
CA SER D 381 18.42 -52.34 26.17
C SER D 381 17.35 -53.42 26.41
N ASN D 382 17.09 -54.22 25.38
CA ASN D 382 16.11 -55.30 25.47
C ASN D 382 16.74 -56.70 25.39
N GLU D 383 18.01 -56.80 25.79
CA GLU D 383 18.78 -58.04 25.71
C GLU D 383 18.23 -59.17 26.60
N HIS D 384 17.89 -58.84 27.85
CA HIS D 384 17.52 -59.84 28.83
C HIS D 384 16.40 -60.77 28.38
N LYS D 385 16.62 -62.07 28.55
CA LYS D 385 15.69 -63.13 28.14
C LYS D 385 15.35 -63.10 26.64
N GLY D 386 16.11 -62.31 25.89
CA GLY D 386 15.91 -62.15 24.46
C GLY D 386 14.53 -61.63 24.05
N MET D 387 13.86 -60.90 24.94
CA MET D 387 12.53 -60.37 24.64
C MET D 387 12.54 -58.84 24.41
N PRO D 388 12.26 -58.43 23.17
CA PRO D 388 12.29 -57.01 22.78
C PRO D 388 11.34 -56.12 23.58
N GLY D 389 10.24 -56.68 24.05
CA GLY D 389 9.26 -55.95 24.84
C GLY D 389 9.68 -55.71 26.28
N GLY D 390 10.93 -56.08 26.60
CA GLY D 390 11.48 -55.85 27.92
C GLY D 390 12.56 -54.79 27.93
N ARG D 391 12.72 -54.12 29.07
CA ARG D 391 13.72 -53.07 29.21
C ARG D 391 14.47 -53.21 30.52
N ASN D 392 15.79 -53.09 30.46
CA ASN D 392 16.63 -53.19 31.65
C ASN D 392 17.80 -52.22 31.61
N LEU D 393 18.22 -51.77 32.78
CA LEU D 393 19.39 -50.91 32.92
C LEU D 393 20.66 -51.75 32.91
N TYR D 394 21.64 -51.33 32.11
CA TYR D 394 22.92 -52.00 32.01
C TYR D 394 24.06 -51.02 32.25
N ARG D 395 25.14 -51.52 32.85
CA ARG D 395 26.35 -50.74 33.04
C ARG D 395 27.53 -51.42 32.37
N ILE D 396 28.12 -50.74 31.39
CA ILE D 396 29.29 -51.24 30.69
C ILE D 396 30.54 -50.45 31.10
N GLN D 397 31.61 -51.18 31.37
CA GLN D 397 32.89 -50.60 31.77
C GLN D 397 33.60 -50.00 30.56
N LEU D 398 34.09 -48.77 30.71
CA LEU D 398 34.73 -48.05 29.62
C LEU D 398 36.08 -48.63 29.19
N ASN D 399 36.88 -49.07 30.16
CA ASN D 399 38.20 -49.65 29.88
C ASN D 399 38.16 -51.15 29.55
N ASP D 400 36.99 -51.76 29.71
CA ASP D 400 36.78 -53.18 29.43
C ASP D 400 35.36 -53.44 28.95
N TYR D 401 35.20 -53.59 27.64
CA TYR D 401 33.86 -53.74 27.04
C TYR D 401 33.19 -55.08 27.33
N THR D 402 33.97 -56.05 27.82
CA THR D 402 33.45 -57.38 28.17
C THR D 402 32.73 -57.36 29.52
N LYS D 403 33.26 -56.58 30.46
CA LYS D 403 32.68 -56.48 31.79
C LYS D 403 31.45 -55.57 31.80
N VAL D 404 30.28 -56.20 31.68
CA VAL D 404 29.02 -55.47 31.68
C VAL D 404 28.00 -56.15 32.62
N THR D 405 27.58 -55.41 33.63
CA THR D 405 26.59 -55.92 34.59
C THR D 405 25.22 -55.34 34.29
N CYS D 406 24.18 -56.16 34.50
CA CYS D 406 22.80 -55.70 34.43
C CYS D 406 22.31 -55.37 35.83
N LEU D 407 22.03 -54.09 36.06
CA LEU D 407 21.70 -53.59 37.40
C LEU D 407 20.24 -53.82 37.80
N SER D 408 19.40 -54.22 36.85
CA SER D 408 17.96 -54.32 37.09
C SER D 408 17.32 -55.68 36.80
N CYS D 409 18.01 -56.52 36.01
CA CYS D 409 17.49 -57.83 35.59
C CYS D 409 17.04 -58.75 36.72
N GLU D 410 17.73 -58.67 37.86
CA GLU D 410 17.55 -59.64 38.94
C GLU D 410 16.92 -59.09 40.22
N LEU D 411 16.55 -57.82 40.21
CA LEU D 411 15.99 -57.17 41.39
C LEU D 411 14.59 -57.71 41.74
N ASN D 412 13.77 -57.87 40.70
CA ASN D 412 12.44 -58.44 40.84
C ASN D 412 12.06 -59.10 39.50
N PRO D 413 12.68 -60.24 39.19
CA PRO D 413 12.61 -60.82 37.84
C PRO D 413 11.19 -61.17 37.35
N GLU D 414 10.29 -61.50 38.27
CA GLU D 414 8.92 -61.87 37.91
C GLU D 414 7.99 -60.66 37.84
N ARG D 415 8.28 -59.65 38.68
CA ARG D 415 7.48 -58.44 38.75
C ARG D 415 7.93 -57.37 37.76
N CYS D 416 9.23 -57.35 37.46
CA CYS D 416 9.84 -56.26 36.71
C CYS D 416 10.66 -56.71 35.50
N GLN D 417 10.11 -56.45 34.31
CA GLN D 417 10.80 -56.77 33.06
C GLN D 417 10.95 -55.53 32.17
N TYR D 418 10.38 -54.41 32.61
CA TYR D 418 10.40 -53.15 31.85
C TYR D 418 10.89 -52.00 32.73
N TYR D 419 12.06 -51.48 32.40
CA TYR D 419 12.74 -50.50 33.24
C TYR D 419 13.14 -49.23 32.51
N SER D 420 12.97 -48.10 33.20
CA SER D 420 13.58 -46.83 32.80
C SER D 420 14.36 -46.28 33.99
N ALA D 421 15.33 -45.41 33.73
CA ALA D 421 16.20 -44.91 34.78
C ALA D 421 16.40 -43.40 34.74
N SER D 422 16.61 -42.81 35.92
CA SER D 422 16.90 -41.40 36.06
C SER D 422 18.13 -41.22 36.95
N PHE D 423 19.18 -40.61 36.39
CA PHE D 423 20.47 -40.51 37.07
C PHE D 423 20.74 -39.15 37.69
N SER D 424 21.46 -39.15 38.81
CA SER D 424 21.91 -37.92 39.47
C SER D 424 22.96 -37.18 38.61
N ASN D 425 23.35 -35.99 39.06
CA ASN D 425 24.21 -35.11 38.28
C ASN D 425 25.51 -35.73 37.78
N LYS D 426 26.23 -36.41 38.67
CA LYS D 426 27.48 -37.08 38.30
C LYS D 426 27.31 -38.59 38.20
N ALA D 427 26.04 -39.01 38.02
CA ALA D 427 25.66 -40.42 37.95
C ALA D 427 26.10 -41.22 39.18
N LYS D 428 25.93 -40.62 40.35
CA LYS D 428 26.32 -41.24 41.63
C LYS D 428 25.16 -42.04 42.21
N TYR D 429 23.94 -41.60 41.89
CA TYR D 429 22.72 -42.29 42.33
C TYR D 429 21.75 -42.39 41.15
N TYR D 430 20.86 -43.37 41.20
CA TYR D 430 19.84 -43.50 40.15
C TYR D 430 18.52 -44.04 40.65
N GLN D 431 17.44 -43.47 40.13
CA GLN D 431 16.09 -43.97 40.35
C GLN D 431 15.81 -45.04 39.30
N LEU D 432 15.27 -46.17 39.74
CA LEU D 432 14.84 -47.22 38.81
C LEU D 432 13.32 -47.28 38.74
N ARG D 433 12.80 -47.17 37.53
CA ARG D 433 11.36 -47.14 37.29
C ARG D 433 10.92 -48.45 36.67
N CYS D 434 10.13 -49.20 37.43
CA CYS D 434 9.59 -50.48 36.99
C CYS D 434 8.15 -50.25 36.54
N PHE D 435 7.83 -50.65 35.30
CA PHE D 435 6.52 -50.37 34.72
C PHE D 435 5.66 -51.62 34.49
N GLY D 436 6.22 -52.79 34.76
CA GLY D 436 5.53 -54.05 34.58
C GLY D 436 6.46 -55.24 34.47
N PRO D 437 5.93 -56.46 34.32
CA PRO D 437 4.48 -56.70 34.14
C PRO D 437 3.68 -56.65 35.44
N GLY D 438 4.37 -56.62 36.59
CA GLY D 438 3.71 -56.42 37.86
C GLY D 438 3.37 -54.95 38.08
N LEU D 439 2.93 -54.61 39.29
CA LEU D 439 2.61 -53.23 39.62
C LEU D 439 3.87 -52.37 39.56
N PRO D 440 3.76 -51.15 39.01
CA PRO D 440 4.90 -50.24 38.93
C PRO D 440 5.61 -50.05 40.26
N LEU D 441 6.94 -50.08 40.21
CA LEU D 441 7.77 -49.99 41.39
C LEU D 441 8.90 -48.98 41.17
N TYR D 442 9.03 -48.06 42.11
CA TYR D 442 10.03 -46.99 42.01
C TYR D 442 11.02 -47.11 43.15
N THR D 443 12.29 -47.25 42.79
CA THR D 443 13.36 -47.47 43.78
C THR D 443 14.50 -46.50 43.56
N LEU D 444 15.29 -46.29 44.63
CA LEU D 444 16.51 -45.49 44.55
C LEU D 444 17.73 -46.36 44.83
N HIS D 445 18.79 -46.12 44.07
CA HIS D 445 20.03 -46.90 44.17
C HIS D 445 21.26 -46.02 44.28
N SER D 446 22.39 -46.64 44.58
CA SER D 446 23.69 -45.96 44.54
C SER D 446 24.57 -46.63 43.48
N SER D 447 25.26 -45.84 42.68
CA SER D 447 26.10 -46.36 41.59
C SER D 447 27.36 -47.04 42.08
N SER D 448 27.80 -46.68 43.29
CA SER D 448 29.01 -47.22 43.88
C SER D 448 28.82 -48.66 44.39
N SER D 449 27.74 -48.88 45.15
CA SER D 449 27.48 -50.17 45.77
C SER D 449 26.42 -51.00 45.03
N ASP D 450 25.57 -50.32 44.27
CA ASP D 450 24.42 -50.93 43.56
C ASP D 450 23.33 -51.46 44.50
N LYS D 451 23.36 -51.00 45.75
CA LYS D 451 22.37 -51.41 46.75
C LYS D 451 21.06 -50.66 46.57
N GLU D 452 19.95 -51.35 46.83
CA GLU D 452 18.63 -50.72 46.87
C GLU D 452 18.53 -49.90 48.16
N LEU D 453 18.72 -48.59 48.02
CA LEU D 453 18.72 -47.68 49.16
C LEU D 453 17.38 -47.71 49.90
N ARG D 454 16.29 -47.46 49.16
CA ARG D 454 14.93 -47.52 49.70
C ARG D 454 13.89 -47.67 48.59
N VAL D 455 12.71 -48.16 48.96
CA VAL D 455 11.57 -48.23 48.07
C VAL D 455 10.82 -46.90 48.13
N LEU D 456 10.78 -46.19 46.99
CA LEU D 456 10.13 -44.89 46.91
C LEU D 456 8.62 -45.02 46.74
N GLU D 457 8.20 -45.99 45.93
CA GLU D 457 6.78 -46.29 45.71
C GLU D 457 6.63 -47.72 45.20
N ASP D 458 5.89 -48.54 45.94
CA ASP D 458 5.69 -49.94 45.57
C ASP D 458 4.25 -50.29 45.19
N ASN D 459 3.37 -49.29 45.22
CA ASN D 459 1.97 -49.43 44.83
C ASN D 459 1.19 -50.49 45.62
N SER D 460 1.49 -50.59 46.91
CA SER D 460 0.87 -51.58 47.79
C SER D 460 -0.62 -51.30 48.02
N ALA D 461 -0.98 -50.02 48.00
CA ALA D 461 -2.38 -49.60 48.12
C ALA D 461 -3.20 -50.09 46.94
N LEU D 462 -2.60 -50.07 45.75
CA LEU D 462 -3.24 -50.61 44.55
C LEU D 462 -3.29 -52.13 44.59
N ASP D 463 -2.27 -52.75 45.18
CA ASP D 463 -2.21 -54.20 45.33
C ASP D 463 -3.36 -54.74 46.19
N LYS D 464 -3.68 -54.03 47.26
CA LYS D 464 -4.78 -54.38 48.16
C LYS D 464 -6.14 -54.34 47.45
N MET D 465 -6.33 -53.33 46.60
CA MET D 465 -7.56 -53.15 45.86
C MET D 465 -7.77 -54.22 44.78
N LEU D 466 -6.68 -54.62 44.13
CA LEU D 466 -6.73 -55.50 42.97
C LEU D 466 -7.02 -56.97 43.31
N GLN D 467 -6.69 -57.37 44.53
CA GLN D 467 -6.99 -58.73 44.98
C GLN D 467 -8.47 -58.88 45.35
N ASP D 468 -9.17 -57.75 45.38
CA ASP D 468 -10.62 -57.70 45.57
C ASP D 468 -11.33 -57.58 44.22
N VAL D 469 -10.58 -57.72 43.13
CA VAL D 469 -11.13 -57.61 41.78
C VAL D 469 -10.64 -58.75 40.87
N GLN D 470 -11.52 -59.21 39.98
CA GLN D 470 -11.19 -60.28 39.05
C GLN D 470 -10.31 -59.77 37.92
N MET D 471 -9.01 -59.72 38.16
CA MET D 471 -8.05 -59.23 37.18
C MET D 471 -7.77 -60.27 36.08
N PRO D 472 -7.64 -59.80 34.84
CA PRO D 472 -7.21 -60.66 33.73
C PRO D 472 -5.71 -60.88 33.74
N SER D 473 -5.25 -61.87 32.98
CA SER D 473 -3.82 -62.15 32.88
C SER D 473 -3.30 -61.82 31.48
N LYS D 474 -2.04 -61.39 31.42
CA LYS D 474 -1.39 -61.09 30.15
C LYS D 474 -0.32 -62.12 29.83
N LYS D 475 -0.53 -62.86 28.74
CA LYS D 475 0.42 -63.85 28.28
C LYS D 475 1.22 -63.30 27.10
N LEU D 476 2.54 -63.34 27.22
CA LEU D 476 3.44 -62.92 26.15
C LEU D 476 4.07 -64.14 25.49
N ASP D 477 3.87 -64.26 24.19
CA ASP D 477 4.33 -65.43 23.43
C ASP D 477 4.77 -65.06 22.02
N VAL D 478 5.20 -66.08 21.27
CA VAL D 478 5.67 -65.89 19.90
C VAL D 478 5.01 -66.84 18.92
N ILE D 479 4.76 -66.35 17.71
CA ILE D 479 4.34 -67.19 16.59
C ILE D 479 5.25 -66.91 15.38
N ASN D 480 5.28 -67.84 14.44
CA ASN D 480 6.14 -67.73 13.26
C ASN D 480 5.39 -67.29 12.01
N LEU D 481 5.93 -66.26 11.36
CA LEU D 481 5.41 -65.79 10.07
C LEU D 481 6.57 -65.61 9.08
N HIS D 482 6.35 -66.06 7.84
CA HIS D 482 7.39 -66.08 6.79
C HIS D 482 8.79 -66.47 7.29
N GLY D 483 8.85 -67.54 8.08
CA GLY D 483 10.11 -68.05 8.63
C GLY D 483 10.78 -67.11 9.62
N THR D 484 9.98 -66.31 10.31
CA THR D 484 10.47 -65.35 11.30
C THR D 484 9.53 -65.33 12.50
N LYS D 485 10.07 -65.46 13.69
CA LYS D 485 9.25 -65.44 14.90
C LYS D 485 8.98 -64.03 15.37
N PHE D 486 7.69 -63.72 15.53
CA PHE D 486 7.26 -62.41 15.95
C PHE D 486 6.52 -62.48 17.28
N TRP D 487 6.66 -61.42 18.08
CA TRP D 487 6.09 -61.38 19.42
C TRP D 487 4.65 -60.88 19.43
N TYR D 488 3.83 -61.51 20.26
CA TYR D 488 2.45 -61.11 20.44
C TYR D 488 2.02 -61.22 21.91
N GLN D 489 0.93 -60.54 22.25
CA GLN D 489 0.38 -60.62 23.61
C GLN D 489 -1.13 -60.88 23.57
N MET D 490 -1.64 -61.50 24.64
CA MET D 490 -3.07 -61.73 24.80
C MET D 490 -3.49 -61.36 26.22
N ILE D 491 -4.44 -60.45 26.33
CA ILE D 491 -5.07 -60.18 27.62
C ILE D 491 -6.27 -61.13 27.75
N LEU D 492 -6.11 -62.14 28.60
CA LEU D 492 -7.10 -63.20 28.72
C LEU D 492 -8.01 -62.99 29.93
N PRO D 493 -9.32 -63.21 29.74
CA PRO D 493 -10.31 -63.09 30.82
C PRO D 493 -9.97 -63.92 32.06
N PRO D 494 -10.46 -63.52 33.23
CA PRO D 494 -10.31 -64.31 34.46
C PRO D 494 -10.92 -65.70 34.30
N HIS D 495 -10.28 -66.70 34.90
CA HIS D 495 -10.71 -68.10 34.82
C HIS D 495 -10.83 -68.55 33.35
N PHE D 496 -9.71 -68.43 32.64
CA PHE D 496 -9.63 -68.73 31.21
C PHE D 496 -9.83 -70.23 30.95
N ASP D 497 -10.80 -70.55 30.11
CA ASP D 497 -11.14 -71.94 29.79
C ASP D 497 -10.80 -72.24 28.33
N LYS D 498 -9.91 -73.19 28.12
CA LYS D 498 -9.46 -73.57 26.77
C LYS D 498 -10.56 -74.21 25.92
N SER D 499 -11.58 -74.76 26.59
CA SER D 499 -12.69 -75.44 25.90
C SER D 499 -13.72 -74.47 25.33
N LYS D 500 -14.10 -73.45 26.12
CA LYS D 500 -15.09 -72.46 25.69
C LYS D 500 -14.54 -71.52 24.62
N LYS D 501 -15.45 -70.99 23.80
CA LYS D 501 -15.08 -70.12 22.68
C LYS D 501 -15.25 -68.64 23.04
N TYR D 502 -14.16 -67.88 22.92
CA TYR D 502 -14.17 -66.45 23.23
C TYR D 502 -14.10 -65.60 21.95
N PRO D 503 -14.77 -64.46 21.95
CA PRO D 503 -14.61 -63.48 20.87
C PRO D 503 -13.25 -62.78 20.96
N LEU D 504 -12.67 -62.43 19.83
CA LEU D 504 -11.32 -61.84 19.76
C LEU D 504 -11.36 -60.39 19.31
N LEU D 505 -10.67 -59.52 20.05
CA LEU D 505 -10.44 -58.15 19.60
C LEU D 505 -8.94 -57.89 19.47
N ILE D 506 -8.53 -57.51 18.27
CA ILE D 506 -7.15 -57.11 18.02
C ILE D 506 -6.99 -55.62 18.30
N GLU D 507 -6.11 -55.29 19.25
CA GLU D 507 -5.69 -53.91 19.46
C GLU D 507 -4.42 -53.70 18.65
N VAL D 508 -4.47 -52.75 17.72
CA VAL D 508 -3.37 -52.54 16.79
C VAL D 508 -2.85 -51.10 16.78
N TYR D 509 -1.53 -50.97 16.60
CA TYR D 509 -0.93 -49.71 16.22
C TYR D 509 -0.16 -49.93 14.92
N ALA D 510 0.83 -50.82 14.98
CA ALA D 510 1.59 -51.30 13.82
C ALA D 510 2.34 -50.23 13.03
N GLY D 511 2.54 -49.07 13.65
CA GLY D 511 3.35 -48.01 13.06
C GLY D 511 4.80 -48.43 12.98
N PRO D 512 5.55 -47.85 12.03
CA PRO D 512 6.99 -48.08 11.95
C PRO D 512 7.70 -47.67 13.24
N CYS D 513 8.57 -48.55 13.74
CA CYS D 513 9.33 -48.33 14.98
C CYS D 513 8.50 -48.43 16.26
N SER D 514 7.25 -48.86 16.14
CA SER D 514 6.37 -48.95 17.30
C SER D 514 6.41 -50.36 17.91
N GLN D 515 5.97 -50.45 19.16
CA GLN D 515 5.91 -51.70 19.88
C GLN D 515 4.62 -51.77 20.67
N LYS D 516 3.69 -52.61 20.22
CA LYS D 516 2.44 -52.84 20.94
C LYS D 516 2.57 -53.97 21.94
N VAL D 517 3.54 -54.85 21.71
CA VAL D 517 3.77 -56.01 22.57
C VAL D 517 4.95 -55.77 23.50
N ASP D 518 4.65 -55.42 24.74
CA ASP D 518 5.68 -55.23 25.77
C ASP D 518 5.19 -55.73 27.12
N THR D 519 5.99 -55.51 28.17
CA THR D 519 5.65 -55.98 29.50
C THR D 519 5.29 -54.86 30.46
N VAL D 520 4.69 -53.79 29.93
CA VAL D 520 4.23 -52.67 30.76
C VAL D 520 2.86 -53.00 31.35
N PHE D 521 2.69 -52.70 32.64
CA PHE D 521 1.40 -52.84 33.30
C PHE D 521 0.48 -51.68 32.94
N ARG D 522 -0.72 -52.01 32.48
CA ARG D 522 -1.67 -51.02 32.00
C ARG D 522 -3.09 -51.37 32.41
N LEU D 523 -3.69 -50.51 33.22
CA LEU D 523 -5.12 -50.58 33.50
C LEU D 523 -5.83 -49.89 32.33
N SER D 524 -6.19 -50.69 31.33
CA SER D 524 -6.67 -50.16 30.05
C SER D 524 -8.13 -50.50 29.77
N TRP D 525 -8.59 -50.12 28.58
CA TRP D 525 -9.92 -50.46 28.09
C TRP D 525 -10.02 -51.97 27.87
N ALA D 526 -8.90 -52.56 27.44
CA ALA D 526 -8.80 -54.00 27.22
C ALA D 526 -8.93 -54.79 28.52
N THR D 527 -8.43 -54.21 29.62
CA THR D 527 -8.58 -54.79 30.95
C THR D 527 -10.06 -55.00 31.28
N TYR D 528 -10.88 -54.01 30.94
CA TYR D 528 -12.33 -54.10 31.13
C TYR D 528 -12.93 -55.17 30.22
N LEU D 529 -12.52 -55.17 28.95
CA LEU D 529 -13.09 -56.07 27.95
C LEU D 529 -12.88 -57.55 28.25
N ALA D 530 -11.74 -57.88 28.85
CA ALA D 530 -11.42 -59.26 29.23
C ALA D 530 -12.05 -59.61 30.57
N SER D 531 -11.88 -58.73 31.56
CA SER D 531 -12.39 -58.96 32.91
C SER D 531 -13.91 -59.07 32.97
N THR D 532 -14.60 -58.13 32.33
CA THR D 532 -16.05 -57.99 32.44
C THR D 532 -16.81 -58.64 31.28
N GLU D 533 -16.32 -58.46 30.06
CA GLU D 533 -17.05 -58.90 28.87
C GLU D 533 -16.52 -60.21 28.26
N ASN D 534 -15.56 -60.83 28.94
CA ASN D 534 -14.93 -62.09 28.50
C ASN D 534 -14.40 -62.07 27.05
N ILE D 535 -13.81 -60.95 26.66
CA ILE D 535 -13.22 -60.82 25.33
C ILE D 535 -11.70 -60.95 25.42
N ILE D 536 -11.13 -61.79 24.57
CA ILE D 536 -9.67 -61.83 24.44
C ILE D 536 -9.23 -60.61 23.65
N VAL D 537 -8.31 -59.85 24.24
CA VAL D 537 -7.70 -58.72 23.56
C VAL D 537 -6.27 -59.07 23.22
N ALA D 538 -5.97 -59.13 21.93
CA ALA D 538 -4.64 -59.51 21.46
C ALA D 538 -3.97 -58.36 20.71
N SER D 539 -2.64 -58.29 20.86
CA SER D 539 -1.83 -57.34 20.10
C SER D 539 -0.68 -58.08 19.42
N PHE D 540 -0.23 -57.56 18.30
CA PHE D 540 0.81 -58.23 17.53
C PHE D 540 1.80 -57.26 16.88
N ASP D 541 3.10 -57.59 16.98
CA ASP D 541 4.15 -56.84 16.32
C ASP D 541 4.69 -57.60 15.12
N GLY D 542 4.31 -57.15 13.92
CA GLY D 542 4.78 -57.75 12.68
C GLY D 542 5.91 -56.94 12.06
N ARG D 543 5.99 -56.98 10.73
CA ARG D 543 7.01 -56.23 10.01
C ARG D 543 6.78 -54.73 10.15
N GLY D 544 7.87 -53.99 10.33
CA GLY D 544 7.81 -52.55 10.53
C GLY D 544 7.96 -52.15 11.98
N SER D 545 7.64 -53.07 12.88
CA SER D 545 7.79 -52.82 14.32
C SER D 545 9.26 -52.63 14.69
N GLY D 546 9.51 -51.96 15.81
CA GLY D 546 10.86 -51.61 16.20
C GLY D 546 11.48 -52.57 17.21
N TYR D 547 12.70 -52.24 17.62
CA TYR D 547 13.43 -52.95 18.67
C TYR D 547 13.77 -54.42 18.36
N GLN D 548 13.80 -54.75 17.07
CA GLN D 548 14.11 -56.12 16.62
C GLN D 548 15.04 -56.12 15.39
N GLY D 549 15.77 -55.03 15.19
CA GLY D 549 16.68 -54.93 14.06
C GLY D 549 16.10 -54.21 12.86
N ASP D 550 16.98 -53.83 11.93
CA ASP D 550 16.58 -53.10 10.74
C ASP D 550 15.83 -53.95 9.73
N LYS D 551 16.14 -55.25 9.71
CA LYS D 551 15.49 -56.18 8.79
C LYS D 551 13.97 -56.18 8.99
N ILE D 552 13.54 -56.26 10.24
CA ILE D 552 12.11 -56.20 10.59
C ILE D 552 11.56 -54.79 10.40
N MET D 553 12.31 -53.80 10.88
CA MET D 553 11.91 -52.40 10.85
C MET D 553 11.70 -51.84 9.45
N HIS D 554 12.69 -52.05 8.58
CA HIS D 554 12.71 -51.42 7.26
C HIS D 554 11.97 -52.20 6.18
N ALA D 555 11.21 -53.22 6.59
CA ALA D 555 10.44 -54.02 5.63
C ALA D 555 9.34 -53.22 4.95
N ILE D 556 8.68 -52.32 5.70
CA ILE D 556 7.64 -51.47 5.15
C ILE D 556 8.14 -50.17 4.52
N ASN D 557 9.46 -50.07 4.33
CA ASN D 557 10.06 -48.89 3.71
C ASN D 557 9.49 -48.63 2.33
N ARG D 558 9.07 -47.39 2.11
CA ARG D 558 8.44 -46.97 0.84
C ARG D 558 7.16 -47.74 0.51
N ARG D 559 6.68 -48.53 1.47
CA ARG D 559 5.45 -49.29 1.27
C ARG D 559 4.59 -49.40 2.55
N LEU D 560 4.26 -48.24 3.12
CA LEU D 560 3.39 -48.21 4.29
C LEU D 560 2.02 -48.79 3.96
N GLY D 561 1.45 -49.53 4.91
CA GLY D 561 0.14 -50.12 4.72
C GLY D 561 0.13 -51.43 3.96
N THR D 562 1.31 -52.00 3.73
CA THR D 562 1.41 -53.32 3.10
C THR D 562 1.68 -54.41 4.12
N PHE D 563 2.96 -54.63 4.43
CA PHE D 563 3.39 -55.76 5.25
C PHE D 563 2.81 -55.75 6.66
N GLU D 564 2.92 -54.61 7.35
CA GLU D 564 2.39 -54.48 8.71
C GLU D 564 0.88 -54.76 8.77
N VAL D 565 0.18 -54.39 7.70
CA VAL D 565 -1.25 -54.66 7.57
C VAL D 565 -1.49 -56.14 7.29
N GLU D 566 -0.73 -56.69 6.34
CA GLU D 566 -0.79 -58.10 6.00
C GLU D 566 -0.40 -59.01 7.17
N ASP D 567 0.59 -58.58 7.95
CA ASP D 567 1.06 -59.34 9.11
C ASP D 567 0.01 -59.44 10.22
N GLN D 568 -0.77 -58.37 10.38
CA GLN D 568 -1.88 -58.35 11.35
C GLN D 568 -2.94 -59.39 11.00
N ILE D 569 -3.22 -59.53 9.71
CA ILE D 569 -4.24 -60.46 9.22
C ILE D 569 -3.80 -61.91 9.40
N GLU D 570 -2.61 -62.25 8.91
CA GLU D 570 -2.06 -63.59 8.99
C GLU D 570 -1.88 -64.07 10.43
N ALA D 571 -1.50 -63.14 11.32
CA ALA D 571 -1.36 -63.45 12.74
C ALA D 571 -2.70 -63.78 13.37
N THR D 572 -3.72 -62.98 13.03
CA THR D 572 -5.08 -63.20 13.53
C THR D 572 -5.67 -64.49 12.98
N ARG D 573 -5.30 -64.81 11.73
CA ARG D 573 -5.69 -66.07 11.10
C ARG D 573 -5.20 -67.26 11.90
N GLN D 574 -3.97 -67.18 12.40
CA GLN D 574 -3.41 -68.22 13.26
C GLN D 574 -4.06 -68.23 14.65
N PHE D 575 -4.46 -67.06 15.14
CA PHE D 575 -5.14 -66.95 16.43
C PHE D 575 -6.54 -67.55 16.36
N SER D 576 -7.18 -67.38 15.20
CA SER D 576 -8.56 -67.83 15.00
C SER D 576 -8.69 -69.35 14.93
N LYS D 577 -7.66 -70.01 14.42
CA LYS D 577 -7.66 -71.47 14.28
C LYS D 577 -7.45 -72.18 15.62
N MET D 578 -6.99 -71.44 16.62
CA MET D 578 -6.90 -71.94 17.99
C MET D 578 -8.30 -72.16 18.56
N GLY D 579 -8.48 -73.25 19.31
CA GLY D 579 -9.78 -73.71 19.74
C GLY D 579 -10.62 -72.81 20.62
N PHE D 580 -9.95 -71.91 21.35
CA PHE D 580 -10.63 -71.02 22.30
C PHE D 580 -11.09 -69.69 21.68
N VAL D 581 -10.92 -69.56 20.37
CA VAL D 581 -11.26 -68.32 19.66
C VAL D 581 -12.42 -68.54 18.69
N ASP D 582 -13.49 -67.76 18.88
CA ASP D 582 -14.64 -67.77 17.98
C ASP D 582 -14.31 -67.08 16.67
N ASP D 583 -14.15 -67.87 15.61
CA ASP D 583 -13.80 -67.36 14.28
C ASP D 583 -14.92 -66.56 13.61
N LYS D 584 -16.11 -66.61 14.21
CA LYS D 584 -17.25 -65.83 13.73
C LYS D 584 -17.33 -64.45 14.40
N ARG D 585 -16.53 -64.24 15.43
CA ARG D 585 -16.58 -63.02 16.22
C ARG D 585 -15.19 -62.41 16.50
N ILE D 586 -14.54 -61.95 15.44
CA ILE D 586 -13.25 -61.26 15.57
C ILE D 586 -13.36 -59.80 15.15
N ALA D 587 -12.76 -58.92 15.94
CA ALA D 587 -12.71 -57.49 15.63
C ALA D 587 -11.28 -56.94 15.73
N ILE D 588 -11.09 -55.75 15.15
CA ILE D 588 -9.81 -55.05 15.18
C ILE D 588 -10.05 -53.55 15.46
N TRP D 589 -9.20 -52.94 16.27
CA TRP D 589 -9.30 -51.51 16.55
C TRP D 589 -7.94 -50.87 16.82
N GLY D 590 -7.86 -49.55 16.66
CA GLY D 590 -6.64 -48.82 16.86
C GLY D 590 -6.73 -47.30 16.75
N TRP D 591 -5.69 -46.63 17.23
CA TRP D 591 -5.62 -45.17 17.31
C TRP D 591 -4.52 -44.65 16.40
N SER D 592 -4.79 -43.53 15.72
CA SER D 592 -3.86 -42.90 14.77
C SER D 592 -3.45 -43.87 13.66
N TYR D 593 -2.18 -44.27 13.66
CA TYR D 593 -1.67 -45.27 12.73
C TYR D 593 -2.46 -46.57 12.89
N GLY D 594 -2.84 -46.86 14.13
CA GLY D 594 -3.65 -48.03 14.45
C GLY D 594 -5.00 -48.02 13.78
N GLY D 595 -5.58 -46.82 13.65
CA GLY D 595 -6.83 -46.64 12.95
C GLY D 595 -6.67 -46.89 11.45
N TYR D 596 -5.55 -46.44 10.91
CA TYR D 596 -5.21 -46.65 9.50
C TYR D 596 -5.04 -48.14 9.21
N VAL D 597 -4.33 -48.83 10.09
CA VAL D 597 -4.11 -50.27 9.96
C VAL D 597 -5.43 -51.02 10.10
N THR D 598 -6.21 -50.69 11.13
CA THR D 598 -7.56 -51.20 11.31
C THR D 598 -8.35 -51.15 10.00
N SER D 599 -8.43 -49.94 9.43
CA SER D 599 -9.19 -49.67 8.21
C SER D 599 -8.65 -50.48 7.01
N MET D 600 -7.33 -50.49 6.86
CA MET D 600 -6.70 -51.22 5.76
C MET D 600 -7.00 -52.72 5.86
N VAL D 601 -6.99 -53.22 7.09
CA VAL D 601 -7.29 -54.63 7.38
C VAL D 601 -8.75 -54.93 7.04
N LEU D 602 -9.65 -54.09 7.54
CA LEU D 602 -11.08 -54.24 7.29
C LEU D 602 -11.43 -54.14 5.80
N GLY D 603 -10.62 -53.38 5.07
CA GLY D 603 -10.79 -53.24 3.63
C GLY D 603 -9.95 -54.19 2.82
N ALA D 604 -9.28 -55.13 3.48
CA ALA D 604 -8.45 -56.13 2.81
C ALA D 604 -9.30 -57.24 2.19
N GLY D 605 -10.47 -57.47 2.77
CA GLY D 605 -11.38 -58.51 2.30
C GLY D 605 -10.89 -59.90 2.67
N SER D 606 -10.18 -60.00 3.78
CA SER D 606 -9.62 -61.26 4.26
C SER D 606 -10.68 -62.21 4.80
N GLY D 607 -11.83 -61.67 5.19
CA GLY D 607 -12.93 -62.45 5.74
C GLY D 607 -12.76 -62.82 7.20
N VAL D 608 -11.60 -62.50 7.78
CA VAL D 608 -11.28 -62.84 9.16
C VAL D 608 -12.10 -62.02 10.15
N PHE D 609 -12.14 -60.71 9.94
CA PHE D 609 -12.73 -59.78 10.89
C PHE D 609 -14.19 -59.48 10.58
N LYS D 610 -15.02 -59.56 11.62
CA LYS D 610 -16.45 -59.29 11.50
C LYS D 610 -16.72 -57.78 11.53
N CYS D 611 -15.92 -57.06 12.32
CA CYS D 611 -16.08 -55.63 12.50
C CYS D 611 -14.77 -54.96 12.94
N GLY D 612 -14.83 -53.64 13.13
CA GLY D 612 -13.67 -52.88 13.57
C GLY D 612 -13.95 -51.42 13.85
N ILE D 613 -13.04 -50.79 14.61
CA ILE D 613 -13.16 -49.38 14.97
C ILE D 613 -11.86 -48.63 14.67
N ALA D 614 -11.96 -47.56 13.89
CA ALA D 614 -10.83 -46.70 13.61
C ALA D 614 -11.01 -45.35 14.31
N VAL D 615 -10.04 -45.00 15.16
CA VAL D 615 -10.06 -43.70 15.83
C VAL D 615 -8.96 -42.79 15.29
N ALA D 616 -9.36 -41.63 14.79
CA ALA D 616 -8.46 -40.63 14.19
C ALA D 616 -7.44 -41.23 13.21
N PRO D 617 -7.91 -42.00 12.23
CA PRO D 617 -7.02 -42.73 11.33
C PRO D 617 -6.47 -41.86 10.22
N VAL D 618 -5.26 -42.20 9.78
CA VAL D 618 -4.77 -41.72 8.50
C VAL D 618 -5.56 -42.50 7.46
N SER D 619 -6.03 -41.82 6.42
CA SER D 619 -6.76 -42.48 5.36
C SER D 619 -6.01 -42.43 4.03
N LYS D 620 -5.07 -41.49 3.95
CA LYS D 620 -4.28 -41.20 2.76
C LYS D 620 -3.03 -40.44 3.16
N TRP D 621 -1.87 -40.94 2.73
CA TRP D 621 -0.57 -40.43 3.19
C TRP D 621 -0.18 -39.05 2.66
N GLU D 622 -0.88 -38.58 1.64
CA GLU D 622 -0.67 -37.22 1.13
C GLU D 622 -1.27 -36.18 2.08
N TYR D 623 -2.19 -36.63 2.94
CA TYR D 623 -2.87 -35.76 3.90
C TYR D 623 -2.06 -35.56 5.18
N TYR D 624 -1.12 -36.48 5.45
CA TYR D 624 -0.30 -36.40 6.66
C TYR D 624 0.99 -35.61 6.42
N ASP D 625 1.64 -35.17 7.50
CA ASP D 625 2.76 -34.23 7.41
C ASP D 625 3.98 -34.77 6.68
N SER D 626 4.83 -33.85 6.22
CA SER D 626 5.99 -34.16 5.40
C SER D 626 7.06 -34.98 6.14
N VAL D 627 7.44 -34.54 7.33
CA VAL D 627 8.55 -35.18 8.06
C VAL D 627 8.31 -36.67 8.32
N TYR D 628 7.16 -37.01 8.89
CA TYR D 628 6.83 -38.39 9.21
C TYR D 628 6.66 -39.25 7.96
N THR D 629 5.79 -38.78 7.05
CA THR D 629 5.42 -39.54 5.87
C THR D 629 6.61 -39.81 4.95
N GLU D 630 7.30 -38.75 4.55
CA GLU D 630 8.43 -38.85 3.63
C GLU D 630 9.59 -39.68 4.18
N ARG D 631 9.71 -39.73 5.50
CA ARG D 631 10.69 -40.58 6.16
C ARG D 631 10.48 -42.05 5.78
N TYR D 632 9.21 -42.46 5.70
CA TYR D 632 8.88 -43.85 5.41
C TYR D 632 8.46 -44.08 3.96
N MET D 633 7.90 -43.05 3.34
CA MET D 633 7.28 -43.19 2.02
C MET D 633 7.98 -42.45 0.88
N GLY D 634 8.84 -41.49 1.21
CA GLY D 634 9.48 -40.65 0.20
C GLY D 634 8.53 -39.59 -0.36
N LEU D 635 8.74 -39.20 -1.60
CA LEU D 635 7.95 -38.11 -2.21
C LEU D 635 6.83 -38.64 -3.11
N PRO D 636 5.63 -38.07 -2.99
CA PRO D 636 4.49 -38.50 -3.80
C PRO D 636 4.52 -37.95 -5.23
N THR D 637 5.62 -38.21 -5.94
CA THR D 637 5.78 -37.81 -7.33
C THR D 637 6.01 -39.05 -8.20
N PRO D 638 5.54 -39.01 -9.46
CA PRO D 638 5.75 -40.13 -10.40
C PRO D 638 7.22 -40.52 -10.58
N GLU D 639 8.14 -39.62 -10.26
CA GLU D 639 9.59 -39.90 -10.31
C GLU D 639 10.05 -40.70 -9.09
N ASP D 640 9.37 -40.52 -7.96
CA ASP D 640 9.71 -41.19 -6.72
C ASP D 640 8.72 -42.31 -6.39
N ASN D 641 7.82 -42.08 -5.44
CA ASN D 641 7.01 -43.15 -4.87
C ASN D 641 5.49 -42.97 -4.92
N LEU D 642 5.02 -42.21 -5.91
CA LEU D 642 3.58 -41.93 -6.04
C LEU D 642 2.71 -43.19 -6.15
N ASP D 643 3.18 -44.17 -6.92
CA ASP D 643 2.44 -45.41 -7.14
C ASP D 643 2.03 -46.08 -5.83
N TYR D 644 2.95 -46.08 -4.87
CA TYR D 644 2.72 -46.69 -3.56
C TYR D 644 1.98 -45.75 -2.60
N TYR D 645 1.98 -44.46 -2.93
CA TYR D 645 1.14 -43.49 -2.22
C TYR D 645 -0.31 -43.72 -2.61
N ARG D 646 -0.54 -43.98 -3.90
CA ARG D 646 -1.88 -44.09 -4.47
C ARG D 646 -2.62 -45.35 -4.06
N ASN D 647 -1.92 -46.48 -4.05
CA ASN D 647 -2.56 -47.77 -3.76
C ASN D 647 -2.54 -48.15 -2.28
N SER D 648 -2.09 -47.22 -1.44
CA SER D 648 -2.03 -47.43 0.01
C SER D 648 -3.08 -46.66 0.82
N THR D 649 -3.99 -45.98 0.13
CA THR D 649 -5.09 -45.27 0.81
C THR D 649 -6.17 -46.25 1.23
N VAL D 650 -6.90 -45.90 2.28
CA VAL D 650 -8.05 -46.69 2.71
C VAL D 650 -9.17 -46.59 1.67
N MET D 651 -9.28 -45.42 1.04
CA MET D 651 -10.32 -45.16 0.04
C MET D 651 -10.29 -46.12 -1.15
N SER D 652 -9.11 -46.59 -1.52
CA SER D 652 -8.95 -47.53 -2.62
C SER D 652 -9.58 -48.89 -2.31
N ARG D 653 -9.73 -49.19 -1.03
CA ARG D 653 -10.32 -50.44 -0.55
C ARG D 653 -11.76 -50.26 -0.05
N ALA D 654 -12.40 -49.19 -0.50
CA ALA D 654 -13.77 -48.86 -0.07
C ALA D 654 -14.76 -50.00 -0.29
N GLU D 655 -14.64 -50.67 -1.43
CA GLU D 655 -15.55 -51.73 -1.85
C GLU D 655 -15.66 -52.87 -0.83
N ASN D 656 -14.52 -53.24 -0.23
CA ASN D 656 -14.48 -54.39 0.70
C ASN D 656 -15.13 -54.15 2.06
N PHE D 657 -15.46 -52.89 2.36
CA PHE D 657 -16.09 -52.53 3.63
C PHE D 657 -17.55 -52.99 3.68
N LYS D 658 -18.09 -53.40 2.54
CA LYS D 658 -19.45 -53.96 2.44
C LYS D 658 -19.58 -55.25 3.25
N GLN D 659 -18.47 -55.95 3.45
CA GLN D 659 -18.46 -57.23 4.15
C GLN D 659 -18.39 -57.08 5.67
N VAL D 660 -17.86 -55.96 6.15
CA VAL D 660 -17.65 -55.74 7.58
C VAL D 660 -18.52 -54.63 8.16
N GLU D 661 -18.65 -54.62 9.49
CA GLU D 661 -19.26 -53.50 10.21
C GLU D 661 -18.15 -52.52 10.61
N TYR D 662 -18.32 -51.25 10.25
CA TYR D 662 -17.28 -50.25 10.46
C TYR D 662 -17.72 -49.11 11.37
N LEU D 663 -16.87 -48.80 12.35
CA LEU D 663 -17.03 -47.61 13.18
C LEU D 663 -15.85 -46.67 12.95
N LEU D 664 -16.15 -45.47 12.45
CA LEU D 664 -15.16 -44.46 12.16
C LEU D 664 -15.32 -43.27 13.12
N ILE D 665 -14.27 -43.00 13.89
CA ILE D 665 -14.30 -41.93 14.89
C ILE D 665 -13.18 -40.91 14.65
N HIS D 666 -13.53 -39.63 14.72
CA HIS D 666 -12.56 -38.55 14.56
C HIS D 666 -12.94 -37.30 15.34
N GLY D 667 -11.94 -36.57 15.84
CA GLY D 667 -12.15 -35.28 16.46
C GLY D 667 -12.06 -34.18 15.43
N THR D 668 -13.01 -33.24 15.46
CA THR D 668 -13.09 -32.16 14.48
C THR D 668 -11.95 -31.14 14.58
N ALA D 669 -11.34 -31.06 15.75
CA ALA D 669 -10.24 -30.11 15.97
C ALA D 669 -8.87 -30.79 15.92
N ASP D 670 -8.82 -31.94 15.25
CA ASP D 670 -7.58 -32.70 15.12
C ASP D 670 -6.57 -31.96 14.24
N ASP D 671 -5.56 -31.39 14.89
CA ASP D 671 -4.51 -30.65 14.22
C ASP D 671 -3.43 -31.59 13.67
N ASN D 672 -3.42 -32.82 14.18
CA ASN D 672 -2.41 -33.81 13.83
C ASN D 672 -2.81 -34.59 12.58
N VAL D 673 -3.69 -35.58 12.78
CA VAL D 673 -4.35 -36.26 11.67
C VAL D 673 -5.64 -35.49 11.46
N HIS D 674 -5.67 -34.65 10.44
CA HIS D 674 -6.78 -33.73 10.22
C HIS D 674 -8.09 -34.45 9.97
N PHE D 675 -9.19 -33.83 10.44
CA PHE D 675 -10.53 -34.39 10.27
C PHE D 675 -10.80 -34.72 8.80
N GLN D 676 -10.17 -33.96 7.92
CA GLN D 676 -10.20 -34.19 6.48
C GLN D 676 -10.07 -35.67 6.10
N GLN D 677 -9.15 -36.36 6.79
CA GLN D 677 -8.82 -37.75 6.51
C GLN D 677 -10.01 -38.71 6.64
N SER D 678 -10.79 -38.54 7.70
CA SER D 678 -11.97 -39.36 7.91
C SER D 678 -13.13 -38.88 7.05
N ALA D 679 -13.15 -37.58 6.79
CA ALA D 679 -14.18 -36.98 5.95
C ALA D 679 -14.07 -37.50 4.52
N GLN D 680 -12.84 -37.53 4.01
CA GLN D 680 -12.61 -38.06 2.66
C GLN D 680 -12.84 -39.57 2.59
N LEU D 681 -12.52 -40.27 3.68
CA LEU D 681 -12.76 -41.69 3.80
C LEU D 681 -14.24 -42.01 3.80
N SER D 682 -14.99 -41.30 4.65
CA SER D 682 -16.44 -41.46 4.73
C SER D 682 -17.12 -41.17 3.39
N LYS D 683 -16.62 -40.17 2.69
CA LYS D 683 -17.17 -39.79 1.38
C LYS D 683 -17.01 -40.92 0.35
N ALA D 684 -15.84 -41.54 0.32
CA ALA D 684 -15.57 -42.65 -0.60
C ALA D 684 -16.45 -43.86 -0.31
N LEU D 685 -16.70 -44.11 0.98
CA LEU D 685 -17.52 -45.23 1.41
C LEU D 685 -18.98 -45.00 1.03
N VAL D 686 -19.44 -43.77 1.22
CA VAL D 686 -20.78 -43.34 0.82
C VAL D 686 -20.96 -43.48 -0.70
N ASP D 687 -19.91 -43.10 -1.44
CA ASP D 687 -19.89 -43.18 -2.90
C ASP D 687 -19.87 -44.63 -3.41
N ALA D 688 -19.37 -45.54 -2.58
CA ALA D 688 -19.30 -46.96 -2.93
C ALA D 688 -20.52 -47.73 -2.40
N GLY D 689 -21.49 -47.00 -1.86
CA GLY D 689 -22.72 -47.58 -1.35
C GLY D 689 -22.52 -48.46 -0.12
N VAL D 690 -21.48 -48.17 0.65
CA VAL D 690 -21.13 -48.95 1.83
C VAL D 690 -21.81 -48.35 3.05
N ASP D 691 -22.56 -49.18 3.79
CA ASP D 691 -23.12 -48.76 5.06
C ASP D 691 -22.11 -48.94 6.19
N PHE D 692 -21.95 -47.89 7.00
CA PHE D 692 -20.97 -47.85 8.07
C PHE D 692 -21.38 -46.85 9.14
N GLN D 693 -20.85 -47.04 10.35
CA GLN D 693 -21.12 -46.11 11.45
C GLN D 693 -20.01 -45.08 11.59
N THR D 694 -20.38 -43.94 12.14
CA THR D 694 -19.49 -42.79 12.25
C THR D 694 -19.70 -42.09 13.59
N MET D 695 -18.65 -41.43 14.08
CA MET D 695 -18.74 -40.57 15.27
C MET D 695 -17.72 -39.44 15.26
N TRP D 696 -18.18 -38.23 14.95
CA TRP D 696 -17.36 -37.04 15.11
C TRP D 696 -17.37 -36.60 16.57
N TYR D 697 -16.27 -35.99 17.01
CA TYR D 697 -16.22 -35.40 18.35
C TYR D 697 -15.85 -33.93 18.27
N THR D 698 -16.82 -33.08 18.60
CA THR D 698 -16.70 -31.63 18.45
C THR D 698 -15.57 -31.05 19.30
N ASP D 699 -14.66 -30.35 18.63
CA ASP D 699 -13.54 -29.63 19.26
C ASP D 699 -12.50 -30.52 19.93
N GLU D 700 -12.63 -31.82 19.76
CA GLU D 700 -11.64 -32.77 20.28
C GLU D 700 -10.48 -32.89 19.30
N ASP D 701 -9.27 -32.96 19.83
CA ASP D 701 -8.08 -33.07 18.99
C ASP D 701 -7.65 -34.55 18.85
N HIS D 702 -6.38 -34.80 18.55
CA HIS D 702 -5.91 -36.16 18.28
C HIS D 702 -6.03 -37.13 19.44
N GLY D 703 -5.89 -36.60 20.66
CA GLY D 703 -5.99 -37.40 21.86
C GLY D 703 -7.41 -37.72 22.28
N ILE D 704 -8.37 -36.93 21.80
CA ILE D 704 -9.76 -36.97 22.27
C ILE D 704 -9.77 -37.15 23.80
N ALA D 705 -8.99 -36.30 24.46
CA ALA D 705 -8.56 -36.53 25.84
C ALA D 705 -9.35 -35.74 26.88
N SER D 706 -10.28 -34.89 26.45
CA SER D 706 -11.13 -34.18 27.39
C SER D 706 -11.96 -35.18 28.18
N ASN D 707 -12.09 -34.93 29.48
CA ASN D 707 -12.78 -35.81 30.42
C ASN D 707 -14.05 -36.47 29.88
N MET D 708 -14.97 -35.64 29.40
CA MET D 708 -16.28 -36.11 28.95
C MET D 708 -16.25 -36.86 27.62
N ALA D 709 -15.40 -36.41 26.70
CA ALA D 709 -15.23 -37.07 25.40
C ALA D 709 -14.52 -38.42 25.55
N HIS D 710 -13.55 -38.46 26.45
CA HIS D 710 -12.82 -39.69 26.76
C HIS D 710 -13.77 -40.77 27.27
N GLN D 711 -14.67 -40.36 28.15
CA GLN D 711 -15.69 -41.25 28.70
C GLN D 711 -16.66 -41.71 27.63
N HIS D 712 -17.04 -40.78 26.75
CA HIS D 712 -18.04 -41.02 25.72
C HIS D 712 -17.58 -41.96 24.62
N ILE D 713 -16.32 -41.78 24.17
CA ILE D 713 -15.79 -42.60 23.08
C ILE D 713 -15.67 -44.08 23.46
N TYR D 714 -15.25 -44.35 24.69
CA TYR D 714 -15.08 -45.73 25.13
C TYR D 714 -16.40 -46.41 25.46
N THR D 715 -17.38 -45.62 25.91
CA THR D 715 -18.74 -46.11 26.14
C THR D 715 -19.36 -46.49 24.80
N HIS D 716 -19.21 -45.61 23.81
CA HIS D 716 -19.74 -45.80 22.47
C HIS D 716 -19.10 -46.99 21.76
N MET D 717 -17.78 -47.12 21.91
CA MET D 717 -17.03 -48.24 21.33
C MET D 717 -17.41 -49.56 22.00
N SER D 718 -17.70 -49.50 23.30
CA SER D 718 -18.10 -50.67 24.07
C SER D 718 -19.46 -51.21 23.63
N HIS D 719 -20.40 -50.30 23.38
CA HIS D 719 -21.71 -50.64 22.82
C HIS D 719 -21.55 -51.30 21.45
N PHE D 720 -20.78 -50.65 20.57
CA PHE D 720 -20.52 -51.14 19.21
C PHE D 720 -19.89 -52.53 19.21
N LEU D 721 -18.90 -52.74 20.06
CA LEU D 721 -18.21 -54.03 20.17
C LEU D 721 -19.12 -55.14 20.68
N LYS D 722 -19.95 -54.82 21.67
CA LYS D 722 -20.89 -55.77 22.25
C LYS D 722 -21.98 -56.17 21.26
N GLN D 723 -22.46 -55.20 20.47
CA GLN D 723 -23.47 -55.45 19.44
C GLN D 723 -22.92 -56.36 18.34
N CYS D 724 -21.67 -56.12 17.95
CA CYS D 724 -20.98 -56.89 16.92
C CYS D 724 -20.70 -58.31 17.38
N PHE D 725 -20.28 -58.45 18.63
CA PHE D 725 -19.98 -59.77 19.22
C PHE D 725 -21.24 -60.47 19.73
N SER D 726 -22.40 -59.88 19.44
CA SER D 726 -23.70 -60.37 19.92
C SER D 726 -23.74 -60.52 21.45
N LEU D 727 -22.79 -59.88 22.12
CA LEU D 727 -22.71 -59.90 23.58
C LEU D 727 -23.75 -58.96 24.20
N PRO D 728 -24.50 -59.47 25.17
CA PRO D 728 -25.56 -58.68 25.83
C PRO D 728 -25.02 -57.48 26.60
#